data_3WO3
#
_entry.id   3WO3
#
_cell.length_a   135.490
_cell.length_b   174.814
_cell.length_c   183.398
_cell.angle_alpha   90.00
_cell.angle_beta   90.00
_cell.angle_gamma   90.00
#
_symmetry.space_group_name_H-M   'P 21 21 2'
#
loop_
_entity.id
_entity.type
_entity.pdbx_description
1 polymer Interleukin-18
2 polymer 'Interleukin-18 receptor 1'
3 branched 2-acetamido-2-deoxy-beta-D-glucopyranose-(1-4)-[alpha-L-fucopyranose-(1-6)]2-acetamido-2-deoxy-beta-D-glucopyranose
4 branched alpha-D-mannopyranose-(1-6)-alpha-D-mannopyranose-(1-6)-[alpha-D-mannopyranose-(1-3)]beta-D-mannopyranose-(1-4)-2-acetamido-2-deoxy-beta-D-glucopyranose-(1-4)-2-acetamido-2-deoxy-beta-D-glucopyranose
5 branched 2-acetamido-2-deoxy-beta-D-glucopyranose-(1-4)-2-acetamido-2-deoxy-beta-D-glucopyranose
6 branched beta-D-mannopyranose-(1-4)-2-acetamido-2-deoxy-beta-D-glucopyranose-(1-4)-2-acetamido-2-deoxy-beta-D-glucopyranose
7 branched alpha-L-fucopyranose-(1-6)-2-acetamido-2-deoxy-beta-D-glucopyranose
8 branched alpha-D-mannopyranose-(1-3)-[alpha-D-mannopyranose-(1-6)]beta-D-mannopyranose-(1-4)-2-acetamido-2-deoxy-beta-D-glucopyranose-(1-4)-2-acetamido-2-deoxy-beta-D-glucopyranose
9 branched beta-D-mannopyranose-(1-4)-2-acetamido-2-deoxy-beta-D-glucopyranose-(1-4)-[alpha-L-fucopyranose-(1-6)]2-acetamido-2-deoxy-beta-D-glucopyranose
10 branched alpha-D-mannopyranose-(1-6)-beta-D-mannopyranose-(1-4)-2-acetamido-2-deoxy-beta-D-glucopyranose-(1-4)-2-acetamido-2-deoxy-beta-D-glucopyranose
11 branched alpha-D-mannopyranose-(1-6)-beta-D-mannopyranose-(1-4)-2-acetamido-2-deoxy-beta-D-glucopyranose-(1-4)-[alpha-L-fucopyranose-(1-6)]2-acetamido-2-deoxy-beta-D-glucopyranose
12 non-polymer 'SULFATE ION'
13 non-polymer 2-acetamido-2-deoxy-beta-D-glucopyranose
14 water water
#
loop_
_entity_poly.entity_id
_entity_poly.type
_entity_poly.pdbx_seq_one_letter_code
_entity_poly.pdbx_strand_id
1 'polypeptide(L)'
;YFGKLESKLSVIRNLNDQVLFIDQGNRPLFEDMTDSDCRDNAPRTIFIISMYKDSQPRGMAVTISVKCEKISTLSCENKI
ISFKEMNPPDNIKDTKSDIIFFQRSVPGHDNKMQFESSSYEGYFLACEKERDLFKLILKKEDELGDRSIMFTVQNED
;
A,C,E,G,I,K
2 'polypeptide(L)'
;GPESCTSRPHITVVEGEPFYLKHCSCSLAHEIETTTKSWYKSSGSQEHVELNPRSSSRIALHDCVLEFWPVELNDTGSYF
FQMKNYTQKWKLNVIRRNKHSCFTERQVTSKIVEVKKFFQITCENSYYQTLVNSTSLYKNCKKLLLENNKNPTIKKNAEF
EDQGYYSCVHFLHHNGKLFNITKTFNITIVEDRSNIVPVLLGPKLNHVAVELGKNVRLNCSALLNEEDVIYWMFGEENGS
DPNIHEEKEMRIMTPEGKWHASKVLRIENIGESNLNVLYNCTVASTGGTDTKSFILVRKADMADIPGHVFTR
;
B,D,F,H,J,L
#
loop_
_chem_comp.id
_chem_comp.type
_chem_comp.name
_chem_comp.formula
BMA D-saccharide, beta linking beta-D-mannopyranose 'C6 H12 O6'
FUC L-saccharide, alpha linking alpha-L-fucopyranose 'C6 H12 O5'
MAN D-saccharide, alpha linking alpha-D-mannopyranose 'C6 H12 O6'
NAG D-saccharide, beta linking 2-acetamido-2-deoxy-beta-D-glucopyranose 'C8 H15 N O6'
SO4 non-polymer 'SULFATE ION' 'O4 S -2'
#
# COMPACT_ATOMS: atom_id res chain seq x y z
N TYR A 1 -8.78 -34.19 36.30
CA TYR A 1 -7.85 -33.30 35.63
C TYR A 1 -8.39 -31.86 35.59
N PHE A 2 -7.52 -30.89 35.89
CA PHE A 2 -7.85 -29.46 35.85
C PHE A 2 -6.91 -28.72 34.88
N GLY A 3 -7.46 -27.84 34.05
CA GLY A 3 -6.70 -27.05 33.10
C GLY A 3 -7.05 -25.58 33.24
N LYS A 4 -6.04 -24.73 33.53
CA LYS A 4 -6.24 -23.30 33.75
C LYS A 4 -6.85 -22.65 32.53
N LEU A 5 -7.94 -21.91 32.75
CA LEU A 5 -8.65 -21.22 31.68
C LEU A 5 -8.28 -19.74 31.68
N GLU A 6 -8.81 -18.97 32.64
CA GLU A 6 -8.61 -17.51 32.66
C GLU A 6 -8.67 -16.98 34.08
N SER A 7 -8.08 -15.81 34.32
CA SER A 7 -8.04 -15.21 35.65
C SER A 7 -8.67 -13.85 35.66
N LYS A 8 -9.24 -13.46 36.80
CA LYS A 8 -9.88 -12.17 37.01
C LYS A 8 -9.45 -11.59 38.38
N LEU A 9 -9.47 -10.23 38.50
CA LEU A 9 -9.13 -9.55 39.78
C LEU A 9 -10.41 -9.37 40.54
N SER A 10 -10.42 -9.74 41.82
CA SER A 10 -11.64 -9.67 42.63
C SER A 10 -11.44 -9.25 44.08
N VAL A 11 -12.46 -8.63 44.66
CA VAL A 11 -12.47 -8.25 46.07
C VAL A 11 -13.48 -9.18 46.76
N ILE A 12 -12.95 -10.07 47.63
CA ILE A 12 -13.75 -11.04 48.39
C ILE A 12 -14.16 -10.35 49.71
N ARG A 13 -15.44 -10.45 50.04
CA ARG A 13 -16.02 -9.88 51.23
C ARG A 13 -16.97 -10.85 51.88
N ASN A 14 -16.98 -10.90 53.22
CA ASN A 14 -17.93 -11.75 53.92
C ASN A 14 -19.31 -11.09 53.85
N LEU A 15 -20.32 -11.73 54.46
CA LEU A 15 -21.68 -11.21 54.41
C LEU A 15 -21.88 -9.97 55.29
N ASN A 16 -20.82 -9.53 56.00
CA ASN A 16 -20.81 -8.34 56.84
C ASN A 16 -20.07 -7.22 56.12
N ASP A 17 -19.79 -7.42 54.84
CA ASP A 17 -19.07 -6.50 53.95
C ASP A 17 -17.62 -6.24 54.45
N GLN A 18 -17.01 -7.22 55.13
CA GLN A 18 -15.64 -7.09 55.60
C GLN A 18 -14.71 -7.63 54.52
N VAL A 19 -13.77 -6.80 54.06
CA VAL A 19 -12.83 -7.13 52.99
C VAL A 19 -11.78 -8.14 53.48
N LEU A 20 -11.66 -9.25 52.73
CA LEU A 20 -10.65 -10.29 52.93
C LEU A 20 -9.31 -9.71 52.44
N PHE A 21 -8.24 -9.91 53.23
CA PHE A 21 -6.92 -9.42 52.89
C PHE A 21 -5.84 -10.27 53.54
N ILE A 22 -4.65 -10.33 52.93
CA ILE A 22 -3.57 -11.05 53.57
C ILE A 22 -2.77 -9.99 54.34
N ASP A 23 -2.64 -10.14 55.66
CA ASP A 23 -1.94 -9.20 56.52
C ASP A 23 -0.42 -9.32 56.38
N GLN A 24 0.33 -8.51 57.18
CA GLN A 24 1.81 -8.46 57.20
C GLN A 24 2.41 -9.84 57.48
N GLY A 25 1.71 -10.67 58.26
CA GLY A 25 2.14 -12.03 58.59
C GLY A 25 1.69 -13.11 57.62
N ASN A 26 1.18 -12.70 56.43
CA ASN A 26 0.68 -13.56 55.36
C ASN A 26 -0.53 -14.46 55.76
N ARG A 27 -1.29 -14.02 56.79
CA ARG A 27 -2.51 -14.66 57.30
C ARG A 27 -3.74 -14.06 56.60
N PRO A 28 -4.71 -14.87 56.09
CA PRO A 28 -5.90 -14.26 55.48
C PRO A 28 -6.89 -13.83 56.58
N LEU A 29 -7.21 -12.52 56.57
CA LEU A 29 -8.08 -11.87 57.55
C LEU A 29 -9.19 -11.05 56.88
N PHE A 30 -10.23 -10.69 57.67
CA PHE A 30 -11.40 -9.92 57.24
C PHE A 30 -11.56 -8.64 58.05
N GLU A 31 -11.66 -7.47 57.37
CA GLU A 31 -11.79 -6.19 58.07
C GLU A 31 -12.69 -5.22 57.32
N ASP A 32 -13.47 -4.41 58.08
CA ASP A 32 -14.32 -3.37 57.52
C ASP A 32 -13.40 -2.37 56.83
N MET A 33 -13.64 -2.08 55.56
CA MET A 33 -12.77 -1.13 54.85
C MET A 33 -13.55 -0.16 53.98
N THR A 34 -13.25 1.16 54.11
CA THR A 34 -13.82 2.19 53.24
C THR A 34 -13.16 2.00 51.86
N ASP A 35 -13.79 2.41 50.75
CA ASP A 35 -13.22 2.25 49.41
C ASP A 35 -11.72 2.60 49.38
N SER A 36 -11.37 3.77 49.98
CA SER A 36 -10.00 4.28 50.07
C SER A 36 -9.09 3.25 50.74
N ASP A 37 -9.52 2.71 51.91
CA ASP A 37 -8.81 1.70 52.68
C ASP A 37 -8.54 0.46 51.85
N CYS A 38 -9.55 0.01 51.05
CA CYS A 38 -9.45 -1.16 50.18
C CYS A 38 -8.40 -0.91 49.09
N ARG A 39 -8.35 0.31 48.55
CA ARG A 39 -7.37 0.68 47.52
C ARG A 39 -5.98 0.84 48.10
N ASP A 40 -5.84 1.59 49.20
CA ASP A 40 -4.56 1.85 49.87
C ASP A 40 -3.93 0.55 50.45
N ASN A 41 -4.74 -0.49 50.68
CA ASN A 41 -4.23 -1.75 51.16
C ASN A 41 -4.00 -2.72 49.97
N ALA A 42 -4.38 -2.33 48.75
CA ALA A 42 -4.09 -3.16 47.58
C ALA A 42 -2.56 -3.24 47.45
N PRO A 43 -1.98 -4.37 46.98
CA PRO A 43 -2.59 -5.58 46.41
C PRO A 43 -3.08 -6.60 47.45
N ARG A 44 -2.81 -6.38 48.76
CA ARG A 44 -3.21 -7.27 49.86
C ARG A 44 -4.73 -7.59 49.85
N THR A 45 -5.55 -6.70 49.26
CA THR A 45 -7.01 -6.83 49.21
C THR A 45 -7.51 -7.35 47.84
N ILE A 46 -6.61 -7.36 46.82
CA ILE A 46 -6.95 -7.82 45.47
C ILE A 46 -6.54 -9.26 45.26
N PHE A 47 -7.53 -10.12 44.99
CA PHE A 47 -7.31 -11.54 44.75
C PHE A 47 -7.55 -11.94 43.28
N ILE A 48 -6.68 -12.83 42.77
CA ILE A 48 -6.75 -13.35 41.41
C ILE A 48 -7.52 -14.67 41.43
N ILE A 49 -8.78 -14.66 40.97
CA ILE A 49 -9.61 -15.88 40.92
C ILE A 49 -9.39 -16.48 39.56
N SER A 50 -8.88 -17.73 39.49
CA SER A 50 -8.54 -18.38 38.22
C SER A 50 -9.42 -19.55 37.96
N MET A 51 -10.13 -19.52 36.82
CA MET A 51 -11.04 -20.59 36.40
C MET A 51 -10.29 -21.71 35.78
N TYR A 52 -10.77 -22.93 36.01
CA TYR A 52 -10.17 -24.17 35.52
C TYR A 52 -11.18 -25.06 34.87
N LYS A 53 -10.75 -25.81 33.89
CA LYS A 53 -11.64 -26.77 33.31
C LYS A 53 -11.49 -28.04 34.13
N ASP A 54 -12.60 -28.71 34.40
CA ASP A 54 -12.61 -29.92 35.22
C ASP A 54 -12.96 -31.10 34.34
N SER A 55 -12.25 -32.22 34.56
CA SER A 55 -12.42 -33.53 33.91
C SER A 55 -13.80 -34.13 34.29
N GLN A 56 -14.28 -33.81 35.50
CA GLN A 56 -15.60 -34.21 35.99
C GLN A 56 -16.22 -32.99 36.60
N PRO A 57 -16.97 -32.22 35.77
CA PRO A 57 -17.54 -30.96 36.27
C PRO A 57 -18.39 -31.13 37.51
N ARG A 58 -18.20 -30.20 38.46
CA ARG A 58 -18.97 -30.14 39.71
C ARG A 58 -18.89 -28.73 40.25
N GLY A 59 -19.40 -27.79 39.47
CA GLY A 59 -19.39 -26.36 39.79
C GLY A 59 -18.18 -25.66 39.20
N MET A 60 -18.06 -24.35 39.41
CA MET A 60 -16.96 -23.54 38.89
C MET A 60 -15.67 -23.83 39.70
N ALA A 61 -14.69 -24.55 39.09
CA ALA A 61 -13.41 -24.91 39.73
C ALA A 61 -12.42 -23.73 39.65
N VAL A 62 -12.11 -23.13 40.78
CA VAL A 62 -11.24 -21.96 40.86
C VAL A 62 -10.06 -22.11 41.89
N THR A 63 -9.05 -21.22 41.76
CA THR A 63 -7.91 -21.04 42.69
C THR A 63 -7.86 -19.55 43.09
N ILE A 64 -7.77 -19.27 44.41
CA ILE A 64 -7.69 -17.90 44.91
C ILE A 64 -6.23 -17.56 45.11
N SER A 65 -5.75 -16.52 44.43
CA SER A 65 -4.36 -16.14 44.54
C SER A 65 -4.18 -14.66 44.94
N VAL A 66 -2.96 -14.28 45.33
CA VAL A 66 -2.68 -12.89 45.70
C VAL A 66 -1.28 -12.51 45.18
N LYS A 67 -1.14 -11.29 44.63
CA LYS A 67 0.13 -10.85 44.06
C LYS A 67 0.79 -9.73 44.88
N CYS A 68 1.74 -10.12 45.74
CA CYS A 68 2.50 -9.19 46.55
C CYS A 68 3.94 -9.13 46.01
N GLU A 69 4.97 -9.25 46.88
CA GLU A 69 6.36 -9.28 46.46
C GLU A 69 6.57 -10.58 45.65
N LYS A 70 5.66 -11.55 45.88
CA LYS A 70 5.59 -12.87 45.26
C LYS A 70 4.13 -13.29 45.14
N ILE A 71 3.80 -14.13 44.13
CA ILE A 71 2.43 -14.62 43.92
C ILE A 71 2.23 -15.86 44.83
N SER A 72 1.21 -15.80 45.69
CA SER A 72 0.85 -16.88 46.61
C SER A 72 -0.53 -17.44 46.26
N THR A 73 -0.71 -18.75 46.42
CA THR A 73 -2.00 -19.38 46.14
C THR A 73 -2.57 -19.97 47.43
N LEU A 74 -3.88 -19.73 47.68
CA LEU A 74 -4.61 -20.23 48.83
C LEU A 74 -4.72 -21.75 48.74
N SER A 75 -4.29 -22.44 49.82
CA SER A 75 -4.30 -23.88 49.97
C SER A 75 -4.98 -24.28 51.27
N CYS A 76 -5.75 -25.38 51.25
CA CYS A 76 -6.42 -25.87 52.43
C CYS A 76 -5.83 -27.25 52.84
N GLU A 77 -4.53 -27.47 52.53
CA GLU A 77 -3.79 -28.69 52.88
C GLU A 77 -3.91 -28.99 54.37
N ASN A 78 -4.29 -30.25 54.68
CA ASN A 78 -4.51 -30.78 56.04
C ASN A 78 -5.65 -30.04 56.78
N LYS A 79 -6.66 -29.55 56.02
CA LYS A 79 -7.83 -28.80 56.53
C LYS A 79 -7.40 -27.47 57.22
N ILE A 80 -6.15 -27.03 56.95
CA ILE A 80 -5.61 -25.78 57.51
C ILE A 80 -5.29 -24.83 56.35
N ILE A 81 -5.90 -23.63 56.42
CA ILE A 81 -5.80 -22.55 55.46
C ILE A 81 -4.43 -21.90 55.54
N SER A 82 -3.79 -21.71 54.37
CA SER A 82 -2.46 -21.13 54.20
C SER A 82 -2.30 -20.57 52.79
N PHE A 83 -1.33 -19.66 52.62
CA PHE A 83 -1.04 -19.05 51.33
C PHE A 83 0.34 -19.51 50.87
N LYS A 84 0.35 -20.60 50.07
CA LYS A 84 1.56 -21.24 49.53
C LYS A 84 2.17 -20.36 48.42
N GLU A 85 3.50 -20.09 48.49
CA GLU A 85 4.23 -19.29 47.50
C GLU A 85 4.30 -20.09 46.21
N MET A 86 3.40 -19.79 45.27
CA MET A 86 3.27 -20.46 43.97
C MET A 86 2.23 -19.77 43.10
N ASN A 87 2.40 -19.89 41.77
CA ASN A 87 1.45 -19.39 40.78
C ASN A 87 0.36 -20.44 40.55
N PRO A 88 -0.86 -20.04 40.14
CA PRO A 88 -1.86 -21.05 39.77
C PRO A 88 -1.32 -21.91 38.62
N PRO A 89 -1.29 -23.26 38.78
CA PRO A 89 -0.70 -24.11 37.74
C PRO A 89 -1.51 -24.13 36.45
N ASP A 90 -0.83 -24.46 35.34
CA ASP A 90 -1.49 -24.58 34.05
C ASP A 90 -2.40 -25.82 34.06
N ASN A 91 -1.90 -26.93 34.65
CA ASN A 91 -2.52 -28.25 34.75
C ASN A 91 -2.49 -28.77 36.17
N ILE A 92 -3.47 -29.63 36.51
CA ILE A 92 -3.55 -30.39 37.77
C ILE A 92 -3.96 -31.78 37.32
N LYS A 93 -3.11 -32.79 37.56
CA LYS A 93 -3.38 -34.15 37.09
C LYS A 93 -4.04 -35.00 38.21
N ASP A 94 -5.13 -34.47 38.82
CA ASP A 94 -5.92 -35.13 39.86
C ASP A 94 -7.36 -34.62 39.77
N THR A 95 -8.32 -35.31 40.44
CA THR A 95 -9.72 -34.87 40.47
C THR A 95 -9.97 -34.03 41.74
N LYS A 96 -9.03 -34.09 42.70
CA LYS A 96 -9.05 -33.36 43.98
C LYS A 96 -7.79 -32.50 44.09
N SER A 97 -7.87 -31.34 44.78
CA SER A 97 -6.71 -30.46 44.98
C SER A 97 -6.90 -29.53 46.17
N ASP A 98 -5.82 -29.38 46.96
CA ASP A 98 -5.78 -28.49 48.10
C ASP A 98 -5.88 -27.02 47.67
N ILE A 99 -5.67 -26.72 46.38
CA ILE A 99 -5.75 -25.34 45.90
C ILE A 99 -7.01 -25.09 45.03
N ILE A 100 -7.70 -26.16 44.56
CA ILE A 100 -8.93 -26.03 43.77
C ILE A 100 -10.15 -26.02 44.70
N PHE A 101 -11.02 -25.01 44.50
CA PHE A 101 -12.27 -24.83 45.22
C PHE A 101 -13.42 -24.74 44.25
N PHE A 102 -14.62 -25.18 44.64
CA PHE A 102 -15.77 -25.09 43.76
C PHE A 102 -16.63 -23.91 44.16
N GLN A 103 -16.58 -22.85 43.33
CA GLN A 103 -17.35 -21.64 43.57
C GLN A 103 -18.79 -21.89 43.13
N ARG A 104 -19.71 -21.79 44.10
CA ARG A 104 -21.13 -22.01 43.88
C ARG A 104 -21.92 -20.92 44.55
N SER A 105 -22.87 -20.33 43.82
CA SER A 105 -23.73 -19.30 44.39
C SER A 105 -24.75 -20.00 45.29
N VAL A 106 -25.29 -19.31 46.30
CA VAL A 106 -26.23 -20.00 47.17
C VAL A 106 -27.62 -20.04 46.46
N PRO A 107 -28.37 -21.15 46.59
CA PRO A 107 -29.70 -21.20 45.95
C PRO A 107 -30.61 -20.05 46.42
N GLY A 108 -31.10 -19.29 45.44
CA GLY A 108 -31.96 -18.13 45.67
C GLY A 108 -31.21 -16.81 45.78
N HIS A 109 -29.89 -16.85 45.99
CA HIS A 109 -29.08 -15.64 46.13
C HIS A 109 -27.89 -15.78 45.25
N ASP A 110 -28.06 -15.42 44.00
CA ASP A 110 -27.04 -15.54 42.96
C ASP A 110 -25.76 -14.70 43.21
N ASN A 111 -25.75 -13.84 44.26
CA ASN A 111 -24.59 -13.01 44.60
C ASN A 111 -23.82 -13.59 45.79
N LYS A 112 -24.48 -14.38 46.66
CA LYS A 112 -23.86 -15.03 47.82
C LYS A 112 -23.13 -16.29 47.34
N MET A 113 -21.80 -16.34 47.55
CA MET A 113 -20.90 -17.37 47.03
C MET A 113 -20.29 -18.25 48.09
N GLN A 114 -20.18 -19.53 47.78
CA GLN A 114 -19.57 -20.51 48.67
C GLN A 114 -18.43 -21.19 47.94
N PHE A 115 -17.36 -21.56 48.67
CA PHE A 115 -16.21 -22.22 48.07
C PHE A 115 -16.01 -23.58 48.72
N GLU A 116 -16.38 -24.65 48.02
CA GLU A 116 -16.23 -26.02 48.53
C GLU A 116 -14.82 -26.57 48.18
N SER A 117 -14.18 -27.26 49.12
CA SER A 117 -12.87 -27.82 48.81
C SER A 117 -13.00 -29.03 47.87
N SER A 118 -12.11 -29.14 46.86
CA SER A 118 -12.14 -30.27 45.95
C SER A 118 -11.54 -31.50 46.62
N SER A 119 -10.63 -31.30 47.61
CA SER A 119 -9.97 -32.38 48.32
C SER A 119 -10.77 -32.82 49.55
N TYR A 120 -11.38 -31.87 50.28
CA TYR A 120 -12.19 -32.20 51.47
C TYR A 120 -13.64 -31.85 51.20
N GLU A 121 -14.41 -32.85 50.79
CA GLU A 121 -15.83 -32.71 50.44
C GLU A 121 -16.64 -32.26 51.66
N GLY A 122 -17.51 -31.27 51.44
CA GLY A 122 -18.35 -30.72 52.51
C GLY A 122 -17.64 -29.74 53.40
N TYR A 123 -16.40 -29.37 53.03
CA TYR A 123 -15.59 -28.39 53.73
C TYR A 123 -15.54 -27.13 52.92
N PHE A 124 -15.92 -26.03 53.55
CA PHE A 124 -16.02 -24.78 52.88
C PHE A 124 -15.12 -23.74 53.46
N LEU A 125 -14.75 -22.78 52.61
CA LEU A 125 -14.00 -21.59 52.99
C LEU A 125 -14.93 -20.76 53.89
N ALA A 126 -14.45 -20.26 55.03
CA ALA A 126 -15.33 -19.54 55.97
C ALA A 126 -14.63 -18.44 56.76
N CYS A 127 -15.44 -17.49 57.27
CA CYS A 127 -14.99 -16.40 58.13
C CYS A 127 -15.34 -16.75 59.55
N GLU A 128 -14.33 -16.82 60.43
CA GLU A 128 -14.56 -17.13 61.84
C GLU A 128 -13.87 -16.09 62.72
N LYS A 129 -14.56 -15.63 63.79
CA LYS A 129 -13.98 -14.65 64.71
C LYS A 129 -13.14 -15.42 65.74
N GLU A 130 -11.84 -15.17 65.77
CA GLU A 130 -10.94 -15.82 66.70
C GLU A 130 -10.17 -14.74 67.44
N ARG A 131 -10.50 -14.56 68.73
CA ARG A 131 -9.98 -13.53 69.62
C ARG A 131 -10.52 -12.16 69.12
N ASP A 132 -9.64 -11.20 68.76
CA ASP A 132 -10.03 -9.86 68.25
C ASP A 132 -9.84 -9.79 66.71
N LEU A 133 -9.83 -10.96 66.05
CA LEU A 133 -9.59 -11.11 64.62
C LEU A 133 -10.68 -11.88 63.89
N PHE A 134 -10.86 -11.56 62.60
CA PHE A 134 -11.74 -12.32 61.74
C PHE A 134 -10.83 -13.09 60.80
N LYS A 135 -10.81 -14.40 60.94
CA LYS A 135 -9.91 -15.26 60.16
C LYS A 135 -10.61 -16.06 59.04
N LEU A 136 -9.88 -16.26 57.92
CA LEU A 136 -10.32 -17.15 56.84
C LEU A 136 -9.88 -18.59 57.24
N ILE A 137 -10.87 -19.50 57.34
CA ILE A 137 -10.67 -20.87 57.80
C ILE A 137 -11.44 -21.85 56.94
N LEU A 138 -11.19 -23.15 57.13
CA LEU A 138 -11.91 -24.22 56.46
C LEU A 138 -12.81 -24.82 57.50
N LYS A 139 -14.09 -24.93 57.17
CA LYS A 139 -15.13 -25.37 58.10
C LYS A 139 -16.06 -26.38 57.43
N LYS A 140 -16.57 -27.37 58.19
CA LYS A 140 -17.57 -28.33 57.70
C LYS A 140 -18.93 -27.59 57.72
N GLU A 141 -19.76 -27.67 56.63
CA GLU A 141 -21.03 -26.90 56.44
C GLU A 141 -21.87 -26.71 57.73
N ASP A 142 -22.09 -27.82 58.51
CA ASP A 142 -22.89 -27.86 59.74
C ASP A 142 -24.38 -27.60 59.40
N GLU A 143 -25.02 -26.61 60.07
CA GLU A 143 -26.43 -26.20 59.87
C GLU A 143 -26.61 -25.50 58.52
N LEU A 144 -27.64 -25.91 57.74
CA LEU A 144 -27.96 -25.35 56.43
C LEU A 144 -28.43 -23.92 56.58
N GLY A 145 -27.81 -23.03 55.82
CA GLY A 145 -28.10 -21.60 55.86
C GLY A 145 -27.03 -20.80 56.55
N ASP A 146 -25.89 -21.44 56.82
CA ASP A 146 -24.69 -20.90 57.46
C ASP A 146 -24.14 -19.72 56.65
N ARG A 147 -24.25 -18.51 57.21
CA ARG A 147 -23.81 -17.27 56.56
C ARG A 147 -22.26 -17.09 56.62
N SER A 148 -21.57 -17.85 57.48
CA SER A 148 -20.12 -17.72 57.61
C SER A 148 -19.38 -18.31 56.39
N ILE A 149 -20.00 -19.25 55.67
CA ILE A 149 -19.39 -19.90 54.51
C ILE A 149 -19.82 -19.16 53.21
N MET A 150 -20.59 -18.06 53.36
CA MET A 150 -21.07 -17.26 52.23
C MET A 150 -20.24 -16.00 52.05
N PHE A 151 -19.93 -15.64 50.79
CA PHE A 151 -19.12 -14.47 50.43
C PHE A 151 -19.68 -13.71 49.21
N THR A 152 -19.04 -12.58 48.87
CA THR A 152 -19.35 -11.80 47.68
C THR A 152 -18.05 -11.48 46.96
N VAL A 153 -18.00 -11.69 45.62
CA VAL A 153 -16.79 -11.36 44.88
C VAL A 153 -17.13 -10.14 43.98
N GLN A 154 -16.34 -9.05 44.09
CA GLN A 154 -16.51 -7.81 43.32
C GLN A 154 -15.44 -7.74 42.25
N ASN A 155 -15.83 -7.65 41.00
CA ASN A 155 -14.86 -7.66 39.90
C ASN A 155 -14.54 -6.29 39.38
N GLU A 156 -13.40 -6.16 38.67
CA GLU A 156 -13.06 -4.88 38.05
C GLU A 156 -13.44 -4.93 36.56
N PRO B 2 -14.22 -6.37 73.52
CA PRO B 2 -15.48 -6.54 72.78
C PRO B 2 -15.33 -6.10 71.31
N GLU B 3 -14.54 -5.04 71.09
CA GLU B 3 -14.31 -4.48 69.75
C GLU B 3 -13.07 -5.12 69.13
N SER B 4 -13.18 -5.47 67.85
CA SER B 4 -12.14 -6.08 67.02
C SER B 4 -10.93 -5.15 66.89
N CYS B 5 -9.74 -5.76 66.75
CA CYS B 5 -8.49 -5.05 66.58
C CYS B 5 -8.39 -4.44 65.19
N THR B 6 -7.58 -3.38 65.00
CA THR B 6 -7.38 -2.81 63.66
C THR B 6 -6.20 -3.60 63.03
N SER B 7 -6.53 -4.67 62.30
CA SER B 7 -5.56 -5.60 61.73
C SER B 7 -5.00 -5.18 60.35
N ARG B 8 -5.65 -4.22 59.66
CA ARG B 8 -5.18 -3.82 58.34
C ARG B 8 -3.94 -2.88 58.41
N PRO B 9 -3.01 -2.97 57.44
CA PRO B 9 -1.79 -2.15 57.50
C PRO B 9 -1.98 -0.66 57.24
N HIS B 10 -2.87 -0.26 56.30
N HIS B 10 -2.86 -0.25 56.30
CA HIS B 10 -3.09 1.14 55.98
CA HIS B 10 -3.04 1.15 55.92
C HIS B 10 -4.47 1.60 56.41
C HIS B 10 -4.44 1.66 56.29
N ILE B 11 -4.49 2.73 57.13
CA ILE B 11 -5.70 3.36 57.65
C ILE B 11 -5.85 4.77 57.12
N THR B 12 -7.06 5.12 56.70
CA THR B 12 -7.40 6.46 56.24
C THR B 12 -8.50 7.01 57.17
N VAL B 13 -8.24 8.17 57.80
CA VAL B 13 -9.17 8.86 58.71
C VAL B 13 -9.29 10.32 58.32
N VAL B 14 -10.43 10.96 58.64
CA VAL B 14 -10.67 12.38 58.37
C VAL B 14 -10.30 13.22 59.64
N GLU B 15 -9.65 14.37 59.45
CA GLU B 15 -9.24 15.27 60.53
C GLU B 15 -10.46 15.74 61.36
N GLY B 16 -10.26 15.92 62.66
CA GLY B 16 -11.28 16.38 63.60
C GLY B 16 -12.28 15.34 64.07
N GLU B 17 -12.01 14.06 63.80
CA GLU B 17 -12.88 12.95 64.19
C GLU B 17 -12.14 12.09 65.25
N PRO B 18 -12.80 11.69 66.37
CA PRO B 18 -12.12 10.81 67.35
C PRO B 18 -11.78 9.47 66.69
N PHE B 19 -10.49 9.14 66.70
CA PHE B 19 -9.98 7.91 66.09
C PHE B 19 -9.15 7.11 67.09
N TYR B 20 -9.05 5.80 66.87
CA TYR B 20 -8.29 4.88 67.70
C TYR B 20 -7.73 3.76 66.86
N LEU B 21 -6.64 3.16 67.32
CA LEU B 21 -6.15 1.96 66.68
C LEU B 21 -5.86 0.99 67.79
N LYS B 22 -6.52 -0.16 67.71
CA LYS B 22 -6.43 -1.25 68.68
C LYS B 22 -5.52 -2.34 68.14
N HIS B 23 -4.54 -2.80 68.93
CA HIS B 23 -3.62 -3.87 68.53
C HIS B 23 -4.31 -5.24 68.70
N CYS B 24 -3.71 -6.29 68.10
CA CYS B 24 -4.28 -7.64 68.03
C CYS B 24 -3.70 -8.62 69.03
N SER B 25 -3.58 -8.23 70.30
CA SER B 25 -3.08 -9.05 71.41
C SER B 25 -3.64 -8.51 72.72
N CYS B 26 -4.97 -8.47 72.84
CA CYS B 26 -5.60 -7.89 74.03
C CYS B 26 -5.58 -8.82 75.22
N SER B 27 -5.77 -10.13 75.00
CA SER B 27 -5.67 -11.15 76.05
C SER B 27 -4.25 -11.15 76.57
N LEU B 28 -3.26 -10.98 75.63
CA LEU B 28 -1.83 -10.87 75.90
C LEU B 28 -1.59 -9.68 76.85
N ALA B 29 -2.25 -8.51 76.59
CA ALA B 29 -2.19 -7.32 77.44
C ALA B 29 -2.98 -7.54 78.74
N HIS B 30 -2.39 -8.39 79.61
CA HIS B 30 -2.86 -8.84 80.92
C HIS B 30 -1.70 -9.47 81.73
N GLU B 31 -0.63 -9.94 81.02
CA GLU B 31 0.55 -10.55 81.63
C GLU B 31 1.66 -9.52 81.82
N THR B 35 2.96 -1.80 80.98
CA THR B 35 4.25 -1.65 81.63
C THR B 35 5.36 -2.32 80.79
N THR B 36 4.98 -3.21 79.88
CA THR B 36 5.92 -3.87 78.96
C THR B 36 5.41 -3.63 77.50
N LYS B 37 4.49 -2.63 77.36
CA LYS B 37 3.86 -2.20 76.10
C LYS B 37 4.26 -0.76 75.75
N SER B 38 4.62 -0.51 74.47
CA SER B 38 5.01 0.82 74.01
C SER B 38 4.45 1.15 72.62
N TRP B 39 4.13 2.43 72.39
CA TRP B 39 3.63 2.97 71.12
C TRP B 39 4.65 3.96 70.55
N TYR B 40 4.86 3.94 69.22
CA TYR B 40 5.82 4.82 68.55
C TYR B 40 5.22 5.44 67.29
N LYS B 41 5.68 6.65 66.94
CA LYS B 41 5.24 7.37 65.74
C LYS B 41 6.44 7.79 64.92
N SER B 42 6.37 7.60 63.61
CA SER B 42 7.42 8.01 62.69
C SER B 42 6.84 8.94 61.63
N SER B 43 7.20 10.23 61.72
CA SER B 43 6.79 11.24 60.74
C SER B 43 7.75 11.12 59.54
N GLY B 44 7.38 11.71 58.38
CA GLY B 44 8.15 11.66 57.14
C GLY B 44 9.66 11.63 57.37
N SER B 45 10.21 10.40 57.44
CA SER B 45 11.62 10.07 57.73
C SER B 45 12.11 10.78 59.05
N GLN B 46 11.45 10.46 60.19
CA GLN B 46 11.76 10.99 61.53
C GLN B 46 12.40 9.89 62.44
N GLU B 47 12.48 8.63 61.90
CA GLU B 47 13.05 7.41 62.49
C GLU B 47 12.50 7.10 63.90
N HIS B 48 11.16 7.28 64.07
CA HIS B 48 10.32 7.04 65.25
C HIS B 48 10.65 7.89 66.50
N VAL B 49 9.64 7.98 67.39
CA VAL B 49 9.58 8.65 68.70
C VAL B 49 8.56 7.90 69.56
N GLU B 50 8.91 7.61 70.84
CA GLU B 50 8.02 6.89 71.73
C GLU B 50 6.93 7.82 72.25
N LEU B 51 5.66 7.40 72.08
CA LEU B 51 4.51 8.16 72.56
C LEU B 51 4.34 7.92 74.03
N ASN B 52 3.88 8.92 74.79
CA ASN B 52 3.70 8.79 76.23
C ASN B 52 2.34 9.38 76.69
N PRO B 53 1.82 8.98 77.90
CA PRO B 53 0.51 9.48 78.37
C PRO B 53 0.20 10.94 78.02
N ARG B 54 1.19 11.86 78.17
CA ARG B 54 0.98 13.24 77.77
C ARG B 54 2.09 13.73 76.82
N SER B 55 2.20 13.03 75.68
CA SER B 55 3.05 13.38 74.53
C SER B 55 2.30 14.55 73.88
N SER B 56 0.97 14.34 73.64
CA SER B 56 -0.03 15.28 73.12
C SER B 56 -1.32 15.19 73.95
N SER B 57 -1.94 16.35 74.21
CA SER B 57 -3.18 16.49 74.98
C SER B 57 -4.37 15.73 74.32
N ARG B 58 -4.22 15.33 73.03
CA ARG B 58 -5.24 14.60 72.25
C ARG B 58 -5.00 13.09 72.22
N ILE B 59 -3.74 12.68 72.38
CA ILE B 59 -3.39 11.28 72.28
C ILE B 59 -3.41 10.64 73.65
N ALA B 60 -4.31 9.65 73.81
CA ALA B 60 -4.51 8.86 75.03
C ALA B 60 -4.02 7.43 74.81
N LEU B 61 -2.96 7.03 75.52
CA LEU B 61 -2.36 5.71 75.39
C LEU B 61 -2.98 4.72 76.36
N HIS B 62 -3.54 3.62 75.85
CA HIS B 62 -4.10 2.55 76.68
C HIS B 62 -3.45 1.21 76.28
N ASP B 63 -3.53 0.23 77.20
CA ASP B 63 -2.93 -1.11 77.10
C ASP B 63 -3.17 -1.76 75.75
N CYS B 64 -4.37 -1.63 75.18
CA CYS B 64 -4.73 -2.24 73.92
C CYS B 64 -4.99 -1.21 72.80
N VAL B 65 -5.37 0.03 73.14
CA VAL B 65 -5.70 1.04 72.14
C VAL B 65 -4.81 2.31 72.23
N LEU B 66 -4.73 3.07 71.13
CA LEU B 66 -4.09 4.37 71.07
C LEU B 66 -5.15 5.31 70.58
N GLU B 67 -5.76 6.08 71.51
CA GLU B 67 -6.85 6.99 71.20
C GLU B 67 -6.38 8.36 70.76
N PHE B 68 -7.11 8.96 69.81
CA PHE B 68 -6.92 10.32 69.26
C PHE B 68 -8.19 11.08 69.54
N TRP B 69 -8.06 12.27 70.20
CA TRP B 69 -9.20 13.09 70.61
C TRP B 69 -9.09 14.58 70.19
N PRO B 70 -9.33 14.93 68.91
CA PRO B 70 -9.61 14.08 67.75
C PRO B 70 -8.33 13.83 66.97
N VAL B 71 -8.44 13.15 65.83
CA VAL B 71 -7.26 12.95 65.01
C VAL B 71 -7.13 14.21 64.14
N GLU B 72 -5.90 14.72 63.96
CA GLU B 72 -5.67 15.91 63.12
C GLU B 72 -4.59 15.58 62.06
N LEU B 73 -4.52 16.38 60.98
CA LEU B 73 -3.63 16.15 59.83
C LEU B 73 -2.16 15.88 60.19
N ASN B 74 -1.63 16.54 61.22
CA ASN B 74 -0.24 16.38 61.70
C ASN B 74 0.01 14.97 62.26
N ASP B 75 -1.07 14.19 62.50
CA ASP B 75 -1.00 12.82 63.01
C ASP B 75 -0.67 11.81 61.93
N THR B 76 -0.78 12.19 60.65
CA THR B 76 -0.46 11.31 59.52
C THR B 76 0.97 10.78 59.71
N GLY B 77 1.14 9.48 59.63
CA GLY B 77 2.45 8.87 59.81
C GLY B 77 2.38 7.40 60.10
N SER B 78 3.56 6.78 60.29
CA SER B 78 3.64 5.36 60.60
C SER B 78 3.66 5.16 62.11
N TYR B 79 2.80 4.26 62.58
CA TYR B 79 2.68 3.95 63.99
C TYR B 79 3.11 2.50 64.24
N PHE B 80 3.88 2.28 65.30
CA PHE B 80 4.43 0.99 65.65
C PHE B 80 4.16 0.67 67.12
N PHE B 81 3.61 -0.53 67.43
CA PHE B 81 3.34 -1.01 68.79
C PHE B 81 4.24 -2.20 69.12
N GLN B 82 4.78 -2.22 70.36
CA GLN B 82 5.63 -3.31 70.83
C GLN B 82 5.29 -3.70 72.26
N MET B 83 4.98 -4.99 72.42
CA MET B 83 4.67 -5.68 73.67
C MET B 83 5.57 -6.89 73.71
N LYS B 84 6.52 -6.91 74.63
CA LYS B 84 7.51 -7.98 74.73
C LYS B 84 8.02 -8.29 73.30
N ASN B 85 7.62 -9.42 72.71
CA ASN B 85 8.07 -9.78 71.37
C ASN B 85 7.04 -9.49 70.30
N TYR B 86 5.74 -9.25 70.68
CA TYR B 86 4.69 -8.87 69.71
C TYR B 86 4.98 -7.50 69.13
N THR B 87 4.77 -7.37 67.80
CA THR B 87 4.99 -6.13 67.08
C THR B 87 3.87 -5.92 66.04
N GLN B 88 3.41 -4.65 65.92
CA GLN B 88 2.37 -4.25 64.97
C GLN B 88 2.65 -2.85 64.42
N LYS B 89 2.42 -2.70 63.11
CA LYS B 89 2.63 -1.45 62.38
C LYS B 89 1.34 -1.02 61.66
N TRP B 90 1.11 0.31 61.61
CA TRP B 90 0.00 0.93 60.88
C TRP B 90 0.51 2.15 60.14
N LYS B 91 0.05 2.32 58.88
CA LYS B 91 0.40 3.50 58.11
C LYS B 91 -0.83 4.40 58.12
N LEU B 92 -0.82 5.40 59.02
CA LEU B 92 -1.96 6.30 59.20
C LEU B 92 -1.92 7.42 58.19
N ASN B 93 -3.04 7.62 57.49
CA ASN B 93 -3.21 8.67 56.51
C ASN B 93 -4.43 9.53 56.89
N VAL B 94 -4.17 10.67 57.56
CA VAL B 94 -5.22 11.60 57.97
C VAL B 94 -5.50 12.50 56.77
N ILE B 95 -6.74 12.49 56.27
CA ILE B 95 -7.15 13.29 55.11
C ILE B 95 -7.98 14.50 55.56
N ARG B 96 -7.91 15.59 54.77
CA ARG B 96 -8.59 16.87 55.04
C ARG B 96 -10.12 16.71 54.97
N ARG B 97 -10.82 17.38 55.91
CA ARG B 97 -12.27 17.36 56.04
C ARG B 97 -12.90 18.28 54.99
N ASN B 98 -13.94 17.77 54.30
CA ASN B 98 -14.72 18.54 53.34
C ASN B 98 -15.70 19.32 54.18
N LYS B 99 -15.33 20.57 54.52
CA LYS B 99 -16.10 21.44 55.40
C LYS B 99 -17.32 22.03 54.68
N HIS B 100 -17.51 21.72 53.38
CA HIS B 100 -18.63 22.21 52.58
C HIS B 100 -19.75 21.17 52.50
N SER B 101 -19.42 19.91 52.78
CA SER B 101 -20.36 18.79 52.83
C SER B 101 -20.44 18.28 54.27
N CYS B 102 -21.32 17.32 54.52
CA CYS B 102 -21.48 16.73 55.84
C CYS B 102 -20.58 15.49 55.97
N PHE B 103 -19.79 15.19 54.90
CA PHE B 103 -18.88 14.05 54.82
C PHE B 103 -17.85 14.27 53.70
N THR B 104 -16.64 13.72 53.87
CA THR B 104 -15.56 13.78 52.88
C THR B 104 -15.75 12.61 51.91
N GLU B 105 -15.80 12.90 50.59
CA GLU B 105 -16.01 11.93 49.52
C GLU B 105 -14.96 10.82 49.52
N ARG B 106 -13.71 11.15 49.89
CA ARG B 106 -12.58 10.21 49.96
C ARG B 106 -12.73 9.21 51.16
N GLN B 107 -13.85 9.29 51.94
CA GLN B 107 -14.08 8.40 53.08
C GLN B 107 -15.46 7.70 53.02
N VAL B 108 -15.75 7.09 51.86
CA VAL B 108 -17.02 6.40 51.63
C VAL B 108 -16.75 4.90 51.42
N THR B 109 -17.76 4.08 51.75
CA THR B 109 -17.80 2.62 51.56
C THR B 109 -18.93 2.39 50.58
N SER B 110 -18.61 2.06 49.33
CA SER B 110 -19.64 1.86 48.32
C SER B 110 -20.30 0.50 48.44
N LYS B 111 -21.60 0.47 48.09
CA LYS B 111 -22.42 -0.74 48.10
C LYS B 111 -23.40 -0.69 46.94
N ILE B 112 -23.42 -1.75 46.15
CA ILE B 112 -24.30 -1.85 44.99
C ILE B 112 -25.40 -2.80 45.38
N VAL B 113 -26.63 -2.33 45.29
CA VAL B 113 -27.81 -3.12 45.64
C VAL B 113 -28.68 -3.26 44.40
N GLU B 114 -29.18 -4.48 44.14
CA GLU B 114 -30.08 -4.76 43.03
C GLU B 114 -31.48 -4.27 43.38
N VAL B 115 -32.15 -3.65 42.41
CA VAL B 115 -33.50 -3.11 42.56
C VAL B 115 -34.45 -4.23 43.02
N LYS B 116 -35.38 -3.90 43.96
CA LYS B 116 -36.41 -4.73 44.57
C LYS B 116 -35.84 -5.71 45.63
N LYS B 117 -34.50 -5.80 45.74
CA LYS B 117 -33.86 -6.67 46.74
C LYS B 117 -33.73 -5.92 48.06
N PHE B 118 -33.64 -6.67 49.18
CA PHE B 118 -33.53 -6.12 50.54
C PHE B 118 -32.38 -5.17 50.68
N PHE B 119 -32.65 -4.06 51.33
CA PHE B 119 -31.74 -2.95 51.52
C PHE B 119 -31.83 -2.46 52.95
N GLN B 120 -30.69 -2.39 53.65
CA GLN B 120 -30.65 -1.97 55.05
C GLN B 120 -29.39 -1.16 55.40
N ILE B 121 -29.57 -0.10 56.21
CA ILE B 121 -28.54 0.81 56.70
C ILE B 121 -28.76 0.92 58.18
N THR B 122 -27.73 0.62 58.98
CA THR B 122 -27.79 0.70 60.44
C THR B 122 -26.63 1.51 60.96
N CYS B 123 -26.92 2.49 61.80
CA CYS B 123 -25.87 3.30 62.38
C CYS B 123 -25.45 2.71 63.70
N GLU B 124 -24.21 2.22 63.76
CA GLU B 124 -23.68 1.64 64.99
C GLU B 124 -22.19 1.90 65.10
N ASN B 125 -21.74 2.09 66.33
CA ASN B 125 -20.33 2.32 66.67
C ASN B 125 -20.11 1.71 68.02
N SER B 126 -19.75 0.42 67.99
CA SER B 126 -19.49 -0.42 69.15
C SER B 126 -18.56 0.26 70.19
N TYR B 127 -17.40 0.79 69.73
CA TYR B 127 -16.35 1.39 70.55
C TYR B 127 -16.79 2.61 71.39
N TYR B 128 -17.30 3.67 70.75
CA TYR B 128 -17.63 4.93 71.41
C TYR B 128 -19.08 5.04 71.93
N GLN B 129 -19.93 4.00 71.76
CA GLN B 129 -21.36 4.03 72.13
C GLN B 129 -21.62 4.52 73.57
N THR B 130 -20.65 4.29 74.49
CA THR B 130 -20.71 4.75 75.89
C THR B 130 -20.67 6.29 76.00
N LEU B 131 -20.00 6.96 75.04
CA LEU B 131 -19.86 8.41 75.01
C LEU B 131 -20.83 9.06 74.02
N VAL B 132 -21.52 8.27 73.15
CA VAL B 132 -22.42 8.80 72.14
C VAL B 132 -23.74 9.30 72.77
N ASN B 133 -23.97 10.63 72.63
CA ASN B 133 -25.14 11.38 73.10
C ASN B 133 -26.32 11.11 72.18
N SER B 134 -26.10 11.24 70.88
CA SER B 134 -27.07 11.02 69.81
C SER B 134 -26.37 10.60 68.52
N THR B 135 -27.08 9.90 67.63
CA THR B 135 -26.57 9.52 66.32
C THR B 135 -27.70 9.79 65.31
N SER B 136 -27.36 10.45 64.18
CA SER B 136 -28.30 10.80 63.12
C SER B 136 -27.88 10.20 61.79
N LEU B 137 -28.86 9.93 60.90
CA LEU B 137 -28.61 9.39 59.59
C LEU B 137 -29.09 10.37 58.53
N TYR B 138 -28.19 10.72 57.60
CA TYR B 138 -28.47 11.67 56.53
C TYR B 138 -28.37 10.99 55.18
N LYS B 139 -29.23 11.39 54.24
CA LYS B 139 -29.15 10.93 52.87
C LYS B 139 -28.87 12.17 52.07
N ASN B 140 -27.65 12.27 51.53
CA ASN B 140 -27.16 13.40 50.74
C ASN B 140 -27.27 14.69 51.57
N CYS B 141 -26.77 14.61 52.80
CA CYS B 141 -26.73 15.67 53.82
C CYS B 141 -28.12 16.24 54.17
N LYS B 142 -29.13 15.38 54.16
CA LYS B 142 -30.50 15.73 54.54
C LYS B 142 -30.92 14.75 55.62
N LYS B 143 -31.08 15.23 56.87
CA LYS B 143 -31.42 14.38 58.01
C LYS B 143 -32.71 13.62 57.77
N LEU B 144 -32.62 12.30 57.82
CA LEU B 144 -33.82 11.50 57.64
C LEU B 144 -34.47 11.33 58.99
N LEU B 145 -35.79 11.20 59.00
CA LEU B 145 -36.49 11.05 60.27
C LEU B 145 -36.83 9.58 60.55
N LEU B 146 -35.91 8.87 61.21
CA LEU B 146 -36.13 7.48 61.61
C LEU B 146 -36.16 7.49 63.12
N GLU B 147 -37.35 7.34 63.74
CA GLU B 147 -37.61 7.43 65.18
C GLU B 147 -36.36 7.30 66.08
N ASN B 148 -35.56 6.24 65.88
CA ASN B 148 -34.35 5.94 66.64
C ASN B 148 -33.23 7.02 66.57
N ASN B 149 -32.77 7.48 67.75
CA ASN B 149 -31.66 8.42 67.90
C ASN B 149 -30.37 7.66 68.23
N LYS B 150 -30.50 6.41 68.75
CA LYS B 150 -29.41 5.52 69.15
C LYS B 150 -28.86 4.75 67.96
N ASN B 151 -29.72 4.09 67.19
CA ASN B 151 -29.31 3.34 66.01
C ASN B 151 -30.30 3.54 64.85
N PRO B 152 -30.33 4.75 64.22
CA PRO B 152 -31.24 4.97 63.08
C PRO B 152 -30.99 3.91 62.00
N THR B 153 -32.06 3.18 61.65
CA THR B 153 -32.05 2.04 60.74
C THR B 153 -33.10 2.14 59.61
N ILE B 154 -32.65 1.92 58.34
CA ILE B 154 -33.50 1.85 57.14
C ILE B 154 -33.55 0.38 56.75
N LYS B 155 -34.74 -0.21 56.65
CA LYS B 155 -34.92 -1.60 56.24
C LYS B 155 -36.07 -1.62 55.27
N LYS B 156 -35.76 -1.76 53.97
CA LYS B 156 -36.75 -1.75 52.88
C LYS B 156 -36.24 -2.51 51.62
N ASN B 157 -37.15 -2.76 50.66
CA ASN B 157 -36.78 -3.35 49.37
C ASN B 157 -36.26 -2.21 48.50
N ALA B 158 -35.04 -2.34 47.96
CA ALA B 158 -34.41 -1.27 47.17
C ALA B 158 -35.25 -0.78 45.98
N GLU B 159 -35.19 0.54 45.75
CA GLU B 159 -35.79 1.27 44.66
C GLU B 159 -34.71 2.17 44.07
N PHE B 160 -34.78 2.48 42.78
CA PHE B 160 -33.76 3.32 42.15
C PHE B 160 -33.56 4.68 42.85
N GLU B 161 -34.63 5.19 43.48
CA GLU B 161 -34.63 6.47 44.19
C GLU B 161 -33.80 6.39 45.48
N ASP B 162 -33.55 5.15 46.02
CA ASP B 162 -32.76 4.92 47.23
C ASP B 162 -31.27 5.18 47.02
N GLN B 163 -30.81 5.30 45.75
CA GLN B 163 -29.43 5.62 45.39
C GLN B 163 -29.02 6.92 46.11
N GLY B 164 -27.84 6.91 46.73
CA GLY B 164 -27.39 8.10 47.44
C GLY B 164 -26.38 7.88 48.55
N TYR B 165 -25.86 8.97 49.07
CA TYR B 165 -24.85 8.90 50.10
C TYR B 165 -25.49 8.97 51.49
N TYR B 166 -25.46 7.83 52.19
CA TYR B 166 -26.02 7.72 53.53
C TYR B 166 -24.92 7.85 54.56
N SER B 167 -24.96 8.93 55.34
CA SER B 167 -23.94 9.23 56.35
C SER B 167 -24.48 9.07 57.76
N CYS B 168 -23.86 8.15 58.53
CA CYS B 168 -24.14 7.90 59.94
C CYS B 168 -23.31 8.86 60.72
N VAL B 169 -23.93 9.80 61.46
CA VAL B 169 -23.17 10.77 62.26
C VAL B 169 -23.42 10.51 63.74
N HIS B 170 -22.41 9.97 64.44
CA HIS B 170 -22.47 9.65 65.87
C HIS B 170 -21.91 10.81 66.71
N PHE B 171 -22.79 11.59 67.38
CA PHE B 171 -22.39 12.75 68.19
C PHE B 171 -22.03 12.32 69.62
N LEU B 172 -20.85 12.72 70.11
CA LEU B 172 -20.38 12.31 71.44
C LEU B 172 -19.60 13.39 72.19
N HIS B 173 -19.49 13.22 73.52
CA HIS B 173 -18.77 14.15 74.41
C HIS B 173 -17.50 13.54 75.02
N HIS B 174 -16.43 14.34 75.10
CA HIS B 174 -15.16 13.98 75.72
C HIS B 174 -14.57 15.22 76.39
N ASN B 175 -14.74 15.30 77.72
CA ASN B 175 -14.30 16.40 78.59
C ASN B 175 -14.91 17.74 78.09
N GLY B 176 -16.24 17.80 78.07
CA GLY B 176 -17.00 18.97 77.64
C GLY B 176 -17.12 19.17 76.15
N LYS B 177 -16.03 18.89 75.39
CA LYS B 177 -15.95 19.04 73.95
C LYS B 177 -16.89 18.06 73.23
N LEU B 178 -17.63 18.58 72.22
CA LEU B 178 -18.52 17.75 71.38
C LEU B 178 -17.74 17.33 70.12
N PHE B 179 -17.95 16.09 69.70
CA PHE B 179 -17.33 15.48 68.52
C PHE B 179 -18.32 14.62 67.79
N ASN B 180 -17.95 14.17 66.59
CA ASN B 180 -18.78 13.24 65.87
C ASN B 180 -17.93 12.26 65.05
N ILE B 181 -18.51 11.09 64.75
CA ILE B 181 -17.92 10.06 63.93
C ILE B 181 -18.87 9.85 62.77
N THR B 182 -18.52 10.43 61.61
CA THR B 182 -19.32 10.33 60.38
C THR B 182 -18.85 9.11 59.57
N LYS B 183 -19.80 8.25 59.13
CA LYS B 183 -19.49 7.07 58.31
C LYS B 183 -20.46 7.03 57.12
N THR B 184 -19.97 7.30 55.90
CA THR B 184 -20.83 7.35 54.72
C THR B 184 -20.77 6.06 53.86
N PHE B 185 -21.96 5.67 53.39
CA PHE B 185 -22.21 4.54 52.50
C PHE B 185 -22.69 5.07 51.16
N ASN B 186 -21.95 4.78 50.09
CA ASN B 186 -22.30 5.20 48.75
C ASN B 186 -23.16 4.11 48.11
N ILE B 187 -24.49 4.19 48.26
CA ILE B 187 -25.35 3.14 47.71
C ILE B 187 -25.69 3.47 46.24
N THR B 188 -25.57 2.42 45.39
CA THR B 188 -25.86 2.45 43.98
C THR B 188 -26.86 1.34 43.70
N ILE B 189 -28.04 1.73 43.16
CA ILE B 189 -29.13 0.82 42.83
C ILE B 189 -28.99 0.48 41.35
N VAL B 190 -28.91 -0.83 41.08
CA VAL B 190 -28.73 -1.38 39.73
C VAL B 190 -29.88 -2.29 39.37
N GLU B 191 -30.06 -2.55 38.06
CA GLU B 191 -31.09 -3.45 37.56
C GLU B 191 -30.82 -4.89 38.01
N ASP B 192 -31.88 -5.70 38.18
CA ASP B 192 -31.77 -7.09 38.62
C ASP B 192 -31.00 -7.92 37.60
N ARG B 193 -29.86 -8.47 38.01
CA ARG B 193 -28.96 -9.28 37.16
C ARG B 193 -29.66 -10.53 36.61
N SER B 194 -30.71 -11.03 37.33
CA SER B 194 -31.57 -12.16 36.99
C SER B 194 -30.82 -13.32 36.24
N ASN B 195 -29.85 -13.93 36.92
CA ASN B 195 -29.05 -15.00 36.36
C ASN B 195 -29.87 -16.27 36.00
N ILE B 196 -29.47 -16.92 34.90
CA ILE B 196 -30.09 -18.13 34.38
C ILE B 196 -29.20 -19.35 34.67
N VAL B 197 -29.80 -20.54 34.56
CA VAL B 197 -29.05 -21.80 34.67
C VAL B 197 -28.45 -22.06 33.27
N PRO B 198 -27.12 -22.14 33.15
CA PRO B 198 -26.54 -22.35 31.82
C PRO B 198 -27.05 -23.64 31.20
N VAL B 199 -27.42 -23.57 29.94
CA VAL B 199 -27.96 -24.72 29.22
C VAL B 199 -27.24 -24.91 27.93
N LEU B 200 -26.72 -26.13 27.72
CA LEU B 200 -26.08 -26.49 26.45
C LEU B 200 -27.17 -26.76 25.42
N LEU B 201 -27.07 -26.11 24.27
CA LEU B 201 -28.04 -26.32 23.20
C LEU B 201 -27.70 -27.62 22.45
N GLY B 202 -28.73 -28.33 22.02
CA GLY B 202 -28.62 -29.60 21.29
C GLY B 202 -28.61 -30.88 22.14
N PRO B 203 -28.60 -32.07 21.49
CA PRO B 203 -28.63 -33.33 22.27
C PRO B 203 -27.34 -33.63 23.05
N LYS B 204 -27.49 -34.31 24.23
CA LYS B 204 -26.41 -34.68 25.16
C LYS B 204 -25.38 -35.61 24.52
N LEU B 205 -25.83 -36.53 23.65
CA LEU B 205 -24.93 -37.45 22.97
C LEU B 205 -25.06 -37.26 21.47
N ASN B 206 -23.92 -36.94 20.83
CA ASN B 206 -23.87 -36.64 19.41
C ASN B 206 -22.92 -37.53 18.68
N HIS B 207 -23.40 -38.14 17.61
CA HIS B 207 -22.57 -38.99 16.77
C HIS B 207 -22.38 -38.24 15.47
N VAL B 208 -21.12 -37.99 15.10
CA VAL B 208 -20.82 -37.24 13.88
C VAL B 208 -19.96 -38.12 13.00
N ALA B 209 -20.50 -38.43 11.81
CA ALA B 209 -19.85 -39.27 10.81
C ALA B 209 -18.73 -38.51 10.15
N VAL B 210 -17.53 -39.07 10.19
CA VAL B 210 -16.31 -38.49 9.64
C VAL B 210 -15.60 -39.52 8.73
N GLU B 211 -14.56 -39.06 8.03
CA GLU B 211 -13.73 -39.93 7.20
C GLU B 211 -12.26 -39.65 7.48
N LEU B 212 -11.51 -40.72 7.74
CA LEU B 212 -10.09 -40.71 8.09
C LEU B 212 -9.27 -39.87 7.12
N GLY B 213 -8.38 -39.06 7.68
CA GLY B 213 -7.51 -38.17 6.93
C GLY B 213 -8.10 -36.79 6.72
N LYS B 214 -9.45 -36.68 6.78
CA LYS B 214 -10.14 -35.42 6.61
C LYS B 214 -10.20 -34.67 7.96
N ASN B 215 -10.87 -33.49 8.00
CA ASN B 215 -11.00 -32.66 9.21
C ASN B 215 -12.46 -32.54 9.66
N VAL B 216 -12.71 -32.13 10.90
CA VAL B 216 -14.08 -31.97 11.40
C VAL B 216 -14.12 -30.82 12.42
N ARG B 217 -15.20 -30.04 12.38
CA ARG B 217 -15.41 -28.94 13.32
C ARG B 217 -16.67 -29.24 14.14
N LEU B 218 -16.45 -29.69 15.37
CA LEU B 218 -17.47 -30.04 16.35
C LEU B 218 -17.96 -28.76 16.98
N ASN B 219 -19.18 -28.34 16.61
CA ASN B 219 -19.78 -27.12 17.10
C ASN B 219 -20.47 -27.33 18.46
N CYS B 220 -20.20 -26.48 19.45
CA CYS B 220 -20.86 -26.55 20.75
C CYS B 220 -21.36 -25.17 21.11
N SER B 221 -22.64 -25.06 21.49
CA SER B 221 -23.24 -23.77 21.81
C SER B 221 -24.11 -23.87 23.01
N ALA B 222 -24.20 -22.77 23.74
CA ALA B 222 -24.97 -22.75 24.97
C ALA B 222 -25.61 -21.42 25.16
N LEU B 223 -26.54 -21.37 26.10
CA LEU B 223 -27.19 -20.16 26.54
C LEU B 223 -26.69 -19.95 27.96
N LEU B 224 -25.89 -18.91 28.18
CA LEU B 224 -25.30 -18.72 29.50
C LEU B 224 -25.21 -17.26 29.94
N ASN B 225 -24.76 -17.04 31.18
CA ASN B 225 -24.56 -15.73 31.82
C ASN B 225 -23.18 -15.17 31.48
N GLU B 226 -23.04 -13.86 31.50
CA GLU B 226 -21.81 -13.14 31.17
C GLU B 226 -20.52 -13.72 31.76
N GLU B 227 -20.57 -14.23 32.99
CA GLU B 227 -19.39 -14.71 33.71
C GLU B 227 -19.20 -16.24 33.59
N ASP B 228 -19.99 -16.93 32.74
CA ASP B 228 -19.89 -18.37 32.61
C ASP B 228 -18.83 -18.77 31.58
N VAL B 229 -18.32 -20.00 31.70
CA VAL B 229 -17.32 -20.50 30.77
C VAL B 229 -17.88 -21.66 29.97
N ILE B 230 -17.39 -21.81 28.74
CA ILE B 230 -17.72 -22.95 27.87
C ILE B 230 -16.35 -23.50 27.44
N TYR B 231 -16.10 -24.79 27.69
CA TYR B 231 -14.84 -25.39 27.30
C TYR B 231 -15.00 -26.81 26.82
N TRP B 232 -13.95 -27.32 26.17
CA TRP B 232 -13.88 -28.67 25.63
C TRP B 232 -12.90 -29.53 26.40
N MET B 233 -13.19 -30.82 26.54
CA MET B 233 -12.29 -31.83 27.13
C MET B 233 -11.96 -32.79 26.02
N PHE B 234 -10.69 -32.80 25.60
CA PHE B 234 -10.26 -33.65 24.48
C PHE B 234 -8.94 -34.37 24.78
N GLY B 235 -8.68 -34.64 26.06
CA GLY B 235 -7.52 -35.37 26.54
C GLY B 235 -6.18 -34.65 26.60
N GLU B 236 -6.14 -33.47 27.20
CA GLU B 236 -4.90 -32.69 27.35
C GLU B 236 -4.06 -33.07 28.56
N GLU B 237 -4.35 -34.21 29.27
CA GLU B 237 -3.64 -34.54 30.53
C GLU B 237 -2.11 -34.50 30.41
N ASN B 238 -1.53 -35.18 29.40
CA ASN B 238 -0.08 -35.17 29.16
C ASN B 238 0.16 -34.85 27.69
N GLY B 239 -0.49 -33.79 27.22
CA GLY B 239 -0.50 -33.38 25.82
C GLY B 239 -1.64 -34.08 25.08
N SER B 240 -2.45 -33.32 24.34
CA SER B 240 -3.56 -33.86 23.56
C SER B 240 -3.06 -34.27 22.16
N ASP B 241 -3.97 -34.71 21.26
CA ASP B 241 -3.62 -35.00 19.86
C ASP B 241 -3.23 -33.68 19.25
N PRO B 242 -2.05 -33.54 18.61
CA PRO B 242 -1.64 -32.22 18.11
C PRO B 242 -2.52 -31.68 17.01
N ASN B 243 -3.40 -32.50 16.46
CA ASN B 243 -4.31 -32.15 15.38
C ASN B 243 -5.63 -31.62 15.94
N ILE B 244 -5.79 -31.67 17.28
CA ILE B 244 -7.01 -31.17 17.92
C ILE B 244 -6.76 -29.71 18.36
N HIS B 245 -7.65 -28.78 17.89
CA HIS B 245 -7.57 -27.34 18.23
C HIS B 245 -8.89 -26.78 18.72
N GLU B 246 -8.86 -26.23 19.94
CA GLU B 246 -10.00 -25.57 20.59
C GLU B 246 -10.07 -24.14 20.05
N GLU B 247 -11.10 -23.80 19.24
CA GLU B 247 -11.20 -22.48 18.63
C GLU B 247 -11.64 -21.40 19.63
N LYS B 248 -11.50 -20.11 19.22
CA LYS B 248 -11.89 -18.94 20.05
C LYS B 248 -13.40 -18.91 20.23
N GLU B 249 -13.83 -18.51 21.41
CA GLU B 249 -15.23 -18.44 21.80
C GLU B 249 -15.94 -17.33 21.02
N MET B 250 -17.25 -17.47 20.83
CA MET B 250 -18.08 -16.52 20.12
C MET B 250 -19.30 -16.25 20.97
N ARG B 251 -19.63 -14.99 21.22
CA ARG B 251 -20.79 -14.69 22.05
C ARG B 251 -21.66 -13.62 21.41
N ILE B 252 -22.99 -13.85 21.42
CA ILE B 252 -24.00 -12.91 20.93
C ILE B 252 -24.97 -12.69 22.07
N MET B 253 -25.19 -11.43 22.48
CA MET B 253 -26.10 -11.13 23.57
C MET B 253 -27.53 -11.30 23.18
N THR B 254 -28.33 -11.98 24.01
CA THR B 254 -29.76 -12.21 23.74
C THR B 254 -30.51 -10.94 24.13
N PRO B 255 -31.75 -10.68 23.65
CA PRO B 255 -32.42 -9.42 24.02
C PRO B 255 -32.58 -9.27 25.54
N GLU B 256 -32.72 -10.41 26.23
CA GLU B 256 -32.87 -10.53 27.69
C GLU B 256 -31.51 -10.31 28.41
N GLY B 257 -30.48 -9.92 27.67
CA GLY B 257 -29.15 -9.66 28.21
C GLY B 257 -28.34 -10.88 28.60
N LYS B 258 -28.75 -12.08 28.15
CA LYS B 258 -27.97 -13.28 28.43
C LYS B 258 -27.09 -13.57 27.21
N TRP B 259 -26.34 -14.66 27.16
CA TRP B 259 -25.43 -14.85 26.04
C TRP B 259 -25.52 -16.19 25.33
N HIS B 260 -25.43 -16.13 24.01
CA HIS B 260 -25.38 -17.29 23.14
C HIS B 260 -23.90 -17.49 22.86
N ALA B 261 -23.31 -18.50 23.50
CA ALA B 261 -21.89 -18.79 23.41
C ALA B 261 -21.63 -19.98 22.53
N SER B 262 -20.58 -19.87 21.74
CA SER B 262 -20.15 -20.92 20.82
C SER B 262 -18.66 -21.18 20.98
N LYS B 263 -18.26 -22.46 21.03
CA LYS B 263 -16.89 -22.95 21.11
C LYS B 263 -16.77 -24.12 20.16
N VAL B 264 -15.81 -24.07 19.22
CA VAL B 264 -15.67 -25.14 18.24
C VAL B 264 -14.40 -25.92 18.49
N LEU B 265 -14.52 -27.25 18.49
CA LEU B 265 -13.36 -28.12 18.59
C LEU B 265 -13.08 -28.58 17.18
N ARG B 266 -11.89 -28.25 16.70
CA ARG B 266 -11.46 -28.59 15.36
C ARG B 266 -10.51 -29.78 15.42
N ILE B 267 -11.00 -30.94 14.98
CA ILE B 267 -10.21 -32.17 14.87
C ILE B 267 -9.74 -32.29 13.42
N GLU B 268 -8.43 -32.01 13.21
CA GLU B 268 -7.80 -32.10 11.89
C GLU B 268 -7.15 -33.47 11.72
N ASN B 269 -6.92 -33.90 10.47
CA ASN B 269 -6.25 -35.16 10.15
C ASN B 269 -6.82 -36.33 10.98
N ILE B 270 -8.13 -36.57 10.87
CA ILE B 270 -8.84 -37.61 11.63
C ILE B 270 -8.23 -38.99 11.44
N GLY B 271 -7.96 -39.66 12.54
CA GLY B 271 -7.41 -41.01 12.56
C GLY B 271 -8.24 -41.92 13.44
N GLU B 272 -7.85 -43.20 13.53
CA GLU B 272 -8.54 -44.20 14.34
C GLU B 272 -8.53 -43.81 15.85
N SER B 273 -7.50 -43.01 16.29
CA SER B 273 -7.36 -42.53 17.67
C SER B 273 -8.45 -41.55 18.08
N ASN B 274 -9.12 -40.90 17.10
CA ASN B 274 -10.19 -39.91 17.30
C ASN B 274 -11.58 -40.58 17.32
N LEU B 275 -11.64 -41.79 16.73
CA LEU B 275 -12.88 -42.53 16.63
C LEU B 275 -13.20 -43.26 17.94
N ASN B 276 -14.51 -43.34 18.25
CA ASN B 276 -15.11 -43.95 19.44
C ASN B 276 -14.49 -43.36 20.73
N VAL B 277 -14.24 -42.06 20.69
CA VAL B 277 -13.70 -41.28 21.79
C VAL B 277 -14.69 -40.17 22.06
N LEU B 278 -15.04 -39.97 23.36
CA LEU B 278 -15.97 -38.94 23.83
C LEU B 278 -15.28 -37.59 23.98
N TYR B 279 -15.59 -36.64 23.08
CA TYR B 279 -15.07 -35.30 23.17
C TYR B 279 -16.17 -34.51 23.87
N ASN B 280 -15.88 -33.98 25.04
CA ASN B 280 -16.91 -33.33 25.86
C ASN B 280 -16.84 -31.83 25.84
N CYS B 281 -17.99 -31.19 25.84
CA CYS B 281 -18.10 -29.77 25.90
C CYS B 281 -18.86 -29.44 27.16
N THR B 282 -18.27 -28.66 28.07
CA THR B 282 -18.99 -28.32 29.28
C THR B 282 -19.22 -26.83 29.38
N VAL B 283 -20.32 -26.46 30.02
CA VAL B 283 -20.66 -25.08 30.35
C VAL B 283 -20.58 -25.05 31.89
N ALA B 284 -19.81 -24.12 32.45
CA ALA B 284 -19.67 -24.07 33.90
C ALA B 284 -19.99 -22.70 34.43
N SER B 285 -20.71 -22.68 35.55
CA SER B 285 -21.16 -21.45 36.21
C SER B 285 -21.22 -21.61 37.71
N THR B 286 -21.34 -20.48 38.42
CA THR B 286 -21.56 -20.49 39.87
C THR B 286 -22.98 -21.01 40.13
N GLY B 287 -23.82 -20.97 39.09
CA GLY B 287 -25.19 -21.47 39.07
C GLY B 287 -25.38 -22.89 38.56
N GLY B 288 -24.27 -23.59 38.33
CA GLY B 288 -24.33 -24.98 37.84
C GLY B 288 -23.55 -25.24 36.58
N THR B 289 -23.35 -26.54 36.26
CA THR B 289 -22.63 -27.02 35.06
C THR B 289 -23.49 -27.96 34.25
N ASP B 290 -23.09 -28.22 33.00
CA ASP B 290 -23.76 -29.13 32.07
C ASP B 290 -22.77 -29.52 30.99
N THR B 291 -22.69 -30.83 30.68
CA THR B 291 -21.75 -31.36 29.70
C THR B 291 -22.48 -32.13 28.59
N LYS B 292 -22.02 -32.04 27.35
CA LYS B 292 -22.55 -32.85 26.25
C LYS B 292 -21.35 -33.52 25.59
N SER B 293 -21.55 -34.71 25.00
CA SER B 293 -20.48 -35.48 24.39
C SER B 293 -20.64 -35.67 22.91
N PHE B 294 -19.50 -35.75 22.22
CA PHE B 294 -19.42 -35.99 20.78
C PHE B 294 -18.60 -37.24 20.52
N ILE B 295 -19.13 -38.11 19.63
CA ILE B 295 -18.48 -39.35 19.22
C ILE B 295 -18.23 -39.24 17.76
N LEU B 296 -16.99 -39.49 17.33
CA LEU B 296 -16.65 -39.51 15.92
C LEU B 296 -16.83 -40.94 15.40
N VAL B 297 -17.52 -41.12 14.27
CA VAL B 297 -17.77 -42.46 13.71
C VAL B 297 -17.46 -42.50 12.21
N ARG B 298 -17.19 -43.70 11.69
CA ARG B 298 -16.88 -43.91 10.28
C ARG B 298 -18.11 -43.77 9.41
N TYR C 1 13.72 -26.12 30.04
CA TYR C 1 12.28 -26.21 29.95
C TYR C 1 11.85 -26.11 28.50
N PHE C 2 10.92 -26.99 28.09
CA PHE C 2 10.34 -26.98 26.75
C PHE C 2 8.82 -26.81 26.81
N GLY C 3 8.29 -25.95 25.95
CA GLY C 3 6.87 -25.68 25.87
C GLY C 3 6.38 -25.83 24.44
N LYS C 4 5.42 -26.73 24.20
CA LYS C 4 4.90 -27.01 22.85
C LYS C 4 4.31 -25.77 22.21
N LEU C 5 4.77 -25.46 21.00
CA LEU C 5 4.31 -24.29 20.26
C LEU C 5 3.28 -24.71 19.22
N GLU C 6 3.73 -25.34 18.12
CA GLU C 6 2.84 -25.69 17.03
C GLU C 6 3.37 -26.90 16.28
N SER C 7 2.48 -27.61 15.58
CA SER C 7 2.83 -28.81 14.85
C SER C 7 2.57 -28.67 13.37
N LYS C 8 3.23 -29.50 12.57
CA LYS C 8 3.07 -29.50 11.13
C LYS C 8 3.20 -30.93 10.59
N LEU C 9 2.51 -31.23 9.47
CA LEU C 9 2.62 -32.54 8.85
C LEU C 9 3.76 -32.46 7.90
N SER C 10 4.67 -33.43 8.01
CA SER C 10 5.86 -33.50 7.16
C SER C 10 6.13 -34.89 6.63
N VAL C 11 6.90 -34.93 5.54
CA VAL C 11 7.45 -36.14 4.91
C VAL C 11 8.98 -36.02 5.00
N ILE C 12 9.59 -36.86 5.85
CA ILE C 12 11.04 -36.93 6.06
C ILE C 12 11.62 -37.92 5.04
N ARG C 13 12.67 -37.50 4.37
CA ARG C 13 13.37 -38.24 3.34
C ARG C 13 14.86 -38.14 3.51
N ASN C 14 15.58 -39.24 3.29
CA ASN C 14 17.04 -39.21 3.37
C ASN C 14 17.58 -38.50 2.11
N LEU C 15 18.91 -38.41 2.01
CA LEU C 15 19.48 -37.71 0.88
C LEU C 15 19.41 -38.51 -0.43
N ASN C 16 18.82 -39.73 -0.37
CA ASN C 16 18.61 -40.57 -1.55
C ASN C 16 17.13 -40.51 -1.96
N ASP C 17 16.40 -39.56 -1.38
CA ASP C 17 14.97 -39.33 -1.58
C ASP C 17 14.11 -40.56 -1.13
N GLN C 18 14.59 -41.32 -0.13
CA GLN C 18 13.86 -42.48 0.37
C GLN C 18 13.00 -42.01 1.52
N VAL C 19 11.68 -42.24 1.39
CA VAL C 19 10.68 -41.80 2.36
C VAL C 19 10.77 -42.62 3.67
N LEU C 20 10.89 -41.91 4.81
CA LEU C 20 10.87 -42.49 6.15
C LEU C 20 9.44 -42.88 6.47
N PHE C 21 9.25 -44.06 7.04
CA PHE C 21 7.93 -44.58 7.39
C PHE C 21 8.03 -45.61 8.52
N ILE C 22 6.96 -45.71 9.30
CA ILE C 22 6.98 -46.74 10.34
C ILE C 22 6.28 -47.98 9.73
N ASP C 23 6.97 -49.10 9.66
CA ASP C 23 6.45 -50.33 9.06
C ASP C 23 5.45 -51.04 9.99
N GLN C 24 4.95 -52.24 9.56
CA GLN C 24 4.00 -53.08 10.30
C GLN C 24 4.53 -53.46 11.69
N GLY C 25 5.86 -53.58 11.84
CA GLY C 25 6.51 -53.88 13.11
C GLY C 25 6.87 -52.67 13.95
N ASN C 26 6.32 -51.49 13.61
CA ASN C 26 6.50 -50.18 14.27
C ASN C 26 7.97 -49.70 14.30
N ARG C 27 8.76 -50.18 13.33
CA ARG C 27 10.15 -49.76 13.25
C ARG C 27 10.33 -48.70 12.14
N PRO C 28 11.08 -47.62 12.43
CA PRO C 28 11.24 -46.56 11.42
C PRO C 28 12.21 -47.02 10.35
N LEU C 29 11.72 -47.00 9.09
CA LEU C 29 12.48 -47.43 7.91
C LEU C 29 12.41 -46.41 6.78
N PHE C 30 13.30 -46.53 5.78
CA PHE C 30 13.35 -45.68 4.60
C PHE C 30 13.15 -46.51 3.35
N GLU C 31 12.34 -46.02 2.40
CA GLU C 31 12.09 -46.73 1.14
C GLU C 31 11.80 -45.75 0.03
N ASP C 32 12.25 -46.09 -1.21
CA ASP C 32 11.97 -45.30 -2.42
C ASP C 32 10.49 -45.35 -2.64
N MET C 33 9.81 -44.19 -2.77
CA MET C 33 8.36 -44.21 -2.97
C MET C 33 7.87 -43.22 -4.02
N THR C 34 6.98 -43.63 -4.94
CA THR C 34 6.34 -42.68 -5.86
C THR C 34 5.39 -41.84 -5.04
N ASP C 35 4.94 -40.69 -5.57
CA ASP C 35 4.00 -39.84 -4.84
C ASP C 35 2.82 -40.68 -4.36
N SER C 36 2.25 -41.52 -5.26
CA SER C 36 1.11 -42.41 -4.98
C SER C 36 1.40 -43.35 -3.83
N ASP C 37 2.57 -44.03 -3.86
CA ASP C 37 3.04 -44.93 -2.80
C ASP C 37 3.11 -44.21 -1.45
N CYS C 38 3.65 -42.95 -1.44
CA CYS C 38 3.77 -42.12 -0.24
C CYS C 38 2.39 -41.79 0.33
N ARG C 39 1.41 -41.50 -0.54
CA ARG C 39 0.04 -41.20 -0.12
C ARG C 39 -0.70 -42.45 0.36
N ASP C 40 -0.64 -43.54 -0.42
CA ASP C 40 -1.31 -44.80 -0.11
C ASP C 40 -0.74 -45.47 1.13
N ASN C 41 0.50 -45.11 1.53
CA ASN C 41 1.08 -45.65 2.74
C ASN C 41 0.83 -44.70 3.93
N ALA C 42 0.25 -43.50 3.67
CA ALA C 42 -0.11 -42.60 4.75
C ALA C 42 -1.15 -43.31 5.64
N PRO C 43 -1.11 -43.19 6.99
CA PRO C 43 -0.36 -42.24 7.80
C PRO C 43 1.05 -42.65 8.14
N ARG C 44 1.44 -43.90 7.79
CA ARG C 44 2.76 -44.48 8.11
C ARG C 44 3.91 -43.60 7.59
N THR C 45 3.67 -42.76 6.55
CA THR C 45 4.66 -41.90 5.93
C THR C 45 4.55 -40.43 6.40
N ILE C 46 3.44 -40.07 7.07
CA ILE C 46 3.18 -38.69 7.53
C ILE C 46 3.57 -38.51 8.97
N PHE C 47 4.55 -37.60 9.19
CA PHE C 47 5.07 -37.29 10.52
C PHE C 47 4.68 -35.88 11.01
N ILE C 48 4.32 -35.81 12.29
CA ILE C 48 3.90 -34.59 12.99
C ILE C 48 5.12 -34.01 13.68
N ILE C 49 5.76 -33.04 13.06
CA ILE C 49 6.92 -32.35 13.65
C ILE C 49 6.38 -31.22 14.51
N SER C 50 6.70 -31.21 15.82
CA SER C 50 6.15 -30.22 16.75
C SER C 50 7.25 -29.35 17.31
N MET C 51 7.19 -28.03 17.07
CA MET C 51 8.25 -27.16 17.57
C MET C 51 7.89 -26.64 18.94
N TYR C 52 8.90 -26.55 19.78
CA TYR C 52 8.89 -26.24 21.20
C TYR C 52 9.70 -25.04 21.54
N LYS C 53 9.28 -24.32 22.57
CA LYS C 53 10.07 -23.22 23.03
C LYS C 53 11.09 -23.78 24.01
N ASP C 54 12.31 -23.28 23.94
CA ASP C 54 13.40 -23.72 24.80
C ASP C 54 13.79 -22.58 25.75
N SER C 55 14.00 -22.90 27.01
CA SER C 55 14.42 -21.90 27.98
C SER C 55 15.94 -21.64 27.82
N GLN C 56 16.62 -22.56 27.13
CA GLN C 56 18.04 -22.52 26.77
C GLN C 56 18.07 -22.71 25.26
N PRO C 57 17.76 -21.66 24.44
CA PRO C 57 17.66 -21.88 22.98
C PRO C 57 18.96 -22.38 22.33
N ARG C 58 18.85 -23.48 21.59
CA ARG C 58 19.97 -24.07 20.87
C ARG C 58 19.43 -24.81 19.64
N GLY C 59 19.02 -24.02 18.64
CA GLY C 59 18.43 -24.52 17.40
C GLY C 59 16.94 -24.79 17.58
N MET C 60 16.29 -25.22 16.51
CA MET C 60 14.86 -25.50 16.53
C MET C 60 14.56 -26.80 17.29
N ALA C 61 13.87 -26.71 18.45
CA ALA C 61 13.54 -27.85 19.30
C ALA C 61 12.28 -28.51 18.86
N VAL C 62 12.39 -29.73 18.34
CA VAL C 62 11.23 -30.45 17.81
C VAL C 62 11.07 -31.88 18.35
N THR C 63 9.84 -32.46 18.19
CA THR C 63 9.48 -33.86 18.46
C THR C 63 8.85 -34.46 17.19
N ILE C 64 9.33 -35.63 16.76
CA ILE C 64 8.78 -36.28 15.55
C ILE C 64 7.73 -37.30 16.02
N SER C 65 6.47 -37.15 15.60
CA SER C 65 5.38 -38.05 16.01
C SER C 65 4.68 -38.62 14.78
N VAL C 66 3.95 -39.73 14.94
CA VAL C 66 3.22 -40.41 13.87
C VAL C 66 1.81 -40.82 14.40
N LYS C 67 0.78 -40.63 13.58
CA LYS C 67 -0.60 -40.93 13.99
C LYS C 67 -1.16 -42.16 13.27
N CYS C 68 -1.09 -43.32 13.93
CA CYS C 68 -1.62 -44.58 13.41
C CYS C 68 -2.90 -44.93 14.19
N GLU C 69 -3.03 -46.18 14.68
CA GLU C 69 -4.16 -46.58 15.52
C GLU C 69 -4.05 -45.81 16.86
N LYS C 70 -2.80 -45.38 17.16
CA LYS C 70 -2.42 -44.58 18.32
C LYS C 70 -1.31 -43.59 17.92
N ILE C 71 -1.19 -42.45 18.65
CA ILE C 71 -0.15 -41.45 18.36
C ILE C 71 1.13 -41.88 19.10
N SER C 72 2.23 -42.03 18.35
CA SER C 72 3.55 -42.44 18.85
C SER C 72 4.55 -41.32 18.67
N THR C 73 5.46 -41.15 19.63
CA THR C 73 6.50 -40.14 19.53
C THR C 73 7.88 -40.83 19.47
N LEU C 74 8.74 -40.37 18.53
CA LEU C 74 10.10 -40.85 18.35
C LEU C 74 10.93 -40.49 19.57
N SER C 75 11.59 -41.52 20.15
CA SER C 75 12.45 -41.42 21.32
C SER C 75 13.79 -42.08 21.05
N CYS C 76 14.85 -41.47 21.57
CA CYS C 76 16.18 -42.01 21.40
C CYS C 76 16.75 -42.47 22.76
N GLU C 77 15.85 -42.89 23.68
CA GLU C 77 16.21 -43.39 25.02
C GLU C 77 17.21 -44.53 24.90
N ASN C 78 18.31 -44.40 25.66
CA ASN C 78 19.46 -45.32 25.73
C ASN C 78 20.19 -45.43 24.39
N LYS C 79 20.21 -44.33 23.60
CA LYS C 79 20.85 -44.25 22.27
C LYS C 79 20.21 -45.23 21.27
N ILE C 80 19.01 -45.75 21.58
CA ILE C 80 18.27 -46.69 20.74
C ILE C 80 16.94 -46.04 20.35
N ILE C 81 16.73 -45.95 19.04
CA ILE C 81 15.57 -45.35 18.37
C ILE C 81 14.37 -46.27 18.52
N SER C 82 13.24 -45.66 18.92
CA SER C 82 11.96 -46.33 19.18
C SER C 82 10.82 -45.32 19.06
N PHE C 83 9.60 -45.83 18.84
CA PHE C 83 8.42 -45.01 18.73
C PHE C 83 7.51 -45.30 19.93
N LYS C 84 7.69 -44.51 21.00
CA LYS C 84 6.93 -44.64 22.24
C LYS C 84 5.47 -44.15 22.05
N GLU C 85 4.50 -44.96 22.50
CA GLU C 85 3.07 -44.64 22.44
C GLU C 85 2.79 -43.49 23.41
N MET C 86 2.74 -42.28 22.86
CA MET C 86 2.49 -41.03 23.60
C MET C 86 2.32 -39.83 22.67
N ASN C 87 1.55 -38.84 23.12
CA ASN C 87 1.35 -37.57 22.41
C ASN C 87 2.50 -36.60 22.74
N PRO C 88 2.88 -35.67 21.84
CA PRO C 88 3.91 -34.69 22.22
C PRO C 88 3.40 -33.88 23.41
N PRO C 89 4.19 -33.83 24.50
CA PRO C 89 3.74 -33.13 25.71
C PRO C 89 3.60 -31.62 25.54
N ASP C 90 2.76 -31.00 26.38
CA ASP C 90 2.60 -29.56 26.36
C ASP C 90 3.86 -28.90 26.92
N ASN C 91 4.42 -29.51 28.01
CA ASN C 91 5.59 -29.09 28.77
C ASN C 91 6.59 -30.23 28.96
N ILE C 92 7.87 -29.86 29.06
CA ILE C 92 9.00 -30.75 29.41
C ILE C 92 9.80 -29.95 30.44
N LYS C 93 9.90 -30.48 31.66
CA LYS C 93 10.54 -29.77 32.77
C LYS C 93 12.02 -30.15 32.91
N ASP C 94 12.77 -30.14 31.78
CA ASP C 94 14.21 -30.42 31.71
C ASP C 94 14.84 -29.66 30.55
N THR C 95 16.19 -29.58 30.49
CA THR C 95 16.90 -28.94 29.38
C THR C 95 17.29 -30.00 28.34
N LYS C 96 17.18 -31.28 28.72
CA LYS C 96 17.47 -32.43 27.86
C LYS C 96 16.24 -33.33 27.79
N SER C 97 16.03 -34.05 26.64
CA SER C 97 14.91 -34.99 26.47
C SER C 97 15.17 -36.00 25.38
N ASP C 98 14.79 -37.26 25.65
CA ASP C 98 14.90 -38.37 24.71
C ASP C 98 13.98 -38.17 23.51
N ILE C 99 12.99 -37.27 23.62
CA ILE C 99 12.04 -37.03 22.52
C ILE C 99 12.30 -35.68 21.82
N ILE C 100 13.06 -34.73 22.45
CA ILE C 100 13.39 -33.44 21.85
C ILE C 100 14.68 -33.55 21.04
N PHE C 101 14.63 -33.10 19.78
CA PHE C 101 15.75 -33.05 18.86
C PHE C 101 15.94 -31.63 18.36
N PHE C 102 17.17 -31.26 18.04
CA PHE C 102 17.44 -29.93 17.52
C PHE C 102 17.57 -30.01 16.01
N GLN C 103 16.53 -29.50 15.31
CA GLN C 103 16.50 -29.47 13.86
C GLN C 103 17.35 -28.30 13.40
N ARG C 104 18.42 -28.60 12.66
CA ARG C 104 19.36 -27.61 12.16
C ARG C 104 19.65 -27.87 10.71
N SER C 105 19.65 -26.80 9.90
CA SER C 105 19.96 -26.92 8.49
C SER C 105 21.50 -27.11 8.37
N VAL C 106 22.00 -27.80 7.32
CA VAL C 106 23.46 -27.97 7.23
C VAL C 106 24.06 -26.65 6.67
N PRO C 107 25.24 -26.22 7.16
CA PRO C 107 25.81 -24.96 6.65
C PRO C 107 26.05 -25.03 5.13
N GLY C 108 25.48 -24.06 4.43
CA GLY C 108 25.56 -23.97 2.97
C GLY C 108 24.44 -24.68 2.21
N HIS C 109 23.67 -25.53 2.90
CA HIS C 109 22.57 -26.28 2.30
C HIS C 109 21.36 -26.13 3.19
N ASP C 110 20.65 -25.02 3.02
CA ASP C 110 19.50 -24.66 3.83
C ASP C 110 18.32 -25.66 3.75
N ASN C 111 18.38 -26.68 2.88
CA ASN C 111 17.33 -27.69 2.72
C ASN C 111 17.68 -29.00 3.44
N LYS C 112 19.01 -29.27 3.55
CA LYS C 112 19.53 -30.47 4.19
C LYS C 112 19.45 -30.25 5.71
N MET C 113 18.61 -31.06 6.36
CA MET C 113 18.39 -30.94 7.79
C MET C 113 19.12 -32.03 8.56
N GLN C 114 19.46 -31.74 9.83
CA GLN C 114 20.06 -32.65 10.79
C GLN C 114 19.28 -32.57 12.09
N PHE C 115 19.15 -33.69 12.81
CA PHE C 115 18.44 -33.72 14.08
C PHE C 115 19.37 -34.17 15.20
N GLU C 116 19.87 -33.22 16.00
CA GLU C 116 20.75 -33.57 17.12
C GLU C 116 19.88 -33.97 18.32
N SER C 117 20.37 -34.88 19.15
CA SER C 117 19.61 -35.26 20.35
C SER C 117 19.84 -34.23 21.47
N SER C 118 18.77 -33.87 22.23
CA SER C 118 18.93 -32.91 23.32
C SER C 118 19.52 -33.60 24.53
N SER C 119 19.34 -34.94 24.63
CA SER C 119 19.87 -35.74 25.74
C SER C 119 21.28 -36.25 25.45
N TYR C 120 21.57 -36.68 24.20
CA TYR C 120 22.90 -37.16 23.82
C TYR C 120 23.52 -36.19 22.82
N GLU C 121 24.35 -35.25 23.30
CA GLU C 121 24.99 -34.23 22.47
C GLU C 121 25.93 -34.87 21.46
N GLY C 122 25.86 -34.39 20.22
CA GLY C 122 26.69 -34.89 19.13
C GLY C 122 26.18 -36.18 18.52
N TYR C 123 24.96 -36.60 18.93
CA TYR C 123 24.28 -37.78 18.42
C TYR C 123 23.15 -37.32 17.55
N PHE C 124 23.16 -37.78 16.33
CA PHE C 124 22.18 -37.38 15.33
C PHE C 124 21.35 -38.51 14.84
N LEU C 125 20.17 -38.15 14.37
CA LEU C 125 19.22 -39.07 13.75
C LEU C 125 19.83 -39.45 12.42
N ALA C 126 19.87 -40.75 12.06
CA ALA C 126 20.54 -41.17 10.82
C ALA C 126 19.91 -42.37 10.11
N CYS C 127 20.16 -42.49 8.80
CA CYS C 127 19.72 -43.60 7.99
C CYS C 127 20.89 -44.55 7.83
N GLU C 128 20.72 -45.81 8.24
CA GLU C 128 21.77 -46.81 8.12
C GLU C 128 21.23 -48.06 7.41
N LYS C 129 22.01 -48.62 6.47
CA LYS C 129 21.61 -49.84 5.77
C LYS C 129 21.98 -51.07 6.60
N GLU C 130 20.96 -51.86 6.98
CA GLU C 130 21.06 -53.11 7.75
C GLU C 130 20.60 -54.22 6.79
N ARG C 131 21.54 -55.00 6.21
CA ARG C 131 21.20 -56.03 5.23
C ARG C 131 20.34 -55.40 4.08
N ASP C 132 19.14 -55.94 3.74
CA ASP C 132 18.30 -55.44 2.64
C ASP C 132 17.25 -54.34 3.09
N LEU C 133 17.59 -53.60 4.17
CA LEU C 133 16.76 -52.59 4.79
C LEU C 133 17.51 -51.31 5.02
N PHE C 134 16.78 -50.21 5.19
CA PHE C 134 17.30 -48.91 5.55
C PHE C 134 16.63 -48.50 6.83
N LYS C 135 17.38 -48.47 7.95
CA LYS C 135 16.84 -48.19 9.27
C LYS C 135 17.13 -46.77 9.80
N LEU C 136 16.21 -46.21 10.58
CA LEU C 136 16.43 -44.94 11.28
C LEU C 136 17.11 -45.28 12.61
N ILE C 137 18.29 -44.71 12.84
CA ILE C 137 19.11 -44.99 14.02
C ILE C 137 19.70 -43.70 14.58
N LEU C 138 20.30 -43.79 15.78
CA LEU C 138 21.00 -42.67 16.39
C LEU C 138 22.48 -42.96 16.23
N LYS C 139 23.22 -41.99 15.70
CA LYS C 139 24.64 -42.13 15.36
C LYS C 139 25.45 -40.90 15.80
N LYS C 140 26.71 -41.11 16.20
CA LYS C 140 27.63 -40.01 16.56
C LYS C 140 28.17 -39.39 15.26
N GLU C 141 28.33 -38.05 15.20
CA GLU C 141 28.76 -37.26 14.04
C GLU C 141 29.94 -37.90 13.30
N ASP C 142 31.05 -38.19 14.03
CA ASP C 142 32.32 -38.81 13.62
C ASP C 142 33.07 -38.07 12.46
N GLU C 143 32.46 -37.96 11.24
CA GLU C 143 33.06 -37.31 10.08
C GLU C 143 32.20 -36.13 9.63
N LEU C 144 32.85 -34.99 9.37
CA LEU C 144 32.15 -33.79 8.89
C LEU C 144 31.82 -33.96 7.42
N GLY C 145 30.55 -33.78 7.11
CA GLY C 145 30.02 -33.94 5.75
C GLY C 145 29.24 -35.22 5.57
N ASP C 146 29.00 -35.96 6.66
CA ASP C 146 28.26 -37.22 6.74
C ASP C 146 26.84 -37.04 6.20
N ARG C 147 26.55 -37.64 5.03
CA ARG C 147 25.26 -37.50 4.37
C ARG C 147 24.17 -38.39 5.01
N SER C 148 24.56 -39.37 5.85
CA SER C 148 23.60 -40.26 6.49
C SER C 148 22.78 -39.56 7.59
N ILE C 149 23.33 -38.48 8.20
CA ILE C 149 22.66 -37.74 9.25
C ILE C 149 21.88 -36.54 8.67
N MET C 150 21.89 -36.41 7.33
CA MET C 150 21.19 -35.34 6.63
C MET C 150 19.87 -35.82 6.06
N PHE C 151 18.83 -34.98 6.15
CA PHE C 151 17.47 -35.27 5.67
C PHE C 151 16.81 -34.07 5.00
N THR C 152 15.58 -34.29 4.46
CA THR C 152 14.75 -33.23 3.88
C THR C 152 13.34 -33.39 4.45
N VAL C 153 12.73 -32.26 4.92
CA VAL C 153 11.34 -32.33 5.42
C VAL C 153 10.42 -31.60 4.39
N GLN C 154 9.35 -32.30 3.89
CA GLN C 154 8.39 -31.76 2.91
C GLN C 154 7.10 -31.47 3.60
N ASN C 155 6.64 -30.20 3.53
CA ASN C 155 5.46 -29.76 4.27
C ASN C 155 4.17 -29.73 3.48
N GLU C 156 3.04 -29.69 4.28
CA GLU C 156 1.64 -29.80 3.89
C GLU C 156 0.70 -29.38 5.05
N PRO D 2 20.30 -59.13 -4.37
CA PRO D 2 21.25 -58.22 -5.03
C PRO D 2 20.81 -56.76 -4.91
N GLU D 3 19.48 -56.54 -4.84
CA GLU D 3 18.80 -55.24 -4.71
C GLU D 3 18.23 -55.10 -3.28
N SER D 4 17.38 -54.09 -3.04
CA SER D 4 16.76 -53.83 -1.73
C SER D 4 15.41 -54.52 -1.66
N CYS D 5 15.00 -54.95 -0.46
CA CYS D 5 13.73 -55.62 -0.22
C CYS D 5 12.58 -54.59 -0.34
N THR D 6 11.35 -55.07 -0.64
CA THR D 6 10.19 -54.16 -0.67
C THR D 6 9.62 -54.21 0.76
N SER D 7 10.08 -53.27 1.61
CA SER D 7 9.73 -53.21 3.03
C SER D 7 8.44 -52.46 3.34
N ARG D 8 7.91 -51.65 2.41
CA ARG D 8 6.70 -50.89 2.68
C ARG D 8 5.43 -51.77 2.56
N PRO D 9 4.38 -51.47 3.37
CA PRO D 9 3.16 -52.30 3.35
C PRO D 9 2.28 -52.12 2.10
N HIS D 10 2.22 -50.90 1.52
CA HIS D 10 1.38 -50.66 0.34
C HIS D 10 2.23 -50.36 -0.92
N ILE D 11 1.93 -51.07 -2.02
CA ILE D 11 2.63 -50.96 -3.31
C ILE D 11 1.67 -50.61 -4.43
N THR D 12 2.06 -49.63 -5.26
CA THR D 12 1.28 -49.21 -6.42
C THR D 12 2.14 -49.44 -7.66
N VAL D 13 1.61 -50.23 -8.62
CA VAL D 13 2.27 -50.58 -9.89
C VAL D 13 1.31 -50.34 -11.03
N VAL D 14 1.84 -50.09 -12.24
CA VAL D 14 1.04 -49.91 -13.45
C VAL D 14 0.94 -51.25 -14.22
N GLU D 15 -0.25 -51.58 -14.75
CA GLU D 15 -0.49 -52.79 -15.51
C GLU D 15 0.42 -52.90 -16.74
N GLY D 16 0.81 -54.12 -17.09
CA GLY D 16 1.68 -54.40 -18.23
C GLY D 16 3.16 -54.14 -18.04
N GLU D 17 3.57 -53.94 -16.79
CA GLU D 17 4.95 -53.66 -16.43
C GLU D 17 5.52 -54.85 -15.66
N PRO D 18 6.75 -55.34 -15.97
CA PRO D 18 7.31 -56.42 -15.14
C PRO D 18 7.55 -55.88 -13.71
N PHE D 19 6.93 -56.56 -12.72
CA PHE D 19 7.03 -56.17 -11.33
C PHE D 19 7.49 -57.35 -10.47
N TYR D 20 8.06 -57.05 -9.31
CA TYR D 20 8.53 -58.04 -8.34
C TYR D 20 8.36 -57.55 -6.91
N LEU D 21 8.18 -58.49 -6.00
CA LEU D 21 8.09 -58.27 -4.56
C LEU D 21 9.23 -59.06 -3.91
N LYS D 22 10.20 -58.36 -3.28
CA LYS D 22 11.31 -59.03 -2.62
C LYS D 22 11.07 -58.93 -1.13
N HIS D 23 11.08 -60.08 -0.44
CA HIS D 23 10.86 -60.07 1.01
C HIS D 23 12.15 -59.68 1.73
N CYS D 24 11.99 -59.09 2.90
CA CYS D 24 13.08 -58.74 3.79
C CYS D 24 13.52 -60.03 4.49
N SER D 25 14.68 -60.07 5.14
CA SER D 25 15.20 -61.32 5.75
C SER D 25 15.48 -62.39 4.64
N CYS D 26 16.04 -61.95 3.50
CA CYS D 26 16.42 -62.78 2.37
C CYS D 26 17.69 -63.59 2.76
N SER D 27 17.45 -64.77 3.34
CA SER D 27 18.44 -65.73 3.80
C SER D 27 18.07 -67.07 3.20
N LEU D 28 18.90 -67.54 2.24
CA LEU D 28 18.71 -68.76 1.47
C LEU D 28 19.29 -69.99 2.21
N ALA D 29 19.79 -69.79 3.46
CA ALA D 29 20.37 -70.83 4.32
C ALA D 29 19.34 -71.88 4.71
N THR D 34 18.35 -75.60 4.83
CA THR D 34 17.39 -75.65 3.73
C THR D 34 16.01 -76.07 4.24
N THR D 35 15.03 -75.16 4.05
CA THR D 35 13.62 -75.32 4.43
C THR D 35 12.72 -74.81 3.26
N THR D 36 11.39 -74.87 3.46
CA THR D 36 10.40 -74.44 2.48
C THR D 36 9.98 -72.98 2.78
N LYS D 37 9.58 -72.29 1.70
CA LYS D 37 9.10 -70.90 1.63
C LYS D 37 7.77 -70.90 0.86
N SER D 38 6.80 -70.06 1.26
CA SER D 38 5.50 -70.04 0.57
C SER D 38 4.97 -68.61 0.37
N TRP D 39 4.30 -68.37 -0.77
CA TRP D 39 3.69 -67.11 -1.21
C TRP D 39 2.17 -67.29 -1.32
N TYR D 40 1.39 -66.31 -0.88
CA TYR D 40 -0.08 -66.37 -0.88
C TYR D 40 -0.71 -65.08 -1.40
N LYS D 41 -1.91 -65.17 -2.00
CA LYS D 41 -2.67 -64.02 -2.52
C LYS D 41 -4.12 -64.04 -1.99
N SER D 42 -4.70 -62.84 -1.80
CA SER D 42 -6.07 -62.68 -1.32
C SER D 42 -6.77 -61.47 -1.96
N SER D 43 -7.63 -61.73 -2.98
CA SER D 43 -8.39 -60.66 -3.64
C SER D 43 -9.74 -60.44 -2.95
N HIS D 48 -6.93 -66.51 0.72
CA HIS D 48 -5.56 -66.91 1.03
C HIS D 48 -5.11 -68.14 0.23
N VAL D 49 -5.15 -68.04 -1.12
CA VAL D 49 -4.73 -69.13 -2.02
C VAL D 49 -3.17 -69.12 -2.16
N GLU D 50 -2.54 -70.30 -2.03
CA GLU D 50 -1.09 -70.44 -2.15
C GLU D 50 -0.68 -70.37 -3.60
N LEU D 51 0.28 -69.52 -3.90
CA LEU D 51 0.79 -69.37 -5.25
C LEU D 51 1.78 -70.48 -5.55
N ASN D 52 1.82 -70.95 -6.82
CA ASN D 52 2.72 -72.01 -7.31
C ASN D 52 3.18 -71.69 -8.76
N PRO D 53 4.11 -72.45 -9.39
CA PRO D 53 4.50 -72.14 -10.79
C PRO D 53 3.36 -72.27 -11.82
N ARG D 54 2.33 -73.06 -11.48
CA ARG D 54 1.15 -73.28 -12.30
C ARG D 54 0.09 -72.19 -12.05
N SER D 55 0.25 -71.38 -10.97
CA SER D 55 -0.68 -70.28 -10.60
C SER D 55 -0.91 -69.31 -11.76
N SER D 56 0.13 -69.10 -12.61
CA SER D 56 0.15 -68.29 -13.83
C SER D 56 1.47 -68.42 -14.57
N SER D 57 1.46 -68.12 -15.87
CA SER D 57 2.63 -68.10 -16.74
C SER D 57 3.50 -66.88 -16.39
N ARG D 58 2.83 -65.81 -15.92
CA ARG D 58 3.39 -64.51 -15.56
C ARG D 58 3.98 -64.51 -14.16
N ILE D 59 3.42 -65.32 -13.23
CA ILE D 59 3.92 -65.29 -11.87
C ILE D 59 5.00 -66.36 -11.68
N ALA D 60 6.26 -65.89 -11.43
CA ALA D 60 7.47 -66.69 -11.19
C ALA D 60 7.87 -66.60 -9.73
N LEU D 61 7.80 -67.71 -9.02
CA LEU D 61 8.08 -67.81 -7.58
C LEU D 61 9.53 -68.18 -7.31
N HIS D 62 10.24 -67.33 -6.56
CA HIS D 62 11.63 -67.61 -6.17
C HIS D 62 11.77 -67.64 -4.64
N ASP D 63 13.01 -67.90 -4.16
CA ASP D 63 13.36 -67.96 -2.74
C ASP D 63 13.16 -66.62 -2.03
N CYS D 64 13.58 -65.51 -2.67
CA CYS D 64 13.50 -64.17 -2.09
C CYS D 64 12.51 -63.27 -2.82
N VAL D 65 12.20 -63.54 -4.09
CA VAL D 65 11.31 -62.68 -4.88
C VAL D 65 10.07 -63.41 -5.44
N LEU D 66 9.04 -62.63 -5.75
CA LEU D 66 7.83 -63.07 -6.43
C LEU D 66 7.71 -62.20 -7.65
N GLU D 67 8.10 -62.74 -8.81
CA GLU D 67 8.12 -62.01 -10.08
C GLU D 67 6.78 -62.07 -10.81
N PHE D 68 6.42 -60.95 -11.48
CA PHE D 68 5.24 -60.76 -12.32
C PHE D 68 5.74 -60.40 -13.70
N TRP D 69 5.29 -61.15 -14.72
CA TRP D 69 5.72 -60.99 -16.11
C TRP D 69 4.56 -60.89 -17.12
N PRO D 70 3.88 -59.74 -17.25
CA PRO D 70 4.01 -58.51 -16.45
C PRO D 70 2.97 -58.49 -15.36
N VAL D 71 2.86 -57.40 -14.61
CA VAL D 71 1.80 -57.34 -13.61
C VAL D 71 0.54 -56.83 -14.34
N GLU D 72 -0.64 -57.39 -14.06
CA GLU D 72 -1.88 -56.96 -14.71
C GLU D 72 -2.91 -56.64 -13.63
N LEU D 73 -3.97 -55.87 -13.99
CA LEU D 73 -4.98 -55.37 -13.06
C LEU D 73 -5.61 -56.43 -12.14
N ASN D 74 -5.80 -57.66 -12.62
CA ASN D 74 -6.37 -58.76 -11.82
C ASN D 74 -5.43 -59.19 -10.67
N ASP D 75 -4.16 -58.73 -10.69
CA ASP D 75 -3.16 -59.02 -9.67
C ASP D 75 -3.30 -58.17 -8.43
N THR D 76 -4.04 -57.03 -8.48
CA THR D 76 -4.22 -56.21 -7.28
C THR D 76 -4.81 -57.13 -6.20
N GLY D 77 -4.31 -56.98 -4.98
CA GLY D 77 -4.74 -57.82 -3.87
C GLY D 77 -3.68 -57.85 -2.80
N SER D 78 -3.96 -58.60 -1.74
CA SER D 78 -3.05 -58.70 -0.59
C SER D 78 -2.18 -59.92 -0.77
N TYR D 79 -0.85 -59.73 -0.61
CA TYR D 79 0.13 -60.79 -0.77
C TYR D 79 0.84 -61.09 0.54
N PHE D 80 1.08 -62.39 0.79
CA PHE D 80 1.68 -62.94 2.01
C PHE D 80 2.85 -63.88 1.73
N PHE D 81 3.91 -63.74 2.51
CA PHE D 81 5.07 -64.62 2.42
C PHE D 81 5.30 -65.27 3.80
N GLN D 82 5.39 -66.61 3.86
CA GLN D 82 5.62 -67.33 5.11
C GLN D 82 6.86 -68.21 4.94
N MET D 83 7.69 -68.27 6.00
CA MET D 83 8.98 -68.97 6.05
C MET D 83 9.24 -69.32 7.50
N LYS D 84 10.09 -70.34 7.80
CA LYS D 84 10.48 -70.68 9.18
C LYS D 84 10.88 -69.37 9.95
N ASN D 85 10.16 -69.03 11.03
CA ASN D 85 10.36 -67.83 11.86
C ASN D 85 10.12 -66.49 11.11
N TYR D 86 9.67 -66.50 9.83
CA TYR D 86 9.46 -65.23 9.12
C TYR D 86 8.14 -65.14 8.35
N THR D 87 7.48 -63.96 8.43
CA THR D 87 6.23 -63.63 7.77
C THR D 87 6.22 -62.17 7.29
N GLN D 88 5.67 -61.93 6.07
CA GLN D 88 5.57 -60.58 5.47
C GLN D 88 4.29 -60.43 4.63
N LYS D 89 3.67 -59.25 4.71
CA LYS D 89 2.44 -58.89 3.98
C LYS D 89 2.63 -57.60 3.15
N TRP D 90 1.99 -57.57 1.96
CA TRP D 90 1.95 -56.43 1.06
C TRP D 90 0.54 -56.24 0.51
N LYS D 91 0.11 -54.97 0.38
CA LYS D 91 -1.18 -54.67 -0.23
C LYS D 91 -0.87 -54.11 -1.62
N LEU D 92 -1.01 -54.96 -2.64
CA LEU D 92 -0.71 -54.59 -4.02
C LEU D 92 -1.89 -53.90 -4.69
N ASN D 93 -1.61 -52.73 -5.28
CA ASN D 93 -2.60 -51.94 -6.02
C ASN D 93 -2.11 -51.69 -7.43
N VAL D 94 -2.58 -52.51 -8.38
CA VAL D 94 -2.25 -52.40 -9.80
C VAL D 94 -3.19 -51.35 -10.40
N ILE D 95 -2.62 -50.26 -10.92
CA ILE D 95 -3.38 -49.15 -11.51
C ILE D 95 -3.33 -49.21 -13.05
N ARG D 96 -4.39 -48.70 -13.70
CA ARG D 96 -4.54 -48.70 -15.16
C ARG D 96 -3.49 -47.81 -15.84
N ARG D 97 -2.97 -48.30 -16.98
CA ARG D 97 -1.95 -47.61 -17.77
C ARG D 97 -2.58 -46.50 -18.63
N ASN D 98 -1.91 -45.33 -18.67
CA ASN D 98 -2.30 -44.22 -19.53
C ASN D 98 -1.72 -44.54 -20.90
N LYS D 99 -2.54 -45.18 -21.74
CA LYS D 99 -2.16 -45.65 -23.07
C LYS D 99 -2.08 -44.50 -24.09
N HIS D 100 -2.37 -43.27 -23.65
CA HIS D 100 -2.32 -42.09 -24.51
C HIS D 100 -1.05 -41.28 -24.28
N SER D 101 -0.39 -41.49 -23.15
CA SER D 101 0.88 -40.84 -22.80
C SER D 101 1.97 -41.90 -22.79
N CYS D 102 3.22 -41.47 -22.53
CA CYS D 102 4.35 -42.39 -22.47
C CYS D 102 4.56 -42.86 -21.02
N PHE D 103 3.70 -42.37 -20.10
CA PHE D 103 3.74 -42.68 -18.67
C PHE D 103 2.40 -42.35 -18.01
N THR D 104 2.07 -43.07 -16.93
CA THR D 104 0.85 -42.89 -16.14
C THR D 104 1.16 -41.85 -15.05
N GLU D 105 0.39 -40.74 -15.03
CA GLU D 105 0.55 -39.58 -14.13
C GLU D 105 0.49 -40.01 -12.68
N ARG D 106 -0.36 -41.02 -12.37
CA ARG D 106 -0.45 -41.52 -11.01
C ARG D 106 0.85 -42.25 -10.56
N GLN D 107 1.81 -42.52 -11.46
CA GLN D 107 3.02 -43.22 -11.04
C GLN D 107 4.30 -42.36 -11.21
N VAL D 108 4.24 -41.14 -10.65
CA VAL D 108 5.35 -40.19 -10.71
C VAL D 108 5.91 -39.94 -9.31
N THR D 109 7.21 -39.61 -9.24
CA THR D 109 7.94 -39.25 -8.04
C THR D 109 8.34 -37.81 -8.23
N SER D 110 7.70 -36.89 -7.51
CA SER D 110 8.00 -35.48 -7.63
C SER D 110 9.26 -35.07 -6.89
N LYS D 111 9.97 -34.10 -7.46
CA LYS D 111 11.17 -33.52 -6.87
C LYS D 111 11.17 -32.01 -7.15
N ILE D 112 11.41 -31.22 -6.11
CA ILE D 112 11.48 -29.76 -6.24
C ILE D 112 12.93 -29.36 -6.21
N VAL D 113 13.37 -28.66 -7.27
CA VAL D 113 14.77 -28.22 -7.37
C VAL D 113 14.81 -26.71 -7.45
N GLU D 114 15.69 -26.07 -6.66
CA GLU D 114 15.89 -24.62 -6.69
C GLU D 114 16.73 -24.25 -7.90
N VAL D 115 16.37 -23.17 -8.57
CA VAL D 115 17.07 -22.67 -9.76
C VAL D 115 18.58 -22.42 -9.42
N LYS D 116 19.46 -22.77 -10.39
CA LYS D 116 20.94 -22.67 -10.36
C LYS D 116 21.59 -23.76 -9.47
N LYS D 117 20.79 -24.51 -8.68
CA LYS D 117 21.31 -25.60 -7.84
C LYS D 117 21.45 -26.87 -8.69
N PHE D 118 22.48 -27.70 -8.44
CA PHE D 118 22.70 -28.92 -9.23
C PHE D 118 21.52 -29.88 -9.11
N PHE D 119 21.24 -30.62 -10.20
CA PHE D 119 20.19 -31.63 -10.24
C PHE D 119 20.64 -32.73 -11.18
N GLN D 120 20.25 -33.96 -10.84
CA GLN D 120 20.64 -35.13 -11.58
C GLN D 120 19.48 -36.11 -11.79
N ILE D 121 19.45 -36.74 -12.97
CA ILE D 121 18.50 -37.78 -13.35
C ILE D 121 19.32 -38.90 -13.92
N THR D 122 19.25 -40.08 -13.28
CA THR D 122 19.99 -41.27 -13.73
C THR D 122 19.02 -42.41 -13.94
N CYS D 123 19.08 -43.05 -15.12
CA CYS D 123 18.20 -44.17 -15.44
C CYS D 123 18.86 -45.47 -15.12
N GLU D 124 18.47 -46.07 -14.01
CA GLU D 124 19.04 -47.32 -13.58
C GLU D 124 17.95 -48.22 -13.03
N ASN D 125 18.10 -49.53 -13.29
CA ASN D 125 17.20 -50.59 -12.81
C ASN D 125 18.09 -51.82 -12.50
N SER D 126 18.67 -51.80 -11.27
CA SER D 126 19.59 -52.82 -10.72
C SER D 126 19.11 -54.25 -10.97
N TYR D 127 17.83 -54.53 -10.65
CA TYR D 127 17.17 -55.82 -10.73
C TYR D 127 17.13 -56.44 -12.15
N TYR D 128 16.53 -55.75 -13.12
CA TYR D 128 16.30 -56.26 -14.46
C TYR D 128 17.40 -55.93 -15.49
N GLN D 129 18.46 -55.18 -15.10
CA GLN D 129 19.53 -54.72 -16.01
C GLN D 129 20.12 -55.83 -16.89
N THR D 130 20.13 -57.09 -16.40
CA THR D 130 20.64 -58.25 -17.13
C THR D 130 19.75 -58.58 -18.32
N LEU D 131 18.46 -58.22 -18.25
CA LEU D 131 17.48 -58.45 -19.31
C LEU D 131 17.32 -57.26 -20.23
N VAL D 132 17.60 -56.05 -19.72
CA VAL D 132 17.39 -54.77 -20.43
C VAL D 132 18.22 -54.71 -21.73
N ASN D 133 17.50 -54.57 -22.87
CA ASN D 133 18.02 -54.45 -24.23
C ASN D 133 18.55 -53.04 -24.44
N SER D 134 17.73 -52.05 -24.09
CA SER D 134 17.99 -50.62 -24.19
C SER D 134 17.17 -49.86 -23.16
N THR D 135 17.62 -48.64 -22.82
CA THR D 135 16.92 -47.75 -21.90
C THR D 135 17.00 -46.33 -22.49
N SER D 136 15.82 -45.64 -22.53
CA SER D 136 15.68 -44.28 -23.06
C SER D 136 15.10 -43.35 -22.03
N LEU D 137 15.55 -42.09 -22.06
CA LEU D 137 15.08 -41.04 -21.16
C LEU D 137 14.33 -40.01 -21.97
N TYR D 138 13.10 -39.73 -21.58
CA TYR D 138 12.23 -38.77 -22.25
C TYR D 138 11.91 -37.61 -21.34
N LYS D 139 11.81 -36.41 -21.91
CA LYS D 139 11.35 -35.25 -21.16
C LYS D 139 10.07 -34.84 -21.84
N ASN D 140 8.93 -35.05 -21.14
CA ASN D 140 7.59 -34.75 -21.62
C ASN D 140 7.34 -35.52 -22.92
N CYS D 141 7.63 -36.81 -22.86
CA CYS D 141 7.47 -37.79 -23.93
C CYS D 141 8.22 -37.41 -25.23
N LYS D 142 9.42 -36.81 -25.06
CA LYS D 142 10.30 -36.46 -26.17
C LYS D 142 11.65 -37.08 -25.85
N LYS D 143 12.06 -38.11 -26.62
CA LYS D 143 13.30 -38.84 -26.37
C LYS D 143 14.50 -37.92 -26.43
N LEU D 144 15.30 -37.91 -25.36
CA LEU D 144 16.54 -37.13 -25.25
C LEU D 144 17.67 -37.94 -25.86
N LEU D 145 18.46 -37.31 -26.76
CA LEU D 145 19.54 -38.03 -27.44
C LEU D 145 20.82 -38.01 -26.63
N LEU D 146 21.23 -39.19 -26.18
CA LEU D 146 22.41 -39.48 -25.40
C LEU D 146 22.95 -40.78 -25.91
N GLU D 147 24.28 -40.85 -26.22
CA GLU D 147 24.94 -42.07 -26.75
C GLU D 147 24.67 -43.29 -25.84
N ASN D 148 24.63 -43.05 -24.50
CA ASN D 148 24.34 -44.05 -23.47
C ASN D 148 22.88 -44.47 -23.50
N ASN D 149 22.63 -45.77 -23.63
CA ASN D 149 21.30 -46.36 -23.58
C ASN D 149 21.34 -47.59 -22.64
N LYS D 150 22.09 -47.43 -21.52
CA LYS D 150 22.26 -48.39 -20.42
C LYS D 150 21.96 -47.64 -19.07
N ASN D 151 22.59 -46.46 -18.90
CA ASN D 151 22.34 -45.63 -17.73
C ASN D 151 22.26 -44.11 -18.15
N PRO D 152 21.32 -43.73 -19.08
CA PRO D 152 21.21 -42.31 -19.50
C PRO D 152 21.10 -41.35 -18.32
N THR D 153 21.86 -40.24 -18.37
CA THR D 153 21.94 -39.34 -17.22
C THR D 153 22.01 -37.87 -17.61
N ILE D 154 21.39 -37.03 -16.78
CA ILE D 154 21.42 -35.57 -16.86
C ILE D 154 22.13 -35.11 -15.58
N LYS D 155 23.20 -34.34 -15.74
CA LYS D 155 23.97 -33.76 -14.64
C LYS D 155 24.21 -32.29 -14.97
N LYS D 156 23.41 -31.38 -14.35
CA LYS D 156 23.50 -29.95 -14.64
C LYS D 156 22.94 -29.07 -13.50
N ASN D 157 23.25 -27.76 -13.57
CA ASN D 157 22.71 -26.77 -12.64
C ASN D 157 21.34 -26.40 -13.16
N ALA D 158 20.31 -26.54 -12.31
CA ALA D 158 18.93 -26.31 -12.70
C ALA D 158 18.66 -24.93 -13.32
N GLU D 159 17.79 -24.95 -14.34
CA GLU D 159 17.25 -23.79 -15.04
C GLU D 159 15.74 -23.96 -15.09
N PHE D 160 14.97 -22.88 -15.11
CA PHE D 160 13.50 -22.98 -15.12
C PHE D 160 12.97 -23.82 -16.29
N GLU D 161 13.72 -23.85 -17.40
CA GLU D 161 13.38 -24.60 -18.61
C GLU D 161 13.51 -26.12 -18.40
N ASP D 162 14.27 -26.55 -17.37
CA ASP D 162 14.45 -27.96 -17.00
C ASP D 162 13.18 -28.57 -16.39
N GLN D 163 12.20 -27.74 -15.99
CA GLN D 163 10.91 -28.21 -15.45
C GLN D 163 10.26 -29.17 -16.44
N GLY D 164 9.72 -30.25 -15.94
CA GLY D 164 9.06 -31.25 -16.77
C GLY D 164 9.05 -32.65 -16.20
N TYR D 165 8.44 -33.56 -16.94
CA TYR D 165 8.30 -34.97 -16.57
C TYR D 165 9.36 -35.80 -17.29
N TYR D 166 10.33 -36.30 -16.51
CA TYR D 166 11.42 -37.11 -17.02
C TYR D 166 11.11 -38.58 -16.78
N SER D 167 10.89 -39.35 -17.87
CA SER D 167 10.56 -40.76 -17.78
C SER D 167 11.69 -41.64 -18.27
N CYS D 168 12.20 -42.51 -17.37
CA CYS D 168 13.23 -43.52 -17.65
C CYS D 168 12.49 -44.73 -18.17
N VAL D 169 12.68 -45.11 -19.43
CA VAL D 169 12.00 -46.29 -19.97
C VAL D 169 13.02 -47.39 -20.28
N HIS D 170 13.02 -48.46 -19.45
CA HIS D 170 13.93 -49.59 -19.57
C HIS D 170 13.26 -50.68 -20.41
N PHE D 171 13.70 -50.86 -21.67
CA PHE D 171 13.14 -51.88 -22.57
C PHE D 171 13.84 -53.23 -22.37
N LEU D 172 13.06 -54.28 -22.07
CA LEU D 172 13.61 -55.60 -21.85
C LEU D 172 12.77 -56.66 -22.54
N HIS D 173 13.38 -57.81 -22.79
CA HIS D 173 12.70 -58.93 -23.41
C HIS D 173 12.59 -60.08 -22.44
N HIS D 174 11.37 -60.57 -22.25
CA HIS D 174 11.10 -61.75 -21.44
C HIS D 174 10.42 -62.69 -22.34
N ASN D 175 11.07 -63.84 -22.60
CA ASN D 175 10.63 -64.81 -23.58
C ASN D 175 10.56 -64.04 -24.91
N GLY D 176 9.53 -64.29 -25.71
CA GLY D 176 9.42 -63.59 -26.98
C GLY D 176 9.14 -62.12 -26.87
N LYS D 177 8.24 -61.78 -25.95
CA LYS D 177 7.68 -60.46 -25.76
C LYS D 177 8.66 -59.42 -25.26
N LEU D 178 8.40 -58.23 -25.70
CA LEU D 178 9.09 -57.05 -25.26
C LEU D 178 8.28 -56.46 -24.13
N PHE D 179 8.97 -55.85 -23.16
CA PHE D 179 8.40 -55.14 -21.99
C PHE D 179 9.22 -53.94 -21.69
N ASN D 180 8.69 -53.07 -20.82
CA ASN D 180 9.43 -51.92 -20.36
C ASN D 180 9.06 -51.57 -18.93
N ILE D 181 9.98 -50.89 -18.26
CA ILE D 181 9.81 -50.40 -16.89
C ILE D 181 9.98 -48.89 -17.00
N THR D 182 8.85 -48.16 -17.00
CA THR D 182 8.84 -46.69 -17.08
C THR D 182 8.87 -46.15 -15.66
N LYS D 183 9.77 -45.19 -15.39
CA LYS D 183 9.88 -44.53 -14.08
C LYS D 183 9.95 -43.01 -14.30
N THR D 184 8.86 -42.29 -13.97
CA THR D 184 8.81 -40.85 -14.21
C THR D 184 9.08 -40.00 -12.95
N PHE D 185 9.84 -38.92 -13.15
CA PHE D 185 10.21 -37.92 -12.16
C PHE D 185 9.59 -36.60 -12.54
N ASN D 186 8.75 -36.06 -11.66
CA ASN D 186 8.07 -34.80 -11.87
C ASN D 186 8.94 -33.68 -11.30
N ILE D 187 9.75 -33.07 -12.17
CA ILE D 187 10.68 -32.01 -11.74
C ILE D 187 10.01 -30.65 -11.87
N THR D 188 10.10 -29.88 -10.78
CA THR D 188 9.57 -28.53 -10.59
C THR D 188 10.72 -27.64 -10.17
N ILE D 189 11.07 -26.65 -11.03
CA ILE D 189 12.12 -25.67 -10.78
C ILE D 189 11.49 -24.43 -10.12
N VAL D 190 11.99 -24.08 -8.94
CA VAL D 190 11.49 -22.98 -8.13
C VAL D 190 12.58 -21.93 -7.91
N GLU D 191 12.17 -20.71 -7.53
CA GLU D 191 13.11 -19.62 -7.24
C GLU D 191 13.94 -19.96 -6.01
N ASP D 192 15.19 -19.46 -5.93
CA ASP D 192 16.09 -19.71 -4.79
C ASP D 192 15.48 -19.15 -3.51
N ARG D 193 15.17 -20.03 -2.55
CA ARG D 193 14.54 -19.69 -1.27
C ARG D 193 15.39 -18.71 -0.46
N SER D 194 16.75 -18.68 -0.71
CA SER D 194 17.74 -17.77 -0.13
C SER D 194 17.44 -17.38 1.34
N ASN D 195 17.47 -18.39 2.22
CA ASN D 195 17.15 -18.21 3.64
C ASN D 195 18.12 -17.27 4.34
N ILE D 196 17.57 -16.44 5.23
CA ILE D 196 18.30 -15.46 6.02
C ILE D 196 18.52 -15.98 7.44
N VAL D 197 19.49 -15.38 8.14
CA VAL D 197 19.72 -15.67 9.56
C VAL D 197 18.68 -14.84 10.33
N PRO D 198 17.77 -15.47 11.09
CA PRO D 198 16.76 -14.65 11.80
C PRO D 198 17.43 -13.64 12.71
N VAL D 199 16.94 -12.41 12.66
CA VAL D 199 17.52 -11.35 13.44
C VAL D 199 16.41 -10.66 14.23
N LEU D 200 16.61 -10.54 15.54
CA LEU D 200 15.70 -9.80 16.39
C LEU D 200 15.98 -8.33 16.21
N LEU D 201 14.95 -7.55 15.93
CA LEU D 201 15.13 -6.12 15.78
C LEU D 201 15.20 -5.49 17.18
N GLY D 202 16.05 -4.45 17.31
CA GLY D 202 16.26 -3.69 18.55
C GLY D 202 17.38 -4.20 19.46
N PRO D 203 17.68 -3.47 20.57
CA PRO D 203 18.78 -3.89 21.46
C PRO D 203 18.54 -5.17 22.25
N LYS D 204 19.62 -5.93 22.54
CA LYS D 204 19.64 -7.21 23.28
C LYS D 204 19.09 -7.05 24.69
N LEU D 205 19.40 -5.94 25.36
CA LEU D 205 18.93 -5.71 26.72
C LEU D 205 18.09 -4.44 26.75
N ASN D 206 16.85 -4.58 27.21
CA ASN D 206 15.89 -3.49 27.23
C ASN D 206 15.36 -3.26 28.61
N HIS D 207 15.45 -2.01 29.06
CA HIS D 207 14.91 -1.60 30.35
C HIS D 207 13.68 -0.78 30.04
N VAL D 208 12.53 -1.18 30.58
CA VAL D 208 11.28 -0.48 30.32
C VAL D 208 10.71 -0.06 31.66
N ALA D 209 10.59 1.26 31.83
CA ALA D 209 10.05 1.88 33.03
C ALA D 209 8.57 1.67 33.08
N VAL D 210 8.08 1.14 34.20
CA VAL D 210 6.67 0.82 34.44
C VAL D 210 6.26 1.37 35.82
N GLU D 211 4.96 1.27 36.16
CA GLU D 211 4.47 1.65 37.48
C GLU D 211 3.52 0.56 37.99
N LEU D 212 3.73 0.12 39.23
CA LEU D 212 2.99 -0.95 39.90
C LEU D 212 1.49 -0.75 39.80
N GLY D 213 0.78 -1.82 39.49
CA GLY D 213 -0.68 -1.78 39.36
C GLY D 213 -1.14 -1.53 37.94
N LYS D 214 -0.27 -0.88 37.13
CA LYS D 214 -0.55 -0.57 35.73
C LYS D 214 -0.16 -1.78 34.84
N ASN D 215 -0.32 -1.63 33.50
CA ASN D 215 -0.05 -2.70 32.52
C ASN D 215 1.07 -2.29 31.57
N VAL D 216 1.71 -3.27 30.91
CA VAL D 216 2.78 -2.98 29.95
C VAL D 216 2.72 -3.97 28.78
N ARG D 217 2.98 -3.48 27.57
CA ARG D 217 3.01 -4.33 26.38
C ARG D 217 4.43 -4.26 25.82
N LEU D 218 5.22 -5.32 26.11
CA LEU D 218 6.59 -5.52 25.67
C LEU D 218 6.55 -6.00 24.22
N ASN D 219 6.91 -5.12 23.29
CA ASN D 219 6.89 -5.40 21.87
C ASN D 219 8.19 -6.10 21.42
N CYS D 220 8.07 -7.21 20.72
CA CYS D 220 9.22 -7.92 20.18
C CYS D 220 9.01 -8.17 18.70
N SER D 221 9.98 -7.80 17.86
CA SER D 221 9.86 -7.96 16.42
C SER D 221 11.14 -8.48 15.85
N ALA D 222 11.03 -9.24 14.77
CA ALA D 222 12.17 -9.84 14.13
C ALA D 222 11.99 -9.88 12.65
N LEU D 223 13.09 -10.14 11.95
CA LEU D 223 13.12 -10.35 10.52
C LEU D 223 13.47 -11.80 10.36
N LEU D 224 12.53 -12.61 9.89
CA LEU D 224 12.78 -14.05 9.81
C LEU D 224 12.21 -14.72 8.56
N ASN D 225 12.48 -16.03 8.41
CA ASN D 225 12.02 -16.88 7.31
C ASN D 225 10.64 -17.44 7.62
N GLU D 226 9.88 -17.80 6.58
CA GLU D 226 8.52 -18.28 6.69
C GLU D 226 8.31 -19.33 7.78
N GLU D 227 9.25 -20.26 7.95
CA GLU D 227 9.11 -21.38 8.88
C GLU D 227 9.74 -21.14 10.26
N ASP D 228 10.13 -19.91 10.57
CA ASP D 228 10.75 -19.59 11.85
C ASP D 228 9.68 -19.25 12.90
N VAL D 229 10.02 -19.40 14.18
CA VAL D 229 9.12 -19.10 15.28
C VAL D 229 9.67 -17.94 16.10
N ILE D 230 8.78 -17.17 16.70
CA ILE D 230 9.12 -16.09 17.62
C ILE D 230 8.27 -16.36 18.88
N TYR D 231 8.94 -16.48 20.04
CA TYR D 231 8.23 -16.74 21.28
C TYR D 231 8.84 -16.00 22.46
N TRP D 232 8.08 -15.95 23.57
CA TRP D 232 8.46 -15.33 24.82
C TRP D 232 8.68 -16.35 25.90
N MET D 233 9.65 -16.10 26.79
CA MET D 233 9.90 -16.92 27.97
C MET D 233 9.62 -16.04 29.15
N PHE D 234 8.56 -16.39 29.92
CA PHE D 234 8.15 -15.57 31.06
C PHE D 234 7.82 -16.41 32.32
N GLY D 235 8.49 -17.53 32.51
CA GLY D 235 8.31 -18.36 33.70
C GLY D 235 7.12 -19.31 33.68
N GLU D 236 6.80 -19.82 32.48
CA GLU D 236 5.73 -20.78 32.19
C GLU D 236 5.96 -22.15 32.89
N GLU D 237 7.14 -22.33 33.57
CA GLU D 237 7.66 -23.54 34.21
C GLU D 237 6.61 -24.40 34.89
N ASN D 238 6.11 -23.99 36.06
CA ASN D 238 5.07 -24.70 36.80
C ASN D 238 3.89 -23.73 36.90
N GLY D 239 3.62 -23.08 35.77
CA GLY D 239 2.64 -22.00 35.67
C GLY D 239 3.31 -20.65 35.82
N SER D 240 2.87 -19.68 35.03
CA SER D 240 3.42 -18.33 35.03
C SER D 240 2.52 -17.40 35.84
N ASP D 241 2.84 -16.09 35.87
CA ASP D 241 2.01 -15.06 36.48
C ASP D 241 0.71 -15.02 35.69
N PRO D 242 -0.48 -15.14 36.32
CA PRO D 242 -1.72 -15.18 35.53
C PRO D 242 -2.04 -13.87 34.80
N ASN D 243 -1.30 -12.80 35.13
CA ASN D 243 -1.46 -11.49 34.53
C ASN D 243 -0.58 -11.30 33.28
N ILE D 244 0.29 -12.28 32.96
CA ILE D 244 1.17 -12.15 31.80
C ILE D 244 0.59 -12.92 30.61
N HIS D 245 0.22 -12.20 29.51
CA HIS D 245 -0.40 -12.79 28.33
C HIS D 245 0.45 -12.61 27.09
N GLU D 246 0.81 -13.72 26.43
CA GLU D 246 1.56 -13.74 25.18
C GLU D 246 0.53 -13.53 24.05
N GLU D 247 0.60 -12.38 23.36
CA GLU D 247 -0.38 -12.04 22.33
C GLU D 247 -0.13 -12.80 21.02
N LYS D 248 -1.12 -12.75 20.09
CA LYS D 248 -1.09 -13.41 18.77
C LYS D 248 0.01 -12.83 17.92
N GLU D 249 0.72 -13.69 17.18
CA GLU D 249 1.79 -13.28 16.28
C GLU D 249 1.24 -12.46 15.10
N MET D 250 2.07 -11.58 14.54
CA MET D 250 1.73 -10.69 13.43
C MET D 250 2.86 -10.76 12.44
N ARG D 251 2.55 -11.02 11.16
CA ARG D 251 3.61 -11.13 10.17
C ARG D 251 3.27 -10.31 8.93
N ILE D 252 4.26 -9.57 8.41
CA ILE D 252 4.13 -8.80 7.18
C ILE D 252 5.28 -9.24 6.29
N MET D 253 4.97 -9.70 5.06
CA MET D 253 6.00 -10.14 4.12
C MET D 253 6.81 -8.97 3.58
N THR D 254 8.13 -9.11 3.54
CA THR D 254 9.03 -8.07 3.02
C THR D 254 9.07 -8.22 1.50
N PRO D 255 9.47 -7.19 0.71
CA PRO D 255 9.47 -7.35 -0.76
C PRO D 255 10.31 -8.53 -1.22
N GLU D 256 11.39 -8.83 -0.46
CA GLU D 256 12.34 -9.91 -0.68
C GLU D 256 11.74 -11.29 -0.28
N GLY D 257 10.45 -11.32 0.05
CA GLY D 257 9.75 -12.53 0.45
C GLY D 257 10.08 -13.07 1.84
N LYS D 258 10.74 -12.26 2.69
CA LYS D 258 11.04 -12.68 4.04
C LYS D 258 9.94 -12.11 4.96
N TRP D 259 10.02 -12.29 6.29
CA TRP D 259 8.90 -11.84 7.11
C TRP D 259 9.28 -11.00 8.30
N HIS D 260 8.47 -9.97 8.53
CA HIS D 260 8.58 -9.08 9.67
C HIS D 260 7.57 -9.63 10.66
N ALA D 261 8.08 -10.29 11.72
CA ALA D 261 7.25 -10.93 12.73
C ALA D 261 7.21 -10.13 14.01
N SER D 262 6.02 -10.06 14.62
CA SER D 262 5.80 -9.36 15.86
C SER D 262 5.07 -10.28 16.84
N LYS D 263 5.50 -10.26 18.12
CA LYS D 263 4.92 -10.98 19.27
C LYS D 263 4.96 -10.04 20.46
N VAL D 264 3.81 -9.79 21.09
CA VAL D 264 3.77 -8.88 22.23
C VAL D 264 3.52 -9.63 23.53
N LEU D 265 4.34 -9.36 24.56
CA LEU D 265 4.09 -9.90 25.87
C LEU D 265 3.37 -8.80 26.62
N ARG D 266 2.13 -9.10 27.07
CA ARG D 266 1.27 -8.16 27.81
C ARG D 266 1.31 -8.53 29.28
N ILE D 267 2.02 -7.75 30.10
CA ILE D 267 2.12 -7.94 31.55
C ILE D 267 1.16 -6.96 32.21
N GLU D 268 -0.01 -7.49 32.63
CA GLU D 268 -1.07 -6.71 33.28
C GLU D 268 -0.86 -6.70 34.77
N ASN D 269 -1.44 -5.71 35.49
CA ASN D 269 -1.40 -5.61 36.95
C ASN D 269 0.03 -5.81 37.47
N ILE D 270 0.99 -4.98 36.99
CA ILE D 270 2.42 -5.08 37.32
C ILE D 270 2.66 -5.04 38.82
N GLY D 271 3.46 -5.99 39.28
CA GLY D 271 3.86 -6.15 40.68
C GLY D 271 5.35 -6.24 40.90
N GLU D 272 5.77 -6.26 42.19
CA GLU D 272 7.19 -6.35 42.55
C GLU D 272 7.80 -7.63 42.00
N SER D 273 6.97 -8.68 41.80
CA SER D 273 7.43 -9.94 41.24
C SER D 273 7.85 -9.78 39.78
N ASN D 274 7.17 -8.90 39.01
CA ASN D 274 7.45 -8.65 37.59
C ASN D 274 8.72 -7.79 37.40
N LEU D 275 9.13 -7.06 38.46
CA LEU D 275 10.29 -6.17 38.44
C LEU D 275 11.59 -6.95 38.61
N ASN D 276 12.66 -6.48 37.92
CA ASN D 276 14.03 -7.01 37.92
C ASN D 276 14.00 -8.48 37.53
N VAL D 277 13.14 -8.80 36.57
CA VAL D 277 12.98 -10.14 36.02
C VAL D 277 13.19 -10.01 34.52
N LEU D 278 14.04 -10.91 33.95
CA LEU D 278 14.33 -10.98 32.52
C LEU D 278 13.22 -11.69 31.83
N TYR D 279 12.48 -10.99 30.96
CA TYR D 279 11.46 -11.58 30.11
C TYR D 279 12.13 -11.69 28.74
N ASN D 280 12.29 -12.91 28.24
CA ASN D 280 13.04 -13.11 27.02
C ASN D 280 12.19 -13.39 25.81
N CYS D 281 12.61 -12.85 24.66
CA CYS D 281 11.99 -13.07 23.39
C CYS D 281 12.98 -13.76 22.53
N THR D 282 12.64 -14.94 21.99
CA THR D 282 13.58 -15.64 21.14
C THR D 282 12.98 -15.83 19.78
N VAL D 283 13.84 -15.81 18.77
CA VAL D 283 13.52 -16.13 17.40
C VAL D 283 14.28 -17.45 17.13
N ALA D 284 13.57 -18.48 16.69
CA ALA D 284 14.23 -19.75 16.48
C ALA D 284 14.02 -20.26 15.08
N SER D 285 15.10 -20.77 14.49
CA SER D 285 15.13 -21.28 13.14
C SER D 285 16.05 -22.49 13.02
N THR D 286 15.89 -23.23 11.91
CA THR D 286 16.78 -24.33 11.58
C THR D 286 18.15 -23.72 11.22
N GLY D 287 18.13 -22.42 10.88
CA GLY D 287 19.31 -21.61 10.56
C GLY D 287 19.90 -20.78 11.69
N GLY D 288 19.44 -21.04 12.92
CA GLY D 288 19.94 -20.37 14.13
C GLY D 288 18.90 -19.70 14.98
N THR D 289 19.28 -19.34 16.23
CA THR D 289 18.38 -18.65 17.18
C THR D 289 19.02 -17.35 17.65
N ASP D 290 18.21 -16.48 18.28
CA ASP D 290 18.63 -15.20 18.86
C ASP D 290 17.60 -14.79 19.88
N THR D 291 18.06 -14.37 21.05
CA THR D 291 17.21 -13.98 22.17
C THR D 291 17.53 -12.56 22.64
N LYS D 292 16.51 -11.79 23.01
CA LYS D 292 16.70 -10.48 23.59
C LYS D 292 15.93 -10.44 24.90
N SER D 293 16.38 -9.66 25.89
CA SER D 293 15.78 -9.62 27.22
C SER D 293 15.18 -8.29 27.56
N PHE D 294 14.11 -8.33 28.36
CA PHE D 294 13.40 -7.14 28.82
C PHE D 294 13.36 -7.13 30.33
N ILE D 295 13.71 -5.98 30.94
CA ILE D 295 13.72 -5.78 32.38
C ILE D 295 12.71 -4.72 32.69
N LEU D 296 11.79 -5.01 33.61
CA LEU D 296 10.82 -4.02 34.06
C LEU D 296 11.41 -3.25 35.26
N VAL D 297 11.34 -1.91 35.26
CA VAL D 297 11.89 -1.06 36.34
C VAL D 297 10.90 0.04 36.74
N ARG D 298 11.10 0.76 37.85
CA ARG D 298 10.14 1.83 38.17
C ARG D 298 10.81 3.25 38.29
N LYS D 299 12.11 3.29 38.77
CA LYS D 299 13.01 4.44 39.01
C LYS D 299 12.32 5.60 39.73
N TYR E 1 -11.27 11.64 -8.35
CA TYR E 1 -12.17 10.89 -7.48
C TYR E 1 -11.64 10.85 -6.05
N PHE E 2 -12.54 11.09 -5.07
CA PHE E 2 -12.23 11.03 -3.65
C PHE E 2 -13.14 10.03 -2.96
N GLY E 3 -12.57 9.23 -2.07
CA GLY E 3 -13.29 8.22 -1.31
C GLY E 3 -12.98 8.33 0.16
N LYS E 4 -14.02 8.54 1.00
CA LYS E 4 -13.86 8.73 2.44
C LYS E 4 -13.21 7.52 3.07
N LEU E 5 -12.12 7.77 3.83
CA LEU E 5 -11.38 6.72 4.49
C LEU E 5 -11.78 6.67 5.97
N GLU E 6 -11.34 7.64 6.77
CA GLU E 6 -11.58 7.62 8.21
C GLU E 6 -11.57 9.03 8.77
N SER E 7 -12.17 9.23 9.95
CA SER E 7 -12.25 10.54 10.58
C SER E 7 -11.58 10.54 11.95
N LYS E 8 -11.21 11.72 12.43
CA LYS E 8 -10.56 11.90 13.73
C LYS E 8 -11.03 13.21 14.36
N LEU E 9 -11.10 13.26 15.69
CA LEU E 9 -11.48 14.50 16.37
C LEU E 9 -10.24 15.33 16.57
N SER E 10 -10.28 16.60 16.16
CA SER E 10 -9.11 17.47 16.26
C SER E 10 -9.43 18.89 16.71
N VAL E 11 -8.43 19.58 17.28
CA VAL E 11 -8.52 20.98 17.67
C VAL E 11 -7.48 21.74 16.84
N ILE E 12 -8.00 22.58 15.93
CA ILE E 12 -7.21 23.41 15.01
C ILE E 12 -6.89 24.76 15.73
N ARG E 13 -5.62 25.11 15.69
CA ARG E 13 -5.10 26.31 16.30
C ARG E 13 -4.16 27.04 15.36
N ASN E 14 -4.23 28.39 15.35
CA ASN E 14 -3.32 29.17 14.54
C ASN E 14 -1.94 29.15 15.22
N LEU E 15 -0.95 29.82 14.62
CA LEU E 15 0.39 29.81 15.17
C LEU E 15 0.52 30.71 16.42
N ASN E 16 -0.57 31.34 16.84
CA ASN E 16 -0.65 32.14 18.05
C ASN E 16 -1.37 31.36 19.15
N ASP E 17 -1.58 30.06 18.90
CA ASP E 17 -2.27 29.13 19.80
C ASP E 17 -3.76 29.53 20.04
N GLN E 18 -4.38 30.19 19.04
CA GLN E 18 -5.79 30.61 19.16
C GLN E 18 -6.63 29.51 18.59
N VAL E 19 -7.55 28.99 19.39
CA VAL E 19 -8.44 27.86 19.04
C VAL E 19 -9.48 28.29 18.02
N LEU E 20 -9.54 27.55 16.90
CA LEU E 20 -10.55 27.73 15.85
C LEU E 20 -11.88 27.15 16.40
N PHE E 21 -12.98 27.88 16.20
CA PHE E 21 -14.29 27.49 16.68
C PHE E 21 -15.38 28.11 15.83
N ILE E 22 -16.54 27.45 15.74
CA ILE E 22 -17.64 28.04 15.03
C ILE E 22 -18.51 28.74 16.08
N ASP E 23 -18.69 30.06 15.95
CA ASP E 23 -19.45 30.87 16.91
C ASP E 23 -20.97 30.67 16.75
N GLN E 24 -21.77 31.42 17.55
CA GLN E 24 -23.24 31.38 17.56
C GLN E 24 -23.84 31.65 16.18
N GLY E 25 -23.15 32.48 15.39
CA GLY E 25 -23.52 32.84 14.03
C GLY E 25 -23.01 31.91 12.95
N ASN E 26 -22.49 30.73 13.35
CA ASN E 26 -21.93 29.66 12.49
C ASN E 26 -20.73 30.12 11.64
N ARG E 27 -20.00 31.15 12.12
CA ARG E 27 -18.84 31.64 11.40
C ARG E 27 -17.57 31.14 12.08
N PRO E 28 -16.58 30.68 11.27
CA PRO E 28 -15.35 30.14 11.87
C PRO E 28 -14.45 31.26 12.33
N LEU E 29 -14.11 31.23 13.63
CA LEU E 29 -13.28 32.23 14.28
C LEU E 29 -12.18 31.60 15.10
N PHE E 30 -11.18 32.40 15.48
CA PHE E 30 -10.06 31.99 16.33
C PHE E 30 -10.06 32.82 17.62
N GLU E 31 -9.83 32.16 18.76
CA GLU E 31 -9.76 32.86 20.04
C GLU E 31 -8.84 32.14 21.00
N ASP E 32 -8.12 32.93 21.85
CA ASP E 32 -7.24 32.41 22.90
C ASP E 32 -8.12 31.66 23.88
N MET E 33 -7.80 30.41 24.16
CA MET E 33 -8.62 29.63 25.08
C MET E 33 -7.79 28.78 26.02
N THR E 34 -8.12 28.80 27.33
CA THR E 34 -7.51 27.87 28.30
C THR E 34 -8.05 26.49 27.99
N ASP E 35 -7.40 25.43 28.49
CA ASP E 35 -7.87 24.07 28.27
C ASP E 35 -9.37 23.97 28.64
N SER E 36 -9.75 24.52 29.81
CA SER E 36 -11.11 24.56 30.35
C SER E 36 -12.06 25.24 29.38
N ASP E 37 -11.69 26.43 28.86
CA ASP E 37 -12.46 27.18 27.86
C ASP E 37 -12.69 26.36 26.60
N CYS E 38 -11.64 25.64 26.11
CA CYS E 38 -11.70 24.80 24.92
C CYS E 38 -12.71 23.65 25.15
N ARG E 39 -12.73 23.07 26.35
CA ARG E 39 -13.64 21.98 26.71
C ARG E 39 -15.07 22.49 26.88
N ASP E 40 -15.25 23.56 27.65
CA ASP E 40 -16.56 24.17 27.93
C ASP E 40 -17.21 24.73 26.67
N ASN E 41 -16.43 25.02 25.63
CA ASN E 41 -16.98 25.50 24.37
C ASN E 41 -17.17 24.34 23.37
N ALA E 42 -16.72 23.12 23.72
CA ALA E 42 -16.96 21.95 22.87
C ALA E 42 -18.49 21.75 22.78
N PRO E 43 -19.06 21.32 21.61
CA PRO E 43 -18.42 20.81 20.38
C PRO E 43 -17.95 21.90 19.40
N ARG E 44 -18.26 23.19 19.68
CA ARG E 44 -17.90 24.31 18.80
C ARG E 44 -16.39 24.36 18.50
N THR E 45 -15.55 23.82 19.39
CA THR E 45 -14.08 23.80 19.26
C THR E 45 -13.53 22.45 18.69
N ILE E 46 -14.37 21.39 18.67
CA ILE E 46 -13.97 20.06 18.19
C ILE E 46 -14.38 19.86 16.73
N PHE E 47 -13.35 19.63 15.88
CA PHE E 47 -13.49 19.41 14.45
C PHE E 47 -13.18 17.96 14.04
N ILE E 48 -14.01 17.44 13.12
CA ILE E 48 -13.92 16.11 12.57
C ILE E 48 -13.14 16.23 11.25
N ILE E 49 -11.85 15.91 11.28
CA ILE E 49 -11.02 15.90 10.08
C ILE E 49 -11.18 14.52 9.45
N SER E 50 -11.61 14.47 8.18
CA SER E 50 -11.88 13.20 7.50
C SER E 50 -10.93 13.01 6.32
N MET E 51 -10.17 11.88 6.33
CA MET E 51 -9.22 11.52 5.28
C MET E 51 -9.93 10.90 4.13
N TYR E 52 -9.44 11.19 2.93
CA TYR E 52 -10.00 10.71 1.68
C TYR E 52 -8.94 10.12 0.80
N LYS E 53 -9.32 9.14 0.01
CA LYS E 53 -8.39 8.62 -0.95
C LYS E 53 -8.54 9.47 -2.22
N ASP E 54 -7.42 9.77 -2.89
CA ASP E 54 -7.38 10.58 -4.11
C ASP E 54 -6.95 9.74 -5.28
N SER E 55 -7.64 9.86 -6.41
CA SER E 55 -7.27 9.13 -7.64
C SER E 55 -6.10 9.83 -8.33
N GLN E 56 -5.85 11.10 -7.95
CA GLN E 56 -4.75 11.96 -8.39
C GLN E 56 -4.06 12.42 -7.12
N PRO E 57 -3.23 11.57 -6.46
CA PRO E 57 -2.65 11.95 -5.15
C PRO E 57 -1.82 13.23 -5.17
N ARG E 58 -2.15 14.16 -4.26
CA ARG E 58 -1.43 15.42 -4.13
C ARG E 58 -1.58 15.92 -2.68
N GLY E 59 -0.89 15.22 -1.77
CA GLY E 59 -0.96 15.49 -0.34
C GLY E 59 -2.15 14.81 0.32
N MET E 60 -2.29 14.98 1.66
CA MET E 60 -3.37 14.39 2.43
C MET E 60 -4.70 15.09 2.16
N ALA E 61 -5.68 14.36 1.58
CA ALA E 61 -7.00 14.91 1.23
C ALA E 61 -7.92 14.86 2.39
N VAL E 62 -8.34 16.02 2.87
CA VAL E 62 -9.23 16.04 4.02
C VAL E 62 -10.44 17.02 3.87
N THR E 63 -11.47 16.81 4.73
CA THR E 63 -12.65 17.67 4.91
C THR E 63 -12.75 18.04 6.41
N ILE E 64 -12.89 19.33 6.73
CA ILE E 64 -13.02 19.78 8.11
C ILE E 64 -14.51 19.91 8.42
N SER E 65 -15.00 19.17 9.42
CA SER E 65 -16.41 19.17 9.80
C SER E 65 -16.59 19.51 11.27
N VAL E 66 -17.81 19.89 11.67
CA VAL E 66 -18.14 20.22 13.05
C VAL E 66 -19.53 19.61 13.40
N LYS E 67 -19.67 19.05 14.61
CA LYS E 67 -20.93 18.43 15.02
C LYS E 67 -21.64 19.23 16.13
N CYS E 68 -22.62 20.05 15.74
CA CYS E 68 -23.44 20.84 16.66
C CYS E 68 -24.85 20.26 16.69
N GLU E 69 -25.88 21.12 16.54
CA GLU E 69 -27.25 20.64 16.47
C GLU E 69 -27.43 19.90 15.14
N LYS E 70 -26.51 20.15 14.20
CA LYS E 70 -26.40 19.52 12.88
C LYS E 70 -24.90 19.44 12.51
N ILE E 71 -24.53 18.48 11.63
CA ILE E 71 -23.14 18.34 11.17
C ILE E 71 -22.94 19.29 9.98
N SER E 72 -21.95 20.20 10.08
CA SER E 72 -21.60 21.16 9.05
C SER E 72 -20.22 20.88 8.49
N THR E 73 -20.00 21.07 7.19
CA THR E 73 -18.71 20.85 6.57
C THR E 73 -18.19 22.19 6.01
N LEU E 74 -16.91 22.46 6.27
CA LEU E 74 -16.22 23.65 5.79
C LEU E 74 -16.10 23.61 4.27
N SER E 75 -16.58 24.68 3.61
CA SER E 75 -16.54 24.87 2.17
C SER E 75 -15.91 26.21 1.80
N CYS E 76 -15.17 26.24 0.69
CA CYS E 76 -14.53 27.46 0.22
C CYS E 76 -15.12 27.89 -1.14
N GLU E 77 -16.40 27.53 -1.36
CA GLU E 77 -17.16 27.87 -2.59
C GLU E 77 -17.09 29.37 -2.85
N ASN E 78 -16.71 29.75 -4.08
CA ASN E 78 -16.55 31.12 -4.59
C ASN E 78 -15.45 31.88 -3.83
N LYS E 79 -14.41 31.16 -3.35
CA LYS E 79 -13.28 31.69 -2.57
C LYS E 79 -13.76 32.34 -1.23
N ILE E 80 -15.00 32.01 -0.80
CA ILE E 80 -15.58 32.51 0.44
C ILE E 80 -15.85 31.30 1.36
N ILE E 81 -15.25 31.38 2.58
CA ILE E 81 -15.31 30.37 3.63
C ILE E 81 -16.68 30.39 4.28
N SER E 82 -17.27 29.20 4.43
CA SER E 82 -18.59 28.96 4.99
C SER E 82 -18.67 27.53 5.53
N PHE E 83 -19.63 27.31 6.44
CA PHE E 83 -19.89 25.99 7.01
C PHE E 83 -21.24 25.50 6.52
N LYS E 84 -21.22 24.74 5.41
CA LYS E 84 -22.40 24.18 4.77
C LYS E 84 -22.96 23.02 5.59
N GLU E 85 -24.27 23.03 5.85
CA GLU E 85 -24.97 21.98 6.58
C GLU E 85 -24.96 20.70 5.74
N MET E 86 -24.01 19.81 6.01
CA MET E 86 -23.84 18.54 5.32
C MET E 86 -22.76 17.67 5.99
N ASN E 87 -22.89 16.34 5.82
CA ASN E 87 -21.92 15.37 6.32
C ASN E 87 -20.81 15.20 5.28
N PRO E 88 -19.60 14.80 5.68
CA PRO E 88 -18.57 14.50 4.67
C PRO E 88 -19.04 13.33 3.81
N PRO E 89 -19.06 13.50 2.47
CA PRO E 89 -19.57 12.44 1.60
C PRO E 89 -18.71 11.18 1.56
N ASP E 90 -19.30 10.04 1.20
CA ASP E 90 -18.54 8.80 1.07
C ASP E 90 -17.63 8.89 -0.16
N ASN E 91 -18.15 9.47 -1.26
CA ASN E 91 -17.52 9.65 -2.57
C ASN E 91 -17.62 11.08 -3.07
N ILE E 92 -16.65 11.50 -3.88
CA ILE E 92 -16.62 12.77 -4.60
C ILE E 92 -16.16 12.38 -6.01
N LYS E 93 -17.02 12.62 -7.01
CA LYS E 93 -16.75 12.20 -8.38
C LYS E 93 -16.11 13.34 -9.21
N ASP E 94 -15.06 14.00 -8.62
CA ASP E 94 -14.29 15.05 -9.26
C ASP E 94 -12.86 15.03 -8.72
N THR E 95 -11.92 15.74 -9.37
CA THR E 95 -10.53 15.84 -8.90
C THR E 95 -10.37 17.12 -8.06
N LYS E 96 -11.37 18.02 -8.14
CA LYS E 96 -11.43 19.28 -7.40
C LYS E 96 -12.72 19.30 -6.55
N SER E 97 -12.69 20.00 -5.38
CA SER E 97 -13.85 20.12 -4.49
C SER E 97 -13.73 21.31 -3.55
N ASP E 98 -14.84 22.04 -3.39
CA ASP E 98 -14.93 23.18 -2.47
C ASP E 98 -14.79 22.71 -1.01
N ILE E 99 -14.95 21.40 -0.73
CA ILE E 99 -14.88 20.91 0.64
C ILE E 99 -13.59 20.09 0.89
N ILE E 100 -12.88 19.67 -0.18
CA ILE E 100 -11.61 18.92 -0.05
C ILE E 100 -10.43 19.89 0.00
N PHE E 101 -9.58 19.71 1.01
CA PHE E 101 -8.36 20.50 1.22
C PHE E 101 -7.17 19.57 1.32
N PHE E 102 -6.00 20.03 0.88
CA PHE E 102 -4.80 19.22 0.97
C PHE E 102 -3.99 19.63 2.19
N GLN E 103 -4.02 18.78 3.23
CA GLN E 103 -3.28 19.03 4.45
C GLN E 103 -1.82 18.65 4.20
N ARG E 104 -0.95 19.64 4.33
CA ARG E 104 0.47 19.48 4.11
C ARG E 104 1.23 20.12 5.23
N SER E 105 2.20 19.39 5.78
CA SER E 105 3.07 19.89 6.84
C SER E 105 4.00 20.92 6.18
N VAL E 106 4.44 21.96 6.91
CA VAL E 106 5.34 22.92 6.28
C VAL E 106 6.75 22.30 6.22
N PRO E 107 7.50 22.50 5.13
CA PRO E 107 8.86 21.92 5.06
C PRO E 107 9.73 22.39 6.23
N GLY E 108 10.25 21.41 6.96
CA GLY E 108 11.10 21.63 8.12
C GLY E 108 10.36 21.68 9.45
N HIS E 109 9.01 21.80 9.41
CA HIS E 109 8.17 21.89 10.61
C HIS E 109 7.03 20.95 10.46
N ASP E 110 7.27 19.69 10.80
CA ASP E 110 6.33 18.60 10.61
C ASP E 110 5.01 18.76 11.40
N ASN E 111 4.91 19.78 12.31
CA ASN E 111 3.70 20.02 13.12
C ASN E 111 2.87 21.16 12.57
N LYS E 112 3.53 22.09 11.85
CA LYS E 112 2.88 23.26 11.24
C LYS E 112 2.17 22.79 9.94
N MET E 113 0.84 22.91 9.93
CA MET E 113 -0.02 22.44 8.86
C MET E 113 -0.53 23.55 7.96
N GLN E 114 -0.70 23.25 6.67
CA GLN E 114 -1.29 24.16 5.70
C GLN E 114 -2.40 23.41 4.98
N PHE E 115 -3.48 24.10 4.59
CA PHE E 115 -4.61 23.46 3.92
C PHE E 115 -4.82 24.13 2.57
N GLU E 116 -4.40 23.48 1.48
CA GLU E 116 -4.56 24.06 0.14
C GLU E 116 -5.90 23.63 -0.44
N SER E 117 -6.62 24.52 -1.12
CA SER E 117 -7.92 24.17 -1.72
C SER E 117 -7.75 23.26 -2.94
N SER E 118 -8.60 22.22 -3.06
CA SER E 118 -8.50 21.33 -4.21
C SER E 118 -9.13 21.99 -5.45
N SER E 119 -10.09 22.94 -5.24
CA SER E 119 -10.77 23.65 -6.32
C SER E 119 -10.02 24.92 -6.72
N TYR E 120 -9.45 25.66 -5.74
CA TYR E 120 -8.70 26.87 -6.06
C TYR E 120 -7.23 26.64 -5.70
N GLU E 121 -6.41 26.26 -6.70
CA GLU E 121 -5.00 25.93 -6.53
C GLU E 121 -4.23 27.15 -6.07
N GLY E 122 -3.39 26.98 -5.05
CA GLY E 122 -2.59 28.06 -4.50
C GLY E 122 -3.34 28.96 -3.54
N TYR E 123 -4.55 28.53 -3.17
CA TYR E 123 -5.40 29.20 -2.19
C TYR E 123 -5.41 28.36 -0.94
N PHE E 124 -5.06 28.98 0.16
CA PHE E 124 -4.91 28.29 1.41
C PHE E 124 -5.82 28.82 2.51
N LEU E 125 -6.22 27.93 3.42
CA LEU E 125 -7.02 28.25 4.59
C LEU E 125 -6.16 29.16 5.46
N ALA E 126 -6.71 30.29 5.97
CA ALA E 126 -5.90 31.24 6.73
C ALA E 126 -6.65 31.99 7.83
N CYS E 127 -5.89 32.48 8.82
CA CYS E 127 -6.42 33.29 9.92
C CYS E 127 -6.11 34.76 9.60
N GLU E 128 -7.14 35.60 9.59
CA GLU E 128 -6.97 37.00 9.23
C GLU E 128 -7.80 37.87 10.18
N LYS E 129 -7.14 38.87 10.81
CA LYS E 129 -7.80 39.74 11.75
C LYS E 129 -8.68 40.72 10.97
N GLU E 130 -9.99 40.67 11.19
CA GLU E 130 -10.94 41.55 10.50
C GLU E 130 -11.81 42.23 11.54
N ARG E 131 -11.54 43.55 11.75
CA ARG E 131 -12.13 44.45 12.74
C ARG E 131 -11.67 44.00 14.13
N ASP E 132 -12.60 43.53 15.00
CA ASP E 132 -12.27 43.05 16.35
C ASP E 132 -12.29 41.50 16.42
N LEU E 133 -12.23 40.82 15.26
CA LEU E 133 -12.32 39.36 15.12
C LEU E 133 -11.14 38.72 14.40
N PHE E 134 -10.87 37.45 14.71
CA PHE E 134 -9.91 36.63 13.98
C PHE E 134 -10.73 35.65 13.18
N LYS E 135 -10.77 35.84 11.86
CA LYS E 135 -11.60 35.04 10.98
C LYS E 135 -10.84 33.97 10.19
N LEU E 136 -11.51 32.84 9.92
CA LEU E 136 -10.99 31.80 9.03
C LEU E 136 -11.41 32.20 7.61
N ILE E 137 -10.42 32.37 6.72
CA ILE E 137 -10.63 32.87 5.36
C ILE E 137 -9.80 32.07 4.37
N LEU E 138 -10.06 32.28 3.06
CA LEU E 138 -9.29 31.65 2.00
C LEU E 138 -8.44 32.73 1.42
N LYS E 139 -7.13 32.48 1.33
CA LYS E 139 -6.13 33.44 0.92
C LYS E 139 -5.14 32.85 -0.09
N LYS E 140 -4.68 33.67 -1.05
CA LYS E 140 -3.67 33.23 -2.03
C LYS E 140 -2.30 33.31 -1.38
N GLU E 141 -1.40 32.39 -1.73
CA GLU E 141 -0.06 32.48 -1.17
C GLU E 141 0.92 33.02 -2.22
N ASP E 142 1.65 34.07 -1.85
CA ASP E 142 2.67 34.74 -2.65
C ASP E 142 3.81 35.19 -1.71
N GLU E 143 3.53 35.23 -0.39
CA GLU E 143 4.49 35.56 0.65
C GLU E 143 5.04 34.24 1.17
N LEU E 144 6.34 33.96 0.93
CA LEU E 144 6.96 32.70 1.35
C LEU E 144 7.27 32.77 2.84
N GLY E 145 6.78 31.78 3.60
CA GLY E 145 6.97 31.71 5.04
C GLY E 145 5.82 32.30 5.85
N ASP E 146 4.71 32.61 5.16
CA ASP E 146 3.47 33.18 5.70
C ASP E 146 2.95 32.30 6.84
N ARG E 147 2.93 32.87 8.05
CA ARG E 147 2.48 32.21 9.28
CA ARG E 147 2.48 32.18 9.26
C ARG E 147 0.95 32.14 9.37
N SER E 148 0.23 33.01 8.62
CA SER E 148 -1.23 33.06 8.68
C SER E 148 -1.90 31.83 8.06
N ILE E 149 -1.23 31.17 7.09
CA ILE E 149 -1.76 29.97 6.43
C ILE E 149 -1.28 28.68 7.14
N MET E 150 -0.54 28.84 8.25
CA MET E 150 -0.03 27.72 9.04
C MET E 150 -0.88 27.49 10.28
N PHE E 151 -1.12 26.20 10.61
CA PHE E 151 -1.92 25.78 11.77
C PHE E 151 -1.34 24.55 12.48
N THR E 152 -1.94 24.19 13.62
CA THR E 152 -1.58 22.99 14.36
C THR E 152 -2.86 22.20 14.66
N VAL E 153 -2.83 20.86 14.41
CA VAL E 153 -4.02 20.04 14.69
C VAL E 153 -3.65 19.13 15.88
N GLN E 154 -4.46 19.18 16.94
CA GLN E 154 -4.32 18.44 18.19
C GLN E 154 -5.31 17.28 18.16
N ASN E 155 -4.83 16.06 18.36
CA ASN E 155 -5.72 14.90 18.30
C ASN E 155 -5.99 14.31 19.65
N GLU E 156 -7.14 13.64 19.75
CA GLU E 156 -7.61 12.97 20.96
C GLU E 156 -8.20 11.64 20.60
N ASP E 157 -9.31 11.65 19.82
CA ASP E 157 -10.12 10.51 19.36
C ASP E 157 -10.27 10.48 17.80
N GLY F 1 -4.93 51.65 20.86
CA GLY F 1 -4.85 50.21 20.68
C GLY F 1 -6.10 49.58 20.09
N PRO F 2 -5.99 48.65 19.09
CA PRO F 2 -7.21 48.08 18.46
C PRO F 2 -8.03 47.19 19.39
N GLU F 3 -7.42 46.10 19.92
CA GLU F 3 -7.97 45.09 20.85
C GLU F 3 -9.08 44.23 20.23
N SER F 4 -9.03 42.92 20.52
CA SER F 4 -9.92 41.85 20.02
C SER F 4 -11.14 41.65 20.91
N CYS F 5 -12.30 41.45 20.28
CA CYS F 5 -13.56 41.20 21.01
C CYS F 5 -13.56 39.77 21.59
N THR F 6 -14.36 39.53 22.66
CA THR F 6 -14.48 38.18 23.22
C THR F 6 -15.65 37.53 22.46
N SER F 7 -15.33 36.82 21.36
CA SER F 7 -16.29 36.21 20.45
C SER F 7 -16.76 34.84 20.88
N ARG F 8 -16.08 34.17 21.84
CA ARG F 8 -16.49 32.83 22.25
C ARG F 8 -17.70 32.85 23.20
N PRO F 9 -18.60 31.83 23.11
CA PRO F 9 -19.80 31.83 23.96
C PRO F 9 -19.54 31.53 25.44
N HIS F 10 -18.57 30.62 25.75
CA HIS F 10 -18.30 30.26 27.15
C HIS F 10 -16.93 30.81 27.62
N ILE F 11 -16.93 31.46 28.79
CA ILE F 11 -15.75 32.07 29.41
C ILE F 11 -15.53 31.55 30.83
N THR F 12 -14.28 31.16 31.13
CA THR F 12 -13.89 30.71 32.46
C THR F 12 -12.83 31.66 32.98
N VAL F 13 -13.06 32.25 34.16
CA VAL F 13 -12.15 33.19 34.85
C VAL F 13 -11.98 32.77 36.30
N VAL F 14 -10.86 33.14 36.92
CA VAL F 14 -10.57 32.88 38.34
C VAL F 14 -10.95 34.13 39.15
N GLU F 15 -11.58 33.93 40.33
CA GLU F 15 -12.00 34.99 41.23
C GLU F 15 -10.80 35.87 41.67
N GLY F 16 -11.05 37.15 41.87
CA GLY F 16 -10.03 38.11 42.31
C GLY F 16 -9.08 38.60 41.23
N GLU F 17 -9.43 38.33 39.98
CA GLU F 17 -8.63 38.73 38.83
C GLU F 17 -9.39 39.78 38.01
N PRO F 18 -8.76 40.90 37.60
CA PRO F 18 -9.49 41.86 36.74
C PRO F 18 -9.84 41.19 35.42
N PHE F 19 -11.15 41.19 35.09
CA PHE F 19 -11.65 40.57 33.88
C PHE F 19 -12.51 41.54 33.08
N TYR F 20 -12.67 41.30 31.77
CA TYR F 20 -13.48 42.12 30.89
C TYR F 20 -14.12 41.30 29.81
N LEU F 21 -15.27 41.76 29.30
CA LEU F 21 -16.00 41.20 28.18
C LEU F 21 -16.14 42.29 27.12
N LYS F 22 -15.50 42.13 25.94
CA LYS F 22 -15.63 43.12 24.87
C LYS F 22 -16.56 42.55 23.81
N HIS F 23 -17.66 43.28 23.48
CA HIS F 23 -18.61 42.84 22.45
C HIS F 23 -18.01 43.04 21.06
N CYS F 24 -18.53 42.29 20.09
CA CYS F 24 -17.99 42.25 18.74
C CYS F 24 -18.70 43.26 17.83
N SER F 25 -18.22 44.49 17.91
CA SER F 25 -18.63 45.70 17.20
C SER F 25 -18.13 46.90 17.99
N CYS F 26 -17.63 47.92 17.28
CA CYS F 26 -17.18 49.20 17.84
C CYS F 26 -17.30 50.25 16.73
N SER F 27 -18.16 51.28 16.94
CA SER F 27 -18.43 52.33 15.97
C SER F 27 -18.99 53.58 16.67
N THR F 36 -28.25 53.67 21.43
CA THR F 36 -28.16 53.33 22.85
C THR F 36 -27.76 51.85 23.03
N LYS F 37 -26.82 51.57 23.98
CA LYS F 37 -26.25 50.24 24.30
C LYS F 37 -26.52 49.82 25.75
N SER F 38 -26.83 48.52 25.97
CA SER F 38 -27.15 48.00 27.30
C SER F 38 -26.55 46.63 27.58
N TRP F 39 -26.20 46.38 28.85
CA TRP F 39 -25.63 45.13 29.38
C TRP F 39 -26.59 44.47 30.37
N TYR F 40 -26.76 43.14 30.31
CA TYR F 40 -27.67 42.37 31.17
C TYR F 40 -27.01 41.14 31.78
N LYS F 41 -27.44 40.74 33.00
CA LYS F 41 -26.95 39.54 33.70
C LYS F 41 -28.13 38.66 34.10
N SER F 42 -28.01 37.32 33.94
CA SER F 42 -29.10 36.40 34.31
C SER F 42 -28.62 34.99 34.67
N SER F 43 -28.83 34.58 35.96
CA SER F 43 -28.52 33.24 36.49
C SER F 43 -29.21 33.03 37.83
N GLY F 44 -30.03 31.98 37.90
CA GLY F 44 -30.84 31.60 39.05
C GLY F 44 -32.27 31.42 38.59
N SER F 45 -32.51 30.28 37.89
CA SER F 45 -33.76 29.82 37.21
C SER F 45 -33.92 30.53 35.82
N GLN F 46 -33.11 31.60 35.59
CA GLN F 46 -33.02 32.54 34.46
C GLN F 46 -34.04 33.70 34.66
N GLU F 47 -33.52 34.92 34.84
CA GLU F 47 -34.26 36.16 35.02
C GLU F 47 -33.34 37.34 34.65
N HIS F 48 -33.65 38.03 33.51
CA HIS F 48 -32.88 39.16 32.97
C HIS F 48 -32.87 40.37 33.92
N VAL F 49 -31.68 41.00 34.08
CA VAL F 49 -31.43 42.17 34.95
C VAL F 49 -30.48 43.11 34.20
N GLU F 50 -30.84 44.40 34.05
CA GLU F 50 -29.96 45.35 33.36
C GLU F 50 -28.89 45.83 34.32
N LEU F 51 -27.63 45.77 33.87
CA LEU F 51 -26.51 46.23 34.67
C LEU F 51 -26.47 47.72 34.65
N ASN F 52 -26.32 48.28 35.87
CA ASN F 52 -26.26 49.70 36.25
C ASN F 52 -25.04 49.94 37.17
N PRO F 53 -24.48 51.17 37.23
CA PRO F 53 -23.32 51.39 38.11
C PRO F 53 -23.76 51.73 39.54
N SER F 57 -20.59 47.61 41.58
CA SER F 57 -19.54 48.45 42.20
C SER F 57 -18.17 48.17 41.53
N ARG F 58 -17.83 46.88 41.37
CA ARG F 58 -16.58 46.47 40.71
C ARG F 58 -16.81 46.40 39.21
N ILE F 59 -18.08 46.51 38.80
CA ILE F 59 -18.45 46.41 37.40
C ILE F 59 -18.46 47.81 36.77
N ALA F 60 -17.52 48.05 35.83
CA ALA F 60 -17.39 49.28 35.05
C ALA F 60 -17.99 49.02 33.65
N LEU F 61 -19.24 49.49 33.44
CA LEU F 61 -19.99 49.29 32.19
C LEU F 61 -19.65 50.42 31.21
N HIS F 62 -18.38 50.42 30.77
CA HIS F 62 -17.74 51.32 29.82
C HIS F 62 -18.25 50.97 28.37
N ASP F 63 -17.86 51.78 27.36
CA ASP F 63 -18.26 51.59 25.96
C ASP F 63 -17.41 50.50 25.31
N CYS F 64 -18.08 49.54 24.61
CA CYS F 64 -17.54 48.34 23.94
C CYS F 64 -17.20 47.23 24.95
N VAL F 65 -16.78 47.57 26.18
CA VAL F 65 -16.37 46.58 27.19
C VAL F 65 -17.23 46.63 28.48
N LEU F 66 -17.24 45.50 29.20
CA LEU F 66 -17.84 45.38 30.53
C LEU F 66 -16.72 44.91 31.43
N GLU F 67 -16.13 45.85 32.17
CA GLU F 67 -14.99 45.57 33.04
C GLU F 67 -15.42 45.09 34.42
N PHE F 68 -14.63 44.17 35.01
CA PHE F 68 -14.78 43.60 36.35
C PHE F 68 -13.50 43.92 37.10
N TRP F 69 -13.63 44.57 38.26
CA TRP F 69 -12.49 45.00 39.06
C TRP F 69 -12.58 44.59 40.54
N PRO F 70 -12.27 43.33 40.91
CA PRO F 70 -11.94 42.18 40.06
C PRO F 70 -13.20 41.35 39.82
N VAL F 71 -13.05 40.23 39.14
CA VAL F 71 -14.22 39.36 38.96
C VAL F 71 -14.27 38.49 40.21
N GLU F 72 -15.48 38.28 40.79
CA GLU F 72 -15.66 37.43 41.97
C GLU F 72 -16.70 36.34 41.68
N LEU F 73 -16.72 35.27 42.48
CA LEU F 73 -17.57 34.08 42.28
C LEU F 73 -19.07 34.38 42.06
N ASN F 74 -19.61 35.41 42.74
CA ASN F 74 -21.01 35.84 42.61
C ASN F 74 -21.31 36.36 41.19
N ASP F 75 -20.27 36.63 40.37
CA ASP F 75 -20.40 37.14 39.01
C ASP F 75 -20.71 36.06 38.00
N THR F 76 -20.56 34.77 38.40
CA THR F 76 -20.84 33.64 37.52
C THR F 76 -22.32 33.75 37.05
N GLY F 77 -22.51 33.65 35.73
CA GLY F 77 -23.83 33.77 35.13
C GLY F 77 -23.82 34.08 33.66
N SER F 78 -25.01 34.24 33.07
CA SER F 78 -25.15 34.55 31.65
C SER F 78 -25.24 36.05 31.46
N TYR F 79 -24.45 36.58 30.53
CA TYR F 79 -24.36 38.01 30.24
C TYR F 79 -24.82 38.29 28.82
N PHE F 80 -25.59 39.37 28.62
CA PHE F 80 -26.10 39.75 27.30
C PHE F 80 -25.89 41.23 27.03
N PHE F 81 -25.52 41.54 25.79
CA PHE F 81 -25.33 42.90 25.32
C PHE F 81 -26.32 43.17 24.20
N GLN F 82 -27.08 44.28 24.32
CA GLN F 82 -28.11 44.62 23.35
C GLN F 82 -27.92 46.02 22.74
N MET F 83 -28.23 46.10 21.43
CA MET F 83 -28.21 47.26 20.55
C MET F 83 -29.36 47.14 19.56
N LYS F 84 -29.76 48.26 18.94
CA LYS F 84 -30.87 48.34 17.96
C LYS F 84 -30.84 47.19 16.93
N ASN F 85 -29.66 46.87 16.38
CA ASN F 85 -29.57 45.78 15.41
C ASN F 85 -28.45 44.77 15.76
N TYR F 86 -27.98 44.76 17.03
CA TYR F 86 -26.92 43.86 17.48
C TYR F 86 -27.20 43.27 18.86
N THR F 87 -26.91 41.96 19.02
CA THR F 87 -27.08 41.21 20.25
C THR F 87 -25.93 40.20 20.42
N GLN F 88 -25.43 40.05 21.67
CA GLN F 88 -24.36 39.12 22.02
C GLN F 88 -24.57 38.54 23.42
N LYS F 89 -24.31 37.23 23.57
CA LYS F 89 -24.43 36.51 24.83
C LYS F 89 -23.12 35.80 25.21
N TRP F 90 -22.83 35.75 26.53
CA TRP F 90 -21.68 35.05 27.11
C TRP F 90 -22.12 34.26 28.34
N LYS F 91 -21.59 33.04 28.51
CA LYS F 91 -21.86 32.24 29.69
C LYS F 91 -20.60 32.31 30.56
N LEU F 92 -20.62 33.18 31.56
CA LEU F 92 -19.48 33.39 32.44
C LEU F 92 -19.43 32.37 33.56
N ASN F 93 -18.28 31.74 33.74
CA ASN F 93 -18.04 30.76 34.78
C ASN F 93 -16.82 31.18 35.61
N VAL F 94 -17.07 31.81 36.75
CA VAL F 94 -16.03 32.27 37.67
C VAL F 94 -15.67 31.07 38.56
N ILE F 95 -14.41 30.63 38.52
CA ILE F 95 -13.93 29.49 39.32
C ILE F 95 -13.09 29.98 40.51
N ARG F 96 -13.10 29.19 41.60
CA ARG F 96 -12.39 29.50 42.86
C ARG F 96 -10.87 29.50 42.67
N ARG F 97 -10.20 30.47 43.33
CA ARG F 97 -8.75 30.65 43.29
C ARG F 97 -8.06 29.63 44.21
N ASN F 98 -7.00 29.00 43.70
CA ASN F 98 -6.16 28.08 44.47
C ASN F 98 -5.21 28.97 45.26
N LYS F 99 -5.61 29.30 46.49
CA LYS F 99 -4.87 30.20 47.37
C LYS F 99 -3.64 29.52 47.99
N HIS F 100 -3.43 28.24 47.70
CA HIS F 100 -2.28 27.50 48.20
C HIS F 100 -1.11 27.47 47.17
N SER F 101 -1.44 27.59 45.86
CA SER F 101 -0.47 27.71 44.79
C SER F 101 -0.33 29.17 44.40
N CYS F 102 0.31 29.43 43.26
CA CYS F 102 0.48 30.76 42.68
C CYS F 102 -0.43 30.88 41.45
N PHE F 103 -1.19 29.79 41.15
CA PHE F 103 -2.11 29.68 40.01
C PHE F 103 -3.13 28.55 40.22
N THR F 104 -4.32 28.71 39.64
CA THR F 104 -5.37 27.70 39.72
C THR F 104 -5.19 26.74 38.55
N GLU F 105 -5.14 25.42 38.85
CA GLU F 105 -4.96 24.33 37.89
C GLU F 105 -5.98 24.39 36.75
N ARG F 106 -7.25 24.73 37.04
CA ARG F 106 -8.29 24.75 36.01
C ARG F 106 -8.11 25.85 34.95
N GLN F 107 -7.57 27.04 35.32
CA GLN F 107 -7.33 28.09 34.32
C GLN F 107 -5.86 28.01 33.82
N VAL F 108 -5.56 26.90 33.11
CA VAL F 108 -4.25 26.53 32.55
C VAL F 108 -4.43 26.20 31.04
N THR F 109 -3.39 26.54 30.21
CA THR F 109 -3.34 26.30 28.77
C THR F 109 -2.18 25.36 28.54
N SER F 110 -2.48 24.09 28.21
CA SER F 110 -1.44 23.10 27.98
C SER F 110 -0.80 23.23 26.61
N LYS F 111 0.48 22.87 26.52
CA LYS F 111 1.25 22.88 25.27
C LYS F 111 2.22 21.69 25.31
N ILE F 112 2.23 20.88 24.24
CA ILE F 112 3.14 19.74 24.15
C ILE F 112 4.29 20.15 23.23
N VAL F 113 5.51 20.08 23.74
CA VAL F 113 6.69 20.47 22.97
C VAL F 113 7.61 19.27 22.82
N GLU F 114 8.14 19.06 21.62
CA GLU F 114 9.07 17.97 21.37
C GLU F 114 10.49 18.36 21.81
N VAL F 115 11.28 17.41 22.35
CA VAL F 115 12.68 17.65 22.74
C VAL F 115 13.51 18.21 21.61
N LYS F 116 14.43 19.10 21.98
CA LYS F 116 15.40 19.77 21.11
C LYS F 116 14.71 20.75 20.14
N LYS F 117 13.36 20.78 20.09
CA LYS F 117 12.63 21.72 19.23
C LYS F 117 12.44 23.06 19.97
N PHE F 118 12.25 24.16 19.21
CA PHE F 118 12.06 25.50 19.77
C PHE F 118 10.93 25.56 20.77
N PHE F 119 11.14 26.33 21.85
CA PHE F 119 10.17 26.47 22.94
C PHE F 119 10.23 27.93 23.46
N GLN F 120 9.08 28.62 23.36
CA GLN F 120 8.94 30.04 23.72
C GLN F 120 7.85 30.24 24.75
N ILE F 121 8.07 31.19 25.68
CA ILE F 121 7.11 31.65 26.66
C ILE F 121 7.29 33.13 26.77
N THR F 122 6.25 33.89 26.43
CA THR F 122 6.29 35.35 26.48
C THR F 122 5.11 35.84 27.31
N CYS F 123 5.40 36.71 28.29
CA CYS F 123 4.34 37.27 29.10
C CYS F 123 3.89 38.55 28.48
N GLU F 124 2.64 38.57 28.00
CA GLU F 124 2.05 39.76 27.39
C GLU F 124 0.56 39.82 27.67
N ASN F 125 0.06 41.05 27.85
CA ASN F 125 -1.35 41.34 28.09
C ASN F 125 -1.64 42.68 27.47
N SER F 126 -2.02 42.65 26.19
CA SER F 126 -2.37 43.78 25.35
C SER F 126 -3.35 44.77 26.02
N TYR F 127 -4.48 44.28 26.58
CA TYR F 127 -5.54 45.09 27.20
C TYR F 127 -5.09 45.95 28.41
N TYR F 128 -4.53 45.30 29.44
CA TYR F 128 -4.17 45.95 30.69
C TYR F 128 -2.74 46.53 30.77
N GLN F 129 -1.91 46.39 29.70
CA GLN F 129 -0.49 46.81 29.69
C GLN F 129 -0.27 48.26 30.16
N THR F 130 -1.27 49.15 29.97
CA THR F 130 -1.23 50.54 30.42
C THR F 130 -1.22 50.65 31.95
N LEU F 131 -1.85 49.68 32.62
CA LEU F 131 -1.98 49.61 34.08
C LEU F 131 -0.95 48.69 34.71
N VAL F 132 -0.24 47.87 33.93
CA VAL F 132 0.74 46.92 34.45
C VAL F 132 2.02 47.61 34.90
N ASN F 133 2.32 47.53 36.21
CA ASN F 133 3.51 48.07 36.88
C ASN F 133 4.70 47.17 36.59
N SER F 134 4.50 45.86 36.81
CA SER F 134 5.50 44.82 36.61
C SER F 134 4.82 43.52 36.26
N THR F 135 5.54 42.63 35.56
CA THR F 135 5.08 41.29 35.21
C THR F 135 6.25 40.35 35.48
N SER F 136 5.96 39.24 36.17
CA SER F 136 6.96 38.23 36.54
C SER F 136 6.59 36.87 35.97
N LEU F 137 7.60 36.03 35.68
CA LEU F 137 7.36 34.69 35.15
C LEU F 137 7.90 33.66 36.14
N TYR F 138 7.02 32.71 36.53
CA TYR F 138 7.36 31.67 37.48
C TYR F 138 7.30 30.30 36.84
N LYS F 139 8.21 29.40 37.21
CA LYS F 139 8.17 28.00 36.78
C LYS F 139 7.96 27.21 38.04
N ASN F 140 6.73 26.64 38.18
CA ASN F 140 6.31 25.85 39.33
C ASN F 140 6.45 26.70 40.59
N CYS F 141 5.88 27.91 40.51
CA CYS F 141 5.82 28.94 41.55
C CYS F 141 7.20 29.35 42.07
N LYS F 142 8.20 29.38 41.19
CA LYS F 142 9.55 29.81 41.50
C LYS F 142 9.90 30.89 40.50
N LYS F 143 10.05 32.15 40.98
CA LYS F 143 10.31 33.30 40.11
C LYS F 143 11.60 33.09 39.31
N LEU F 144 11.47 33.16 37.99
CA LEU F 144 12.59 33.02 37.06
C LEU F 144 13.23 34.37 36.86
N LEU F 145 14.56 34.44 36.93
CA LEU F 145 15.26 35.71 36.74
C LEU F 145 15.67 35.87 35.29
N LEU F 146 14.82 36.58 34.55
CA LEU F 146 14.98 36.84 33.12
C LEU F 146 15.21 38.31 32.87
N GLU F 147 15.54 38.63 31.61
CA GLU F 147 15.82 39.95 31.02
C GLU F 147 15.16 41.14 31.72
N ASN F 148 13.82 41.26 31.62
CA ASN F 148 13.09 42.40 32.14
C ASN F 148 11.99 42.02 33.12
N ASN F 149 11.10 42.98 33.35
CA ASN F 149 9.92 42.93 34.20
C ASN F 149 8.69 43.40 33.38
N LYS F 150 8.89 43.74 32.08
CA LYS F 150 7.82 44.17 31.19
C LYS F 150 7.28 42.94 30.43
N ASN F 151 8.16 42.17 29.80
CA ASN F 151 7.73 40.97 29.07
C ASN F 151 8.76 39.83 29.27
N PRO F 152 8.90 39.24 30.50
CA PRO F 152 9.88 38.16 30.68
C PRO F 152 9.65 37.06 29.67
N THR F 153 10.68 36.67 28.93
CA THR F 153 10.53 35.69 27.86
C THR F 153 11.57 34.59 27.98
N ILE F 154 11.19 33.37 27.62
CA ILE F 154 12.06 32.22 27.51
C ILE F 154 12.07 31.84 26.03
N LYS F 155 13.25 31.79 25.40
CA LYS F 155 13.38 31.37 24.01
C LYS F 155 14.55 30.41 23.95
N LYS F 156 14.26 29.11 23.89
CA LYS F 156 15.29 28.06 23.91
C LYS F 156 14.84 26.77 23.23
N ASN F 157 15.80 25.87 22.94
CA ASN F 157 15.49 24.55 22.38
C ASN F 157 15.11 23.67 23.56
N ALA F 158 13.91 23.06 23.49
CA ALA F 158 13.34 22.27 24.59
C ALA F 158 14.24 21.14 25.08
N GLU F 159 14.22 20.92 26.40
CA GLU F 159 14.89 19.84 27.12
C GLU F 159 13.85 19.23 28.05
N PHE F 160 13.96 17.94 28.38
CA PHE F 160 12.95 17.31 29.26
C PHE F 160 12.78 18.03 30.59
N GLU F 161 13.84 18.68 31.09
CA GLU F 161 13.87 19.43 32.35
C GLU F 161 13.02 20.69 32.28
N ASP F 162 12.73 21.20 31.06
CA ASP F 162 11.89 22.38 30.83
C ASP F 162 10.40 22.11 31.14
N GLN F 163 10.00 20.84 31.32
CA GLN F 163 8.63 20.44 31.68
C GLN F 163 8.24 21.15 32.97
N GLY F 164 7.02 21.67 33.00
CA GLY F 164 6.53 22.38 34.18
C GLY F 164 5.47 23.42 33.88
N TYR F 165 4.97 24.06 34.95
CA TYR F 165 3.92 25.06 34.89
C TYR F 165 4.51 26.46 34.93
N TYR F 166 4.44 27.16 33.80
CA TYR F 166 4.95 28.51 33.65
C TYR F 166 3.83 29.52 33.79
N SER F 167 3.83 30.30 34.87
CA SER F 167 2.79 31.29 35.15
C SER F 167 3.30 32.76 34.96
N CYS F 168 2.64 33.48 34.05
CA CYS F 168 2.89 34.89 33.76
C CYS F 168 2.03 35.66 34.72
N VAL F 169 2.63 36.42 35.64
CA VAL F 169 1.84 37.21 36.60
C VAL F 169 2.03 38.68 36.31
N HIS F 170 0.98 39.34 35.78
CA HIS F 170 0.97 40.76 35.42
C HIS F 170 0.41 41.58 36.58
N PHE F 171 1.29 42.28 37.32
CA PHE F 171 0.89 43.11 38.47
C PHE F 171 0.50 44.50 38.01
N LEU F 172 -0.72 44.91 38.35
CA LEU F 172 -1.24 46.20 37.95
C LEU F 172 -2.05 46.87 39.04
N HIS F 173 -2.20 48.19 38.93
CA HIS F 173 -3.04 48.93 39.84
C HIS F 173 -4.04 49.72 39.02
N HIS F 174 -5.35 49.60 39.37
CA HIS F 174 -6.43 50.27 38.67
C HIS F 174 -6.70 51.63 39.30
N ASN F 175 -7.22 51.64 40.53
CA ASN F 175 -7.37 52.92 41.23
C ASN F 175 -6.14 53.01 42.12
N GLY F 176 -6.36 52.86 43.42
CA GLY F 176 -5.30 52.75 44.39
C GLY F 176 -5.08 51.30 44.77
N LYS F 177 -5.86 50.36 44.19
CA LYS F 177 -5.77 48.94 44.52
C LYS F 177 -4.85 48.22 43.56
N LEU F 178 -4.04 47.27 44.10
CA LEU F 178 -3.15 46.38 43.35
C LEU F 178 -3.89 45.07 43.03
N PHE F 179 -3.67 44.56 41.80
CA PHE F 179 -4.22 43.32 41.26
C PHE F 179 -3.21 42.63 40.38
N ASN F 180 -3.53 41.41 39.96
CA ASN F 180 -2.68 40.68 39.02
C ASN F 180 -3.52 39.81 38.10
N ILE F 181 -2.94 39.53 36.94
CA ILE F 181 -3.53 38.67 35.92
C ILE F 181 -2.51 37.54 35.72
N THR F 182 -2.80 36.37 36.32
CA THR F 182 -1.95 35.18 36.23
C THR F 182 -2.40 34.36 35.05
N LYS F 183 -1.46 33.98 34.17
CA LYS F 183 -1.72 33.15 32.99
C LYS F 183 -0.72 32.00 32.97
N THR F 184 -1.20 30.79 33.23
CA THR F 184 -0.32 29.64 33.35
C THR F 184 -0.36 28.72 32.13
N PHE F 185 0.83 28.26 31.73
CA PHE F 185 1.09 27.37 30.60
C PHE F 185 1.62 26.04 31.11
N ASN F 186 0.88 24.95 30.82
CA ASN F 186 1.27 23.62 31.24
C ASN F 186 2.13 22.98 30.15
N ILE F 187 3.47 23.10 30.27
CA ILE F 187 4.40 22.58 29.29
C ILE F 187 4.78 21.14 29.64
N THR F 188 4.67 20.28 28.62
CA THR F 188 4.96 18.86 28.62
C THR F 188 5.96 18.60 27.50
N ILE F 189 7.17 18.16 27.85
CA ILE F 189 8.24 17.83 26.91
C ILE F 189 8.14 16.34 26.60
N VAL F 190 8.02 16.03 25.32
CA VAL F 190 7.86 14.66 24.81
C VAL F 190 9.00 14.31 23.87
N GLU F 191 9.20 13.01 23.63
CA GLU F 191 10.23 12.50 22.72
C GLU F 191 9.96 12.97 21.28
N ASP F 192 11.04 13.22 20.51
CA ASP F 192 10.94 13.71 19.14
C ASP F 192 10.26 12.68 18.27
N ARG F 193 9.09 13.04 17.71
CA ARG F 193 8.29 12.16 16.86
C ARG F 193 9.05 11.79 15.58
N SER F 194 10.05 12.64 15.19
CA SER F 194 10.99 12.51 14.05
C SER F 194 10.30 11.93 12.83
N ASN F 195 9.28 12.62 12.27
CA ASN F 195 8.51 12.06 11.15
C ASN F 195 9.35 11.82 9.90
N ILE F 196 9.11 10.67 9.28
CA ILE F 196 9.80 10.20 8.07
C ILE F 196 8.95 10.49 6.84
N VAL F 197 9.59 10.46 5.67
CA VAL F 197 8.87 10.59 4.41
C VAL F 197 8.30 9.18 4.11
N PRO F 198 6.98 9.01 4.00
CA PRO F 198 6.46 7.67 3.75
C PRO F 198 7.03 7.09 2.48
N VAL F 199 7.47 5.83 2.56
CA VAL F 199 8.07 5.16 1.41
C VAL F 199 7.38 3.84 1.16
N LEU F 200 6.90 3.65 -0.08
CA LEU F 200 6.33 2.38 -0.47
C LEU F 200 7.47 1.41 -0.75
N LEU F 201 7.41 0.24 -0.14
CA LEU F 201 8.43 -0.77 -0.35
C LEU F 201 8.15 -1.50 -1.68
N GLY F 202 9.22 -1.82 -2.40
CA GLY F 202 9.16 -2.53 -3.68
C GLY F 202 9.16 -1.66 -4.91
N PRO F 203 9.25 -2.26 -6.14
CA PRO F 203 9.26 -1.43 -7.38
C PRO F 203 7.95 -0.68 -7.68
N LYS F 204 8.06 0.52 -8.31
CA LYS F 204 6.96 1.42 -8.70
C LYS F 204 5.99 0.76 -9.69
N LEU F 205 6.51 -0.05 -10.62
CA LEU F 205 5.68 -0.73 -11.59
C LEU F 205 5.86 -2.22 -11.45
N ASN F 206 4.74 -2.93 -11.23
CA ASN F 206 4.75 -4.36 -10.97
C ASN F 206 3.85 -5.06 -11.93
N HIS F 207 4.38 -6.10 -12.59
CA HIS F 207 3.63 -6.95 -13.50
C HIS F 207 3.45 -8.26 -12.80
N VAL F 208 2.22 -8.70 -12.63
CA VAL F 208 1.95 -9.96 -11.93
C VAL F 208 1.14 -10.85 -12.86
N ALA F 209 1.73 -12.01 -13.20
CA ALA F 209 1.12 -13.01 -14.06
C ALA F 209 -0.01 -13.71 -13.32
N VAL F 210 -1.19 -13.72 -13.95
CA VAL F 210 -2.41 -14.32 -13.41
C VAL F 210 -3.05 -15.22 -14.46
N GLU F 211 -4.07 -15.99 -14.06
CA GLU F 211 -4.82 -16.85 -14.99
C GLU F 211 -6.31 -16.60 -14.78
N LEU F 212 -7.03 -16.34 -15.88
CA LEU F 212 -8.47 -16.03 -15.92
C LEU F 212 -9.29 -17.04 -15.14
N GLY F 213 -10.21 -16.54 -14.34
CA GLY F 213 -11.08 -17.37 -13.52
C GLY F 213 -10.55 -17.60 -12.13
N LYS F 214 -9.22 -17.47 -11.96
CA LYS F 214 -8.55 -17.64 -10.68
C LYS F 214 -8.55 -16.31 -9.89
N ASN F 215 -7.91 -16.28 -8.71
CA ASN F 215 -7.84 -15.12 -7.84
C ASN F 215 -6.38 -14.64 -7.65
N VAL F 216 -6.18 -13.40 -7.18
CA VAL F 216 -4.84 -12.87 -6.94
C VAL F 216 -4.87 -11.92 -5.75
N ARG F 217 -3.81 -11.96 -4.91
CA ARG F 217 -3.69 -11.07 -3.77
C ARG F 217 -2.46 -10.18 -3.98
N LEU F 218 -2.72 -8.93 -4.40
CA LEU F 218 -1.74 -7.89 -4.68
C LEU F 218 -1.32 -7.28 -3.34
N ASN F 219 -0.11 -7.61 -2.88
CA ASN F 219 0.42 -7.14 -1.60
C ASN F 219 1.06 -5.77 -1.74
N CYS F 220 0.69 -4.83 -0.87
CA CYS F 220 1.30 -3.50 -0.86
C CYS F 220 1.77 -3.17 0.56
N SER F 221 3.04 -2.77 0.71
CA SER F 221 3.59 -2.47 2.03
C SER F 221 4.42 -1.22 1.98
N ALA F 222 4.46 -0.51 3.10
CA ALA F 222 5.16 0.74 3.19
C ALA F 222 5.74 0.93 4.54
N LEU F 223 6.65 1.89 4.63
CA LEU F 223 7.26 2.34 5.88
C LEU F 223 6.72 3.73 6.10
N LEU F 224 5.88 3.90 7.11
CA LEU F 224 5.22 5.18 7.29
C LEU F 224 5.08 5.58 8.76
N ASN F 225 4.54 6.80 8.98
CA ASN F 225 4.28 7.40 10.28
C ASN F 225 2.90 6.99 10.80
N GLU F 226 2.72 7.00 12.12
CA GLU F 226 1.51 6.59 12.82
C GLU F 226 0.22 7.12 12.21
N GLU F 227 0.22 8.37 11.74
CA GLU F 227 -0.99 9.02 11.23
C GLU F 227 -1.12 8.96 9.69
N ASP F 228 -0.30 8.16 9.02
CA ASP F 228 -0.35 8.07 7.56
C ASP F 228 -1.35 6.99 7.12
N VAL F 229 -1.84 7.13 5.88
CA VAL F 229 -2.81 6.18 5.32
C VAL F 229 -2.17 5.43 4.14
N ILE F 230 -2.61 4.18 3.97
CA ILE F 230 -2.21 3.36 2.84
C ILE F 230 -3.54 2.88 2.22
N TYR F 231 -3.73 3.15 0.91
CA TYR F 231 -4.97 2.73 0.25
C TYR F 231 -4.74 2.31 -1.19
N TRP F 232 -5.74 1.63 -1.75
CA TRP F 232 -5.75 1.15 -3.12
C TRP F 232 -6.75 1.92 -3.98
N MET F 233 -6.42 2.11 -5.26
CA MET F 233 -7.30 2.70 -6.26
C MET F 233 -7.56 1.62 -7.28
N PHE F 234 -8.80 1.14 -7.33
CA PHE F 234 -9.15 0.04 -8.23
C PHE F 234 -10.47 0.32 -9.01
N GLY F 235 -10.74 1.58 -9.25
CA GLY F 235 -11.89 2.01 -10.05
C GLY F 235 -13.24 2.11 -9.37
N GLU F 236 -13.29 2.62 -8.12
CA GLU F 236 -14.55 2.79 -7.36
C GLU F 236 -15.35 4.03 -7.78
N GLU F 237 -15.02 4.68 -8.95
CA GLU F 237 -15.62 5.92 -9.49
C GLU F 237 -17.15 5.94 -9.38
N ASN F 238 -17.81 4.97 -10.02
CA ASN F 238 -19.26 4.76 -9.97
C ASN F 238 -19.44 3.27 -9.65
N GLY F 239 -18.66 2.84 -8.67
CA GLY F 239 -18.60 1.46 -8.23
C GLY F 239 -17.48 0.72 -8.95
N SER F 240 -16.87 -0.22 -8.25
CA SER F 240 -15.77 -1.02 -8.75
C SER F 240 -16.24 -2.41 -9.16
N ASP F 241 -15.31 -3.26 -9.63
CA ASP F 241 -15.56 -4.68 -9.97
C ASP F 241 -15.95 -5.36 -8.67
N PRO F 242 -17.11 -6.04 -8.60
CA PRO F 242 -17.56 -6.61 -7.31
C PRO F 242 -16.66 -7.73 -6.82
N ASN F 243 -15.72 -8.19 -7.66
CA ASN F 243 -14.80 -9.24 -7.32
C ASN F 243 -13.50 -8.68 -6.72
N ILE F 244 -13.34 -7.35 -6.70
CA ILE F 244 -12.13 -6.72 -6.13
C ILE F 244 -12.42 -6.32 -4.69
N HIS F 245 -11.58 -6.80 -3.74
CA HIS F 245 -11.74 -6.53 -2.30
C HIS F 245 -10.48 -6.01 -1.69
N GLU F 246 -10.59 -4.85 -1.04
CA GLU F 246 -9.49 -4.17 -0.33
C GLU F 246 -9.44 -4.80 1.08
N GLU F 247 -8.36 -5.54 1.40
CA GLU F 247 -8.28 -6.22 2.70
C GLU F 247 -7.88 -5.26 3.85
N LYS F 248 -8.01 -5.76 5.12
CA LYS F 248 -7.72 -5.03 6.37
C LYS F 248 -6.24 -4.70 6.47
N GLU F 249 -5.95 -3.50 6.93
CA GLU F 249 -4.58 -3.00 7.10
C GLU F 249 -3.88 -3.78 8.22
N MET F 250 -2.56 -3.87 8.13
CA MET F 250 -1.70 -4.55 9.09
C MET F 250 -0.54 -3.64 9.39
N ARG F 251 -0.25 -3.40 10.65
CA ARG F 251 0.87 -2.53 10.99
C ARG F 251 1.73 -3.15 12.08
N ILE F 252 3.06 -3.09 11.90
CA ILE F 252 4.04 -3.55 12.89
C ILE F 252 4.94 -2.39 13.15
N MET F 253 5.08 -2.00 14.43
CA MET F 253 5.94 -0.90 14.80
C MET F 253 7.42 -1.26 14.68
N THR F 254 8.22 -0.37 14.05
CA THR F 254 9.66 -0.58 13.89
C THR F 254 10.32 -0.18 15.20
N PRO F 255 11.56 -0.64 15.53
CA PRO F 255 12.15 -0.25 16.83
C PRO F 255 12.23 1.28 17.01
N GLU F 256 12.41 1.99 15.88
CA GLU F 256 12.51 3.44 15.77
C GLU F 256 11.12 4.13 15.93
N GLY F 257 10.11 3.34 16.26
CA GLY F 257 8.74 3.83 16.49
C GLY F 257 7.97 4.20 15.24
N LYS F 258 8.46 3.79 14.05
CA LYS F 258 7.73 4.05 12.80
C LYS F 258 6.92 2.81 12.47
N TRP F 259 6.20 2.78 11.34
CA TRP F 259 5.34 1.63 11.10
C TRP F 259 5.49 0.97 9.76
N HIS F 260 5.49 -0.37 9.79
CA HIS F 260 5.51 -1.20 8.60
C HIS F 260 4.04 -1.54 8.35
N ALA F 261 3.43 -0.90 7.33
CA ALA F 261 2.03 -1.02 6.99
C ALA F 261 1.82 -1.88 5.78
N SER F 262 0.79 -2.72 5.84
CA SER F 262 0.45 -3.64 4.77
C SER F 262 -1.03 -3.52 4.46
N LYS F 263 -1.38 -3.54 3.16
CA LYS F 263 -2.76 -3.45 2.65
C LYS F 263 -2.81 -4.31 1.38
N VAL F 264 -3.72 -5.30 1.35
CA VAL F 264 -3.79 -6.24 0.22
C VAL F 264 -5.05 -6.02 -0.63
N LEU F 265 -4.89 -5.99 -1.97
CA LEU F 265 -6.00 -5.94 -2.90
C LEU F 265 -6.21 -7.34 -3.43
N ARG F 266 -7.37 -7.88 -3.12
CA ARG F 266 -7.74 -9.22 -3.53
C ARG F 266 -8.66 -9.13 -4.73
N ILE F 267 -8.13 -9.45 -5.90
CA ILE F 267 -8.92 -9.52 -7.13
C ILE F 267 -9.33 -10.99 -7.27
N GLU F 268 -10.63 -11.27 -7.14
CA GLU F 268 -11.20 -12.60 -7.30
C GLU F 268 -11.80 -12.75 -8.69
N ASN F 269 -11.99 -13.99 -9.16
CA ASN F 269 -12.60 -14.32 -10.44
C ASN F 269 -12.02 -13.43 -11.57
N ILE F 270 -10.69 -13.46 -11.77
CA ILE F 270 -9.97 -12.62 -12.74
C ILE F 270 -10.54 -12.78 -14.15
N GLY F 271 -10.79 -11.65 -14.80
CA GLY F 271 -11.29 -11.60 -16.17
C GLY F 271 -10.45 -10.67 -17.01
N GLU F 272 -10.80 -10.55 -18.31
CA GLU F 272 -10.10 -9.69 -19.26
C GLU F 272 -10.17 -8.21 -18.83
N SER F 273 -11.23 -7.80 -18.07
CA SER F 273 -11.42 -6.42 -17.59
C SER F 273 -10.40 -6.03 -16.52
N ASN F 274 -9.73 -7.02 -15.88
CA ASN F 274 -8.69 -6.82 -14.83
C ASN F 274 -7.30 -6.76 -15.45
N LEU F 275 -7.16 -7.27 -16.67
CA LEU F 275 -5.89 -7.30 -17.39
C LEU F 275 -5.59 -5.96 -18.03
N ASN F 276 -4.29 -5.59 -18.04
CA ASN F 276 -3.70 -4.36 -18.58
C ASN F 276 -4.39 -3.12 -17.97
N VAL F 277 -4.69 -3.23 -16.68
CA VAL F 277 -5.31 -2.18 -15.91
C VAL F 277 -4.38 -1.91 -14.74
N LEU F 278 -4.08 -0.62 -14.49
CA LEU F 278 -3.21 -0.16 -13.41
C LEU F 278 -3.97 -0.10 -12.11
N TYR F 279 -3.66 -1.03 -11.17
CA TYR F 279 -4.22 -1.00 -9.81
C TYR F 279 -3.19 -0.30 -8.96
N ASN F 280 -3.56 0.85 -8.41
CA ASN F 280 -2.59 1.68 -7.68
C ASN F 280 -2.72 1.62 -6.17
N CYS F 281 -1.58 1.68 -5.49
CA CYS F 281 -1.51 1.65 -4.04
C CYS F 281 -0.79 2.89 -3.60
N THR F 282 -1.48 3.80 -2.90
CA THR F 282 -0.81 5.01 -2.48
C THR F 282 -0.64 5.05 -0.98
N VAL F 283 0.43 5.71 -0.56
CA VAL F 283 0.73 6.03 0.83
C VAL F 283 0.59 7.55 0.92
N ALA F 284 -0.24 8.04 1.82
CA ALA F 284 -0.44 9.48 1.91
C ALA F 284 -0.18 9.99 3.30
N SER F 285 0.52 11.10 3.36
CA SER F 285 0.91 11.77 4.59
C SER F 285 0.89 13.26 4.45
N THR F 286 0.90 13.96 5.60
CA THR F 286 1.01 15.41 5.61
C THR F 286 2.45 15.78 5.17
N GLY F 287 3.35 14.79 5.22
CA GLY F 287 4.73 14.89 4.79
C GLY F 287 5.02 14.40 3.38
N GLY F 288 3.96 14.13 2.60
CA GLY F 288 4.07 13.67 1.22
C GLY F 288 3.37 12.37 0.90
N THR F 289 3.19 12.09 -0.41
CA THR F 289 2.54 10.86 -0.91
C THR F 289 3.49 10.11 -1.85
N ASP F 290 3.15 8.86 -2.15
CA ASP F 290 3.87 7.98 -3.07
C ASP F 290 2.94 6.89 -3.51
N THR F 291 2.92 6.60 -4.81
CA THR F 291 2.02 5.60 -5.40
C THR F 291 2.82 4.57 -6.19
N LYS F 292 2.40 3.31 -6.14
CA LYS F 292 3.00 2.27 -6.97
C LYS F 292 1.86 1.58 -7.71
N SER F 293 2.13 1.06 -8.93
CA SER F 293 1.11 0.45 -9.77
C SER F 293 1.34 -1.03 -10.00
N PHE F 294 0.23 -1.76 -10.16
CA PHE F 294 0.22 -3.19 -10.43
C PHE F 294 -0.53 -3.44 -11.72
N ILE F 295 0.06 -4.25 -12.62
CA ILE F 295 -0.54 -4.64 -13.90
C ILE F 295 -0.73 -6.13 -13.88
N LEU F 296 -1.95 -6.58 -14.16
CA LEU F 296 -2.22 -8.01 -14.25
C LEU F 296 -1.99 -8.48 -15.70
N VAL F 297 -1.26 -9.58 -15.89
CA VAL F 297 -0.97 -10.10 -17.25
C VAL F 297 -1.28 -11.62 -17.32
N ARG F 298 -1.69 -12.10 -18.53
CA ARG F 298 -2.01 -13.50 -18.82
CA ARG F 298 -2.02 -13.51 -18.72
C ARG F 298 -0.77 -14.41 -18.73
N LYS F 299 0.28 -14.09 -19.56
CA LYS F 299 1.53 -14.88 -19.62
C LYS F 299 2.67 -14.09 -20.32
N TYR G 1 -33.09 4.92 -0.94
CA TYR G 1 -31.64 4.80 -0.96
C TYR G 1 -31.23 3.33 -0.95
N PHE G 2 -30.26 2.99 -1.81
CA PHE G 2 -29.68 1.64 -1.88
C PHE G 2 -28.17 1.68 -1.65
N GLY G 3 -27.67 0.76 -0.85
CA GLY G 3 -26.25 0.66 -0.55
C GLY G 3 -25.75 -0.74 -0.79
N LYS G 4 -24.73 -0.91 -1.65
CA LYS G 4 -24.19 -2.23 -2.01
C LYS G 4 -23.65 -2.92 -0.79
N LEU G 5 -24.11 -4.17 -0.59
CA LEU G 5 -23.67 -4.97 0.55
C LEU G 5 -22.62 -5.99 0.09
N GLU G 6 -23.03 -7.04 -0.63
CA GLU G 6 -22.12 -8.10 -1.00
C GLU G 6 -22.59 -8.78 -2.28
N SER G 7 -21.67 -9.47 -2.98
CA SER G 7 -21.98 -10.14 -4.23
C SER G 7 -21.75 -11.64 -4.16
N LYS G 8 -22.41 -12.38 -5.03
CA LYS G 8 -22.26 -13.84 -5.12
C LYS G 8 -22.31 -14.29 -6.59
N LEU G 9 -21.58 -15.38 -6.92
CA LEU G 9 -21.62 -15.92 -8.27
C LEU G 9 -22.80 -16.91 -8.34
N SER G 10 -23.63 -16.80 -9.42
CA SER G 10 -24.83 -17.60 -9.57
C SER G 10 -25.15 -17.98 -10.99
N VAL G 11 -25.84 -19.15 -11.14
CA VAL G 11 -26.33 -19.68 -12.42
C VAL G 11 -27.88 -19.57 -12.38
N ILE G 12 -28.43 -18.66 -13.21
CA ILE G 12 -29.87 -18.41 -13.31
C ILE G 12 -30.42 -19.34 -14.38
N ARG G 13 -31.52 -20.02 -14.06
CA ARG G 13 -32.22 -20.96 -14.92
C ARG G 13 -33.70 -20.76 -14.87
N ASN G 14 -34.36 -20.83 -16.03
CA ASN G 14 -35.82 -20.76 -16.11
C ASN G 14 -36.41 -22.11 -15.63
N LEU G 15 -37.71 -22.15 -15.35
CA LEU G 15 -38.32 -23.34 -14.79
C LEU G 15 -38.27 -24.55 -15.76
N ASN G 16 -37.65 -24.37 -16.93
CA ASN G 16 -37.45 -25.45 -17.92
C ASN G 16 -36.01 -25.90 -17.88
N ASP G 17 -35.27 -25.45 -16.87
CA ASP G 17 -33.86 -25.73 -16.63
C ASP G 17 -32.94 -25.16 -17.77
N GLN G 18 -33.38 -24.08 -18.42
CA GLN G 18 -32.58 -23.48 -19.48
C GLN G 18 -31.70 -22.40 -18.87
N VAL G 19 -30.39 -22.52 -19.07
CA VAL G 19 -29.39 -21.62 -18.49
C VAL G 19 -29.43 -20.25 -19.16
N LEU G 20 -29.58 -19.18 -18.35
CA LEU G 20 -29.53 -17.79 -18.78
C LEU G 20 -28.07 -17.47 -19.09
N PHE G 21 -27.82 -16.79 -20.21
CA PHE G 21 -26.47 -16.40 -20.64
C PHE G 21 -26.50 -15.17 -21.53
N ILE G 22 -25.38 -14.44 -21.55
CA ILE G 22 -25.18 -13.27 -22.39
C ILE G 22 -24.49 -13.76 -23.68
N ASP G 23 -25.23 -13.71 -24.84
CA ASP G 23 -24.70 -14.19 -26.13
C ASP G 23 -23.67 -13.19 -26.71
N GLN G 24 -23.10 -13.50 -27.88
CA GLN G 24 -22.08 -12.70 -28.56
C GLN G 24 -22.57 -11.27 -28.85
N GLY G 25 -23.89 -11.12 -29.05
CA GLY G 25 -24.53 -9.84 -29.28
C GLY G 25 -24.96 -9.08 -28.03
N ASN G 26 -24.47 -9.54 -26.85
CA ASN G 26 -24.72 -8.99 -25.50
C ASN G 26 -26.21 -9.02 -25.10
N ARG G 27 -26.97 -9.99 -25.65
CA ARG G 27 -28.37 -10.07 -25.33
C ARG G 27 -28.62 -11.25 -24.39
N PRO G 28 -29.47 -11.05 -23.37
CA PRO G 28 -29.69 -12.14 -22.40
C PRO G 28 -30.64 -13.17 -22.95
N LEU G 29 -30.16 -14.43 -23.02
CA LEU G 29 -30.90 -15.54 -23.60
C LEU G 29 -30.87 -16.74 -22.69
N PHE G 30 -31.77 -17.70 -22.93
CA PHE G 30 -31.85 -18.96 -22.20
C PHE G 30 -31.63 -20.10 -23.16
N GLU G 31 -30.86 -21.10 -22.74
CA GLU G 31 -30.64 -22.27 -23.58
C GLU G 31 -30.40 -23.50 -22.73
N ASP G 32 -30.88 -24.66 -23.20
CA ASP G 32 -30.65 -25.95 -22.55
C ASP G 32 -29.17 -26.19 -22.59
N MET G 33 -28.56 -26.49 -21.45
CA MET G 33 -27.13 -26.72 -21.40
C MET G 33 -26.77 -27.87 -20.50
N THR G 34 -25.90 -28.78 -20.99
CA THR G 34 -25.35 -29.84 -20.13
C THR G 34 -24.42 -29.17 -19.15
N ASP G 35 -24.06 -29.86 -18.05
CA ASP G 35 -23.16 -29.27 -17.07
C ASP G 35 -21.90 -28.72 -17.78
N SER G 36 -21.32 -29.56 -18.68
CA SER G 36 -20.13 -29.26 -19.47
C SER G 36 -20.32 -27.99 -20.30
N ASP G 37 -21.46 -27.89 -21.04
CA ASP G 37 -21.83 -26.72 -21.82
C ASP G 37 -21.91 -25.45 -20.94
N CYS G 38 -22.49 -25.55 -19.72
CA CYS G 38 -22.61 -24.44 -18.79
C CYS G 38 -21.23 -23.94 -18.37
N ARG G 39 -20.29 -24.88 -18.14
CA ARG G 39 -18.93 -24.56 -17.74
C ARG G 39 -18.15 -23.97 -18.89
N ASP G 40 -18.19 -24.63 -20.07
CA ASP G 40 -17.46 -24.22 -21.26
C ASP G 40 -17.95 -22.87 -21.78
N ASN G 41 -19.17 -22.46 -21.44
CA ASN G 41 -19.68 -21.17 -21.86
C ASN G 41 -19.45 -20.10 -20.78
N ALA G 42 -18.91 -20.51 -19.61
CA ALA G 42 -18.56 -19.53 -18.57
C ALA G 42 -17.47 -18.61 -19.14
N PRO G 43 -17.46 -17.27 -18.87
CA PRO G 43 -18.25 -16.53 -17.86
C PRO G 43 -19.64 -16.12 -18.32
N ARG G 44 -19.99 -16.33 -19.62
CA ARG G 44 -21.26 -15.91 -20.21
C ARG G 44 -22.48 -16.46 -19.44
N THR G 45 -22.30 -17.60 -18.72
CA THR G 45 -23.34 -18.28 -17.95
C THR G 45 -23.29 -17.93 -16.43
N ILE G 46 -22.19 -17.30 -15.96
CA ILE G 46 -22.01 -16.95 -14.56
C ILE G 46 -22.37 -15.50 -14.30
N PHE G 47 -23.37 -15.29 -13.40
CA PHE G 47 -23.88 -13.97 -13.03
C PHE G 47 -23.55 -13.58 -11.58
N ILE G 48 -23.18 -12.30 -11.41
CA ILE G 48 -22.86 -11.69 -10.14
C ILE G 48 -24.13 -11.01 -9.59
N ILE G 49 -24.80 -11.67 -8.66
CA ILE G 49 -25.97 -11.11 -8.00
C ILE G 49 -25.46 -10.29 -6.79
N SER G 50 -25.77 -8.97 -6.72
CA SER G 50 -25.28 -8.10 -5.62
C SER G 50 -26.40 -7.61 -4.73
N MET G 51 -26.30 -7.91 -3.44
CA MET G 51 -27.28 -7.48 -2.45
C MET G 51 -27.08 -6.04 -2.08
N TYR G 52 -28.17 -5.36 -1.83
CA TYR G 52 -28.20 -3.94 -1.48
C TYR G 52 -29.06 -3.70 -0.28
N LYS G 53 -28.70 -2.69 0.47
CA LYS G 53 -29.55 -2.35 1.57
C LYS G 53 -30.56 -1.35 1.04
N ASP G 54 -31.81 -1.43 1.51
CA ASP G 54 -32.89 -0.53 1.10
C ASP G 54 -33.33 0.31 2.27
N SER G 55 -33.54 1.63 2.04
CA SER G 55 -34.03 2.55 3.08
C SER G 55 -35.55 2.40 3.22
N GLN G 56 -36.19 1.78 2.23
CA GLN G 56 -37.60 1.43 2.17
C GLN G 56 -37.64 -0.07 1.88
N PRO G 57 -37.40 -0.95 2.90
CA PRO G 57 -37.30 -2.39 2.62
C PRO G 57 -38.54 -2.99 2.00
N ARG G 58 -38.36 -3.68 0.87
CA ARG G 58 -39.44 -4.38 0.20
C ARG G 58 -38.85 -5.59 -0.55
N GLY G 59 -38.47 -6.61 0.20
CA GLY G 59 -37.84 -7.81 -0.35
C GLY G 59 -36.35 -7.64 -0.56
N MET G 60 -35.65 -8.70 -1.02
CA MET G 60 -34.20 -8.65 -1.25
C MET G 60 -33.85 -7.79 -2.48
N ALA G 61 -33.20 -6.63 -2.24
CA ALA G 61 -32.78 -5.68 -3.28
C ALA G 61 -31.52 -6.19 -3.96
N VAL G 62 -31.57 -6.54 -5.25
CA VAL G 62 -30.38 -7.04 -5.96
C VAL G 62 -30.16 -6.40 -7.36
N THR G 63 -28.93 -6.52 -7.89
CA THR G 63 -28.51 -6.17 -9.27
C THR G 63 -27.85 -7.41 -9.91
N ILE G 64 -28.28 -7.78 -11.14
CA ILE G 64 -27.71 -8.93 -11.85
C ILE G 64 -26.63 -8.42 -12.78
N SER G 65 -25.40 -8.93 -12.63
CA SER G 65 -24.25 -8.49 -13.43
C SER G 65 -23.55 -9.67 -14.08
N VAL G 66 -22.71 -9.41 -15.12
CA VAL G 66 -21.95 -10.43 -15.84
C VAL G 66 -20.54 -9.89 -16.12
N LYS G 67 -19.51 -10.76 -15.97
CA LYS G 67 -18.12 -10.34 -16.18
C LYS G 67 -17.50 -10.99 -17.42
N CYS G 68 -17.47 -10.25 -18.51
CA CYS G 68 -16.86 -10.70 -19.76
C CYS G 68 -15.58 -9.88 -20.01
N GLU G 69 -15.43 -9.34 -21.25
CA GLU G 69 -14.33 -8.45 -21.62
C GLU G 69 -14.52 -7.15 -20.82
N LYS G 70 -15.76 -6.91 -20.36
CA LYS G 70 -16.20 -5.79 -19.55
C LYS G 70 -17.34 -6.25 -18.62
N ILE G 71 -17.51 -5.57 -17.46
CA ILE G 71 -18.59 -5.91 -16.50
C ILE G 71 -19.85 -5.14 -16.95
N SER G 72 -20.94 -5.87 -17.19
CA SER G 72 -22.23 -5.33 -17.60
C SER G 72 -23.28 -5.59 -16.52
N THR G 73 -24.24 -4.69 -16.41
CA THR G 73 -25.31 -4.82 -15.44
C THR G 73 -26.65 -4.84 -16.18
N LEU G 74 -27.54 -5.68 -15.70
CA LEU G 74 -28.87 -5.82 -16.25
C LEU G 74 -29.71 -4.60 -15.86
N SER G 75 -30.31 -3.95 -16.87
CA SER G 75 -31.19 -2.77 -16.72
C SER G 75 -32.49 -2.97 -17.44
N CYS G 76 -33.58 -2.47 -16.84
CA CYS G 76 -34.91 -2.59 -17.45
C CYS G 76 -35.45 -1.18 -17.83
N GLU G 77 -34.54 -0.25 -18.14
CA GLU G 77 -34.85 1.13 -18.54
C GLU G 77 -35.82 1.11 -19.72
N ASN G 78 -36.91 1.88 -19.61
CA ASN G 78 -38.02 2.02 -20.55
C ASN G 78 -38.76 0.69 -20.79
N LYS G 79 -38.80 -0.19 -19.77
CA LYS G 79 -39.44 -1.52 -19.80
C LYS G 79 -38.77 -2.45 -20.85
N ILE G 80 -37.55 -2.08 -21.30
CA ILE G 80 -36.76 -2.87 -22.25
C ILE G 80 -35.49 -3.34 -21.55
N ILE G 81 -35.29 -4.68 -21.56
CA ILE G 81 -34.16 -5.38 -20.94
C ILE G 81 -32.91 -5.19 -21.80
N SER G 82 -31.81 -4.85 -21.13
CA SER G 82 -30.51 -4.59 -21.72
C SER G 82 -29.41 -4.81 -20.68
N PHE G 83 -28.19 -5.05 -21.15
CA PHE G 83 -27.02 -5.21 -20.32
C PHE G 83 -26.10 -4.00 -20.52
N LYS G 84 -26.29 -2.99 -19.67
CA LYS G 84 -25.55 -1.75 -19.72
C LYS G 84 -24.11 -1.98 -19.22
N GLU G 85 -23.12 -1.49 -19.96
CA GLU G 85 -21.70 -1.59 -19.58
C GLU G 85 -21.47 -0.70 -18.37
N MET G 86 -21.47 -1.32 -17.18
CA MET G 86 -21.27 -0.67 -15.88
C MET G 86 -21.17 -1.68 -14.76
N ASN G 87 -20.47 -1.32 -13.70
CA ASN G 87 -20.32 -2.08 -12.46
C ASN G 87 -21.50 -1.79 -11.53
N PRO G 88 -21.92 -2.72 -10.69
CA PRO G 88 -22.97 -2.38 -9.71
C PRO G 88 -22.48 -1.24 -8.80
N PRO G 89 -23.27 -0.15 -8.69
CA PRO G 89 -22.82 1.02 -7.91
C PRO G 89 -22.75 0.74 -6.42
N ASP G 90 -21.94 1.52 -5.70
CA ASP G 90 -21.84 1.40 -4.25
C ASP G 90 -23.13 1.94 -3.62
N ASN G 91 -23.66 3.05 -4.15
CA ASN G 91 -24.85 3.78 -3.72
C ASN G 91 -25.81 4.07 -4.87
N ILE G 92 -27.10 4.18 -4.53
CA ILE G 92 -28.21 4.59 -5.42
C ILE G 92 -29.04 5.54 -4.57
N LYS G 93 -29.14 6.81 -5.01
CA LYS G 93 -29.81 7.85 -4.23
C LYS G 93 -31.28 8.03 -4.68
N ASP G 94 -32.01 6.91 -4.78
CA ASP G 94 -33.44 6.87 -5.12
C ASP G 94 -34.09 5.65 -4.48
N THR G 95 -35.42 5.60 -4.44
CA THR G 95 -36.14 4.45 -3.89
C THR G 95 -36.50 3.48 -5.04
N LYS G 96 -36.34 3.95 -6.30
CA LYS G 96 -36.59 3.18 -7.51
C LYS G 96 -35.30 3.16 -8.36
N SER G 97 -35.05 2.07 -9.13
CA SER G 97 -33.90 1.96 -10.05
C SER G 97 -34.10 0.96 -11.14
N ASP G 98 -33.69 1.32 -12.38
CA ASP G 98 -33.77 0.45 -13.54
C ASP G 98 -32.86 -0.78 -13.38
N ILE G 99 -31.89 -0.74 -12.44
CA ILE G 99 -30.96 -1.86 -12.26
C ILE G 99 -31.25 -2.66 -10.97
N ILE G 100 -32.06 -2.08 -10.01
CA ILE G 100 -32.43 -2.77 -8.76
C ILE G 100 -33.74 -3.58 -8.99
N PHE G 101 -33.68 -4.86 -8.59
CA PHE G 101 -34.80 -5.79 -8.66
C PHE G 101 -35.04 -6.38 -7.28
N PHE G 102 -36.28 -6.74 -6.97
CA PHE G 102 -36.61 -7.36 -5.70
C PHE G 102 -36.72 -8.87 -5.87
N GLN G 103 -35.73 -9.59 -5.30
CA GLN G 103 -35.72 -11.05 -5.37
C GLN G 103 -36.61 -11.63 -4.27
N ARG G 104 -37.62 -12.39 -4.71
CA ARG G 104 -38.55 -13.02 -3.79
C ARG G 104 -38.82 -14.47 -4.14
N SER G 105 -38.80 -15.35 -3.12
CA SER G 105 -39.21 -16.75 -3.25
C SER G 105 -40.67 -16.75 -3.53
N VAL G 106 -41.14 -17.62 -4.44
CA VAL G 106 -42.59 -17.67 -4.62
C VAL G 106 -43.17 -18.32 -3.34
N PRO G 107 -44.37 -17.88 -2.87
CA PRO G 107 -44.95 -18.49 -1.66
C PRO G 107 -45.13 -20.01 -1.83
N GLY G 108 -44.51 -20.76 -0.90
CA GLY G 108 -44.56 -22.21 -0.90
C GLY G 108 -43.43 -22.89 -1.66
N HIS G 109 -42.65 -22.13 -2.42
CA HIS G 109 -41.53 -22.65 -3.21
C HIS G 109 -40.35 -21.79 -2.98
N ASP G 110 -39.65 -22.07 -1.90
CA ASP G 110 -38.49 -21.28 -1.44
C ASP G 110 -37.31 -21.24 -2.44
N ASN G 111 -37.32 -22.09 -3.48
CA ASN G 111 -36.25 -22.14 -4.49
C ASN G 111 -36.62 -21.39 -5.77
N LYS G 112 -37.93 -21.18 -5.99
CA LYS G 112 -38.47 -20.50 -7.16
C LYS G 112 -38.48 -18.99 -6.93
N MET G 113 -37.53 -18.29 -7.59
CA MET G 113 -37.34 -16.84 -7.47
C MET G 113 -38.04 -16.02 -8.56
N GLN G 114 -38.50 -14.85 -8.14
CA GLN G 114 -39.09 -13.84 -9.00
C GLN G 114 -38.30 -12.55 -8.79
N PHE G 115 -38.15 -11.73 -9.84
CA PHE G 115 -37.42 -10.48 -9.75
C PHE G 115 -38.34 -9.33 -10.16
N GLU G 116 -38.81 -8.51 -9.20
CA GLU G 116 -39.70 -7.39 -9.51
C GLU G 116 -38.91 -6.12 -9.74
N SER G 117 -39.21 -5.35 -10.78
CA SER G 117 -38.51 -4.08 -10.95
C SER G 117 -38.79 -3.11 -9.78
N SER G 118 -37.78 -2.34 -9.39
CA SER G 118 -37.97 -1.32 -8.35
C SER G 118 -38.53 -0.06 -8.98
N SER G 119 -38.29 0.17 -10.30
CA SER G 119 -38.79 1.35 -11.04
C SER G 119 -40.16 1.10 -11.62
N TYR G 120 -40.42 -0.12 -12.14
CA TYR G 120 -41.74 -0.46 -12.70
C TYR G 120 -42.40 -1.52 -11.83
N GLU G 121 -43.28 -1.06 -10.91
CA GLU G 121 -43.99 -1.92 -9.97
C GLU G 121 -44.89 -2.92 -10.69
N GLY G 122 -44.82 -4.18 -10.29
CA GLY G 122 -45.63 -5.24 -10.89
C GLY G 122 -45.11 -5.76 -12.22
N TYR G 123 -43.86 -5.37 -12.55
CA TYR G 123 -43.13 -5.79 -13.73
C TYR G 123 -42.04 -6.70 -13.28
N PHE G 124 -42.04 -7.90 -13.84
CA PHE G 124 -41.09 -8.92 -13.47
C PHE G 124 -40.20 -9.34 -14.59
N LEU G 125 -39.00 -9.81 -14.22
CA LEU G 125 -38.02 -10.39 -15.11
C LEU G 125 -38.63 -11.70 -15.61
N ALA G 126 -38.60 -11.97 -16.92
CA ALA G 126 -39.25 -13.17 -17.45
C ALA G 126 -38.58 -13.79 -18.68
N CYS G 127 -38.82 -15.08 -18.91
CA CYS G 127 -38.34 -15.81 -20.07
C CYS G 127 -39.47 -15.92 -21.07
N GLU G 128 -39.27 -15.38 -22.28
CA GLU G 128 -40.27 -15.41 -23.33
C GLU G 128 -39.64 -15.95 -24.61
N LYS G 129 -40.37 -16.85 -25.33
CA LYS G 129 -39.89 -17.38 -26.61
C LYS G 129 -40.26 -16.41 -27.70
N GLU G 130 -39.25 -15.80 -28.34
CA GLU G 130 -39.46 -14.81 -29.39
C GLU G 130 -38.64 -15.18 -30.63
N ARG G 131 -39.29 -15.62 -31.74
CA ARG G 131 -38.67 -15.92 -33.02
C ARG G 131 -37.33 -16.77 -32.94
N ASP G 132 -37.45 -18.07 -32.64
CA ASP G 132 -36.34 -19.06 -32.53
C ASP G 132 -35.37 -18.81 -31.32
N LEU G 133 -35.74 -17.89 -30.42
CA LEU G 133 -34.95 -17.51 -29.26
C LEU G 133 -35.73 -17.53 -27.97
N PHE G 134 -35.05 -17.79 -26.85
CA PHE G 134 -35.63 -17.65 -25.52
C PHE G 134 -35.00 -16.43 -24.93
N LYS G 135 -35.76 -15.34 -24.83
CA LYS G 135 -35.24 -14.06 -24.38
C LYS G 135 -35.61 -13.68 -22.94
N LEU G 136 -34.70 -12.98 -22.26
CA LEU G 136 -34.97 -12.40 -20.95
C LEU G 136 -35.63 -11.06 -21.21
N ILE G 137 -36.86 -10.89 -20.69
CA ILE G 137 -37.68 -9.68 -20.93
C ILE G 137 -38.32 -9.21 -19.63
N LEU G 138 -38.95 -8.04 -19.68
CA LEU G 138 -39.69 -7.47 -18.56
C LEU G 138 -41.14 -7.62 -18.92
N LYS G 139 -41.92 -8.22 -18.03
CA LYS G 139 -43.33 -8.54 -18.28
C LYS G 139 -44.19 -8.16 -17.09
N LYS G 140 -45.43 -7.71 -17.34
CA LYS G 140 -46.38 -7.37 -16.27
C LYS G 140 -46.92 -8.69 -15.70
N GLU G 141 -47.13 -8.71 -14.37
CA GLU G 141 -47.52 -9.87 -13.56
C GLU G 141 -48.40 -10.89 -14.32
N ASP G 142 -49.49 -10.45 -15.02
CA ASP G 142 -50.36 -11.38 -15.77
C ASP G 142 -51.04 -12.35 -14.77
N GLU G 143 -51.47 -13.55 -15.23
CA GLU G 143 -52.09 -14.64 -14.46
C GLU G 143 -51.26 -14.98 -13.24
N LEU G 144 -51.89 -15.15 -12.06
CA LEU G 144 -51.11 -15.50 -10.86
C LEU G 144 -50.73 -16.97 -10.91
N GLY G 145 -49.45 -17.26 -10.72
CA GLY G 145 -48.90 -18.60 -10.85
C GLY G 145 -48.11 -18.77 -12.13
N ASP G 146 -47.87 -17.66 -12.84
CA ASP G 146 -47.10 -17.52 -14.09
C ASP G 146 -45.68 -18.06 -13.87
N ARG G 147 -45.37 -19.18 -14.54
CA ARG G 147 -44.08 -19.86 -14.42
C ARG G 147 -42.97 -19.14 -15.23
N SER G 148 -43.33 -18.23 -16.15
CA SER G 148 -42.33 -17.54 -16.97
C SER G 148 -41.55 -16.51 -16.18
N ILE G 149 -42.13 -15.98 -15.08
CA ILE G 149 -41.48 -14.98 -14.24
C ILE G 149 -40.75 -15.66 -13.05
N MET G 150 -40.75 -17.00 -13.02
CA MET G 150 -40.08 -17.78 -11.98
C MET G 150 -38.76 -18.33 -12.45
N PHE G 151 -37.74 -18.31 -11.58
CA PHE G 151 -36.38 -18.79 -11.89
C PHE G 151 -35.74 -19.56 -10.73
N THR G 152 -34.55 -20.13 -10.97
CA THR G 152 -33.76 -20.79 -9.94
C THR G 152 -32.33 -20.21 -10.00
N VAL G 153 -31.77 -19.83 -8.82
CA VAL G 153 -30.40 -19.32 -8.81
C VAL G 153 -29.55 -20.40 -8.10
N GLN G 154 -28.47 -20.88 -8.77
CA GLN G 154 -27.57 -21.92 -8.26
C GLN G 154 -26.27 -21.28 -7.84
N ASN G 155 -25.90 -21.42 -6.55
CA ASN G 155 -24.70 -20.74 -6.02
C ASN G 155 -23.49 -21.64 -5.97
N GLU G 156 -22.29 -21.01 -5.94
CA GLU G 156 -20.98 -21.68 -5.96
C GLU G 156 -20.31 -21.59 -4.59
N PRO H 2 -40.04 -24.17 -36.56
CA PRO H 2 -40.64 -24.27 -35.21
C PRO H 2 -39.58 -24.33 -34.10
N GLU H 3 -38.39 -24.85 -34.44
CA GLU H 3 -37.27 -25.08 -33.55
C GLU H 3 -36.48 -23.84 -33.19
N SER H 4 -36.02 -23.82 -31.93
CA SER H 4 -35.15 -22.81 -31.37
C SER H 4 -33.75 -22.94 -31.99
N CYS H 5 -33.13 -21.81 -32.31
CA CYS H 5 -31.80 -21.77 -32.86
C CYS H 5 -30.75 -22.12 -31.77
N THR H 6 -29.54 -22.57 -32.19
CA THR H 6 -28.47 -22.85 -31.23
C THR H 6 -27.72 -21.52 -31.07
N SER H 7 -28.13 -20.73 -30.05
CA SER H 7 -27.60 -19.40 -29.81
C SER H 7 -26.35 -19.36 -28.93
N ARG H 8 -25.98 -20.46 -28.24
CA ARG H 8 -24.79 -20.43 -27.39
C ARG H 8 -23.49 -20.60 -28.22
N PRO H 9 -22.37 -19.96 -27.79
CA PRO H 9 -21.12 -20.05 -28.55
C PRO H 9 -20.39 -21.41 -28.45
N HIS H 10 -20.43 -22.10 -27.29
CA HIS H 10 -19.74 -23.40 -27.15
C HIS H 10 -20.74 -24.58 -27.05
N ILE H 11 -20.50 -25.63 -27.90
CA ILE H 11 -21.34 -26.82 -27.98
C ILE H 11 -20.52 -28.09 -27.76
N THR H 12 -21.04 -28.99 -26.93
CA THR H 12 -20.42 -30.28 -26.64
C THR H 12 -21.40 -31.37 -27.07
N VAL H 13 -20.96 -32.28 -27.96
CA VAL H 13 -21.75 -33.40 -28.48
C VAL H 13 -20.95 -34.68 -28.36
N VAL H 14 -21.63 -35.83 -28.26
CA VAL H 14 -21.02 -37.15 -28.20
C VAL H 14 -20.98 -37.77 -29.62
N GLU H 15 -19.85 -38.40 -29.98
CA GLU H 15 -19.67 -39.05 -31.29
C GLU H 15 -20.74 -40.13 -31.54
N GLY H 16 -21.13 -40.27 -32.80
CA GLY H 16 -22.12 -41.26 -33.23
C GLY H 16 -23.58 -40.90 -32.96
N GLU H 17 -23.83 -39.64 -32.64
CA GLU H 17 -25.16 -39.12 -32.35
C GLU H 17 -25.57 -38.13 -33.44
N PRO H 18 -26.82 -38.19 -33.98
CA PRO H 18 -27.22 -37.18 -34.97
C PRO H 18 -27.28 -35.80 -34.30
N PHE H 19 -26.51 -34.84 -34.84
CA PHE H 19 -26.44 -33.49 -34.30
C PHE H 19 -26.72 -32.45 -35.37
N TYR H 20 -27.14 -31.25 -34.95
CA TYR H 20 -27.44 -30.13 -35.84
C TYR H 20 -27.09 -28.80 -35.20
N LEU H 21 -26.78 -27.81 -36.04
CA LEU H 21 -26.54 -26.41 -35.65
C LEU H 21 -27.52 -25.54 -36.41
N LYS H 22 -28.45 -24.88 -35.71
CA LYS H 22 -29.44 -23.99 -36.36
C LYS H 22 -29.05 -22.53 -36.07
N HIS H 23 -28.96 -21.69 -37.13
CA HIS H 23 -28.63 -20.27 -36.97
C HIS H 23 -29.92 -19.49 -36.63
N CYS H 24 -29.76 -18.36 -35.94
CA CYS H 24 -30.83 -17.56 -35.37
C CYS H 24 -31.57 -16.62 -36.33
N SER H 25 -31.68 -17.00 -37.61
CA SER H 25 -32.40 -16.25 -38.64
C SER H 25 -33.08 -17.21 -39.62
N CYS H 26 -34.41 -17.10 -39.79
CA CYS H 26 -35.14 -17.93 -40.75
C CYS H 26 -36.17 -17.09 -41.51
N LYS H 37 -24.97 -16.76 -49.02
CA LYS H 37 -25.29 -17.69 -47.93
C LYS H 37 -24.37 -18.93 -47.98
N SER H 38 -23.63 -19.22 -46.84
CA SER H 38 -22.68 -20.35 -46.73
C SER H 38 -22.19 -20.64 -45.31
N TRP H 39 -21.82 -21.92 -45.05
CA TRP H 39 -21.27 -22.46 -43.79
C TRP H 39 -19.78 -22.80 -43.95
N TYR H 40 -18.99 -22.67 -42.87
CA TYR H 40 -17.54 -22.88 -42.85
C TYR H 40 -17.06 -23.63 -41.62
N LYS H 41 -15.93 -24.36 -41.73
CA LYS H 41 -15.31 -25.11 -40.63
C LYS H 41 -13.81 -24.75 -40.51
N SER H 42 -13.31 -24.61 -39.27
CA SER H 42 -11.92 -24.33 -38.94
C SER H 42 -11.50 -25.21 -37.74
N SER H 43 -10.71 -26.24 -38.01
CA SER H 43 -10.24 -27.25 -37.03
C SER H 43 -8.70 -27.21 -36.90
N GLY H 44 -8.16 -28.00 -35.95
CA GLY H 44 -6.72 -28.13 -35.72
C GLY H 44 -6.06 -29.20 -36.59
N SER H 45 -6.81 -29.73 -37.59
CA SER H 45 -6.39 -30.79 -38.51
C SER H 45 -6.58 -30.36 -39.99
N GLN H 46 -7.58 -29.48 -40.24
CA GLN H 46 -7.90 -28.92 -41.57
C GLN H 46 -7.95 -27.38 -41.47
N GLU H 47 -7.62 -26.68 -42.58
CA GLU H 47 -7.60 -25.22 -42.66
C GLU H 47 -9.04 -24.63 -42.64
N HIS H 48 -9.19 -23.33 -42.93
CA HIS H 48 -10.51 -22.69 -43.04
C HIS H 48 -11.10 -23.08 -44.42
N VAL H 49 -12.26 -23.79 -44.41
CA VAL H 49 -12.91 -24.32 -45.62
C VAL H 49 -14.42 -24.10 -45.60
N GLU H 50 -15.00 -23.93 -46.80
CA GLU H 50 -16.45 -23.80 -47.00
C GLU H 50 -17.03 -25.21 -47.11
N LEU H 51 -18.08 -25.48 -46.34
CA LEU H 51 -18.75 -26.77 -46.38
C LEU H 51 -19.71 -26.80 -47.55
N ASN H 52 -19.85 -27.98 -48.21
CA ASN H 52 -20.74 -28.20 -49.36
C ASN H 52 -21.46 -29.57 -49.26
N PRO H 53 -22.51 -29.87 -50.08
CA PRO H 53 -23.21 -31.18 -49.95
C PRO H 53 -22.33 -32.41 -50.29
N ARG H 54 -21.29 -32.22 -51.11
CA ARG H 54 -20.34 -33.27 -51.49
C ARG H 54 -19.28 -33.44 -50.39
N SER H 55 -19.04 -32.36 -49.59
CA SER H 55 -18.12 -32.36 -48.46
C SER H 55 -18.78 -33.11 -47.28
N SER H 56 -18.79 -34.46 -47.42
CA SER H 56 -19.35 -35.50 -46.54
C SER H 56 -20.87 -35.66 -46.77
N SER H 57 -21.32 -36.91 -47.11
CA SER H 57 -22.75 -37.24 -47.29
C SER H 57 -23.43 -37.35 -45.91
N ARG H 58 -22.59 -37.23 -44.86
CA ARG H 58 -22.86 -37.24 -43.43
C ARG H 58 -23.30 -35.84 -42.96
N ILE H 59 -22.78 -34.81 -43.64
CA ILE H 59 -23.08 -33.40 -43.35
C ILE H 59 -24.09 -32.90 -44.40
N ALA H 60 -25.32 -32.61 -43.93
CA ALA H 60 -26.45 -32.10 -44.73
C ALA H 60 -26.62 -30.61 -44.46
N LEU H 61 -26.33 -29.80 -45.47
CA LEU H 61 -26.39 -28.36 -45.44
C LEU H 61 -27.78 -27.91 -45.87
N HIS H 62 -28.44 -27.10 -45.05
CA HIS H 62 -29.77 -26.52 -45.31
C HIS H 62 -29.69 -25.00 -45.13
N ASP H 63 -30.78 -24.28 -45.41
CA ASP H 63 -30.81 -22.81 -45.31
C ASP H 63 -30.70 -22.32 -43.88
N CYS H 64 -31.30 -23.03 -42.90
CA CYS H 64 -31.27 -22.62 -41.49
C CYS H 64 -30.43 -23.58 -40.61
N VAL H 65 -30.26 -24.85 -41.01
CA VAL H 65 -29.54 -25.82 -40.19
C VAL H 65 -28.33 -26.45 -40.94
N LEU H 66 -27.38 -26.99 -40.16
CA LEU H 66 -26.24 -27.77 -40.62
C LEU H 66 -26.34 -29.08 -39.88
N GLU H 67 -26.87 -30.11 -40.56
CA GLU H 67 -27.09 -31.44 -39.97
C GLU H 67 -25.88 -32.34 -40.08
N PHE H 68 -25.65 -33.16 -39.03
CA PHE H 68 -24.60 -34.18 -38.91
C PHE H 68 -25.29 -35.52 -38.72
N TRP H 69 -24.97 -36.51 -39.58
CA TRP H 69 -25.62 -37.83 -39.57
C TRP H 69 -24.64 -39.02 -39.56
N PRO H 70 -24.00 -39.36 -38.43
CA PRO H 70 -24.04 -38.70 -37.12
C PRO H 70 -22.84 -37.76 -36.98
N VAL H 71 -22.68 -37.17 -35.82
CA VAL H 71 -21.51 -36.34 -35.61
C VAL H 71 -20.39 -37.29 -35.15
N GLU H 72 -19.16 -37.09 -35.68
CA GLU H 72 -18.01 -37.93 -35.30
C GLU H 72 -16.87 -37.04 -34.80
N LEU H 73 -15.91 -37.62 -34.04
CA LEU H 73 -14.81 -36.89 -33.40
C LEU H 73 -14.03 -35.92 -34.32
N ASN H 74 -13.83 -36.29 -35.59
CA ASN H 74 -13.13 -35.48 -36.59
C ASN H 74 -13.89 -34.17 -36.90
N ASP H 75 -15.18 -34.06 -36.47
CA ASP H 75 -16.01 -32.87 -36.68
C ASP H 75 -15.72 -31.77 -35.66
N THR H 76 -14.98 -32.07 -34.58
CA THR H 76 -14.63 -31.09 -33.56
C THR H 76 -13.90 -29.91 -34.25
N GLY H 77 -14.34 -28.69 -33.97
CA GLY H 77 -13.78 -27.51 -34.59
C GLY H 77 -14.69 -26.29 -34.51
N SER H 78 -14.23 -25.17 -35.09
CA SER H 78 -14.99 -23.92 -35.10
C SER H 78 -15.82 -23.84 -36.36
N TYR H 79 -17.11 -23.54 -36.21
CA TYR H 79 -18.05 -23.47 -37.33
C TYR H 79 -18.58 -22.06 -37.49
N PHE H 80 -18.69 -21.63 -38.76
CA PHE H 80 -19.12 -20.27 -39.11
C PHE H 80 -20.20 -20.24 -40.14
N PHE H 81 -21.20 -19.37 -39.93
CA PHE H 81 -22.28 -19.14 -40.88
C PHE H 81 -22.25 -17.67 -41.31
N GLN H 82 -22.21 -17.41 -42.63
CA GLN H 82 -22.16 -16.07 -43.22
C GLN H 82 -23.34 -15.84 -44.16
N MET H 83 -24.01 -14.71 -43.96
CA MET H 83 -25.18 -14.28 -44.73
C MET H 83 -25.17 -12.74 -44.89
N LYS H 84 -26.11 -12.18 -45.66
CA LYS H 84 -26.22 -10.73 -45.85
C LYS H 84 -26.43 -10.05 -44.49
N ASN H 85 -25.41 -9.27 -44.07
CA ASN H 85 -25.33 -8.54 -42.80
C ASN H 85 -25.49 -9.47 -41.57
N TYR H 86 -25.39 -10.81 -41.76
CA TYR H 86 -25.48 -11.76 -40.65
C TYR H 86 -24.32 -12.74 -40.61
N THR H 87 -23.76 -12.91 -39.40
CA THR H 87 -22.64 -13.80 -39.10
C THR H 87 -22.87 -14.51 -37.76
N GLN H 88 -22.52 -15.81 -37.70
CA GLN H 88 -22.63 -16.61 -36.47
C GLN H 88 -21.49 -17.64 -36.38
N LYS H 89 -20.93 -17.81 -35.18
CA LYS H 89 -19.83 -18.76 -34.90
C LYS H 89 -20.20 -19.69 -33.74
N TRP H 90 -19.73 -20.94 -33.83
CA TRP H 90 -19.89 -22.00 -32.81
C TRP H 90 -18.59 -22.74 -32.64
N LYS H 91 -18.22 -23.04 -31.38
CA LYS H 91 -17.02 -23.83 -31.11
C LYS H 91 -17.51 -25.23 -30.76
N LEU H 92 -17.47 -26.14 -31.76
CA LEU H 92 -17.95 -27.51 -31.59
C LEU H 92 -16.89 -28.39 -30.95
N ASN H 93 -17.28 -29.10 -29.89
CA ASN H 93 -16.40 -30.02 -29.18
C ASN H 93 -17.08 -31.40 -29.13
N VAL H 94 -16.67 -32.29 -30.06
CA VAL H 94 -17.19 -33.66 -30.14
C VAL H 94 -16.38 -34.50 -29.14
N ILE H 95 -17.07 -35.09 -28.14
CA ILE H 95 -16.44 -35.91 -27.09
C ILE H 95 -16.68 -37.40 -27.35
N ARG H 96 -15.74 -38.25 -26.89
CA ARG H 96 -15.75 -39.71 -27.09
C ARG H 96 -16.91 -40.35 -26.33
N ARG H 97 -17.55 -41.34 -26.96
CA ARG H 97 -18.68 -42.10 -26.41
C ARG H 97 -18.19 -43.13 -25.41
N ASN H 98 -18.86 -43.21 -24.25
CA ASN H 98 -18.57 -44.20 -23.23
C ASN H 98 -19.31 -45.44 -23.68
N LYS H 99 -18.61 -46.31 -24.41
CA LYS H 99 -19.18 -47.53 -24.99
C LYS H 99 -19.39 -48.63 -23.92
N HIS H 100 -19.02 -48.37 -22.66
CA HIS H 100 -19.16 -49.33 -21.54
C HIS H 100 -20.40 -49.03 -20.69
N SER H 101 -20.97 -47.84 -20.85
CA SER H 101 -22.20 -47.39 -20.21
C SER H 101 -23.24 -47.14 -21.30
N CYS H 102 -24.47 -46.80 -20.93
CA CYS H 102 -25.53 -46.48 -21.91
C CYS H 102 -25.53 -44.97 -22.22
N PHE H 103 -24.59 -44.22 -21.59
CA PHE H 103 -24.45 -42.77 -21.72
C PHE H 103 -23.06 -42.32 -21.28
N THR H 104 -22.55 -41.23 -21.87
CA THR H 104 -21.25 -40.65 -21.57
C THR H 104 -21.33 -39.75 -20.34
N GLU H 105 -20.41 -39.95 -19.38
CA GLU H 105 -20.30 -39.20 -18.12
C GLU H 105 -20.25 -37.67 -18.29
N ARG H 106 -19.53 -37.18 -19.32
CA ARG H 106 -19.34 -35.76 -19.56
C ARG H 106 -20.60 -35.07 -20.13
N GLN H 107 -21.58 -35.84 -20.65
CA GLN H 107 -22.76 -35.22 -21.28
C GLN H 107 -24.05 -35.36 -20.45
N VAL H 108 -23.94 -34.99 -19.17
CA VAL H 108 -25.05 -35.05 -18.23
C VAL H 108 -25.42 -33.62 -17.78
N THR H 109 -26.71 -33.44 -17.46
CA THR H 109 -27.31 -32.21 -16.93
C THR H 109 -27.75 -32.55 -15.53
N SER H 110 -27.02 -32.07 -14.52
CA SER H 110 -27.35 -32.36 -13.13
C SER H 110 -28.51 -31.52 -12.62
N LYS H 111 -29.27 -32.12 -11.71
CA LYS H 111 -30.39 -31.44 -11.06
C LYS H 111 -30.47 -31.92 -9.61
N ILE H 112 -30.53 -30.96 -8.67
CA ILE H 112 -30.63 -31.26 -7.24
C ILE H 112 -32.08 -31.07 -6.86
N VAL H 113 -32.70 -32.12 -6.33
CA VAL H 113 -34.11 -32.09 -5.93
C VAL H 113 -34.19 -32.35 -4.44
N GLU H 114 -35.00 -31.55 -3.73
CA GLU H 114 -35.24 -31.72 -2.30
C GLU H 114 -36.24 -32.84 -2.10
N VAL H 115 -36.00 -33.69 -1.10
CA VAL H 115 -36.87 -34.81 -0.75
C VAL H 115 -38.32 -34.30 -0.50
N LYS H 116 -39.32 -35.09 -0.98
CA LYS H 116 -40.77 -34.89 -0.91
C LYS H 116 -41.26 -33.79 -1.89
N LYS H 117 -40.34 -33.07 -2.55
CA LYS H 117 -40.72 -32.03 -3.51
C LYS H 117 -40.93 -32.67 -4.88
N PHE H 118 -41.72 -32.03 -5.77
CA PHE H 118 -42.02 -32.53 -7.12
C PHE H 118 -40.77 -32.83 -7.95
N PHE H 119 -40.86 -33.90 -8.71
CA PHE H 119 -39.76 -34.41 -9.52
C PHE H 119 -40.33 -34.93 -10.88
N GLN H 120 -39.85 -34.31 -12.00
CA GLN H 120 -40.30 -34.62 -13.36
C GLN H 120 -39.14 -34.95 -14.26
N ILE H 121 -39.36 -35.95 -15.17
CA ILE H 121 -38.44 -36.32 -16.24
C ILE H 121 -39.29 -36.61 -17.43
N THR H 122 -39.11 -35.84 -18.52
CA THR H 122 -39.88 -36.03 -19.75
C THR H 122 -38.93 -36.18 -20.91
N CYS H 123 -39.15 -37.24 -21.73
CA CYS H 123 -38.33 -37.47 -22.88
C CYS H 123 -38.98 -36.85 -24.08
N GLU H 124 -38.35 -35.81 -24.61
CA GLU H 124 -38.85 -35.12 -25.78
C GLU H 124 -37.70 -34.62 -26.62
N ASN H 125 -37.91 -34.68 -27.94
CA ASN H 125 -36.97 -34.17 -28.93
C ASN H 125 -37.79 -33.65 -30.09
N SER H 126 -38.15 -32.38 -29.97
CA SER H 126 -38.97 -31.64 -30.91
C SER H 126 -38.46 -31.79 -32.35
N TYR H 127 -37.15 -31.59 -32.55
CA TYR H 127 -36.51 -31.62 -33.86
C TYR H 127 -36.72 -32.96 -34.60
N TYR H 128 -36.08 -34.02 -34.10
CA TYR H 128 -36.04 -35.32 -34.75
C TYR H 128 -37.28 -36.21 -34.56
N GLN H 129 -38.32 -35.74 -33.83
CA GLN H 129 -39.54 -36.53 -33.55
C GLN H 129 -40.07 -37.23 -34.80
N THR H 130 -40.09 -36.53 -35.95
CA THR H 130 -40.56 -37.07 -37.24
C THR H 130 -39.84 -38.36 -37.63
N LEU H 131 -38.57 -38.51 -37.23
CA LEU H 131 -37.75 -39.67 -37.54
C LEU H 131 -37.67 -40.67 -36.36
N VAL H 132 -38.15 -40.28 -35.17
CA VAL H 132 -38.08 -41.15 -33.99
C VAL H 132 -39.12 -42.29 -34.07
N ASN H 133 -38.58 -43.52 -34.10
CA ASN H 133 -39.28 -44.81 -34.15
C ASN H 133 -39.83 -45.14 -32.76
N SER H 134 -38.95 -45.05 -31.75
CA SER H 134 -39.25 -45.31 -30.35
C SER H 134 -38.31 -44.50 -29.47
N THR H 135 -38.76 -44.16 -28.25
CA THR H 135 -37.94 -43.48 -27.25
C THR H 135 -38.13 -44.22 -25.93
N SER H 136 -37.03 -44.47 -25.23
CA SER H 136 -36.99 -45.17 -23.96
C SER H 136 -36.38 -44.28 -22.88
N LEU H 137 -36.66 -44.63 -21.63
CA LEU H 137 -36.11 -43.95 -20.46
C LEU H 137 -35.49 -44.98 -19.54
N TYR H 138 -34.19 -44.78 -19.22
CA TYR H 138 -33.44 -45.69 -18.36
C TYR H 138 -33.01 -44.99 -17.09
N LYS H 139 -33.01 -45.73 -15.97
CA LYS H 139 -32.48 -45.22 -14.71
C LYS H 139 -31.32 -46.12 -14.40
N ASN H 140 -30.10 -45.56 -14.50
CA ASN H 140 -28.83 -46.26 -14.28
C ASN H 140 -28.75 -47.46 -15.22
N CYS H 141 -29.01 -47.19 -16.51
CA CYS H 141 -28.98 -48.11 -17.64
C CYS H 141 -29.92 -49.33 -17.46
N LYS H 142 -31.07 -49.11 -16.81
CA LYS H 142 -32.10 -50.12 -16.61
C LYS H 142 -33.40 -49.54 -17.14
N LYS H 143 -33.92 -50.08 -18.24
CA LYS H 143 -35.11 -49.57 -18.91
C LYS H 143 -36.30 -49.55 -17.96
N LEU H 144 -36.86 -48.36 -17.79
CA LEU H 144 -38.04 -48.14 -16.95
C LEU H 144 -39.28 -48.42 -17.79
N LEU H 145 -40.27 -49.12 -17.21
CA LEU H 145 -41.48 -49.43 -17.96
C LEU H 145 -42.54 -48.36 -17.72
N LEU H 146 -42.65 -47.40 -18.67
CA LEU H 146 -43.58 -46.26 -18.55
C LEU H 146 -44.57 -46.22 -19.72
N GLU H 147 -45.69 -45.46 -19.54
CA GLU H 147 -46.88 -45.32 -20.42
C GLU H 147 -46.70 -45.75 -21.88
N ASN H 148 -45.78 -45.11 -22.62
CA ASN H 148 -45.56 -45.42 -24.03
C ASN H 148 -44.09 -45.26 -24.42
N ASN H 149 -43.86 -45.36 -25.73
CA ASN H 149 -42.56 -45.25 -26.36
C ASN H 149 -42.46 -43.91 -27.12
N LYS H 150 -43.38 -42.94 -26.86
CA LYS H 150 -43.31 -41.64 -27.52
C LYS H 150 -42.67 -40.62 -26.59
N ASN H 151 -43.21 -40.46 -25.37
CA ASN H 151 -42.64 -39.52 -24.41
C ASN H 151 -42.68 -40.12 -22.99
N PRO H 152 -41.81 -41.13 -22.71
CA PRO H 152 -41.77 -41.68 -21.34
C PRO H 152 -41.52 -40.57 -20.31
N THR H 153 -42.37 -40.51 -19.29
CA THR H 153 -42.31 -39.45 -18.29
C THR H 153 -42.45 -40.00 -16.87
N ILE H 154 -41.75 -39.38 -15.93
CA ILE H 154 -41.84 -39.64 -14.51
C ILE H 154 -42.36 -38.36 -13.89
N LYS H 155 -43.47 -38.42 -13.16
CA LYS H 155 -44.00 -37.28 -12.44
C LYS H 155 -44.38 -37.74 -11.04
N LYS H 156 -43.53 -37.45 -10.04
CA LYS H 156 -43.72 -37.90 -8.64
C LYS H 156 -43.03 -36.98 -7.60
N ASN H 157 -43.39 -37.16 -6.32
CA ASN H 157 -42.76 -36.43 -5.23
C ASN H 157 -41.46 -37.16 -4.91
N ALA H 158 -40.32 -36.44 -4.94
CA ALA H 158 -38.99 -37.03 -4.76
C ALA H 158 -38.83 -37.82 -3.47
N GLU H 159 -38.11 -38.93 -3.60
CA GLU H 159 -37.71 -39.84 -2.53
C GLU H 159 -36.22 -40.07 -2.70
N PHE H 160 -35.47 -40.32 -1.62
CA PHE H 160 -34.03 -40.52 -1.71
C PHE H 160 -33.64 -41.64 -2.69
N GLU H 161 -34.52 -42.63 -2.87
CA GLU H 161 -34.33 -43.78 -3.76
C GLU H 161 -34.38 -43.35 -5.23
N ASP H 162 -34.99 -42.17 -5.53
CA ASP H 162 -35.09 -41.63 -6.90
C ASP H 162 -33.74 -41.14 -7.42
N GLN H 163 -32.72 -40.99 -6.55
CA GLN H 163 -31.37 -40.58 -6.94
C GLN H 163 -30.84 -41.51 -8.03
N GLY H 164 -30.16 -40.94 -9.02
CA GLY H 164 -29.57 -41.71 -10.10
C GLY H 164 -29.46 -40.97 -11.41
N TYR H 165 -29.06 -41.71 -12.47
CA TYR H 165 -28.86 -41.17 -13.80
C TYR H 165 -29.98 -41.62 -14.73
N TYR H 166 -30.81 -40.66 -15.14
CA TYR H 166 -31.95 -40.90 -16.02
C TYR H 166 -31.59 -40.50 -17.44
N SER H 167 -31.50 -41.50 -18.34
CA SER H 167 -31.14 -41.29 -19.74
C SER H 167 -32.33 -41.50 -20.69
N CYS H 168 -32.69 -40.44 -21.43
CA CYS H 168 -33.71 -40.45 -22.47
C CYS H 168 -33.05 -40.91 -23.73
N VAL H 169 -33.43 -42.07 -24.28
CA VAL H 169 -32.82 -42.56 -25.52
C VAL H 169 -33.86 -42.57 -26.63
N HIS H 170 -33.73 -41.63 -27.59
CA HIS H 170 -34.62 -41.47 -28.73
C HIS H 170 -34.08 -42.22 -29.92
N PHE H 171 -34.67 -43.39 -30.27
CA PHE H 171 -34.23 -44.20 -31.41
C PHE H 171 -34.87 -43.74 -32.71
N LEU H 172 -34.02 -43.45 -33.73
CA LEU H 172 -34.47 -42.98 -35.03
C LEU H 172 -33.66 -43.59 -36.20
N HIS H 173 -34.28 -43.67 -37.39
CA HIS H 173 -33.58 -44.14 -38.59
C HIS H 173 -33.65 -43.09 -39.71
N HIS H 174 -32.47 -42.79 -40.26
CA HIS H 174 -32.23 -41.86 -41.36
C HIS H 174 -31.60 -42.67 -42.49
N ASN H 175 -32.29 -42.74 -43.65
CA ASN H 175 -31.86 -43.51 -44.82
C ASN H 175 -31.50 -44.93 -44.38
N GLY H 176 -32.44 -45.57 -43.70
CA GLY H 176 -32.31 -46.95 -43.21
C GLY H 176 -31.03 -47.26 -42.47
N LYS H 177 -30.69 -46.39 -41.51
CA LYS H 177 -29.55 -46.51 -40.62
C LYS H 177 -30.04 -46.10 -39.28
N LEU H 178 -30.00 -47.00 -38.29
CA LEU H 178 -30.53 -46.68 -36.98
C LEU H 178 -29.57 -45.77 -36.18
N PHE H 179 -30.12 -44.80 -35.47
CA PHE H 179 -29.41 -43.87 -34.60
C PHE H 179 -30.19 -43.61 -33.33
N ASN H 180 -29.53 -42.99 -32.36
CA ASN H 180 -30.22 -42.58 -31.14
C ASN H 180 -29.66 -41.27 -30.62
N ILE H 181 -30.50 -40.56 -29.86
CA ILE H 181 -30.14 -39.32 -29.20
C ILE H 181 -30.36 -39.58 -27.71
N THR H 182 -29.25 -39.86 -26.98
CA THR H 182 -29.26 -40.11 -25.54
C THR H 182 -29.08 -38.78 -24.83
N LYS H 183 -29.97 -38.49 -23.84
CA LYS H 183 -29.89 -37.27 -23.02
C LYS H 183 -30.02 -37.68 -21.54
N THR H 184 -28.91 -37.60 -20.77
CA THR H 184 -28.93 -37.99 -19.36
C THR H 184 -29.04 -36.81 -18.37
N PHE H 185 -29.84 -37.06 -17.32
CA PHE H 185 -30.10 -36.17 -16.20
C PHE H 185 -29.54 -36.81 -14.93
N ASN H 186 -28.59 -36.12 -14.28
CA ASN H 186 -27.97 -36.57 -13.05
C ASN H 186 -28.78 -36.07 -11.86
N ILE H 187 -29.65 -36.92 -11.36
CA ILE H 187 -30.58 -36.60 -10.26
C ILE H 187 -29.96 -36.94 -8.88
N THR H 188 -29.91 -35.90 -8.01
CA THR H 188 -29.39 -35.96 -6.64
C THR H 188 -30.49 -35.49 -5.69
N ILE H 189 -30.95 -36.40 -4.81
CA ILE H 189 -31.99 -36.11 -3.82
C ILE H 189 -31.31 -35.70 -2.52
N VAL H 190 -31.67 -34.53 -2.02
CA VAL H 190 -31.09 -33.92 -0.82
C VAL H 190 -32.18 -33.68 0.23
N GLU H 191 -31.77 -33.50 1.49
CA GLU H 191 -32.68 -33.21 2.61
C GLU H 191 -33.33 -31.84 2.41
N ASP H 192 -34.55 -31.67 2.92
CA ASP H 192 -35.29 -30.41 2.81
C ASP H 192 -34.56 -29.29 3.55
N ARG H 193 -34.15 -28.25 2.81
CA ARG H 193 -33.43 -27.08 3.34
C ARG H 193 -34.26 -26.29 4.40
N SER H 194 -35.62 -26.49 4.38
CA SER H 194 -36.63 -25.96 5.30
C SER H 194 -36.29 -24.54 5.80
N ASN H 195 -36.31 -23.58 4.86
CA ASN H 195 -35.99 -22.19 5.15
C ASN H 195 -37.05 -21.57 6.06
N ILE H 196 -36.58 -20.73 7.01
CA ILE H 196 -37.41 -20.04 7.99
C ILE H 196 -37.66 -18.60 7.56
N VAL H 197 -38.69 -17.97 8.15
CA VAL H 197 -38.95 -16.56 7.89
C VAL H 197 -38.02 -15.79 8.81
N PRO H 198 -37.11 -14.95 8.27
CA PRO H 198 -36.20 -14.21 9.15
C PRO H 198 -36.97 -13.37 10.17
N VAL H 199 -36.52 -13.45 11.42
CA VAL H 199 -37.18 -12.72 12.50
C VAL H 199 -36.15 -11.94 13.28
N LEU H 200 -36.40 -10.63 13.45
CA LEU H 200 -35.55 -9.80 14.29
C LEU H 200 -35.92 -10.06 15.74
N LEU H 201 -34.92 -10.34 16.55
CA LEU H 201 -35.15 -10.58 17.97
C LEU H 201 -35.31 -9.22 18.68
N GLY H 202 -36.20 -9.18 19.69
CA GLY H 202 -36.45 -7.99 20.51
C GLY H 202 -37.57 -7.09 20.02
N PRO H 203 -37.93 -6.03 20.80
CA PRO H 203 -39.04 -5.16 20.38
C PRO H 203 -38.76 -4.30 19.13
N LYS H 204 -39.83 -4.04 18.33
CA LYS H 204 -39.82 -3.24 17.08
C LYS H 204 -39.37 -1.80 17.34
N LEU H 205 -39.75 -1.20 18.49
CA LEU H 205 -39.36 0.16 18.81
C LEU H 205 -38.58 0.17 20.11
N ASN H 206 -37.35 0.71 20.04
CA ASN H 206 -36.43 0.73 21.16
C ASN H 206 -35.96 2.14 21.48
N HIS H 207 -36.09 2.54 22.73
CA HIS H 207 -35.61 3.83 23.18
C HIS H 207 -34.42 3.56 24.06
N VAL H 208 -33.26 4.15 23.71
CA VAL H 208 -32.04 3.92 24.47
C VAL H 208 -31.53 5.27 24.96
N ALA H 209 -31.47 5.39 26.29
CA ALA H 209 -31.01 6.60 26.97
C ALA H 209 -29.51 6.73 26.82
N VAL H 210 -29.06 7.89 26.33
CA VAL H 210 -27.65 8.20 26.11
C VAL H 210 -27.30 9.56 26.74
N GLU H 211 -26.02 9.93 26.74
CA GLU H 211 -25.60 11.25 27.20
C GLU H 211 -24.63 11.86 26.18
N LEU H 212 -24.89 13.11 25.81
CA LEU H 212 -24.13 13.86 24.79
C LEU H 212 -22.63 13.81 25.04
N GLY H 213 -21.88 13.57 23.97
CA GLY H 213 -20.43 13.45 23.99
C GLY H 213 -19.94 12.04 24.20
N LYS H 214 -20.80 11.20 24.81
CA LYS H 214 -20.48 9.81 25.07
C LYS H 214 -20.77 8.94 23.83
N ASN H 215 -20.54 7.62 23.93
CA ASN H 215 -20.73 6.68 22.82
C ASN H 215 -21.86 5.67 23.11
N VAL H 216 -22.38 4.99 22.08
CA VAL H 216 -23.42 3.99 22.30
C VAL H 216 -23.28 2.86 21.25
N ARG H 217 -23.54 1.60 21.67
CA ARG H 217 -23.50 0.45 20.79
C ARG H 217 -24.89 -0.16 20.76
N LEU H 218 -25.62 0.13 19.68
CA LEU H 218 -26.98 -0.34 19.40
C LEU H 218 -26.88 -1.76 18.85
N ASN H 219 -27.26 -2.75 19.66
CA ASN H 219 -27.19 -4.16 19.31
C ASN H 219 -28.42 -4.59 18.56
N CYS H 220 -28.25 -5.26 17.42
CA CYS H 220 -29.35 -5.83 16.64
C CYS H 220 -29.06 -7.29 16.33
N SER H 221 -30.03 -8.18 16.61
CA SER H 221 -29.84 -9.60 16.39
C SER H 221 -31.07 -10.20 15.79
N ALA H 222 -30.88 -11.26 15.00
CA ALA H 222 -31.97 -11.93 14.31
C ALA H 222 -31.73 -13.39 14.20
N LEU H 223 -32.77 -14.12 13.86
CA LEU H 223 -32.74 -15.54 13.57
C LEU H 223 -33.02 -15.65 12.08
N LEU H 224 -32.01 -16.02 11.29
CA LEU H 224 -32.19 -16.05 9.85
C LEU H 224 -31.52 -17.27 9.16
N ASN H 225 -31.72 -17.35 7.83
CA ASN H 225 -31.17 -18.37 6.94
C ASN H 225 -29.79 -17.96 6.45
N GLU H 226 -28.96 -18.94 6.11
CA GLU H 226 -27.56 -18.76 5.67
C GLU H 226 -27.35 -17.63 4.69
N GLU H 227 -28.28 -17.45 3.72
CA GLU H 227 -28.12 -16.47 2.66
C GLU H 227 -28.84 -15.13 2.94
N ASP H 228 -29.32 -14.90 4.17
CA ASP H 228 -30.02 -13.66 4.49
C ASP H 228 -29.04 -12.57 4.93
N VAL H 229 -29.44 -11.32 4.85
CA VAL H 229 -28.60 -10.21 5.26
C VAL H 229 -29.23 -9.47 6.47
N ILE H 230 -28.37 -8.88 7.31
CA ILE H 230 -28.79 -8.01 8.41
C ILE H 230 -27.99 -6.71 8.23
N TYR H 231 -28.68 -5.57 8.15
CA TYR H 231 -28.01 -4.30 7.97
C TYR H 231 -28.70 -3.17 8.72
N TRP H 232 -27.99 -2.04 8.87
CA TRP H 232 -28.45 -0.85 9.53
C TRP H 232 -28.66 0.30 8.56
N MET H 233 -29.66 1.14 8.83
CA MET H 233 -29.93 2.36 8.06
C MET H 233 -29.72 3.50 9.00
N PHE H 234 -28.69 4.31 8.75
CA PHE H 234 -28.33 5.41 9.64
C PHE H 234 -28.01 6.71 8.90
N GLY H 235 -28.70 6.93 7.78
CA GLY H 235 -28.53 8.15 7.02
C GLY H 235 -27.19 8.25 6.32
N GLU H 236 -26.86 7.24 5.45
CA GLU H 236 -25.61 7.30 4.70
C GLU H 236 -25.87 7.60 3.18
N GLU H 237 -27.04 8.26 2.86
CA GLU H 237 -27.41 8.63 1.48
C GLU H 237 -26.30 9.48 0.84
N ASN H 238 -26.01 10.69 1.41
CA ASN H 238 -24.94 11.58 0.94
C ASN H 238 -23.86 11.63 2.01
N GLY H 239 -23.56 10.46 2.55
CA GLY H 239 -22.60 10.28 3.63
C GLY H 239 -23.30 10.41 4.97
N SER H 240 -23.07 9.44 5.85
CA SER H 240 -23.64 9.41 7.19
C SER H 240 -22.89 10.36 8.14
N ASP H 241 -23.22 10.33 9.44
CA ASP H 241 -22.48 11.00 10.50
C ASP H 241 -21.14 10.26 10.59
N PRO H 242 -19.99 10.96 10.53
CA PRO H 242 -18.70 10.24 10.56
C PRO H 242 -18.42 9.49 11.86
N ASN H 243 -19.24 9.74 12.89
CA ASN H 243 -19.10 9.12 14.20
C ASN H 243 -19.92 7.83 14.28
N ILE H 244 -20.73 7.52 13.24
CA ILE H 244 -21.56 6.29 13.23
C ILE H 244 -20.81 5.21 12.49
N HIS H 245 -20.58 4.05 13.14
CA HIS H 245 -19.86 2.92 12.56
C HIS H 245 -20.64 1.63 12.66
N GLU H 246 -20.93 1.00 11.49
CA GLU H 246 -21.61 -0.30 11.37
C GLU H 246 -20.55 -1.37 11.58
N GLU H 247 -20.60 -2.11 12.71
CA GLU H 247 -19.60 -3.12 13.04
C GLU H 247 -19.75 -4.42 12.22
N LYS H 248 -18.72 -5.31 12.30
CA LYS H 248 -18.72 -6.61 11.58
C LYS H 248 -19.84 -7.52 12.09
N GLU H 249 -20.48 -8.24 11.18
CA GLU H 249 -21.54 -9.20 11.50
C GLU H 249 -20.98 -10.38 12.28
N MET H 250 -21.82 -11.02 13.08
CA MET H 250 -21.47 -12.16 13.93
C MET H 250 -22.53 -13.18 13.79
N ARG H 251 -22.13 -14.43 13.55
CA ARG H 251 -23.12 -15.51 13.33
C ARG H 251 -22.79 -16.74 14.10
N ILE H 252 -23.83 -17.32 14.71
CA ILE H 252 -23.70 -18.58 15.44
C ILE H 252 -24.76 -19.49 14.92
N MET H 253 -24.38 -20.66 14.42
CA MET H 253 -25.36 -21.62 13.89
C MET H 253 -26.19 -22.27 15.00
N THR H 254 -27.51 -22.33 14.79
CA THR H 254 -28.43 -22.95 15.76
C THR H 254 -28.37 -24.46 15.54
N PRO H 255 -28.76 -25.33 16.51
CA PRO H 255 -28.66 -26.77 16.28
C PRO H 255 -29.45 -27.23 15.04
N GLU H 256 -30.54 -26.52 14.74
CA GLU H 256 -31.43 -26.74 13.60
C GLU H 256 -30.80 -26.24 12.29
N GLY H 257 -29.52 -25.83 12.33
CA GLY H 257 -28.76 -25.35 11.19
C GLY H 257 -29.14 -23.98 10.67
N LYS H 258 -29.89 -23.18 11.47
CA LYS H 258 -30.25 -21.82 11.08
C LYS H 258 -29.23 -20.88 11.75
N TRP H 259 -29.36 -19.55 11.60
CA TRP H 259 -28.30 -18.69 12.15
C TRP H 259 -28.78 -17.55 13.02
N HIS H 260 -28.04 -17.35 14.12
CA HIS H 260 -28.23 -16.26 15.04
C HIS H 260 -27.23 -15.18 14.60
N ALA H 261 -27.74 -14.13 13.96
CA ALA H 261 -26.94 -13.06 13.39
C ALA H 261 -26.99 -11.80 14.24
N SER H 262 -25.84 -11.16 14.40
CA SER H 262 -25.70 -9.94 15.16
C SER H 262 -24.95 -8.89 14.35
N LYS H 263 -25.44 -7.63 14.39
CA LYS H 263 -24.85 -6.44 13.75
C LYS H 263 -24.97 -5.28 14.73
N VAL H 264 -23.86 -4.62 15.06
CA VAL H 264 -23.90 -3.53 16.02
C VAL H 264 -23.65 -2.22 15.32
N LEU H 265 -24.48 -1.22 15.64
CA LEU H 265 -24.29 0.15 15.16
C LEU H 265 -23.68 0.88 16.31
N ARG H 266 -22.48 1.40 16.11
CA ARG H 266 -21.71 2.13 17.09
C ARG H 266 -21.79 3.62 16.78
N ILE H 267 -22.57 4.37 17.61
CA ILE H 267 -22.71 5.83 17.49
C ILE H 267 -21.79 6.48 18.52
N GLU H 268 -20.65 7.00 18.04
CA GLU H 268 -19.63 7.67 18.87
C GLU H 268 -19.89 9.17 18.94
N ASN H 269 -19.37 9.85 19.97
CA ASN H 269 -19.46 11.29 20.14
C ASN H 269 -20.90 11.78 19.92
N ILE H 270 -21.85 11.20 20.67
CA ILE H 270 -23.28 11.52 20.58
C ILE H 270 -23.52 13.02 20.76
N GLY H 271 -24.44 13.53 19.94
CA GLY H 271 -24.86 14.93 19.91
C GLY H 271 -26.29 15.06 19.43
N GLU H 272 -26.82 16.30 19.47
CA GLU H 272 -28.20 16.70 19.12
C GLU H 272 -28.72 16.10 17.80
N SER H 273 -27.82 15.87 16.82
CA SER H 273 -28.19 15.31 15.52
C SER H 273 -28.48 13.80 15.57
N ASN H 274 -28.06 13.09 16.63
CA ASN H 274 -28.28 11.65 16.80
C ASN H 274 -29.52 11.37 17.63
N LEU H 275 -30.01 12.41 18.30
CA LEU H 275 -31.18 12.29 19.16
C LEU H 275 -32.46 12.47 18.34
N ASN H 276 -33.50 11.73 18.75
CA ASN H 276 -34.85 11.70 18.17
C ASN H 276 -34.78 11.38 16.65
N VAL H 277 -33.86 10.46 16.31
CA VAL H 277 -33.61 9.97 14.96
C VAL H 277 -33.77 8.48 15.03
N LEU H 278 -34.53 7.93 14.07
CA LEU H 278 -34.78 6.50 13.96
C LEU H 278 -33.65 5.79 13.25
N TYR H 279 -32.85 4.99 14.00
CA TYR H 279 -31.80 4.18 13.41
C TYR H 279 -32.41 2.81 13.22
N ASN H 280 -32.51 2.36 11.98
CA ASN H 280 -33.22 1.12 11.67
C ASN H 280 -32.30 -0.03 11.36
N CYS H 281 -32.68 -1.21 11.80
CA CYS H 281 -31.98 -2.44 11.53
C CYS H 281 -32.89 -3.33 10.78
N THR H 282 -32.52 -3.78 9.58
CA THR H 282 -33.40 -4.65 8.81
C THR H 282 -32.73 -6.01 8.58
N VAL H 283 -33.57 -7.03 8.50
CA VAL H 283 -33.20 -8.39 8.13
C VAL H 283 -33.88 -8.61 6.77
N ALA H 284 -33.12 -8.99 5.74
CA ALA H 284 -33.71 -9.16 4.42
C ALA H 284 -33.42 -10.53 3.88
N SER H 285 -34.44 -11.13 3.28
CA SER H 285 -34.40 -12.46 2.68
C SER H 285 -35.27 -12.53 1.46
N THR H 286 -35.09 -13.57 0.64
CA THR H 286 -35.97 -13.82 -0.51
C THR H 286 -37.35 -14.24 0.04
N GLY H 287 -37.36 -14.69 1.31
CA GLY H 287 -38.54 -15.09 2.05
C GLY H 287 -39.16 -14.04 2.95
N GLY H 288 -38.70 -12.80 2.82
CA GLY H 288 -39.26 -11.69 3.58
C GLY H 288 -38.26 -10.83 4.29
N THR H 289 -38.69 -9.60 4.65
CA THR H 289 -37.89 -8.62 5.40
C THR H 289 -38.62 -8.22 6.69
N ASP H 290 -37.87 -7.63 7.62
CA ASP H 290 -38.36 -7.13 8.90
C ASP H 290 -37.39 -6.10 9.41
N THR H 291 -37.91 -4.98 9.86
CA THR H 291 -37.11 -3.85 10.35
C THR H 291 -37.50 -3.47 11.79
N LYS H 292 -36.53 -3.11 12.61
CA LYS H 292 -36.80 -2.60 13.95
C LYS H 292 -36.08 -1.25 14.08
N SER H 293 -36.62 -0.34 14.91
CA SER H 293 -36.08 1.02 15.04
C SER H 293 -35.56 1.31 16.43
N PHE H 294 -34.52 2.16 16.47
CA PHE H 294 -33.88 2.61 17.69
C PHE H 294 -33.93 4.12 17.75
N ILE H 295 -34.33 4.66 18.92
CA ILE H 295 -34.38 6.11 19.17
C ILE H 295 -33.41 6.41 20.27
N LEU H 296 -32.53 7.37 20.06
CA LEU H 296 -31.61 7.82 21.10
C LEU H 296 -32.27 8.95 21.89
N VAL H 297 -32.26 8.88 23.23
CA VAL H 297 -32.89 9.91 24.07
C VAL H 297 -31.93 10.39 25.16
N ARG H 298 -31.97 11.68 25.50
CA ARG H 298 -31.05 12.24 26.51
C ARG H 298 -31.29 11.61 27.90
N LYS H 299 -30.20 11.34 28.65
CA LYS H 299 -30.27 10.81 30.02
C LYS H 299 -30.82 11.87 30.98
N TYR I 1 13.35 21.33 -16.43
CA TYR I 1 14.28 21.57 -17.53
C TYR I 1 13.55 22.05 -18.78
N PHE I 2 14.10 23.11 -19.42
CA PHE I 2 13.59 23.66 -20.66
C PHE I 2 14.65 23.64 -21.74
N GLY I 3 14.26 23.23 -22.94
CA GLY I 3 15.15 23.14 -24.09
C GLY I 3 14.54 23.85 -25.28
N LYS I 4 15.25 24.87 -25.82
CA LYS I 4 14.76 25.67 -26.95
C LYS I 4 14.50 24.80 -28.17
N LEU I 5 13.29 24.91 -28.72
CA LEU I 5 12.87 24.15 -29.89
C LEU I 5 12.98 25.00 -31.14
N GLU I 6 12.05 25.93 -31.34
CA GLU I 6 12.03 26.76 -32.53
C GLU I 6 11.39 28.12 -32.26
N SER I 7 11.67 29.10 -33.13
CA SER I 7 11.16 30.45 -32.98
C SER I 7 10.28 30.86 -34.17
N LYS I 8 9.34 31.80 -33.92
CA LYS I 8 8.43 32.34 -34.94
C LYS I 8 8.25 33.84 -34.71
N LEU I 9 8.04 34.59 -35.80
CA LEU I 9 7.81 36.03 -35.72
C LEU I 9 6.34 36.24 -35.52
N SER I 10 5.98 37.06 -34.53
CA SER I 10 4.57 37.24 -34.22
C SER I 10 4.24 38.63 -33.71
N VAL I 11 2.98 39.08 -33.98
CA VAL I 11 2.43 40.36 -33.54
C VAL I 11 1.37 40.07 -32.43
N ILE I 12 1.69 40.49 -31.20
CA ILE I 12 0.83 40.29 -30.04
C ILE I 12 -0.10 41.50 -29.93
N ARG I 13 -1.39 41.24 -29.74
CA ARG I 13 -2.43 42.24 -29.63
C ARG I 13 -3.38 41.93 -28.50
N ASN I 14 -3.87 42.95 -27.77
CA ASN I 14 -4.84 42.68 -26.72
C ASN I 14 -6.21 42.40 -27.36
N LEU I 15 -7.25 42.31 -26.56
CA LEU I 15 -8.56 41.98 -27.11
C LEU I 15 -9.29 43.19 -27.73
N ASN I 16 -8.66 44.37 -27.67
CA ASN I 16 -9.18 45.60 -28.27
C ASN I 16 -8.29 45.97 -29.47
N ASP I 17 -7.59 44.93 -30.03
CA ASP I 17 -6.73 44.95 -31.22
C ASP I 17 -5.58 46.00 -31.13
N GLN I 18 -5.11 46.28 -29.89
CA GLN I 18 -4.01 47.19 -29.66
C GLN I 18 -2.72 46.39 -29.78
N VAL I 19 -1.79 46.84 -30.64
CA VAL I 19 -0.52 46.18 -30.89
C VAL I 19 0.47 46.39 -29.74
N LEU I 20 1.04 45.26 -29.24
CA LEU I 20 2.10 45.26 -28.23
C LEU I 20 3.39 45.63 -28.93
N PHE I 21 4.11 46.59 -28.36
CA PHE I 21 5.38 47.07 -28.91
C PHE I 21 6.33 47.40 -27.77
N ILE I 22 7.61 47.56 -28.11
CA ILE I 22 8.64 47.97 -27.16
C ILE I 22 8.85 49.49 -27.42
N ASP I 23 8.65 50.36 -26.42
CA ASP I 23 8.83 51.80 -26.67
C ASP I 23 10.33 52.15 -26.65
N GLN I 24 10.69 53.42 -26.97
CA GLN I 24 12.09 53.88 -27.02
C GLN I 24 12.84 53.62 -25.70
N GLY I 25 12.12 53.67 -24.58
CA GLY I 25 12.64 53.39 -23.24
C GLY I 25 12.46 51.95 -22.75
N ASN I 26 12.66 50.96 -23.67
CA ASN I 26 12.61 49.49 -23.47
C ASN I 26 11.41 49.02 -22.58
N ARG I 27 10.24 49.66 -22.73
CA ARG I 27 9.02 49.33 -22.00
C ARG I 27 7.96 48.70 -22.92
N PRO I 28 7.32 47.58 -22.52
CA PRO I 28 6.27 47.00 -23.39
C PRO I 28 4.94 47.69 -23.17
N LEU I 29 4.44 48.33 -24.22
CA LEU I 29 3.16 49.06 -24.21
C LEU I 29 2.26 48.58 -25.36
N PHE I 30 0.97 48.99 -25.31
CA PHE I 30 -0.05 48.63 -26.30
C PHE I 30 -0.59 49.88 -26.94
N GLU I 31 -0.77 49.86 -28.26
CA GLU I 31 -1.32 51.00 -28.98
C GLU I 31 -2.08 50.56 -30.23
N ASP I 32 -3.20 51.27 -30.55
CA ASP I 32 -3.98 51.06 -31.76
C ASP I 32 -3.07 51.38 -32.94
N MET I 33 -2.93 50.44 -33.87
CA MET I 33 -2.06 50.64 -35.03
C MET I 33 -2.67 50.12 -36.32
N THR I 34 -2.56 50.92 -37.39
CA THR I 34 -3.03 50.48 -38.70
C THR I 34 -1.97 49.50 -39.22
N ASP I 35 -2.28 48.71 -40.25
CA ASP I 35 -1.30 47.78 -40.81
C ASP I 35 0.01 48.50 -41.11
N SER I 36 -0.08 49.69 -41.76
CA SER I 36 1.09 50.53 -42.07
C SER I 36 1.84 50.94 -40.78
N ASP I 37 1.11 51.29 -39.70
CA ASP I 37 1.66 51.67 -38.38
C ASP I 37 2.32 50.49 -37.66
N CYS I 38 1.96 49.24 -38.03
CA CYS I 38 2.53 48.03 -37.46
C CYS I 38 3.87 47.77 -38.16
N ARG I 39 3.84 47.70 -39.51
CA ARG I 39 5.02 47.40 -40.32
C ARG I 39 6.05 48.56 -40.33
N ASP I 40 5.63 49.84 -40.33
CA ASP I 40 6.61 50.93 -40.33
C ASP I 40 7.24 51.10 -38.94
N ASN I 41 6.50 50.73 -37.88
CA ASN I 41 7.02 50.78 -36.50
C ASN I 41 8.01 49.62 -36.26
N ALA I 42 7.73 48.45 -36.88
CA ALA I 42 8.54 47.23 -36.83
C ALA I 42 10.02 47.51 -37.19
N PRO I 43 11.04 46.82 -36.60
CA PRO I 43 11.02 45.66 -35.70
C PRO I 43 10.49 45.84 -34.26
N ARG I 44 10.05 47.05 -33.88
CA ARG I 44 9.55 47.32 -32.53
C ARG I 44 8.22 46.62 -32.19
N THR I 45 7.53 46.07 -33.21
CA THR I 45 6.22 45.43 -33.04
C THR I 45 6.27 43.92 -33.36
N ILE I 46 7.43 43.42 -33.85
CA ILE I 46 7.61 42.01 -34.22
C ILE I 46 8.34 41.27 -33.11
N PHE I 47 7.61 40.37 -32.44
CA PHE I 47 8.13 39.56 -31.35
C PHE I 47 8.48 38.15 -31.80
N ILE I 48 9.63 37.66 -31.30
CA ILE I 48 10.17 36.33 -31.54
C ILE I 48 9.68 35.42 -30.40
N ILE I 49 8.61 34.66 -30.66
CA ILE I 49 8.08 33.70 -29.69
C ILE I 49 8.87 32.41 -29.92
N SER I 50 9.58 31.97 -28.90
CA SER I 50 10.40 30.77 -28.98
C SER I 50 9.74 29.68 -28.16
N MET I 51 9.58 28.48 -28.74
CA MET I 51 9.01 27.31 -28.07
C MET I 51 10.11 26.55 -27.39
N TYR I 52 9.77 25.95 -26.24
CA TYR I 52 10.68 25.18 -25.42
C TYR I 52 10.09 23.87 -25.01
N LYS I 53 10.95 22.86 -24.88
CA LYS I 53 10.47 21.58 -24.39
C LYS I 53 10.54 21.65 -22.87
N ASP I 54 9.54 21.07 -22.19
CA ASP I 54 9.44 21.07 -20.74
C ASP I 54 9.56 19.66 -20.22
N SER I 55 10.37 19.46 -19.16
CA SER I 55 10.53 18.14 -18.55
C SER I 55 9.31 17.82 -17.66
N GLN I 56 8.55 18.85 -17.30
CA GLN I 56 7.29 18.79 -16.56
C GLN I 56 6.27 19.53 -17.44
N PRO I 57 5.72 18.88 -18.49
CA PRO I 57 4.83 19.62 -19.40
C PRO I 57 3.59 20.20 -18.73
N ARG I 58 3.38 21.49 -18.94
CA ARG I 58 2.21 22.20 -18.42
C ARG I 58 1.89 23.37 -19.39
N GLY I 59 1.34 23.02 -20.55
CA GLY I 59 1.02 23.98 -21.60
C GLY I 59 2.23 24.30 -22.47
N MET I 60 2.04 25.15 -23.50
CA MET I 60 3.10 25.53 -24.41
C MET I 60 4.08 26.48 -23.72
N ALA I 61 5.28 25.99 -23.42
CA ALA I 61 6.30 26.81 -22.76
C ALA I 61 6.98 27.67 -23.80
N VAL I 62 6.94 29.02 -23.61
CA VAL I 62 7.50 29.99 -24.57
C VAL I 62 8.27 31.14 -23.89
N THR I 63 9.04 31.85 -24.73
CA THR I 63 9.75 33.09 -24.39
C THR I 63 9.34 34.14 -25.40
N ILE I 64 9.15 35.37 -24.94
CA ILE I 64 8.81 36.47 -25.85
C ILE I 64 10.05 37.33 -25.97
N SER I 65 10.55 37.49 -27.21
CA SER I 65 11.76 38.25 -27.52
C SER I 65 11.51 39.34 -28.55
N VAL I 66 12.40 40.36 -28.59
CA VAL I 66 12.30 41.45 -29.56
C VAL I 66 13.72 41.76 -30.12
N LYS I 67 13.83 42.01 -31.43
CA LYS I 67 15.13 42.28 -32.05
C LYS I 67 15.27 43.75 -32.50
N CYS I 68 15.92 44.57 -31.66
CA CYS I 68 16.19 45.99 -31.94
C CYS I 68 17.69 46.16 -32.24
N GLU I 69 18.35 47.16 -31.61
CA GLU I 69 19.79 47.34 -31.75
C GLU I 69 20.49 46.14 -31.08
N LYS I 70 19.75 45.46 -30.19
CA LYS I 70 20.12 44.25 -29.47
C LYS I 70 18.86 43.39 -29.24
N ILE I 71 19.04 42.07 -29.04
CA ILE I 71 17.91 41.15 -28.77
C ILE I 71 17.63 41.18 -27.25
N SER I 72 16.36 41.48 -26.89
CA SER I 72 15.94 41.50 -25.50
C SER I 72 14.87 40.47 -25.26
N THR I 73 14.85 39.89 -24.08
CA THR I 73 13.86 38.86 -23.71
C THR I 73 13.00 39.37 -22.55
N LEU I 74 11.68 39.18 -22.68
CA LEU I 74 10.69 39.55 -21.67
C LEU I 74 10.88 38.71 -20.42
N SER I 75 11.05 39.40 -19.27
CA SER I 75 11.23 38.80 -17.94
C SER I 75 10.23 39.36 -16.95
N CYS I 76 9.73 38.52 -16.04
CA CYS I 76 8.77 38.94 -15.02
C CYS I 76 9.40 38.82 -13.61
N GLU I 77 10.74 38.98 -13.53
CA GLU I 77 11.52 38.93 -12.29
C GLU I 77 10.95 39.91 -11.27
N ASN I 78 10.67 39.40 -10.05
CA ASN I 78 10.09 40.10 -8.89
C ASN I 78 8.68 40.64 -9.20
N LYS I 79 7.91 39.90 -10.05
CA LYS I 79 6.53 40.23 -10.48
C LYS I 79 6.49 41.60 -11.23
N ILE I 80 7.67 42.10 -11.69
CA ILE I 80 7.81 43.33 -12.46
C ILE I 80 8.31 42.99 -13.87
N ILE I 81 7.52 43.39 -14.88
CA ILE I 81 7.76 43.17 -16.31
C ILE I 81 8.87 44.09 -16.78
N SER I 82 9.83 43.50 -17.51
CA SER I 82 11.00 44.16 -18.05
C SER I 82 11.51 43.39 -19.27
N PHE I 83 12.29 44.08 -20.12
CA PHE I 83 12.89 43.46 -21.29
C PHE I 83 14.41 43.42 -21.09
N LYS I 84 14.88 42.28 -20.55
CA LYS I 84 16.29 42.04 -20.25
C LYS I 84 17.08 41.82 -21.54
N GLU I 85 18.22 42.54 -21.68
CA GLU I 85 19.10 42.42 -22.84
C GLU I 85 19.76 41.04 -22.83
N MET I 86 19.18 40.09 -23.61
CA MET I 86 19.64 38.70 -23.71
C MET I 86 18.88 37.93 -24.77
N ASN I 87 19.54 36.91 -25.33
CA ASN I 87 18.98 35.99 -26.32
C ASN I 87 18.22 34.87 -25.62
N PRO I 88 17.19 34.26 -26.25
CA PRO I 88 16.54 33.11 -25.60
C PRO I 88 17.54 31.98 -25.45
N PRO I 89 17.72 31.44 -24.23
CA PRO I 89 18.74 30.41 -24.02
C PRO I 89 18.43 29.10 -24.70
N ASP I 90 19.47 28.28 -24.99
CA ASP I 90 19.26 26.96 -25.57
C ASP I 90 18.64 26.03 -24.51
N ASN I 91 19.12 26.14 -23.26
CA ASN I 91 18.72 25.36 -22.10
C ASN I 91 18.38 26.24 -20.89
N ILE I 92 17.49 25.74 -20.02
CA ILE I 92 17.11 26.30 -18.72
C ILE I 92 17.10 25.10 -17.78
N LYS I 93 17.97 25.10 -16.76
CA LYS I 93 18.12 23.96 -15.86
C LYS I 93 17.26 24.15 -14.57
N ASP I 94 15.98 24.48 -14.76
CA ASP I 94 15.00 24.66 -13.68
C ASP I 94 13.60 24.32 -14.22
N THR I 95 12.61 24.16 -13.32
CA THR I 95 11.22 23.89 -13.72
C THR I 95 10.44 25.21 -13.76
N LYS I 96 11.02 26.27 -13.20
CA LYS I 96 10.46 27.62 -13.17
C LYS I 96 11.44 28.60 -13.80
N SER I 97 10.94 29.70 -14.42
CA SER I 97 11.78 30.73 -15.01
C SER I 97 11.06 32.05 -15.19
N ASP I 98 11.77 33.15 -14.89
CA ASP I 98 11.26 34.51 -15.04
C ASP I 98 11.05 34.85 -16.51
N ILE I 99 11.63 34.08 -17.44
CA ILE I 99 11.48 34.35 -18.88
C ILE I 99 10.57 33.32 -19.58
N ILE I 100 10.26 32.17 -18.94
CA ILE I 100 9.38 31.14 -19.50
C ILE I 100 7.93 31.41 -19.08
N PHE I 101 7.02 31.42 -20.06
CA PHE I 101 5.59 31.60 -19.87
C PHE I 101 4.83 30.45 -20.51
N PHE I 102 3.67 30.10 -19.97
CA PHE I 102 2.86 29.04 -20.53
C PHE I 102 1.74 29.62 -21.38
N GLN I 103 1.89 29.52 -22.71
CA GLN I 103 0.90 30.02 -23.64
C GLN I 103 -0.24 28.99 -23.73
N ARG I 104 -1.44 29.45 -23.37
CA ARG I 104 -2.64 28.63 -23.33
C ARG I 104 -3.80 29.37 -23.91
N SER I 105 -4.71 28.61 -24.51
CA SER I 105 -5.92 29.17 -25.06
C SER I 105 -7.05 29.09 -24.02
N VAL I 106 -7.94 30.10 -24.02
CA VAL I 106 -9.12 30.14 -23.15
C VAL I 106 -10.12 29.15 -23.74
N PRO I 107 -10.58 28.13 -23.00
CA PRO I 107 -11.47 27.12 -23.60
C PRO I 107 -12.67 27.74 -24.32
N GLY I 108 -12.99 27.17 -25.48
CA GLY I 108 -14.05 27.64 -26.36
C GLY I 108 -13.58 28.75 -27.28
N HIS I 109 -12.45 29.39 -26.94
CA HIS I 109 -11.82 30.46 -27.68
C HIS I 109 -10.38 30.09 -27.99
N ASP I 110 -10.18 29.38 -29.11
CA ASP I 110 -8.89 28.87 -29.55
C ASP I 110 -7.91 29.96 -30.05
N ASN I 111 -8.39 31.21 -30.27
CA ASN I 111 -7.54 32.31 -30.74
C ASN I 111 -7.15 33.26 -29.61
N LYS I 112 -7.92 33.30 -28.52
CA LYS I 112 -7.60 34.17 -27.38
C LYS I 112 -6.57 33.44 -26.50
N MET I 113 -5.31 33.97 -26.49
CA MET I 113 -4.16 33.39 -25.78
C MET I 113 -3.84 34.09 -24.45
N GLN I 114 -3.48 33.28 -23.43
CA GLN I 114 -3.08 33.71 -22.08
C GLN I 114 -1.65 33.22 -21.80
N PHE I 115 -0.85 34.00 -21.05
CA PHE I 115 0.53 33.64 -20.76
C PHE I 115 0.72 33.55 -19.24
N GLU I 116 0.75 32.33 -18.68
CA GLU I 116 0.94 32.08 -17.25
C GLU I 116 2.45 32.06 -16.92
N SER I 117 2.89 32.70 -15.82
CA SER I 117 4.31 32.69 -15.46
C SER I 117 4.74 31.32 -14.92
N SER I 118 5.93 30.82 -15.34
CA SER I 118 6.41 29.54 -14.84
C SER I 118 6.97 29.68 -13.42
N SER I 119 7.43 30.90 -13.05
CA SER I 119 7.98 31.19 -11.72
C SER I 119 6.89 31.63 -10.74
N TYR I 120 5.91 32.43 -11.19
CA TYR I 120 4.82 32.90 -10.32
C TYR I 120 3.51 32.29 -10.81
N GLU I 121 3.10 31.16 -10.21
CA GLU I 121 1.89 30.42 -10.57
C GLU I 121 0.66 31.26 -10.33
N GLY I 122 -0.22 31.33 -11.33
CA GLY I 122 -1.45 32.09 -11.27
C GLY I 122 -1.33 33.58 -11.60
N TYR I 123 -0.13 33.99 -12.02
CA TYR I 123 0.17 35.37 -12.39
C TYR I 123 0.39 35.42 -13.89
N PHE I 124 -0.56 36.03 -14.60
CA PHE I 124 -0.54 36.09 -16.07
C PHE I 124 0.00 37.42 -16.59
N LEU I 125 0.40 37.41 -17.87
CA LEU I 125 0.80 38.59 -18.64
C LEU I 125 -0.48 39.35 -18.92
N ALA I 126 -0.51 40.69 -18.71
CA ALA I 126 -1.75 41.47 -18.88
C ALA I 126 -1.52 42.91 -19.41
N CYS I 127 -2.63 43.61 -19.72
CA CYS I 127 -2.64 45.00 -20.19
C CYS I 127 -3.39 45.90 -19.17
N GLU I 128 -2.63 46.57 -18.28
CA GLU I 128 -3.21 47.49 -17.29
C GLU I 128 -3.14 48.92 -17.82
N LYS I 129 -4.30 49.60 -17.86
CA LYS I 129 -4.47 50.97 -18.37
C LYS I 129 -3.94 52.01 -17.38
N GLU I 130 -2.61 52.00 -17.12
CA GLU I 130 -1.94 52.90 -16.20
C GLU I 130 -1.97 54.35 -16.72
N ARG I 131 -2.86 55.19 -16.10
CA ARG I 131 -3.12 56.61 -16.38
C ARG I 131 -3.38 56.85 -17.88
N ASP I 132 -2.40 57.38 -18.63
CA ASP I 132 -2.51 57.68 -20.06
C ASP I 132 -1.76 56.65 -20.93
N LEU I 133 -1.32 55.51 -20.34
CA LEU I 133 -0.58 54.46 -21.04
C LEU I 133 -1.21 53.07 -20.86
N PHE I 134 -1.03 52.20 -21.88
CA PHE I 134 -1.47 50.80 -21.80
C PHE I 134 -0.21 50.01 -21.62
N LYS I 135 0.04 49.56 -20.38
CA LYS I 135 1.30 48.88 -20.02
C LYS I 135 1.17 47.38 -19.75
N LEU I 136 2.09 46.60 -20.35
CA LEU I 136 2.19 45.14 -20.16
C LEU I 136 2.70 44.90 -18.74
N ILE I 137 1.93 44.17 -17.94
CA ILE I 137 2.20 43.91 -16.53
C ILE I 137 1.94 42.44 -16.17
N LEU I 138 2.23 42.06 -14.91
CA LEU I 138 2.02 40.70 -14.41
C LEU I 138 1.01 40.73 -13.25
N LYS I 139 -0.27 40.47 -13.55
CA LYS I 139 -1.36 40.46 -12.57
C LYS I 139 -1.86 39.05 -12.26
N LYS I 140 -2.44 38.87 -11.04
CA LYS I 140 -3.04 37.61 -10.60
C LYS I 140 -4.39 37.46 -11.30
N GLU I 141 -4.74 36.23 -11.75
CA GLU I 141 -5.96 35.89 -12.49
C GLU I 141 -7.24 36.59 -11.95
N ASP I 142 -7.43 36.57 -10.61
CA ASP I 142 -8.56 37.09 -9.82
C ASP I 142 -9.90 36.56 -10.43
N GLU I 143 -10.80 37.43 -10.94
CA GLU I 143 -12.09 37.04 -11.52
C GLU I 143 -11.90 36.26 -12.84
N LEU I 144 -12.74 35.22 -13.04
CA LEU I 144 -12.72 34.35 -14.20
C LEU I 144 -13.44 35.03 -15.35
N GLY I 145 -12.78 35.03 -16.52
CA GLY I 145 -13.27 35.66 -17.73
C GLY I 145 -12.60 37.00 -18.00
N ASP I 146 -11.52 37.28 -17.24
CA ASP I 146 -10.70 38.51 -17.30
C ASP I 146 -10.12 38.68 -18.71
N ARG I 147 -10.64 39.70 -19.42
CA ARG I 147 -10.28 40.06 -20.79
C ARG I 147 -8.92 40.77 -20.90
N SER I 148 -8.34 41.21 -19.76
CA SER I 148 -7.04 41.92 -19.76
C SER I 148 -5.82 40.95 -19.88
N ILE I 149 -6.01 39.68 -19.45
CA ILE I 149 -4.96 38.67 -19.52
C ILE I 149 -5.06 37.86 -20.83
N MET I 150 -5.99 38.25 -21.71
CA MET I 150 -6.20 37.58 -23.01
C MET I 150 -5.58 38.40 -24.14
N PHE I 151 -4.95 37.68 -25.09
CA PHE I 151 -4.25 38.24 -26.26
C PHE I 151 -4.47 37.43 -27.55
N THR I 152 -3.97 37.96 -28.67
CA THR I 152 -4.00 37.29 -29.98
C THR I 152 -2.60 37.38 -30.60
N VAL I 153 -2.07 36.25 -31.11
CA VAL I 153 -0.74 36.29 -31.73
C VAL I 153 -0.93 36.10 -33.27
N GLN I 154 -0.32 37.01 -34.09
CA GLN I 154 -0.40 36.97 -35.55
C GLN I 154 0.91 36.38 -36.09
N ASN I 155 0.85 35.11 -36.55
CA ASN I 155 2.01 34.37 -37.05
C ASN I 155 2.49 34.85 -38.43
N GLU I 156 3.75 34.49 -38.76
CA GLU I 156 4.45 34.80 -40.02
C GLU I 156 3.73 34.21 -41.26
N SER J 4 -4.96 57.07 -24.45
CA SER J 4 -4.90 58.52 -24.29
C SER J 4 -3.69 59.13 -25.02
N CYS J 5 -2.45 58.90 -24.51
CA CYS J 5 -1.23 59.49 -25.09
C CYS J 5 -0.79 58.73 -26.35
N THR J 6 -0.08 59.41 -27.26
CA THR J 6 0.45 58.75 -28.47
C THR J 6 1.83 58.21 -28.06
N SER J 7 1.87 56.95 -27.59
CA SER J 7 3.05 56.29 -27.06
C SER J 7 3.96 55.65 -28.11
N ARG J 8 3.46 55.38 -29.32
CA ARG J 8 4.29 54.71 -30.32
C ARG J 8 5.26 55.70 -31.02
N PRO J 9 6.47 55.22 -31.41
CA PRO J 9 7.45 56.13 -32.02
C PRO J 9 7.11 56.57 -33.46
N HIS J 10 6.51 55.68 -34.29
CA HIS J 10 6.18 56.01 -35.67
C HIS J 10 4.66 56.11 -35.90
N ILE J 11 4.26 57.22 -36.55
CA ILE J 11 2.86 57.53 -36.86
C ILE J 11 2.65 57.76 -38.36
N THR J 12 1.61 57.15 -38.91
CA THR J 12 1.24 57.32 -40.31
C THR J 12 -0.19 57.89 -40.35
N VAL J 13 -0.37 59.04 -41.02
CA VAL J 13 -1.67 59.72 -41.19
C VAL J 13 -1.87 60.06 -42.68
N VAL J 14 -3.13 60.20 -43.10
CA VAL J 14 -3.51 60.58 -44.47
C VAL J 14 -3.72 62.10 -44.49
N GLU J 15 -3.36 62.79 -45.59
CA GLU J 15 -3.50 64.24 -45.77
C GLU J 15 -4.96 64.76 -45.51
N GLY J 16 -5.05 65.91 -44.81
CA GLY J 16 -6.28 66.59 -44.45
C GLY J 16 -7.13 65.85 -43.42
N GLU J 17 -6.67 65.79 -42.16
CA GLU J 17 -7.39 65.09 -41.09
C GLU J 17 -7.19 65.77 -39.74
N PRO J 18 -8.17 65.75 -38.77
CA PRO J 18 -7.89 66.35 -37.46
C PRO J 18 -7.08 65.37 -36.61
N PHE J 19 -5.75 65.55 -36.57
CA PHE J 19 -4.82 64.66 -35.87
C PHE J 19 -4.10 65.36 -34.73
N TYR J 20 -3.85 64.61 -33.64
CA TYR J 20 -3.18 65.14 -32.44
C TYR J 20 -2.02 64.26 -31.98
N LEU J 21 -1.05 64.88 -31.28
CA LEU J 21 0.15 64.23 -30.71
C LEU J 21 0.20 64.53 -29.23
N LYS J 22 -0.34 63.62 -28.40
CA LYS J 22 -0.39 63.80 -26.95
C LYS J 22 0.80 63.08 -26.28
N HIS J 23 1.56 63.80 -25.40
CA HIS J 23 2.72 63.24 -24.70
C HIS J 23 2.30 62.44 -23.47
N CYS J 24 3.05 61.36 -23.19
CA CYS J 24 2.80 60.41 -22.11
C CYS J 24 3.34 60.93 -20.77
N SER J 25 2.59 60.65 -19.68
CA SER J 25 2.82 61.05 -18.28
C SER J 25 2.77 62.60 -18.17
N CYS J 26 1.53 63.15 -18.14
CA CYS J 26 1.25 64.60 -18.09
C CYS J 26 1.27 65.10 -16.65
N TRP J 39 7.55 71.82 -26.76
CA TRP J 39 7.30 71.07 -27.99
C TRP J 39 8.22 71.56 -29.10
N TYR J 40 8.73 70.62 -29.92
CA TYR J 40 9.66 70.93 -31.02
C TYR J 40 9.33 70.08 -32.24
N LYS J 41 9.64 70.59 -33.45
CA LYS J 41 9.38 69.87 -34.70
C LYS J 41 10.55 70.00 -35.70
N SER J 42 10.66 69.00 -36.58
CA SER J 42 11.68 68.93 -37.63
C SER J 42 11.08 68.35 -38.93
N SER J 43 11.88 68.35 -40.01
CA SER J 43 11.51 67.82 -41.32
C SER J 43 12.79 67.41 -42.09
N GLY J 44 12.70 67.31 -43.42
CA GLY J 44 13.80 66.95 -44.29
C GLY J 44 14.92 67.98 -44.32
N SER J 45 14.60 69.23 -43.92
CA SER J 45 15.55 70.34 -43.86
C SER J 45 16.30 70.34 -42.52
N GLN J 46 15.87 71.19 -41.55
CA GLN J 46 16.52 71.30 -40.24
C GLN J 46 15.51 71.43 -39.08
N GLU J 47 16.05 71.49 -37.84
CA GLU J 47 15.31 71.59 -36.58
C GLU J 47 14.75 72.99 -36.33
N HIS J 48 13.57 73.07 -35.69
CA HIS J 48 12.89 74.32 -35.34
C HIS J 48 12.00 74.13 -34.11
N VAL J 49 12.21 74.96 -33.08
CA VAL J 49 11.47 74.96 -31.81
C VAL J 49 10.02 75.40 -32.00
N GLU J 50 9.13 74.98 -31.10
CA GLU J 50 7.71 75.34 -31.14
C GLU J 50 7.19 75.63 -29.73
N SER J 56 0.97 76.41 -40.91
CA SER J 56 0.09 77.01 -41.91
C SER J 56 -1.33 76.45 -41.82
N SER J 57 -1.43 75.13 -41.55
CA SER J 57 -2.68 74.34 -41.46
C SER J 57 -3.23 74.19 -40.02
N ARG J 58 -3.15 75.29 -39.21
CA ARG J 58 -3.61 75.41 -37.81
C ARG J 58 -2.90 74.36 -36.90
N ILE J 59 -1.87 74.82 -36.15
CA ILE J 59 -1.06 73.98 -35.26
C ILE J 59 -1.31 74.41 -33.79
N ALA J 60 -2.45 73.95 -33.21
CA ALA J 60 -2.89 74.27 -31.84
C ALA J 60 -2.17 73.41 -30.79
N LEU J 61 -1.97 73.99 -29.59
CA LEU J 61 -1.33 73.29 -28.47
C LEU J 61 -2.17 73.38 -27.18
N HIS J 62 -3.30 72.63 -27.15
CA HIS J 62 -4.25 72.53 -26.03
C HIS J 62 -3.63 71.68 -24.88
N ASP J 63 -2.62 72.25 -24.19
CA ASP J 63 -1.87 71.71 -23.05
C ASP J 63 -0.98 70.49 -23.47
N CYS J 64 -1.44 69.22 -23.25
CA CYS J 64 -0.65 68.02 -23.57
C CYS J 64 -0.63 67.75 -25.07
N VAL J 65 -1.81 67.73 -25.70
CA VAL J 65 -1.98 67.42 -27.12
C VAL J 65 -1.49 68.57 -28.03
N LEU J 66 -1.06 68.20 -29.25
CA LEU J 66 -0.61 69.09 -30.32
C LEU J 66 -1.47 68.79 -31.55
N GLU J 67 -2.74 69.24 -31.53
CA GLU J 67 -3.75 69.03 -32.58
C GLU J 67 -3.37 69.67 -33.92
N PHE J 68 -3.99 69.20 -35.01
CA PHE J 68 -3.80 69.69 -36.38
C PHE J 68 -5.17 69.81 -37.05
N TRP J 69 -5.55 71.02 -37.44
CA TRP J 69 -6.84 71.22 -38.08
C TRP J 69 -6.63 71.86 -39.46
N PRO J 70 -6.21 71.08 -40.50
CA PRO J 70 -6.01 69.62 -40.55
C PRO J 70 -4.53 69.20 -40.52
N VAL J 71 -4.26 67.89 -40.77
CA VAL J 71 -2.91 67.36 -40.86
C VAL J 71 -2.61 67.15 -42.38
N GLU J 72 -1.77 68.04 -42.95
CA GLU J 72 -1.45 68.04 -44.38
C GLU J 72 -0.13 67.28 -44.70
N LEU J 73 0.23 67.22 -46.00
CA LEU J 73 1.38 66.52 -46.57
C LEU J 73 2.75 66.98 -46.02
N ASN J 74 2.97 68.30 -45.87
CA ASN J 74 4.24 68.84 -45.38
C ASN J 74 4.19 69.22 -43.88
N ASP J 75 3.64 68.30 -43.06
CA ASP J 75 3.55 68.38 -41.57
C ASP J 75 4.56 67.37 -41.00
N THR J 76 4.82 66.33 -41.80
CA THR J 76 5.69 65.17 -41.60
C THR J 76 7.08 65.58 -41.07
N GLY J 77 7.74 64.65 -40.36
CA GLY J 77 9.05 64.83 -39.75
C GLY J 77 9.02 64.70 -38.24
N SER J 78 10.03 63.99 -37.68
CA SER J 78 10.21 63.70 -36.26
C SER J 78 9.93 64.89 -35.34
N TYR J 79 8.89 64.76 -34.49
CA TYR J 79 8.46 65.78 -33.55
C TYR J 79 8.95 65.48 -32.12
N PHE J 80 9.84 66.35 -31.58
CA PHE J 80 10.40 66.21 -30.25
C PHE J 80 10.07 67.42 -29.39
N GLN J 88 9.99 63.36 -25.15
CA GLN J 88 9.33 62.38 -25.99
C GLN J 88 9.48 62.74 -27.47
N LYS J 89 9.68 61.72 -28.32
CA LYS J 89 9.86 61.84 -29.76
C LYS J 89 8.83 60.98 -30.52
N TRP J 90 8.34 61.51 -31.66
CA TRP J 90 7.39 60.85 -32.56
C TRP J 90 7.84 61.07 -34.00
N LYS J 91 8.34 60.02 -34.66
CA LYS J 91 8.75 60.13 -36.05
C LYS J 91 7.49 59.96 -36.94
N LEU J 92 6.77 61.08 -37.16
CA LEU J 92 5.53 61.13 -37.95
C LEU J 92 5.81 61.02 -39.46
N ASN J 93 4.82 60.52 -40.22
CA ASN J 93 4.87 60.32 -41.67
C ASN J 93 3.46 60.47 -42.24
N VAL J 94 3.27 61.41 -43.21
CA VAL J 94 1.96 61.67 -43.84
C VAL J 94 1.91 61.05 -45.25
N ILE J 95 0.82 60.35 -45.57
CA ILE J 95 0.65 59.68 -46.86
C ILE J 95 -0.48 60.33 -47.68
N ARG J 96 -0.34 60.24 -49.01
CA ARG J 96 -1.27 60.78 -50.02
C ARG J 96 -2.66 60.13 -49.94
N ARG J 97 -3.71 60.96 -50.07
CA ARG J 97 -5.11 60.52 -50.04
C ARG J 97 -5.54 59.94 -51.38
N ASN J 98 -6.30 58.82 -51.33
CA ASN J 98 -6.86 58.19 -52.52
C ASN J 98 -8.17 58.91 -52.84
N LYS J 99 -8.14 59.80 -53.86
CA LYS J 99 -9.24 60.65 -54.32
C LYS J 99 -10.39 59.89 -55.01
N HIS J 100 -10.09 58.79 -55.73
CA HIS J 100 -11.11 57.99 -56.43
C HIS J 100 -11.94 57.13 -55.47
N SER J 101 -11.36 56.78 -54.30
CA SER J 101 -12.05 55.91 -53.33
C SER J 101 -12.55 56.70 -52.11
N CYS J 102 -13.40 56.08 -51.30
CA CYS J 102 -13.95 56.63 -50.06
C CYS J 102 -12.87 56.59 -48.95
N PHE J 103 -11.87 55.67 -49.09
CA PHE J 103 -10.75 55.45 -48.16
C PHE J 103 -9.41 55.21 -48.89
N THR J 104 -8.30 55.43 -48.19
CA THR J 104 -6.95 55.23 -48.71
C THR J 104 -6.43 53.87 -48.21
N GLU J 105 -6.41 52.90 -49.13
CA GLU J 105 -5.96 51.51 -49.02
C GLU J 105 -4.77 51.31 -48.05
N ARG J 106 -3.78 52.23 -48.04
CA ARG J 106 -2.58 52.16 -47.21
C ARG J 106 -2.86 52.41 -45.71
N GLN J 107 -4.05 52.93 -45.37
CA GLN J 107 -4.41 53.23 -43.98
C GLN J 107 -5.56 52.34 -43.49
N VAL J 108 -5.39 51.01 -43.64
CA VAL J 108 -6.37 50.04 -43.21
C VAL J 108 -5.80 49.21 -42.05
N THR J 109 -6.69 48.72 -41.18
CA THR J 109 -6.40 47.85 -40.06
C THR J 109 -7.08 46.54 -40.40
N SER J 110 -6.30 45.51 -40.81
CA SER J 110 -6.87 44.23 -41.19
C SER J 110 -7.26 43.40 -39.97
N LYS J 111 -8.35 42.63 -40.10
CA LYS J 111 -8.86 41.75 -39.07
C LYS J 111 -9.38 40.47 -39.75
N ILE J 112 -8.95 39.33 -39.24
CA ILE J 112 -9.37 38.04 -39.78
C ILE J 112 -10.41 37.47 -38.83
N VAL J 113 -11.60 37.17 -39.35
CA VAL J 113 -12.70 36.63 -38.57
C VAL J 113 -13.08 35.28 -39.13
N GLU J 114 -13.27 34.29 -38.25
CA GLU J 114 -13.71 32.95 -38.63
C GLU J 114 -15.21 32.94 -38.86
N VAL J 115 -15.63 32.25 -39.92
CA VAL J 115 -17.05 32.12 -40.30
C VAL J 115 -17.88 31.57 -39.10
N LYS J 116 -19.10 32.13 -38.92
CA LYS J 116 -20.12 31.82 -37.90
C LYS J 116 -19.73 32.36 -36.50
N LYS J 117 -18.49 32.87 -36.33
CA LYS J 117 -18.04 33.45 -35.06
C LYS J 117 -18.48 34.91 -34.96
N PHE J 118 -18.63 35.44 -33.72
CA PHE J 118 -19.03 36.83 -33.47
C PHE J 118 -18.11 37.82 -34.16
N PHE J 119 -18.69 38.87 -34.71
CA PHE J 119 -17.95 39.90 -35.39
C PHE J 119 -18.66 41.24 -35.15
N GLN J 120 -17.87 42.22 -34.70
CA GLN J 120 -18.31 43.56 -34.34
C GLN J 120 -17.49 44.65 -35.04
N ILE J 121 -18.15 45.76 -35.40
CA ILE J 121 -17.53 46.97 -35.95
C ILE J 121 -18.23 48.12 -35.27
N THR J 122 -17.47 48.93 -34.54
CA THR J 122 -18.01 50.10 -33.83
C THR J 122 -17.21 51.33 -34.22
N CYS J 123 -17.91 52.39 -34.63
CA CYS J 123 -17.24 53.64 -34.99
C CYS J 123 -17.16 54.49 -33.72
N GLU J 124 -15.93 54.56 -33.16
CA GLU J 124 -15.69 55.25 -31.90
C GLU J 124 -14.40 56.07 -31.89
N ASN J 125 -14.56 57.39 -31.82
CA ASN J 125 -13.44 58.33 -31.69
C ASN J 125 -13.57 58.96 -30.31
N SER J 126 -12.78 58.44 -29.37
CA SER J 126 -12.78 58.85 -27.96
C SER J 126 -12.49 60.37 -27.79
N TYR J 127 -11.37 60.85 -28.38
CA TYR J 127 -10.88 62.23 -28.30
C TYR J 127 -11.87 63.29 -28.88
N TYR J 128 -12.25 63.15 -30.15
CA TYR J 128 -13.06 64.14 -30.87
C TYR J 128 -14.59 63.99 -30.71
N GLN J 129 -15.04 63.10 -29.78
CA GLN J 129 -16.43 62.75 -29.46
C GLN J 129 -17.40 63.94 -29.33
N THR J 130 -16.94 65.05 -28.71
CA THR J 130 -17.71 66.28 -28.46
C THR J 130 -17.75 67.26 -29.67
N LEU J 131 -17.07 66.90 -30.80
CA LEU J 131 -17.01 67.72 -32.01
C LEU J 131 -17.81 67.09 -33.17
N VAL J 132 -17.99 65.76 -33.14
CA VAL J 132 -18.68 65.01 -34.19
C VAL J 132 -20.19 65.31 -34.15
N ASN J 133 -20.77 65.58 -35.34
CA ASN J 133 -22.20 65.84 -35.51
C ASN J 133 -22.93 64.55 -35.93
N SER J 134 -22.24 63.69 -36.71
CA SER J 134 -22.71 62.40 -37.21
C SER J 134 -21.59 61.63 -37.88
N THR J 135 -21.48 60.34 -37.58
CA THR J 135 -20.48 59.47 -38.18
C THR J 135 -21.22 58.37 -38.99
N SER J 136 -20.73 58.11 -40.22
CA SER J 136 -21.32 57.13 -41.13
C SER J 136 -20.36 55.97 -41.47
N LEU J 137 -20.93 54.75 -41.51
CA LEU J 137 -20.20 53.51 -41.75
C LEU J 137 -20.49 52.97 -43.16
N TYR J 138 -19.42 52.75 -43.93
CA TYR J 138 -19.51 52.27 -45.31
C TYR J 138 -18.89 50.90 -45.45
N LYS J 139 -19.48 50.05 -46.29
CA LYS J 139 -18.90 48.77 -46.61
C LYS J 139 -18.62 48.83 -48.09
N ASN J 140 -17.32 48.88 -48.46
CA ASN J 140 -16.84 48.99 -49.83
C ASN J 140 -17.45 50.22 -50.49
N CYS J 141 -17.32 51.35 -49.78
CA CYS J 141 -17.76 52.69 -50.17
C CYS J 141 -19.29 52.75 -50.47
N LYS J 142 -20.07 51.97 -49.73
CA LYS J 142 -21.52 51.97 -49.83
C LYS J 142 -22.05 52.22 -48.44
N LYS J 143 -22.67 53.41 -48.20
CA LYS J 143 -23.16 53.79 -46.87
C LYS J 143 -24.18 52.80 -46.37
N LEU J 144 -23.89 52.18 -45.21
CA LEU J 144 -24.76 51.22 -44.54
C LEU J 144 -25.80 52.02 -43.76
N LEU J 145 -27.10 51.70 -43.86
CA LEU J 145 -28.12 52.55 -43.25
C LEU J 145 -28.19 52.44 -41.74
N LEU J 146 -27.63 53.50 -41.15
CA LEU J 146 -27.38 53.84 -39.77
C LEU J 146 -28.55 53.55 -38.81
N GLU J 147 -28.27 52.71 -37.79
CA GLU J 147 -29.15 52.44 -36.66
C GLU J 147 -28.91 53.62 -35.72
N ASN J 148 -27.61 53.89 -35.48
CA ASN J 148 -27.07 55.01 -34.71
C ASN J 148 -26.18 55.84 -35.63
N ASN J 149 -26.19 57.16 -35.45
CA ASN J 149 -25.37 58.09 -36.24
C ASN J 149 -24.19 58.61 -35.41
N LYS J 150 -24.22 58.39 -34.08
CA LYS J 150 -23.14 58.75 -33.16
C LYS J 150 -22.07 57.66 -33.15
N ASN J 151 -22.51 56.40 -33.07
CA ASN J 151 -21.60 55.26 -33.09
C ASN J 151 -22.21 54.11 -33.92
N PRO J 152 -22.24 54.25 -35.28
CA PRO J 152 -22.78 53.16 -36.11
C PRO J 152 -22.04 51.86 -35.83
N THR J 153 -22.79 50.80 -35.52
CA THR J 153 -22.23 49.52 -35.11
C THR J 153 -22.87 48.32 -35.83
N ILE J 154 -22.05 47.31 -36.12
CA ILE J 154 -22.46 46.03 -36.69
C ILE J 154 -22.14 44.98 -35.63
N LYS J 155 -23.14 44.19 -35.23
CA LYS J 155 -22.95 43.11 -34.26
C LYS J 155 -23.68 41.89 -34.80
N LYS J 156 -22.91 40.94 -35.38
CA LYS J 156 -23.47 39.74 -35.99
C LYS J 156 -22.46 38.57 -36.03
N ASN J 157 -22.98 37.36 -36.31
CA ASN J 157 -22.16 36.17 -36.50
C ASN J 157 -21.64 36.23 -37.92
N ALA J 158 -20.30 36.18 -38.09
CA ALA J 158 -19.67 36.33 -39.41
C ALA J 158 -20.17 35.33 -40.47
N GLU J 159 -20.30 35.83 -41.70
CA GLU J 159 -20.66 35.09 -42.90
C GLU J 159 -19.66 35.48 -43.96
N PHE J 160 -19.35 34.60 -44.91
CA PHE J 160 -18.35 34.91 -45.94
C PHE J 160 -18.68 36.19 -46.72
N GLU J 161 -19.99 36.54 -46.83
CA GLU J 161 -20.47 37.72 -47.53
C GLU J 161 -20.07 39.02 -46.78
N ASP J 162 -19.78 38.92 -45.45
CA ASP J 162 -19.37 40.05 -44.62
C ASP J 162 -17.96 40.56 -44.96
N GLN J 163 -17.17 39.79 -45.73
CA GLN J 163 -15.83 40.18 -46.18
C GLN J 163 -15.92 41.53 -46.90
N GLY J 164 -14.99 42.43 -46.60
CA GLY J 164 -14.97 43.75 -47.22
C GLY J 164 -14.28 44.80 -46.39
N TYR J 165 -14.25 46.03 -46.93
CA TYR J 165 -13.62 47.19 -46.31
C TYR J 165 -14.66 48.09 -45.66
N TYR J 166 -14.65 48.10 -44.33
CA TYR J 166 -15.58 48.89 -43.51
C TYR J 166 -14.92 50.17 -43.05
N SER J 167 -15.43 51.31 -43.54
CA SER J 167 -14.91 52.65 -43.23
C SER J 167 -15.84 53.42 -42.27
N CYS J 168 -15.28 53.83 -41.11
CA CYS J 168 -15.92 54.61 -40.07
C CYS J 168 -15.62 56.06 -40.33
N VAL J 169 -16.48 56.77 -41.06
CA VAL J 169 -16.15 58.18 -41.33
C VAL J 169 -16.76 59.07 -40.23
N HIS J 170 -15.90 59.65 -39.38
CA HIS J 170 -16.30 60.57 -38.31
C HIS J 170 -16.40 61.97 -38.93
N PHE J 171 -17.58 62.64 -38.88
CA PHE J 171 -17.80 63.97 -39.46
C PHE J 171 -17.95 65.05 -38.36
N LEU J 172 -16.92 65.89 -38.19
CA LEU J 172 -16.92 66.94 -37.18
C LEU J 172 -16.76 68.33 -37.78
N HIS J 173 -16.85 69.34 -36.90
CA HIS J 173 -16.68 70.76 -37.20
C HIS J 173 -15.54 71.35 -36.39
N HIS J 174 -14.85 72.33 -36.98
CA HIS J 174 -13.79 73.17 -36.41
C HIS J 174 -13.83 74.45 -37.21
N ASN J 175 -14.23 75.56 -36.54
CA ASN J 175 -14.48 76.86 -37.16
C ASN J 175 -15.62 76.65 -38.21
N GLY J 176 -15.43 77.15 -39.44
CA GLY J 176 -16.41 77.00 -40.53
C GLY J 176 -16.03 75.99 -41.58
N LYS J 177 -15.22 74.97 -41.20
CA LYS J 177 -14.78 73.89 -42.09
C LYS J 177 -15.33 72.53 -41.63
N LEU J 178 -15.81 71.74 -42.57
CA LEU J 178 -16.30 70.41 -42.23
C LEU J 178 -15.16 69.41 -42.36
N PHE J 179 -14.66 68.92 -41.20
CA PHE J 179 -13.56 67.95 -41.16
C PHE J 179 -14.10 66.52 -41.01
N ASN J 180 -13.24 65.52 -41.28
CA ASN J 180 -13.56 64.10 -41.12
C ASN J 180 -12.28 63.24 -40.86
N ILE J 181 -12.43 62.24 -39.99
CA ILE J 181 -11.40 61.26 -39.62
C ILE J 181 -11.94 59.90 -40.04
N THR J 182 -11.34 59.32 -41.11
CA THR J 182 -11.73 58.03 -41.70
C THR J 182 -10.81 56.89 -41.19
N LYS J 183 -11.41 55.80 -40.68
CA LYS J 183 -10.67 54.62 -40.21
C LYS J 183 -11.31 53.37 -40.81
N THR J 184 -10.60 52.73 -41.74
CA THR J 184 -11.07 51.54 -42.44
C THR J 184 -10.52 50.25 -41.80
N PHE J 185 -11.39 49.25 -41.76
CA PHE J 185 -11.14 47.90 -41.28
C PHE J 185 -11.24 46.92 -42.45
N ASN J 186 -10.14 46.20 -42.72
CA ASN J 186 -10.11 45.20 -43.78
C ASN J 186 -10.52 43.85 -43.22
N ILE J 187 -11.81 43.54 -43.33
CA ILE J 187 -12.33 42.29 -42.80
C ILE J 187 -12.24 41.19 -43.85
N THR J 188 -11.66 40.07 -43.41
CA THR J 188 -11.42 38.86 -44.16
C THR J 188 -12.07 37.71 -43.39
N ILE J 189 -13.08 37.08 -43.99
CA ILE J 189 -13.80 35.94 -43.42
C ILE J 189 -13.12 34.66 -43.92
N VAL J 190 -12.71 33.83 -42.96
CA VAL J 190 -12.00 32.57 -43.23
C VAL J 190 -12.80 31.39 -42.67
N GLU J 191 -12.50 30.18 -43.16
CA GLU J 191 -13.13 28.95 -42.69
C GLU J 191 -12.77 28.70 -41.21
N ASP J 192 -13.65 28.05 -40.44
CA ASP J 192 -13.40 27.76 -39.03
C ASP J 192 -12.19 26.83 -38.90
N ARG J 193 -11.12 27.33 -38.24
CA ARG J 193 -9.86 26.64 -38.03
C ARG J 193 -10.06 25.33 -37.26
N SER J 194 -11.16 25.25 -36.45
CA SER J 194 -11.62 24.10 -35.66
C SER J 194 -10.45 23.28 -35.09
N ASN J 195 -9.68 23.91 -34.19
CA ASN J 195 -8.51 23.27 -33.60
C ASN J 195 -8.89 22.07 -32.73
N ILE J 196 -8.08 21.00 -32.82
CA ILE J 196 -8.29 19.75 -32.12
C ILE J 196 -7.41 19.68 -30.87
N VAL J 197 -7.75 18.76 -29.95
CA VAL J 197 -6.93 18.50 -28.79
C VAL J 197 -5.84 17.53 -29.26
N PRO J 198 -4.55 17.91 -29.18
CA PRO J 198 -3.51 17.00 -29.66
C PRO J 198 -3.56 15.67 -28.93
N VAL J 199 -3.48 14.58 -29.68
CA VAL J 199 -3.54 13.24 -29.10
C VAL J 199 -2.35 12.42 -29.58
N LEU J 200 -1.62 11.84 -28.62
CA LEU J 200 -0.53 10.92 -28.94
C LEU J 200 -1.14 9.59 -29.29
N LEU J 201 -0.75 9.04 -30.44
CA LEU J 201 -1.24 7.75 -30.85
C LEU J 201 -0.48 6.65 -30.10
N GLY J 202 -1.19 5.57 -29.73
CA GLY J 202 -0.61 4.42 -29.03
C GLY J 202 -0.67 4.46 -27.52
N PRO J 203 -0.25 3.36 -26.84
CA PRO J 203 -0.33 3.33 -25.37
C PRO J 203 0.62 4.30 -24.64
N LYS J 204 0.17 4.84 -23.48
CA LYS J 204 0.89 5.78 -22.61
C LYS J 204 2.18 5.17 -22.08
N LEU J 205 2.20 3.87 -21.77
CA LEU J 205 3.40 3.22 -21.27
C LEU J 205 3.79 2.09 -22.20
N ASN J 206 5.03 2.16 -22.70
CA ASN J 206 5.54 1.21 -23.67
C ASN J 206 6.82 0.57 -23.20
N HIS J 207 6.85 -0.76 -23.24
CA HIS J 207 8.04 -1.53 -22.88
C HIS J 207 8.59 -2.08 -24.17
N VAL J 208 9.84 -1.74 -24.50
CA VAL J 208 10.45 -2.20 -25.76
C VAL J 208 11.72 -2.98 -25.42
N ALA J 209 11.71 -4.25 -25.81
CA ALA J 209 12.82 -5.18 -25.59
C ALA J 209 13.96 -4.82 -26.51
N VAL J 210 15.15 -4.65 -25.92
CA VAL J 210 16.37 -4.28 -26.63
C VAL J 210 17.50 -5.22 -26.20
N GLU J 211 18.64 -5.12 -26.89
CA GLU J 211 19.83 -5.91 -26.58
C GLU J 211 21.04 -4.98 -26.57
N LEU J 212 21.80 -5.03 -25.45
CA LEU J 212 22.96 -4.20 -25.18
C LEU J 212 23.96 -4.20 -26.32
N GLY J 213 24.47 -3.03 -26.65
CA GLY J 213 25.42 -2.83 -27.75
C GLY J 213 24.77 -2.52 -29.08
N LYS J 214 23.50 -2.93 -29.24
CA LYS J 214 22.72 -2.70 -30.46
C LYS J 214 22.03 -1.33 -30.39
N ASN J 215 21.22 -0.99 -31.41
CA ASN J 215 20.52 0.29 -31.51
C ASN J 215 18.99 0.11 -31.47
N VAL J 216 18.24 1.19 -31.19
CA VAL J 216 16.78 1.14 -31.17
C VAL J 216 16.20 2.47 -31.67
N ARG J 217 15.11 2.39 -32.43
CA ARG J 217 14.42 3.57 -32.93
C ARG J 217 13.01 3.59 -32.32
N LEU J 218 12.83 4.42 -31.29
CA LEU J 218 11.58 4.61 -30.55
C LEU J 218 10.69 5.53 -31.36
N ASN J 219 9.62 4.97 -31.94
CA ASN J 219 8.70 5.72 -32.79
C ASN J 219 7.61 6.39 -31.96
N CYS J 220 7.39 7.70 -32.17
CA CYS J 220 6.32 8.45 -31.51
C CYS J 220 5.52 9.21 -32.55
N SER J 221 4.19 9.05 -32.54
CA SER J 221 3.31 9.72 -33.50
C SER J 221 2.09 10.29 -32.83
N ALA J 222 1.59 11.37 -33.39
CA ALA J 222 0.43 12.06 -32.82
C ALA J 222 -0.44 12.63 -33.90
N LEU J 223 -1.64 13.03 -33.51
CA LEU J 223 -2.59 13.72 -34.33
C LEU J 223 -2.70 15.11 -33.76
N LEU J 224 -2.18 16.12 -34.47
CA LEU J 224 -2.15 17.46 -33.90
C LEU J 224 -2.47 18.57 -34.92
N ASN J 225 -2.57 19.82 -34.42
CA ASN J 225 -2.81 21.01 -35.23
C ASN J 225 -1.47 21.51 -35.81
N GLU J 226 -1.53 22.35 -36.87
CA GLU J 226 -0.38 22.90 -37.61
C GLU J 226 0.69 23.55 -36.72
N GLU J 227 0.28 24.25 -35.66
CA GLU J 227 1.22 24.99 -34.82
C GLU J 227 1.62 24.22 -33.54
N ASP J 228 1.34 22.92 -33.46
CA ASP J 228 1.71 22.12 -32.29
C ASP J 228 3.11 21.51 -32.44
N VAL J 229 3.74 21.19 -31.32
CA VAL J 229 5.08 20.60 -31.32
C VAL J 229 5.04 19.18 -30.75
N ILE J 230 5.95 18.33 -31.24
CA ILE J 230 6.13 16.98 -30.75
C ILE J 230 7.63 16.86 -30.44
N TYR J 231 7.97 16.50 -29.20
CA TYR J 231 9.37 16.40 -28.80
C TYR J 231 9.60 15.26 -27.83
N TRP J 232 10.87 14.89 -27.66
CA TRP J 232 11.34 13.84 -26.78
C TRP J 232 12.10 14.41 -25.59
N MET J 233 11.96 13.77 -24.42
CA MET J 233 12.73 14.08 -23.21
C MET J 233 13.58 12.87 -22.93
N PHE J 234 14.89 13.02 -23.08
CA PHE J 234 15.82 11.91 -22.92
C PHE J 234 17.05 12.29 -22.07
N GLY J 235 16.86 13.23 -21.14
CA GLY J 235 17.89 13.68 -20.21
C GLY J 235 18.96 14.64 -20.71
N GLU J 236 18.55 15.70 -21.44
CA GLU J 236 19.46 16.74 -21.93
C GLU J 236 19.80 17.78 -20.85
N GLU J 237 19.50 17.46 -19.55
CA GLU J 237 19.65 18.30 -18.36
C GLU J 237 20.99 19.08 -18.37
N ASN J 238 22.12 18.36 -18.36
CA ASN J 238 23.47 18.92 -18.47
C ASN J 238 24.17 18.12 -19.58
N GLY J 239 23.42 17.95 -20.68
CA GLY J 239 23.83 17.14 -21.81
C GLY J 239 23.25 15.75 -21.68
N SER J 240 22.90 15.15 -22.82
CA SER J 240 22.31 13.81 -22.85
C SER J 240 23.37 12.76 -23.22
N ASP J 241 22.95 11.50 -23.33
CA ASP J 241 23.77 10.38 -23.78
C ASP J 241 24.15 10.70 -25.21
N PRO J 242 25.46 10.72 -25.56
CA PRO J 242 25.85 11.11 -26.93
C PRO J 242 25.36 10.16 -28.00
N ASN J 243 24.85 8.99 -27.59
CA ASN J 243 24.34 7.96 -28.48
C ASN J 243 22.82 8.13 -28.74
N ILE J 244 22.16 9.09 -28.04
CA ILE J 244 20.72 9.32 -28.24
C ILE J 244 20.55 10.48 -29.23
N HIS J 245 19.81 10.24 -30.34
CA HIS J 245 19.57 11.23 -31.38
C HIS J 245 18.11 11.37 -31.71
N GLU J 246 17.61 12.60 -31.57
CA GLU J 246 16.23 12.99 -31.89
C GLU J 246 16.18 13.25 -33.40
N GLU J 247 15.47 12.39 -34.15
CA GLU J 247 15.40 12.50 -35.61
C GLU J 247 14.44 13.64 -36.07
N LYS J 248 14.51 14.00 -37.37
CA LYS J 248 13.68 15.04 -37.98
C LYS J 248 12.19 14.65 -37.94
N GLU J 249 11.33 15.64 -37.65
CA GLU J 249 9.89 15.48 -37.60
C GLU J 249 9.34 15.20 -38.99
N MET J 250 8.22 14.49 -39.04
CA MET J 250 7.53 14.10 -40.26
C MET J 250 6.08 14.41 -40.10
N ARG J 251 5.48 15.10 -41.06
CA ARG J 251 4.07 15.43 -40.95
C ARG J 251 3.31 15.14 -42.25
N ILE J 252 2.13 14.51 -42.13
CA ILE J 252 1.24 14.22 -43.25
C ILE J 252 -0.10 14.83 -42.88
N MET J 253 -0.64 15.70 -43.76
CA MET J 253 -1.91 16.36 -43.52
C MET J 253 -3.08 15.39 -43.68
N THR J 254 -4.02 15.42 -42.72
CA THR J 254 -5.21 14.58 -42.75
C THR J 254 -6.22 15.25 -43.66
N PRO J 255 -7.24 14.54 -44.20
CA PRO J 255 -8.23 15.22 -45.09
C PRO J 255 -8.91 16.40 -44.40
N GLU J 256 -9.09 16.31 -43.08
CA GLU J 256 -9.70 17.32 -42.24
C GLU J 256 -8.76 18.51 -41.97
N GLY J 257 -7.61 18.52 -42.65
CA GLY J 257 -6.59 19.58 -42.54
C GLY J 257 -5.77 19.56 -41.26
N LYS J 258 -5.81 18.47 -40.50
CA LYS J 258 -5.02 18.36 -39.28
C LYS J 258 -3.75 17.60 -39.62
N TRP J 259 -2.87 17.31 -38.65
CA TRP J 259 -1.61 16.68 -39.03
C TRP J 259 -1.25 15.43 -38.26
N HIS J 260 -0.71 14.44 -39.00
CA HIS J 260 -0.17 13.21 -38.45
C HIS J 260 1.33 13.47 -38.34
N ALA J 261 1.81 13.70 -37.10
CA ALA J 261 3.19 14.02 -36.81
C ALA J 261 3.95 12.84 -36.24
N SER J 262 5.19 12.67 -36.72
CA SER J 262 6.07 11.60 -36.27
C SER J 262 7.42 12.17 -35.88
N LYS J 263 7.99 11.66 -34.77
CA LYS J 263 9.29 12.00 -34.21
C LYS J 263 9.92 10.72 -33.68
N VAL J 264 11.15 10.41 -34.15
CA VAL J 264 11.80 9.18 -33.74
C VAL J 264 13.00 9.49 -32.87
N LEU J 265 13.08 8.78 -31.76
CA LEU J 265 14.26 8.86 -30.90
C LEU J 265 15.09 7.64 -31.26
N ARG J 266 16.33 7.91 -31.69
CA ARG J 266 17.27 6.87 -32.06
C ARG J 266 18.29 6.72 -30.94
N ILE J 267 18.22 5.59 -30.22
CA ILE J 267 19.13 5.30 -29.10
C ILE J 267 20.14 4.28 -29.63
N GLU J 268 21.34 4.75 -29.92
CA GLU J 268 22.40 3.91 -30.45
C GLU J 268 23.28 3.36 -29.33
N ASN J 269 24.03 2.27 -29.58
CA ASN J 269 24.96 1.66 -28.63
C ASN J 269 24.31 1.52 -27.23
N ILE J 270 23.16 0.80 -27.15
CA ILE J 270 22.36 0.61 -25.93
C ILE J 270 23.20 0.01 -24.80
N GLY J 271 23.14 0.63 -23.64
CA GLY J 271 23.84 0.20 -22.43
C GLY J 271 22.90 0.09 -21.26
N GLU J 272 23.43 -0.31 -20.09
CA GLU J 272 22.66 -0.45 -18.85
C GLU J 272 22.06 0.92 -18.40
N SER J 273 22.71 2.05 -18.79
CA SER J 273 22.26 3.41 -18.47
C SER J 273 20.96 3.78 -19.19
N ASN J 274 20.62 3.09 -20.29
CA ASN J 274 19.40 3.30 -21.09
C ASN J 274 18.24 2.42 -20.59
N LEU J 275 18.58 1.34 -19.86
CA LEU J 275 17.59 0.42 -19.35
C LEU J 275 16.91 0.94 -18.08
N ASN J 276 15.60 0.63 -17.95
CA ASN J 276 14.70 1.01 -16.85
C ASN J 276 14.70 2.53 -16.64
N VAL J 277 14.76 3.24 -17.78
CA VAL J 277 14.74 4.70 -17.84
C VAL J 277 13.55 5.07 -18.72
N LEU J 278 12.74 6.04 -18.24
CA LEU J 278 11.57 6.55 -18.94
C LEU J 278 11.97 7.60 -19.98
N TYR J 279 11.87 7.24 -21.27
CA TYR J 279 12.10 8.19 -22.36
C TYR J 279 10.74 8.68 -22.76
N ASN J 280 10.50 9.99 -22.60
CA ASN J 280 9.18 10.55 -22.81
C ASN J 280 9.03 11.31 -24.11
N CYS J 281 7.87 11.18 -24.73
CA CYS J 281 7.53 11.90 -25.93
C CYS J 281 6.34 12.74 -25.62
N THR J 282 6.43 14.06 -25.79
CA THR J 282 5.29 14.91 -25.49
C THR J 282 4.81 15.63 -26.73
N VAL J 283 3.51 15.88 -26.78
CA VAL J 283 2.85 16.70 -27.78
C VAL J 283 2.38 17.94 -27.03
N ALA J 284 2.77 19.13 -27.48
CA ALA J 284 2.40 20.34 -26.77
C ALA J 284 1.70 21.30 -27.68
N SER J 285 0.63 21.89 -27.16
CA SER J 285 -0.20 22.84 -27.87
C SER J 285 -0.72 23.92 -26.95
N THR J 286 -1.22 25.01 -27.55
CA THR J 286 -1.89 26.08 -26.81
C THR J 286 -3.24 25.51 -26.31
N GLY J 287 -3.67 24.41 -26.93
CA GLY J 287 -4.88 23.66 -26.58
C GLY J 287 -4.68 22.45 -25.66
N GLY J 288 -3.47 22.31 -25.09
CA GLY J 288 -3.13 21.24 -24.17
C GLY J 288 -1.93 20.39 -24.55
N THR J 289 -1.42 19.59 -23.59
CA THR J 289 -0.29 18.68 -23.79
C THR J 289 -0.67 17.24 -23.45
N ASP J 290 0.16 16.28 -23.89
CA ASP J 290 0.02 14.84 -23.61
C ASP J 290 1.38 14.20 -23.79
N THR J 291 1.77 13.34 -22.84
CA THR J 291 3.07 12.68 -22.84
C THR J 291 2.92 11.17 -22.77
N LYS J 292 3.78 10.41 -23.49
CA LYS J 292 3.79 8.96 -23.39
C LYS J 292 5.21 8.55 -23.07
N SER J 293 5.40 7.43 -22.34
CA SER J 293 6.72 6.97 -21.89
C SER J 293 7.13 5.66 -22.50
N PHE J 294 8.44 5.51 -22.69
CA PHE J 294 9.06 4.31 -23.23
C PHE J 294 10.09 3.78 -22.24
N ILE J 295 10.04 2.47 -21.96
CA ILE J 295 10.96 1.78 -21.06
C ILE J 295 11.72 0.77 -21.87
N LEU J 296 13.07 0.85 -21.83
CA LEU J 296 13.90 -0.13 -22.51
C LEU J 296 14.16 -1.31 -21.57
N VAL J 297 13.96 -2.55 -22.05
CA VAL J 297 14.16 -3.75 -21.22
C VAL J 297 15.05 -4.76 -21.95
N ARG J 298 15.84 -5.50 -21.15
CA ARG J 298 16.83 -6.47 -21.62
C ARG J 298 16.20 -7.73 -22.22
N LYS J 299 17.07 -8.64 -22.76
CA LYS J 299 16.74 -9.91 -23.42
C LYS J 299 15.74 -9.70 -24.56
N TYR K 1 34.35 29.53 -25.38
CA TYR K 1 33.11 28.76 -25.42
C TYR K 1 33.25 27.52 -26.33
N PHE K 2 32.66 26.39 -25.89
CA PHE K 2 32.67 25.10 -26.57
C PHE K 2 31.23 24.65 -26.84
N GLY K 3 31.00 24.10 -28.03
CA GLY K 3 29.70 23.60 -28.43
C GLY K 3 29.82 22.21 -29.00
N LYS K 4 29.14 21.22 -28.39
CA LYS K 4 29.20 19.82 -28.80
C LYS K 4 28.76 19.65 -30.23
N LEU K 5 29.60 19.00 -31.03
CA LEU K 5 29.31 18.76 -32.43
C LEU K 5 28.81 17.34 -32.64
N GLU K 6 29.71 16.35 -32.58
CA GLU K 6 29.35 14.96 -32.85
C GLU K 6 30.28 14.00 -32.08
N SER K 7 29.83 12.77 -31.88
CA SER K 7 30.59 11.76 -31.15
C SER K 7 30.88 10.56 -32.02
N LYS K 8 32.06 9.92 -31.80
CA LYS K 8 32.51 8.73 -32.51
C LYS K 8 32.93 7.65 -31.48
N LEU K 9 32.80 6.36 -31.83
CA LEU K 9 33.27 5.34 -30.91
C LEU K 9 34.69 4.98 -31.30
N SER K 10 35.61 5.07 -30.31
CA SER K 10 37.03 4.81 -30.54
C SER K 10 37.65 3.92 -29.47
N VAL K 11 38.77 3.25 -29.85
CA VAL K 11 39.62 2.43 -28.99
C VAL K 11 40.98 3.15 -28.91
N ILE K 12 41.29 3.70 -27.72
CA ILE K 12 42.53 4.41 -27.45
C ILE K 12 43.59 3.40 -27.00
N ARG K 13 44.76 3.46 -27.61
CA ARG K 13 45.88 2.59 -27.33
C ARG K 13 47.16 3.39 -27.21
N ASN K 14 48.02 3.02 -26.26
CA ASN K 14 49.32 3.68 -26.13
C ASN K 14 50.22 3.19 -27.27
N LEU K 15 51.45 3.69 -27.33
CA LEU K 15 52.33 3.31 -28.42
C LEU K 15 52.91 1.89 -28.25
N ASN K 16 52.51 1.18 -27.17
CA ASN K 16 52.89 -0.21 -26.91
C ASN K 16 51.72 -1.12 -27.25
N ASP K 17 50.69 -0.55 -27.92
CA ASP K 17 49.45 -1.21 -28.34
C ASP K 17 48.63 -1.72 -27.13
N GLN K 18 48.76 -1.05 -25.97
CA GLN K 18 48.00 -1.43 -24.77
C GLN K 18 46.69 -0.66 -24.76
N VAL K 19 45.57 -1.39 -24.71
CA VAL K 19 44.22 -0.83 -24.76
C VAL K 19 43.87 -0.11 -23.45
N LEU K 20 43.37 1.14 -23.61
CA LEU K 20 42.86 2.01 -22.53
C LEU K 20 41.48 1.50 -22.14
N PHE K 21 41.27 1.30 -20.82
CA PHE K 21 40.01 0.82 -20.29
C PHE K 21 39.77 1.31 -18.87
N ILE K 22 38.50 1.42 -18.47
CA ILE K 22 38.22 1.81 -17.10
C ILE K 22 37.96 0.50 -16.34
N ASP K 23 38.76 0.24 -15.31
CA ASP K 23 38.67 -0.98 -14.51
C ASP K 23 37.46 -0.94 -13.54
N GLN K 24 37.31 -2.00 -12.70
CA GLN K 24 36.25 -2.15 -11.69
C GLN K 24 36.21 -0.99 -10.70
N GLY K 25 37.38 -0.39 -10.43
CA GLY K 25 37.54 0.75 -9.54
C GLY K 25 37.39 2.10 -10.21
N ASN K 26 36.88 2.12 -11.47
CA ASN K 26 36.63 3.30 -12.33
C ASN K 26 37.91 4.11 -12.62
N ARG K 27 39.07 3.43 -12.59
CA ARG K 27 40.32 4.12 -12.87
C ARG K 27 40.78 3.76 -14.30
N PRO K 28 41.26 4.76 -15.06
CA PRO K 28 41.69 4.50 -16.44
C PRO K 28 43.06 3.83 -16.46
N LEU K 29 43.09 2.65 -17.07
CA LEU K 29 44.29 1.83 -17.15
C LEU K 29 44.56 1.36 -18.58
N PHE K 30 45.78 0.88 -18.82
CA PHE K 30 46.20 0.32 -20.10
C PHE K 30 46.61 -1.13 -19.92
N GLU K 31 46.18 -1.99 -20.83
CA GLU K 31 46.54 -3.40 -20.78
C GLU K 31 46.63 -3.99 -22.18
N ASP K 32 47.61 -4.88 -22.39
CA ASP K 32 47.82 -5.62 -23.63
C ASP K 32 46.60 -6.53 -23.83
N MET K 33 45.83 -6.33 -24.93
CA MET K 33 44.60 -7.09 -25.19
C MET K 33 44.52 -7.60 -26.60
N THR K 34 44.17 -8.90 -26.77
CA THR K 34 43.91 -9.44 -28.10
C THR K 34 42.61 -8.81 -28.59
N ASP K 35 42.33 -8.90 -29.90
CA ASP K 35 41.10 -8.35 -30.47
C ASP K 35 39.90 -8.84 -29.66
N SER K 36 39.86 -10.16 -29.39
CA SER K 36 38.80 -10.84 -28.63
C SER K 36 38.65 -10.25 -27.23
N ASP K 37 39.79 -10.07 -26.51
CA ASP K 37 39.84 -9.47 -25.18
C ASP K 37 39.28 -8.06 -25.18
N CYS K 38 39.61 -7.25 -26.22
CA CYS K 38 39.12 -5.87 -26.38
C CYS K 38 37.60 -5.87 -26.55
N ARG K 39 37.06 -6.84 -27.32
CA ARG K 39 35.63 -6.94 -27.56
C ARG K 39 34.90 -7.43 -26.31
N ASP K 40 35.40 -8.53 -25.71
CA ASP K 40 34.82 -9.15 -24.53
C ASP K 40 34.91 -8.22 -23.31
N ASN K 41 35.82 -7.23 -23.34
CA ASN K 41 35.96 -6.27 -22.25
C ASN K 41 35.13 -5.01 -22.51
N ALA K 42 34.56 -4.86 -23.73
CA ALA K 42 33.68 -3.75 -24.05
C ALA K 42 32.47 -3.79 -23.10
N PRO K 43 31.86 -2.66 -22.68
CA PRO K 43 32.09 -1.25 -23.08
C PRO K 43 33.26 -0.57 -22.40
N ARG K 44 33.81 -1.20 -21.34
CA ARG K 44 34.92 -0.67 -20.55
C ARG K 44 36.12 -0.24 -21.46
N THR K 45 36.24 -0.82 -22.68
CA THR K 45 37.31 -0.48 -23.65
C THR K 45 36.87 0.56 -24.70
N ILE K 46 35.56 0.67 -24.98
CA ILE K 46 35.01 1.59 -25.97
C ILE K 46 34.80 2.98 -25.39
N PHE K 47 35.46 3.99 -26.00
CA PHE K 47 35.36 5.38 -25.58
C PHE K 47 34.58 6.24 -26.59
N ILE K 48 33.86 7.24 -26.08
CA ILE K 48 33.05 8.14 -26.89
C ILE K 48 33.76 9.48 -26.99
N ILE K 49 34.62 9.62 -28.01
CA ILE K 49 35.32 10.88 -28.28
C ILE K 49 34.28 11.82 -28.90
N SER K 50 34.06 13.00 -28.28
CA SER K 50 33.06 13.96 -28.74
C SER K 50 33.72 15.26 -29.17
N MET K 51 33.50 15.67 -30.43
CA MET K 51 34.06 16.89 -31.01
C MET K 51 33.27 18.07 -30.57
N TYR K 52 33.96 19.18 -30.37
CA TYR K 52 33.41 20.45 -29.93
C TYR K 52 33.87 21.59 -30.79
N LYS K 53 33.01 22.57 -30.96
CA LYS K 53 33.42 23.75 -31.67
C LYS K 53 34.01 24.73 -30.67
N ASP K 54 34.95 25.58 -31.13
CA ASP K 54 35.64 26.54 -30.30
C ASP K 54 35.62 27.94 -30.93
N SER K 55 35.38 28.96 -30.07
CA SER K 55 35.40 30.37 -30.42
C SER K 55 36.86 30.82 -30.65
N GLN K 56 37.80 30.16 -29.92
CA GLN K 56 39.25 30.35 -29.99
C GLN K 56 39.83 29.02 -30.49
N PRO K 57 39.74 28.70 -31.82
CA PRO K 57 40.20 27.38 -32.29
C PRO K 57 41.67 27.13 -32.04
N ARG K 58 41.95 25.98 -31.42
CA ARG K 58 43.33 25.57 -31.15
C ARG K 58 43.40 24.02 -31.13
N GLY K 59 43.32 23.45 -32.33
CA GLY K 59 43.33 22.01 -32.53
C GLY K 59 41.93 21.43 -32.34
N MET K 60 41.80 20.11 -32.52
CA MET K 60 40.51 19.42 -32.37
C MET K 60 40.13 19.33 -30.89
N ALA K 61 39.09 20.10 -30.48
CA ALA K 61 38.60 20.10 -29.08
C ALA K 61 37.71 18.88 -28.87
N VAL K 62 38.09 17.98 -27.93
CA VAL K 62 37.34 16.75 -27.67
C VAL K 62 37.17 16.45 -26.18
N THR K 63 36.20 15.57 -25.84
CA THR K 63 35.93 15.00 -24.50
C THR K 63 35.92 13.48 -24.61
N ILE K 64 36.68 12.78 -23.75
CA ILE K 64 36.74 11.33 -23.78
C ILE K 64 35.73 10.82 -22.75
N SER K 65 34.75 10.03 -23.20
CA SER K 65 33.71 9.50 -22.33
C SER K 65 33.64 7.99 -22.43
N VAL K 66 32.98 7.35 -21.46
CA VAL K 66 32.81 5.89 -21.42
C VAL K 66 31.40 5.55 -20.94
N LYS K 67 30.76 4.55 -21.57
CA LYS K 67 29.38 4.18 -21.23
C LYS K 67 29.29 2.81 -20.53
N CYS K 68 29.22 2.81 -19.21
CA CYS K 68 29.07 1.59 -18.40
C CYS K 68 27.66 1.56 -17.81
N GLU K 69 27.53 1.31 -16.50
CA GLU K 69 26.24 1.35 -15.80
C GLU K 69 25.75 2.79 -15.79
N LYS K 70 26.70 3.73 -15.99
CA LYS K 70 26.51 5.18 -16.10
C LYS K 70 27.56 5.76 -17.07
N ILE K 71 27.27 6.90 -17.70
CA ILE K 71 28.19 7.57 -18.62
C ILE K 71 29.11 8.46 -17.79
N SER K 72 30.44 8.24 -17.92
CA SER K 72 31.48 9.01 -17.22
C SER K 72 32.32 9.79 -18.20
N THR K 73 32.75 11.00 -17.84
CA THR K 73 33.60 11.82 -18.69
C THR K 73 34.95 12.02 -18.00
N LEU K 74 36.04 11.85 -18.78
CA LEU K 74 37.41 12.03 -18.34
C LEU K 74 37.66 13.49 -18.01
N SER K 75 38.12 13.75 -16.79
CA SER K 75 38.45 15.07 -16.27
C SER K 75 39.87 15.10 -15.73
N CYS K 76 40.58 16.22 -15.96
CA CYS K 76 41.95 16.42 -15.51
C CYS K 76 42.01 17.48 -14.39
N GLU K 77 40.88 17.65 -13.62
CA GLU K 77 40.72 18.61 -12.51
C GLU K 77 41.81 18.40 -11.46
N ASN K 78 42.48 19.51 -11.06
CA ASN K 78 43.60 19.58 -10.09
C ASN K 78 44.81 18.77 -10.58
N LYS K 79 45.02 18.71 -11.91
CA LYS K 79 46.11 17.99 -12.60
C LYS K 79 46.05 16.46 -12.33
N ILE K 80 44.90 15.97 -11.80
CA ILE K 80 44.71 14.54 -11.53
C ILE K 80 43.58 14.01 -12.44
N ILE K 81 43.88 12.97 -13.25
CA ILE K 81 42.95 12.33 -14.20
C ILE K 81 41.97 11.40 -13.45
N SER K 82 40.67 11.64 -13.63
CA SER K 82 39.52 10.95 -13.02
C SER K 82 38.38 10.85 -14.01
N PHE K 83 37.43 9.93 -13.76
CA PHE K 83 36.28 9.74 -14.62
C PHE K 83 35.02 10.18 -13.87
N LYS K 84 34.65 11.46 -14.06
CA LYS K 84 33.50 12.08 -13.42
C LYS K 84 32.18 11.56 -14.04
N GLU K 85 31.22 11.15 -13.18
CA GLU K 85 29.92 10.66 -13.62
C GLU K 85 29.14 11.82 -14.21
N MET K 86 29.24 12.01 -15.54
CA MET K 86 28.56 13.07 -16.31
C MET K 86 28.62 12.86 -17.82
N ASN K 87 27.55 13.26 -18.53
CA ASN K 87 27.49 13.20 -19.98
C ASN K 87 28.30 14.35 -20.58
N PRO K 88 28.86 14.23 -21.81
CA PRO K 88 29.53 15.38 -22.41
C PRO K 88 28.50 16.51 -22.60
N PRO K 89 28.78 17.72 -22.09
CA PRO K 89 27.80 18.81 -22.17
C PRO K 89 27.57 19.31 -23.58
N ASP K 90 26.39 19.92 -23.82
CA ASP K 90 26.05 20.50 -25.12
C ASP K 90 26.89 21.76 -25.34
N ASN K 91 26.96 22.61 -24.29
CA ASN K 91 27.69 23.88 -24.27
C ASN K 91 28.65 23.92 -23.08
N ILE K 92 29.92 24.29 -23.32
CA ILE K 92 30.94 24.41 -22.28
C ILE K 92 31.54 25.84 -22.34
N LYS K 93 31.02 26.73 -21.46
CA LYS K 93 31.43 28.14 -21.36
C LYS K 93 32.93 28.29 -20.97
N ASP K 94 33.51 29.46 -21.28
CA ASP K 94 34.92 29.84 -21.10
C ASP K 94 35.84 29.12 -22.09
N THR K 95 37.10 29.55 -22.15
CA THR K 95 38.11 29.06 -23.09
C THR K 95 38.94 27.88 -22.50
N LYS K 96 38.74 27.58 -21.21
CA LYS K 96 39.42 26.49 -20.50
C LYS K 96 38.40 25.51 -19.93
N SER K 97 38.78 24.22 -19.85
CA SER K 97 37.96 23.15 -19.29
C SER K 97 38.79 21.94 -18.87
N ASP K 98 38.41 21.34 -17.74
CA ASP K 98 39.02 20.14 -17.19
C ASP K 98 38.60 18.90 -17.98
N ILE K 99 37.54 19.00 -18.82
CA ILE K 99 37.09 17.84 -19.59
C ILE K 99 37.41 17.99 -21.10
N ILE K 100 37.73 19.21 -21.56
CA ILE K 100 38.09 19.44 -22.97
C ILE K 100 39.59 19.23 -23.13
N PHE K 101 39.97 18.46 -24.17
CA PHE K 101 41.37 18.20 -24.54
C PHE K 101 41.57 18.53 -26.00
N PHE K 102 42.79 18.95 -26.39
CA PHE K 102 43.05 19.25 -27.77
C PHE K 102 43.78 18.08 -28.41
N GLN K 103 43.06 17.35 -29.26
CA GLN K 103 43.60 16.20 -29.97
C GLN K 103 44.39 16.71 -31.16
N ARG K 104 45.67 16.39 -31.16
CA ARG K 104 46.59 16.80 -32.20
C ARG K 104 47.45 15.61 -32.64
N SER K 105 47.58 15.42 -33.97
CA SER K 105 48.43 14.40 -34.58
C SER K 105 49.87 14.91 -34.50
N VAL K 106 50.84 14.04 -34.10
CA VAL K 106 52.24 14.47 -33.96
C VAL K 106 52.82 14.82 -35.36
N PRO K 107 53.63 15.88 -35.47
CA PRO K 107 54.18 16.26 -36.79
C PRO K 107 54.95 15.09 -37.43
N GLY K 108 54.55 14.71 -38.64
CA GLY K 108 55.16 13.62 -39.38
C GLY K 108 54.50 12.27 -39.16
N HIS K 109 53.74 12.11 -38.06
CA HIS K 109 53.05 10.85 -37.77
C HIS K 109 51.55 11.14 -37.51
N ASP K 110 50.79 11.27 -38.61
CA ASP K 110 49.37 11.59 -38.64
C ASP K 110 48.49 10.59 -37.89
N ASN K 111 49.04 9.41 -37.48
CA ASN K 111 48.28 8.39 -36.74
C ASN K 111 48.55 8.45 -35.23
N LYS K 112 49.72 9.02 -34.86
CA LYS K 112 50.11 9.22 -33.48
C LYS K 112 49.49 10.53 -33.00
N MET K 113 48.58 10.44 -32.01
CA MET K 113 47.84 11.58 -31.45
C MET K 113 48.31 11.93 -30.05
N GLN K 114 48.10 13.17 -29.65
CA GLN K 114 48.41 13.74 -28.34
C GLN K 114 47.21 14.51 -27.86
N PHE K 115 46.96 14.53 -26.54
CA PHE K 115 45.80 15.23 -25.97
C PHE K 115 46.27 16.27 -24.99
N GLU K 116 46.26 17.54 -25.43
CA GLU K 116 46.69 18.67 -24.60
C GLU K 116 45.53 19.11 -23.73
N SER K 117 45.79 19.40 -22.44
CA SER K 117 44.76 19.86 -21.50
C SER K 117 44.36 21.28 -21.84
N SER K 118 43.04 21.52 -22.01
CA SER K 118 42.58 22.88 -22.34
C SER K 118 42.70 23.78 -21.10
N SER K 119 42.43 23.21 -19.90
CA SER K 119 42.55 23.93 -18.63
C SER K 119 44.02 24.22 -18.29
N TYR K 120 44.86 23.18 -18.12
CA TYR K 120 46.27 23.38 -17.79
C TYR K 120 47.14 23.29 -19.06
N GLU K 121 47.40 24.47 -19.66
CA GLU K 121 48.21 24.73 -20.87
C GLU K 121 49.56 24.01 -20.79
N GLY K 122 49.93 23.31 -21.87
CA GLY K 122 51.20 22.60 -21.97
C GLY K 122 51.28 21.21 -21.34
N TYR K 123 50.22 20.80 -20.61
CA TYR K 123 50.14 19.47 -19.98
C TYR K 123 49.41 18.50 -20.94
N PHE K 124 49.72 17.19 -20.85
CA PHE K 124 49.16 16.21 -21.76
C PHE K 124 48.70 14.93 -21.09
N LEU K 125 47.79 14.21 -21.76
CA LEU K 125 47.30 12.90 -21.36
C LEU K 125 48.44 11.92 -21.60
N ALA K 126 48.76 11.05 -20.63
CA ALA K 126 49.89 10.14 -20.78
C ALA K 126 49.71 8.79 -20.08
N CYS K 127 50.46 7.79 -20.55
CA CYS K 127 50.51 6.46 -19.96
C CYS K 127 51.77 6.36 -19.10
N GLU K 128 51.58 6.07 -17.80
CA GLU K 128 52.68 5.93 -16.85
C GLU K 128 52.54 4.64 -16.06
N LYS K 129 53.65 3.91 -15.87
CA LYS K 129 53.65 2.68 -15.08
C LYS K 129 53.77 3.01 -13.59
N GLU K 130 52.74 2.67 -12.80
CA GLU K 130 52.73 2.89 -11.36
C GLU K 130 52.64 1.55 -10.66
N ARG K 131 53.71 1.21 -9.91
CA ARG K 131 53.90 -0.05 -9.17
C ARG K 131 53.74 -1.25 -10.11
N ASP K 132 52.54 -1.91 -10.15
CA ASP K 132 52.29 -3.08 -10.99
C ASP K 132 51.34 -2.83 -12.19
N LEU K 133 50.67 -1.65 -12.31
CA LEU K 133 49.74 -1.37 -13.42
C LEU K 133 49.98 -0.01 -14.15
N PHE K 134 49.56 0.07 -15.43
CA PHE K 134 49.74 1.19 -16.38
C PHE K 134 48.58 2.17 -16.27
N LYS K 135 48.86 3.37 -15.77
CA LYS K 135 47.83 4.37 -15.51
C LYS K 135 47.76 5.51 -16.53
N LEU K 136 46.54 6.03 -16.77
CA LEU K 136 46.32 7.23 -17.57
C LEU K 136 46.43 8.46 -16.62
N ILE K 137 47.26 9.47 -16.98
CA ILE K 137 47.50 10.68 -16.15
C ILE K 137 47.92 11.93 -16.97
N LEU K 138 47.84 13.10 -16.33
CA LEU K 138 48.26 14.37 -16.92
C LEU K 138 49.76 14.55 -16.68
N LYS K 139 50.53 15.00 -17.71
CA LYS K 139 51.99 15.18 -17.63
C LYS K 139 52.50 16.28 -18.56
N LYS K 140 53.43 17.13 -18.07
CA LYS K 140 54.06 18.22 -18.83
C LYS K 140 54.93 17.63 -19.91
N GLU K 141 54.81 18.17 -21.15
CA GLU K 141 55.48 17.72 -22.39
C GLU K 141 56.92 17.21 -22.17
N ASP K 142 57.73 17.94 -21.36
CA ASP K 142 59.15 17.66 -21.07
C ASP K 142 59.91 17.40 -22.40
N GLU K 143 60.63 16.27 -22.55
CA GLU K 143 61.39 15.91 -23.74
C GLU K 143 60.53 15.89 -25.00
N LEU K 144 61.01 16.51 -26.10
CA LEU K 144 60.30 16.51 -27.37
C LEU K 144 60.51 15.16 -28.04
N GLY K 145 59.41 14.50 -28.40
CA GLY K 145 59.41 13.16 -28.98
C GLY K 145 59.00 12.11 -27.95
N ASP K 146 58.46 12.56 -26.80
CA ASP K 146 57.98 11.76 -25.68
C ASP K 146 56.87 10.81 -26.16
N ARG K 147 57.15 9.50 -26.19
CA ARG K 147 56.20 8.51 -26.68
C ARG K 147 55.09 8.19 -25.67
N SER K 148 55.25 8.57 -24.38
CA SER K 148 54.24 8.29 -23.35
C SER K 148 52.98 9.16 -23.52
N ILE K 149 53.12 10.34 -24.15
CA ILE K 149 51.99 11.27 -24.38
C ILE K 149 51.36 11.02 -25.76
N MET K 150 51.86 10.01 -26.49
CA MET K 150 51.35 9.65 -27.81
C MET K 150 50.45 8.44 -27.73
N PHE K 151 49.35 8.47 -28.53
CA PHE K 151 48.33 7.42 -28.60
C PHE K 151 47.85 7.16 -30.03
N THR K 152 46.99 6.13 -30.19
CA THR K 152 46.35 5.80 -31.45
C THR K 152 44.86 5.60 -31.16
N VAL K 153 43.99 6.23 -31.97
CA VAL K 153 42.55 6.09 -31.79
C VAL K 153 42.03 5.27 -32.98
N GLN K 154 41.36 4.13 -32.69
CA GLN K 154 40.81 3.21 -33.70
C GLN K 154 39.33 3.42 -33.74
N ASN K 155 38.81 3.96 -34.84
CA ASN K 155 37.39 4.27 -34.97
C ASN K 155 36.56 3.04 -35.43
N GLU K 156 35.33 2.88 -34.86
CA GLU K 156 34.41 1.77 -35.17
C GLU K 156 33.61 2.07 -36.45
N CYS L 5 50.93 -8.08 -15.26
CA CYS L 5 49.75 -7.82 -14.43
C CYS L 5 48.44 -8.16 -15.16
N THR L 6 47.36 -8.34 -14.37
CA THR L 6 46.03 -8.69 -14.85
C THR L 6 45.02 -7.78 -14.09
N SER L 7 44.70 -6.63 -14.71
CA SER L 7 43.77 -5.63 -14.18
C SER L 7 42.42 -5.62 -14.90
N ARG L 8 42.32 -6.24 -16.10
CA ARG L 8 41.06 -6.25 -16.84
C ARG L 8 40.09 -7.31 -16.30
N PRO L 9 38.76 -7.04 -16.35
CA PRO L 9 37.79 -8.00 -15.80
C PRO L 9 37.60 -9.29 -16.63
N HIS L 10 37.68 -9.22 -17.99
CA HIS L 10 37.50 -10.40 -18.84
C HIS L 10 38.80 -10.83 -19.53
N ILE L 11 39.11 -12.14 -19.40
CA ILE L 11 40.32 -12.75 -19.96
C ILE L 11 39.98 -13.94 -20.86
N THR L 12 40.62 -13.99 -22.03
CA THR L 12 40.46 -15.10 -22.97
C THR L 12 41.85 -15.75 -23.16
N VAL L 13 41.94 -17.05 -22.89
CA VAL L 13 43.17 -17.86 -22.98
C VAL L 13 42.90 -19.10 -23.80
N VAL L 14 43.93 -19.66 -24.45
CA VAL L 14 43.82 -20.87 -25.25
C VAL L 14 44.25 -22.08 -24.39
N GLU L 15 43.52 -23.20 -24.51
CA GLU L 15 43.80 -24.44 -23.78
C GLU L 15 45.22 -24.97 -24.08
N GLY L 16 45.83 -25.61 -23.08
CA GLY L 16 47.18 -26.17 -23.18
C GLY L 16 48.30 -25.16 -23.22
N GLU L 17 48.05 -23.96 -22.65
CA GLU L 17 49.01 -22.86 -22.55
C GLU L 17 49.21 -22.46 -21.08
N PRO L 18 50.47 -22.31 -20.58
CA PRO L 18 50.63 -21.88 -19.19
C PRO L 18 50.09 -20.47 -19.03
N PHE L 19 49.12 -20.30 -18.12
CA PHE L 19 48.49 -19.02 -17.87
C PHE L 19 48.60 -18.64 -16.41
N TYR L 20 48.76 -17.33 -16.17
CA TYR L 20 48.90 -16.79 -14.83
C TYR L 20 47.92 -15.68 -14.62
N LEU L 21 47.56 -15.43 -13.36
CA LEU L 21 46.66 -14.35 -13.03
C LEU L 21 47.28 -13.55 -11.89
N LYS L 22 48.16 -12.60 -12.24
CA LYS L 22 48.81 -11.75 -11.24
C LYS L 22 47.84 -10.67 -10.81
N HIS L 23 47.30 -10.83 -9.59
CA HIS L 23 46.35 -9.90 -9.00
C HIS L 23 47.09 -8.65 -8.62
N CYS L 24 46.81 -7.56 -9.34
CA CYS L 24 47.42 -6.24 -9.16
C CYS L 24 46.98 -5.67 -7.78
N SER L 25 47.83 -5.85 -6.73
CA SER L 25 47.55 -5.46 -5.34
C SER L 25 48.80 -5.44 -4.42
N CYS L 26 49.98 -5.85 -4.92
CA CYS L 26 51.25 -5.95 -4.15
C CYS L 26 51.75 -4.56 -3.64
N SER L 27 51.06 -4.03 -2.59
CA SER L 27 51.31 -2.74 -1.94
C SER L 27 52.67 -2.73 -1.24
N ARG L 58 48.31 -28.72 -12.75
CA ARG L 58 47.60 -28.24 -11.56
C ARG L 58 47.85 -26.74 -11.33
N ILE L 59 46.90 -26.07 -10.62
CA ILE L 59 46.99 -24.64 -10.29
C ILE L 59 47.80 -24.45 -9.00
N ALA L 60 48.85 -23.59 -9.05
CA ALA L 60 49.73 -23.28 -7.92
C ALA L 60 49.52 -21.85 -7.42
N LEU L 61 49.01 -21.71 -6.18
CA LEU L 61 48.72 -20.42 -5.51
C LEU L 61 50.00 -19.75 -5.02
N HIS L 62 50.13 -18.42 -5.24
CA HIS L 62 51.30 -17.62 -4.86
C HIS L 62 50.90 -16.30 -4.15
N ASP L 63 51.89 -15.63 -3.52
CA ASP L 63 51.76 -14.40 -2.74
C ASP L 63 51.01 -13.28 -3.49
N CYS L 64 51.33 -13.06 -4.78
CA CYS L 64 50.71 -12.02 -5.61
C CYS L 64 49.86 -12.62 -6.74
N VAL L 65 50.23 -13.83 -7.26
CA VAL L 65 49.57 -14.46 -8.41
C VAL L 65 48.89 -15.82 -8.09
N LEU L 66 48.00 -16.24 -9.01
CA LEU L 66 47.26 -17.50 -9.00
C LEU L 66 47.52 -18.13 -10.38
N GLU L 67 48.58 -18.94 -10.51
CA GLU L 67 48.97 -19.49 -11.81
C GLU L 67 48.48 -20.92 -12.11
N PHE L 68 48.38 -21.25 -13.42
CA PHE L 68 47.97 -22.52 -14.02
C PHE L 68 49.14 -23.17 -14.74
N TRP L 69 49.16 -24.52 -14.82
CA TRP L 69 50.26 -25.23 -15.51
C TRP L 69 49.84 -26.56 -16.22
N PRO L 70 49.33 -26.49 -17.48
CA PRO L 70 48.92 -25.31 -18.26
C PRO L 70 47.46 -24.96 -17.97
N VAL L 71 46.85 -24.07 -18.76
CA VAL L 71 45.44 -23.76 -18.56
C VAL L 71 44.62 -24.63 -19.55
N GLU L 72 43.60 -25.34 -19.05
CA GLU L 72 42.77 -26.19 -19.87
C GLU L 72 41.34 -25.59 -19.99
N LEU L 73 40.46 -26.21 -20.80
CA LEU L 73 39.07 -25.75 -21.02
C LEU L 73 38.21 -25.81 -19.75
N ASN L 74 38.42 -26.81 -18.86
CA ASN L 74 37.70 -27.00 -17.59
C ASN L 74 37.90 -25.80 -16.62
N ASP L 75 38.93 -24.96 -16.88
CA ASP L 75 39.28 -23.79 -16.06
C ASP L 75 38.39 -22.59 -16.36
N THR L 76 37.62 -22.63 -17.46
CA THR L 76 36.73 -21.53 -17.84
C THR L 76 35.74 -21.24 -16.70
N GLY L 77 35.53 -19.94 -16.46
CA GLY L 77 34.68 -19.41 -15.40
C GLY L 77 35.34 -18.27 -14.64
N SER L 78 34.60 -17.65 -13.70
CA SER L 78 35.10 -16.52 -12.89
C SER L 78 35.87 -16.98 -11.63
N TYR L 79 36.91 -16.18 -11.25
CA TYR L 79 37.83 -16.43 -10.13
C TYR L 79 37.89 -15.27 -9.10
N PHE L 80 38.18 -15.64 -7.84
CA PHE L 80 38.32 -14.75 -6.69
C PHE L 80 39.65 -13.98 -6.73
N LYS L 89 37.93 -11.42 -8.31
CA LYS L 89 37.51 -10.16 -8.95
C LYS L 89 37.83 -10.18 -10.48
N TRP L 90 37.84 -11.39 -11.08
CA TRP L 90 38.17 -11.61 -12.49
C TRP L 90 37.23 -12.66 -13.14
N LYS L 91 37.13 -12.66 -14.49
CA LYS L 91 36.30 -13.60 -15.25
C LYS L 91 37.10 -14.17 -16.45
N LEU L 92 37.41 -15.48 -16.42
CA LEU L 92 38.20 -16.15 -17.47
C LEU L 92 37.33 -16.92 -18.46
N ASN L 93 37.83 -17.06 -19.70
CA ASN L 93 37.20 -17.77 -20.81
C ASN L 93 38.27 -18.54 -21.59
N VAL L 94 38.41 -19.84 -21.31
CA VAL L 94 39.38 -20.70 -21.98
C VAL L 94 38.77 -21.17 -23.31
N ILE L 95 39.43 -20.82 -24.43
CA ILE L 95 38.97 -21.17 -25.78
C ILE L 95 39.80 -22.35 -26.35
N ARG L 96 39.17 -23.13 -27.23
CA ARG L 96 39.73 -24.32 -27.87
C ARG L 96 40.90 -23.97 -28.80
N ARG L 97 41.96 -24.80 -28.76
CA ARG L 97 43.17 -24.64 -29.57
C ARG L 97 42.94 -25.16 -30.99
N ASN L 98 43.49 -24.45 -32.00
CA ASN L 98 43.42 -24.91 -33.40
C ASN L 98 44.57 -25.92 -33.62
N LYS L 99 44.26 -27.11 -34.17
CA LYS L 99 45.25 -28.17 -34.40
C LYS L 99 45.93 -28.00 -35.76
N HIS L 100 45.19 -27.48 -36.76
CA HIS L 100 45.67 -27.26 -38.12
C HIS L 100 46.63 -26.06 -38.19
N SER L 101 46.36 -25.01 -37.41
CA SER L 101 47.16 -23.78 -37.36
C SER L 101 48.07 -23.74 -36.12
N CYS L 102 49.24 -23.07 -36.25
CA CYS L 102 50.27 -22.89 -35.20
C CYS L 102 49.81 -21.87 -34.15
N PHE L 103 48.58 -21.35 -34.31
CA PHE L 103 47.95 -20.36 -33.46
C PHE L 103 46.44 -20.35 -33.66
N THR L 104 45.68 -20.00 -32.61
CA THR L 104 44.22 -19.93 -32.68
C THR L 104 43.85 -18.51 -33.16
N GLU L 105 42.97 -18.42 -34.20
CA GLU L 105 42.49 -17.20 -34.87
C GLU L 105 41.75 -16.21 -33.95
N ARG L 106 41.24 -16.69 -32.80
CA ARG L 106 40.52 -15.90 -31.79
C ARG L 106 41.49 -15.33 -30.72
N GLN L 107 42.79 -15.64 -30.84
CA GLN L 107 43.78 -15.11 -29.91
C GLN L 107 44.81 -14.24 -30.66
N VAL L 108 44.33 -13.32 -31.55
CA VAL L 108 45.22 -12.45 -32.30
C VAL L 108 45.01 -10.99 -31.87
N THR L 109 46.07 -10.19 -31.98
CA THR L 109 46.11 -8.75 -31.71
C THR L 109 46.40 -8.09 -33.05
N SER L 110 45.38 -7.47 -33.67
CA SER L 110 45.56 -6.84 -34.98
C SER L 110 46.26 -5.50 -34.87
N LYS L 111 47.04 -5.18 -35.90
CA LYS L 111 47.78 -3.91 -36.02
C LYS L 111 47.81 -3.47 -37.47
N ILE L 112 47.43 -2.21 -37.73
CA ILE L 112 47.39 -1.67 -39.09
C ILE L 112 48.61 -0.78 -39.24
N VAL L 113 49.43 -1.07 -40.27
CA VAL L 113 50.63 -0.28 -40.53
C VAL L 113 50.54 0.30 -41.95
N GLU L 114 50.91 1.58 -42.08
CA GLU L 114 50.94 2.26 -43.38
C GLU L 114 52.22 1.85 -44.11
N VAL L 115 52.10 1.61 -45.41
CA VAL L 115 53.22 1.23 -46.27
C VAL L 115 54.36 2.31 -46.19
N LYS L 116 55.62 1.85 -46.19
CA LYS L 116 56.88 2.59 -46.11
C LYS L 116 57.14 3.15 -44.68
N LYS L 117 56.16 3.02 -43.74
CA LYS L 117 56.33 3.48 -42.36
C LYS L 117 57.00 2.38 -41.53
N PHE L 118 57.70 2.76 -40.43
CA PHE L 118 58.44 1.82 -39.56
C PHE L 118 57.54 0.74 -39.04
N PHE L 119 58.12 -0.47 -38.95
CA PHE L 119 57.43 -1.68 -38.56
C PHE L 119 58.31 -2.56 -37.64
N GLN L 120 57.79 -2.87 -36.44
CA GLN L 120 58.51 -3.65 -35.43
C GLN L 120 57.67 -4.79 -34.84
N ILE L 121 58.31 -5.94 -34.63
CA ILE L 121 57.75 -7.12 -33.97
C ILE L 121 58.84 -7.65 -33.07
N THR L 122 58.58 -7.68 -31.75
CA THR L 122 59.54 -8.17 -30.77
C THR L 122 58.88 -9.24 -29.90
N CYS L 123 59.54 -10.38 -29.75
CA CYS L 123 59.02 -11.46 -28.92
C CYS L 123 59.59 -11.29 -27.52
N GLU L 124 58.73 -10.97 -26.56
CA GLU L 124 59.17 -10.80 -25.18
C GLU L 124 58.11 -11.23 -24.19
N ASN L 125 58.57 -11.79 -23.05
CA ASN L 125 57.76 -12.21 -21.91
C ASN L 125 58.45 -11.76 -20.62
N SER L 126 57.71 -11.06 -19.74
CA SER L 126 58.25 -10.52 -18.48
C SER L 126 57.80 -11.34 -17.23
N TYR L 127 57.17 -12.52 -17.43
CA TYR L 127 56.76 -13.36 -16.31
C TYR L 127 57.37 -14.76 -16.38
N TYR L 128 57.41 -15.37 -17.59
CA TYR L 128 57.95 -16.72 -17.76
C TYR L 128 59.39 -16.77 -18.33
N GLN L 129 60.03 -15.61 -18.71
CA GLN L 129 61.37 -15.57 -19.33
C GLN L 129 62.44 -16.42 -18.58
N THR L 130 62.29 -16.58 -17.24
CA THR L 130 63.18 -17.38 -16.39
C THR L 130 63.08 -18.89 -16.75
N LEU L 131 61.90 -19.34 -17.20
CA LEU L 131 61.61 -20.73 -17.55
C LEU L 131 61.65 -20.99 -19.08
N VAL L 132 61.74 -19.91 -19.90
CA VAL L 132 61.77 -20.02 -21.36
C VAL L 132 63.14 -20.54 -21.84
N ASN L 133 63.10 -21.70 -22.50
CA ASN L 133 64.24 -22.39 -23.10
C ASN L 133 64.65 -21.67 -24.39
N SER L 134 63.66 -21.40 -25.27
CA SER L 134 63.81 -20.74 -26.56
C SER L 134 62.49 -20.10 -26.95
N THR L 135 62.56 -19.07 -27.81
CA THR L 135 61.37 -18.39 -28.36
C THR L 135 61.62 -18.23 -29.86
N SER L 136 60.62 -18.58 -30.69
CA SER L 136 60.70 -18.50 -32.15
C SER L 136 59.60 -17.60 -32.71
N LEU L 137 59.84 -16.98 -33.86
CA LEU L 137 58.88 -16.11 -34.52
C LEU L 137 58.53 -16.66 -35.88
N TYR L 138 57.22 -16.85 -36.12
CA TYR L 138 56.70 -17.41 -37.37
C TYR L 138 55.84 -16.38 -38.09
N LYS L 139 55.91 -16.37 -39.42
CA LYS L 139 55.04 -15.55 -40.26
C LYS L 139 54.22 -16.53 -41.06
N ASN L 140 52.92 -16.63 -40.73
CA ASN L 140 51.96 -17.52 -41.36
C ASN L 140 52.46 -18.96 -41.21
N CYS L 141 52.83 -19.32 -39.98
CA CYS L 141 53.32 -20.62 -39.52
C CYS L 141 54.58 -21.08 -40.28
N LYS L 142 55.45 -20.13 -40.64
CA LYS L 142 56.73 -20.40 -41.30
C LYS L 142 57.80 -19.73 -40.46
N LYS L 143 58.66 -20.53 -39.80
CA LYS L 143 59.70 -20.02 -38.91
C LYS L 143 60.62 -19.06 -39.62
N LEU L 144 60.69 -17.84 -39.11
CA LEU L 144 61.54 -16.79 -39.64
C LEU L 144 62.91 -16.90 -39.03
N LEU L 145 63.93 -16.73 -39.87
CA LEU L 145 65.32 -16.82 -39.44
C LEU L 145 65.82 -15.45 -38.94
N LEU L 146 65.65 -15.21 -37.63
CA LEU L 146 66.16 -14.05 -36.90
C LEU L 146 67.34 -14.57 -36.09
N GLU L 147 68.38 -13.77 -35.86
CA GLU L 147 69.56 -14.28 -35.16
C GLU L 147 69.25 -14.66 -33.69
N ASN L 148 68.51 -13.81 -32.99
CA ASN L 148 68.14 -14.02 -31.59
C ASN L 148 67.16 -15.20 -31.43
N ASN L 149 67.33 -15.97 -30.34
CA ASN L 149 66.46 -17.08 -29.97
C ASN L 149 65.76 -16.71 -28.68
N LYS L 150 66.27 -15.66 -28.03
CA LYS L 150 65.75 -15.09 -26.79
C LYS L 150 64.65 -14.08 -27.12
N ASN L 151 64.92 -13.13 -28.04
CA ASN L 151 63.93 -12.13 -28.43
C ASN L 151 63.96 -11.88 -29.95
N PRO L 152 63.49 -12.85 -30.78
CA PRO L 152 63.48 -12.62 -32.24
C PRO L 152 62.69 -11.35 -32.58
N THR L 153 63.32 -10.46 -33.36
CA THR L 153 62.76 -9.16 -33.68
C THR L 153 62.86 -8.82 -35.18
N ILE L 154 61.82 -8.14 -35.69
CA ILE L 154 61.75 -7.60 -37.05
C ILE L 154 61.70 -6.10 -36.92
N LYS L 155 62.63 -5.40 -37.56
CA LYS L 155 62.68 -3.94 -37.57
C LYS L 155 62.96 -3.48 -39.00
N LYS L 156 61.91 -3.00 -39.70
CA LYS L 156 62.00 -2.56 -41.10
C LYS L 156 60.90 -1.55 -41.49
N ASN L 157 61.05 -0.89 -42.66
CA ASN L 157 60.00 -0.01 -43.20
C ASN L 157 59.00 -0.90 -43.90
N ALA L 158 57.71 -0.80 -43.51
CA ALA L 158 56.65 -1.68 -44.02
C ALA L 158 56.54 -1.71 -45.55
N GLU L 159 56.26 -2.90 -46.08
CA GLU L 159 56.00 -3.21 -47.48
C GLU L 159 54.73 -4.05 -47.52
N PHE L 160 53.96 -3.98 -48.60
CA PHE L 160 52.70 -4.72 -48.68
C PHE L 160 52.87 -6.23 -48.47
N GLU L 161 54.05 -6.76 -48.82
CA GLU L 161 54.39 -8.18 -48.69
C GLU L 161 54.56 -8.57 -47.21
N ASP L 162 54.80 -7.59 -46.31
CA ASP L 162 54.95 -7.82 -44.87
C ASP L 162 53.61 -8.20 -44.19
N GLN L 163 52.46 -8.02 -44.89
CA GLN L 163 51.14 -8.40 -44.39
C GLN L 163 51.15 -9.90 -44.01
N GLY L 164 50.56 -10.22 -42.86
CA GLY L 164 50.51 -11.59 -42.39
C GLY L 164 50.38 -11.74 -40.89
N TYR L 165 50.30 -13.00 -40.43
CA TYR L 165 50.15 -13.36 -39.03
C TYR L 165 51.49 -13.77 -38.43
N TYR L 166 52.00 -12.91 -37.54
CA TYR L 166 53.28 -13.10 -36.88
C TYR L 166 53.04 -13.66 -35.48
N SER L 167 53.45 -14.93 -35.25
CA SER L 167 53.26 -15.62 -33.98
C SER L 167 54.58 -15.80 -33.22
N CYS L 168 54.65 -15.25 -31.99
CA CYS L 168 55.77 -15.38 -31.05
C CYS L 168 55.49 -16.64 -30.26
N VAL L 169 56.34 -17.68 -30.37
CA VAL L 169 56.07 -18.94 -29.65
C VAL L 169 57.18 -19.20 -28.61
N HIS L 170 56.94 -18.74 -27.37
CA HIS L 170 57.89 -18.88 -26.27
C HIS L 170 57.86 -20.30 -25.68
N PHE L 171 58.88 -21.12 -25.97
CA PHE L 171 58.96 -22.49 -25.47
C PHE L 171 59.53 -22.48 -24.06
N LEU L 172 58.67 -22.78 -23.06
CA LEU L 172 59.00 -22.84 -21.63
C LEU L 172 58.99 -24.30 -21.17
N HIS L 173 59.97 -24.68 -20.31
CA HIS L 173 60.09 -26.06 -19.81
C HIS L 173 59.75 -26.17 -18.32
N HIS L 174 58.90 -27.15 -17.98
CA HIS L 174 58.48 -27.44 -16.61
C HIS L 174 58.79 -28.89 -16.27
N ASN L 175 59.00 -29.19 -14.97
CA ASN L 175 59.33 -30.52 -14.38
C ASN L 175 58.62 -31.69 -15.09
N GLY L 176 57.43 -31.43 -15.63
CA GLY L 176 56.63 -32.39 -16.39
C GLY L 176 57.02 -32.42 -17.85
N LYS L 177 56.79 -31.30 -18.57
CA LYS L 177 57.07 -31.15 -20.00
C LYS L 177 57.06 -29.65 -20.42
N LEU L 178 56.49 -29.34 -21.61
CA LEU L 178 56.37 -28.00 -22.21
C LEU L 178 55.12 -27.28 -21.71
N ASN L 180 54.37 -24.11 -24.36
CA ASN L 180 54.68 -22.87 -25.07
C ASN L 180 53.60 -21.81 -24.87
N ILE L 181 53.98 -20.54 -25.08
CA ILE L 181 53.09 -19.39 -25.01
C ILE L 181 53.15 -18.73 -26.38
N THR L 182 52.11 -18.97 -27.21
CA THR L 182 51.98 -18.42 -28.56
C THR L 182 51.23 -17.09 -28.47
N LYS L 183 51.79 -16.02 -29.10
CA LYS L 183 51.18 -14.68 -29.16
C LYS L 183 51.24 -14.19 -30.61
N THR L 184 50.07 -14.13 -31.28
CA THR L 184 50.01 -13.74 -32.69
C THR L 184 49.56 -12.30 -32.89
N PHE L 185 50.22 -11.63 -33.86
CA PHE L 185 49.96 -10.28 -34.32
C PHE L 185 49.44 -10.31 -35.75
N ASN L 186 48.23 -9.81 -35.97
CA ASN L 186 47.62 -9.77 -37.29
C ASN L 186 47.99 -8.45 -37.96
N ILE L 187 49.08 -8.46 -38.76
CA ILE L 187 49.56 -7.25 -39.44
C ILE L 187 48.91 -7.11 -40.81
N THR L 188 48.39 -5.89 -41.03
CA THR L 188 47.70 -5.42 -42.22
C THR L 188 48.43 -4.17 -42.72
N ILE L 189 49.01 -4.25 -43.93
CA ILE L 189 49.71 -3.14 -44.58
C ILE L 189 48.71 -2.42 -45.48
N VAL L 190 48.56 -1.11 -45.24
CA VAL L 190 47.60 -0.26 -45.94
C VAL L 190 48.33 0.85 -46.68
N GLU L 191 47.66 1.45 -47.67
CA GLU L 191 48.20 2.56 -48.45
C GLU L 191 48.38 3.79 -47.58
N ASP L 192 49.29 4.70 -48.01
CA ASP L 192 49.56 5.95 -47.34
C ASP L 192 48.29 6.79 -47.30
N ARG L 193 47.77 7.06 -46.08
CA ARG L 193 46.56 7.86 -45.87
C ARG L 193 46.76 9.30 -46.38
N SER L 194 48.02 9.79 -46.43
CA SER L 194 48.50 11.08 -46.96
C SER L 194 47.50 12.24 -46.66
N ASN L 195 47.29 12.51 -45.38
CA ASN L 195 46.38 13.55 -44.93
C ASN L 195 46.88 14.93 -45.32
N ILE L 196 45.93 15.80 -45.69
CA ILE L 196 46.20 17.18 -46.11
C ILE L 196 45.95 18.14 -44.96
N VAL L 197 46.52 19.34 -45.06
CA VAL L 197 46.25 20.38 -44.07
C VAL L 197 44.93 21.02 -44.48
N PRO L 198 43.87 20.97 -43.64
CA PRO L 198 42.59 21.56 -44.06
C PRO L 198 42.76 23.03 -44.41
N VAL L 199 42.17 23.42 -45.53
CA VAL L 199 42.27 24.80 -46.01
C VAL L 199 40.89 25.33 -46.32
N LEU L 200 40.56 26.50 -45.75
CA LEU L 200 39.32 27.18 -46.06
C LEU L 200 39.46 27.87 -47.38
N LEU L 201 38.52 27.66 -48.28
CA LEU L 201 38.56 28.30 -49.58
C LEU L 201 38.04 29.73 -49.46
N GLY L 202 38.67 30.67 -50.18
CA GLY L 202 38.30 32.08 -50.19
C GLY L 202 39.06 32.97 -49.22
N PRO L 203 38.83 34.33 -49.29
CA PRO L 203 39.56 35.25 -48.41
C PRO L 203 39.19 35.16 -46.92
N LYS L 204 40.19 35.41 -46.03
CA LYS L 204 40.09 35.37 -44.55
C LYS L 204 39.06 36.36 -44.02
N LEU L 205 38.99 37.54 -44.65
CA LEU L 205 38.04 38.59 -44.32
C LEU L 205 37.07 38.75 -45.49
N ASN L 206 35.80 38.39 -45.25
CA ASN L 206 34.74 38.48 -46.23
C ASN L 206 33.69 39.49 -45.79
N HIS L 207 33.47 40.52 -46.60
CA HIS L 207 32.43 41.51 -46.34
C HIS L 207 31.24 41.15 -47.15
N VAL L 208 30.03 41.43 -46.63
CA VAL L 208 28.80 41.15 -47.37
C VAL L 208 27.82 42.26 -47.10
N ALA L 209 27.39 42.91 -48.19
CA ALA L 209 26.40 43.95 -48.12
C ALA L 209 25.04 43.28 -48.06
N VAL L 210 24.27 43.63 -47.03
CA VAL L 210 22.94 43.11 -46.75
C VAL L 210 21.99 44.29 -46.46
N GLU L 211 20.68 44.01 -46.31
CA GLU L 211 19.67 45.01 -46.01
C GLU L 211 18.72 44.48 -44.94
N LEU L 212 18.48 45.31 -43.91
CA LEU L 212 17.64 45.02 -42.73
C LEU L 212 16.28 44.49 -43.13
N GLY L 213 15.85 43.47 -42.40
CA GLY L 213 14.57 42.80 -42.66
C GLY L 213 14.69 41.63 -43.61
N LYS L 214 15.72 41.65 -44.48
CA LYS L 214 15.96 40.59 -45.45
C LYS L 214 16.77 39.45 -44.81
N ASN L 215 17.09 38.42 -45.60
CA ASN L 215 17.84 37.23 -45.18
C ASN L 215 19.16 37.13 -45.95
N VAL L 216 20.13 36.37 -45.41
CA VAL L 216 21.41 36.18 -46.08
C VAL L 216 21.93 34.76 -45.81
N ARG L 217 22.55 34.15 -46.83
CA ARG L 217 23.14 32.82 -46.71
C ARG L 217 24.65 32.95 -46.94
N LEU L 218 25.40 32.94 -45.83
CA LEU L 218 26.85 33.03 -45.78
C LEU L 218 27.44 31.68 -46.11
N ASN L 219 28.00 31.54 -47.32
CA ASN L 219 28.57 30.28 -47.80
C ASN L 219 30.02 30.11 -47.33
N CYS L 220 30.34 28.95 -46.74
CA CYS L 220 31.70 28.63 -46.31
C CYS L 220 32.08 27.27 -46.85
N SER L 221 33.24 27.17 -47.52
CA SER L 221 33.70 25.91 -48.09
C SER L 221 35.15 25.69 -47.82
N ALA L 222 35.55 24.43 -47.72
CA ALA L 222 36.92 24.06 -47.43
C ALA L 222 37.31 22.80 -48.16
N LEU L 223 38.61 22.54 -48.16
CA LEU L 223 39.20 21.33 -48.69
C LEU L 223 39.75 20.61 -47.49
N LEU L 224 39.16 19.47 -47.14
CA LEU L 224 39.59 18.79 -45.92
C LEU L 224 39.59 17.24 -46.04
N ASN L 225 40.05 16.59 -44.96
CA ASN L 225 40.12 15.14 -44.81
C ASN L 225 38.78 14.59 -44.28
N GLU L 226 38.49 13.31 -44.56
CA GLU L 226 37.24 12.67 -44.15
C GLU L 226 36.87 12.90 -42.66
N GLU L 227 37.83 12.88 -41.74
CA GLU L 227 37.52 13.03 -40.32
C GLU L 227 37.50 14.49 -39.81
N ASP L 228 37.59 15.48 -40.71
CA ASP L 228 37.64 16.87 -40.28
C ASP L 228 36.24 17.47 -40.14
N VAL L 229 36.13 18.55 -39.35
CA VAL L 229 34.87 19.24 -39.11
C VAL L 229 34.92 20.67 -39.64
N ILE L 230 33.77 21.17 -40.10
CA ILE L 230 33.61 22.54 -40.54
C ILE L 230 32.42 23.09 -39.75
N TYR L 231 32.62 24.20 -39.03
CA TYR L 231 31.54 24.77 -38.22
C TYR L 231 31.58 26.28 -38.21
N TRP L 232 30.47 26.89 -37.76
CA TRP L 232 30.28 28.31 -37.65
C TRP L 232 30.25 28.78 -36.20
N MET L 233 30.77 29.98 -35.93
CA MET L 233 30.71 30.66 -34.63
C MET L 233 29.85 31.88 -34.81
N PHE L 234 28.66 31.88 -34.22
CA PHE L 234 27.72 32.99 -34.40
C PHE L 234 27.12 33.46 -33.07
N GLY L 235 27.95 33.46 -32.04
CA GLY L 235 27.63 33.94 -30.71
C GLY L 235 26.53 33.19 -29.99
N GLU L 236 26.71 31.85 -29.85
CA GLU L 236 25.76 30.99 -29.13
C GLU L 236 26.22 30.75 -27.66
N GLU L 237 27.15 31.65 -27.17
CA GLU L 237 27.80 31.71 -25.84
C GLU L 237 26.85 31.26 -24.73
N ASN L 238 25.63 31.82 -24.68
CA ASN L 238 24.51 31.47 -23.77
C ASN L 238 23.41 30.89 -24.65
N GLY L 239 23.08 31.69 -25.66
CA GLY L 239 22.13 31.44 -26.73
C GLY L 239 22.44 32.40 -27.86
N SER L 240 22.17 31.98 -29.11
CA SER L 240 22.39 32.82 -30.28
C SER L 240 21.10 33.52 -30.70
N ASP L 241 21.19 34.30 -31.79
CA ASP L 241 20.06 34.96 -32.41
C ASP L 241 19.15 33.86 -32.95
N PRO L 242 17.85 33.86 -32.59
CA PRO L 242 16.97 32.76 -33.04
C PRO L 242 16.77 32.73 -34.55
N ASN L 243 17.20 33.79 -35.26
CA ASN L 243 17.09 33.93 -36.70
C ASN L 243 18.33 33.38 -37.42
N ILE L 244 19.38 32.98 -36.67
CA ILE L 244 20.59 32.43 -37.28
C ILE L 244 20.50 30.92 -37.26
N HIS L 245 20.63 30.30 -38.45
CA HIS L 245 20.55 28.85 -38.63
C HIS L 245 21.74 28.31 -39.38
N GLU L 246 22.47 27.40 -38.75
CA GLU L 246 23.61 26.68 -39.31
C GLU L 246 23.04 25.51 -40.15
N GLU L 247 23.17 25.57 -41.49
CA GLU L 247 22.60 24.54 -42.38
C GLU L 247 23.41 23.24 -42.37
N LYS L 248 22.84 22.17 -42.99
CA LYS L 248 23.47 20.85 -43.10
C LYS L 248 24.73 20.91 -43.95
N GLU L 249 25.76 20.17 -43.53
CA GLU L 249 27.04 20.08 -44.25
C GLU L 249 26.85 19.36 -45.59
N MET L 250 27.70 19.71 -46.56
CA MET L 250 27.69 19.16 -47.91
C MET L 250 29.09 18.76 -48.25
N ARG L 251 29.30 17.53 -48.71
CA ARG L 251 30.64 17.09 -49.05
C ARG L 251 30.68 16.40 -50.41
N ILE L 252 31.67 16.75 -51.24
CA ILE L 252 31.92 16.15 -52.54
C ILE L 252 33.35 15.69 -52.52
N MET L 253 33.58 14.40 -52.80
CA MET L 253 34.93 13.82 -52.82
C MET L 253 35.71 14.30 -54.03
N THR L 254 36.97 14.72 -53.80
CA THR L 254 37.86 15.20 -54.86
C THR L 254 38.45 13.96 -55.53
N PRO L 255 38.98 14.03 -56.80
CA PRO L 255 39.54 12.81 -57.42
C PRO L 255 40.63 12.16 -56.57
N GLU L 256 41.37 13.00 -55.82
CA GLU L 256 42.46 12.61 -54.93
C GLU L 256 41.94 11.97 -53.62
N GLY L 257 40.63 11.77 -53.53
CA GLY L 257 39.99 11.18 -52.36
C GLY L 257 39.85 12.08 -51.15
N LYS L 258 40.08 13.39 -51.31
CA LYS L 258 39.92 14.33 -50.21
C LYS L 258 38.50 14.93 -50.32
N TRP L 259 38.10 15.89 -49.47
CA TRP L 259 36.72 16.34 -49.54
C TRP L 259 36.54 17.84 -49.63
N HIS L 260 35.59 18.23 -50.47
CA HIS L 260 35.16 19.60 -50.64
C HIS L 260 33.92 19.74 -49.76
N ALA L 261 34.08 20.40 -48.61
CA ALA L 261 33.03 20.56 -47.61
C ALA L 261 32.44 21.94 -47.65
N SER L 262 31.12 22.00 -47.48
CA SER L 262 30.37 23.24 -47.48
C SER L 262 29.43 23.27 -46.27
N LYS L 263 29.35 24.44 -45.62
CA LYS L 263 28.47 24.74 -44.47
C LYS L 263 27.94 26.15 -44.66
N VAL L 264 26.62 26.31 -44.63
CA VAL L 264 26.02 27.62 -44.85
C VAL L 264 25.39 28.15 -43.56
N LEU L 265 25.71 29.42 -43.23
CA LEU L 265 25.09 30.09 -42.10
C LEU L 265 24.02 30.96 -42.69
N ARG L 266 22.76 30.68 -42.31
CA ARG L 266 21.59 31.39 -42.78
C ARG L 266 21.15 32.38 -41.71
N ILE L 267 21.37 33.66 -41.96
CA ILE L 267 20.97 34.73 -41.03
C ILE L 267 19.69 35.37 -41.58
N GLU L 268 18.55 34.99 -40.98
CA GLU L 268 17.23 35.47 -41.38
C GLU L 268 16.90 36.74 -40.61
N ASN L 269 15.95 37.55 -41.14
CA ASN L 269 15.44 38.76 -40.50
C ASN L 269 16.62 39.62 -39.98
N ILE L 270 17.53 40.02 -40.86
CA ILE L 270 18.71 40.78 -40.47
C ILE L 270 18.31 42.07 -39.75
N GLY L 271 18.96 42.31 -38.61
CA GLY L 271 18.78 43.50 -37.80
C GLY L 271 20.11 44.15 -37.50
N GLU L 272 20.08 45.27 -36.76
CA GLU L 272 21.30 46.01 -36.38
C GLU L 272 22.25 45.15 -35.53
N SER L 273 21.71 44.12 -34.80
CA SER L 273 22.49 43.22 -33.94
C SER L 273 23.38 42.27 -34.76
N ASN L 274 23.07 42.07 -36.07
CA ASN L 274 23.82 41.23 -37.00
C ASN L 274 24.90 42.03 -37.74
N LEU L 275 24.74 43.35 -37.77
CA LEU L 275 25.68 44.24 -38.46
C LEU L 275 26.90 44.52 -37.60
N ASN L 276 28.06 44.64 -38.29
CA ASN L 276 29.40 44.90 -37.73
C ASN L 276 29.75 43.83 -36.69
N VAL L 277 29.32 42.58 -36.96
CA VAL L 277 29.56 41.42 -36.12
C VAL L 277 30.28 40.42 -36.98
N LEU L 278 31.40 39.87 -36.48
CA LEU L 278 32.19 38.90 -37.21
C LEU L 278 31.62 37.49 -37.01
N TYR L 279 31.07 36.90 -38.08
CA TYR L 279 30.57 35.53 -38.07
C TYR L 279 31.69 34.67 -38.63
N ASN L 280 32.21 33.79 -37.78
CA ASN L 280 33.39 33.00 -38.13
C ASN L 280 33.02 31.60 -38.57
N CYS L 281 33.81 31.06 -39.52
CA CYS L 281 33.70 29.70 -40.00
C CYS L 281 35.02 29.04 -39.80
N THR L 282 35.08 27.95 -39.04
CA THR L 282 36.35 27.28 -38.81
C THR L 282 36.33 25.86 -39.37
N VAL L 283 37.51 25.41 -39.82
CA VAL L 283 37.76 24.04 -40.25
C VAL L 283 38.71 23.47 -39.19
N ALA L 284 38.31 22.38 -38.55
CA ALA L 284 39.13 21.81 -37.47
C ALA L 284 39.53 20.38 -37.76
N SER L 285 40.81 20.09 -37.59
CA SER L 285 41.39 18.78 -37.82
C SER L 285 42.41 18.43 -36.78
N THR L 286 42.75 17.12 -36.71
CA THR L 286 43.81 16.63 -35.84
C THR L 286 45.14 17.12 -36.44
N GLY L 287 45.10 17.52 -37.71
CA GLY L 287 46.22 18.09 -38.45
C GLY L 287 46.26 19.62 -38.54
N GLY L 288 45.43 20.30 -37.74
CA GLY L 288 45.38 21.76 -37.69
C GLY L 288 44.02 22.38 -37.96
N THR L 289 43.87 23.68 -37.61
CA THR L 289 42.63 24.46 -37.79
C THR L 289 42.89 25.71 -38.64
N ASP L 290 41.80 26.32 -39.14
CA ASP L 290 41.81 27.57 -39.92
C ASP L 290 40.44 28.19 -39.85
N THR L 291 40.39 29.50 -39.61
CA THR L 291 39.13 30.24 -39.46
C THR L 291 39.07 31.42 -40.43
N LYS L 292 37.89 31.70 -40.98
CA LYS L 292 37.70 32.88 -41.81
C LYS L 292 36.50 33.65 -41.24
N SER L 293 36.51 34.98 -41.39
CA SER L 293 35.45 35.80 -40.81
C SER L 293 34.56 36.39 -41.87
N PHE L 294 33.31 36.69 -41.47
CA PHE L 294 32.24 37.29 -42.28
C PHE L 294 31.64 38.45 -41.55
N ILE L 295 31.48 39.61 -42.22
CA ILE L 295 30.92 40.83 -41.58
C ILE L 295 29.77 41.37 -42.44
N LEU L 296 28.60 41.57 -41.80
CA LEU L 296 27.42 42.06 -42.48
C LEU L 296 27.44 43.60 -42.46
N VAL L 297 27.24 44.22 -43.62
CA VAL L 297 27.26 45.69 -43.74
C VAL L 297 26.00 46.18 -44.48
N ARG L 298 25.45 47.34 -44.07
CA ARG L 298 24.22 47.90 -44.63
C ARG L 298 24.44 48.47 -46.03
C1 NAG M . -26.65 14.98 75.65
C2 NAG M . -27.83 14.23 76.27
C3 NAG M . -28.65 15.20 77.14
C4 NAG M . -27.76 15.90 78.17
C5 NAG M . -26.56 16.56 77.49
C6 NAG M . -25.57 17.11 78.47
C7 NAG M . -28.95 12.35 75.13
C8 NAG M . -30.02 11.98 74.15
N2 NAG M . -28.68 13.66 75.24
O3 NAG M . -29.66 14.47 77.81
O4 NAG M . -28.51 16.92 78.84
O5 NAG M . -25.87 15.59 76.68
O6 NAG M . -24.33 17.49 77.88
O7 NAG M . -28.36 11.51 75.80
C1 NAG M . -28.86 16.76 80.22
C2 NAG M . -29.22 18.14 80.76
C3 NAG M . -30.31 18.22 81.84
C4 NAG M . -31.34 17.11 81.67
C5 NAG M . -30.63 15.77 81.57
C6 NAG M . -31.55 14.57 81.52
C7 NAG M . -27.24 19.59 80.46
C8 NAG M . -26.03 20.16 81.14
N2 NAG M . -28.01 18.79 81.22
O3 NAG M . -30.95 19.49 81.81
O4 NAG M . -32.27 17.12 82.75
O5 NAG M . -29.86 15.74 80.35
O6 NAG M . -30.83 13.36 81.37
O7 NAG M . -27.52 19.85 79.29
C1 FUC M . -23.64 18.50 78.56
C2 FUC M . -22.41 17.89 79.27
C3 FUC M . -21.30 17.56 78.27
C4 FUC M . -20.95 18.78 77.42
C5 FUC M . -22.20 19.26 76.71
C6 FUC M . -21.99 20.50 75.87
O2 FUC M . -22.76 16.72 80.01
O3 FUC M . -20.15 17.06 78.95
O4 FUC M . -20.41 19.81 78.25
O5 FUC M . -23.24 19.55 77.67
C1 NAG N . -18.50 16.69 62.82
C2 NAG N . -19.56 17.66 62.31
C3 NAG N . -18.94 18.63 61.31
C4 NAG N . -17.74 19.35 61.95
C5 NAG N . -16.74 18.35 62.51
C6 NAG N . -15.65 18.98 63.33
C7 NAG N . -21.98 17.26 61.95
C8 NAG N . -22.98 16.59 61.06
N2 NAG N . -20.69 16.96 61.70
O3 NAG N . -19.93 19.57 60.89
O4 NAG N . -17.08 20.17 60.98
O5 NAG N . -17.42 17.42 63.38
O6 NAG N . -14.92 18.01 64.07
O7 NAG N . -22.31 18.05 62.83
C1 NAG N . -17.53 21.49 60.74
C2 NAG N . -16.31 22.34 60.37
C3 NAG N . -16.77 23.76 60.00
C4 NAG N . -17.79 23.73 58.88
C5 NAG N . -18.93 22.77 59.22
C6 NAG N . -19.84 22.50 58.04
C7 NAG N . -14.19 21.64 61.39
C8 NAG N . -13.29 21.78 62.57
N2 NAG N . -15.32 22.37 61.42
O3 NAG N . -15.63 24.53 59.62
O4 NAG N . -18.28 25.05 58.64
O5 NAG N . -18.41 21.50 59.62
O6 NAG N . -20.65 21.33 58.24
O7 NAG N . -13.92 20.90 60.45
C1 BMA N . -18.22 25.56 57.31
C2 BMA N . -19.38 26.55 57.11
C3 BMA N . -19.36 27.08 55.67
C4 BMA N . -18.00 27.64 55.30
C5 BMA N . -16.87 26.66 55.65
C6 BMA N . -15.48 27.22 55.46
O2 BMA N . -19.27 27.62 58.04
O3 BMA N . -20.39 28.04 55.45
O4 BMA N . -17.97 27.89 53.89
O5 BMA N . -16.98 26.21 57.01
O6 BMA N . -14.97 27.85 56.63
C1 MAN N . -13.78 28.58 56.44
C2 MAN N . -12.58 27.72 56.90
C3 MAN N . -12.43 27.71 58.41
C4 MAN N . -12.49 29.12 59.00
C5 MAN N . -13.75 29.84 58.53
C6 MAN N . -13.85 31.28 58.97
O2 MAN N . -11.38 28.15 56.27
O3 MAN N . -11.20 27.07 58.78
O4 MAN N . -12.48 29.06 60.43
O5 MAN N . -13.79 29.86 57.09
O6 MAN N . -13.91 31.43 60.40
C1 MAN N . -15.14 31.06 60.99
C2 MAN N . -15.99 32.31 61.23
C3 MAN N . -15.48 33.14 62.41
C4 MAN N . -15.25 32.28 63.64
C5 MAN N . -14.35 31.09 63.29
C6 MAN N . -14.14 30.13 64.44
O2 MAN N . -17.36 31.94 61.41
O3 MAN N . -16.41 34.18 62.71
O4 MAN N . -14.63 33.06 64.67
O5 MAN N . -14.93 30.34 62.22
O6 MAN N . -13.19 29.13 64.12
C1 MAN N . -21.77 27.68 55.68
C2 MAN N . -22.56 27.69 54.35
C3 MAN N . -22.96 29.10 53.90
C4 MAN N . -23.53 29.93 55.05
C5 MAN N . -22.58 29.90 56.24
C6 MAN N . -23.09 30.65 57.45
O2 MAN N . -23.71 26.85 54.43
O3 MAN N . -23.91 29.04 52.84
O4 MAN N . -23.71 31.27 54.61
O5 MAN N . -22.39 28.53 56.65
O6 MAN N . -22.13 30.65 58.51
C1 NAG O . -20.22 5.75 44.30
C2 NAG O . -18.89 6.37 43.87
C3 NAG O . -18.92 6.53 42.34
C4 NAG O . -19.13 5.19 41.67
C5 NAG O . -20.39 4.50 42.22
C6 NAG O . -20.55 3.07 41.76
C7 NAG O . -17.63 7.90 45.33
C8 NAG O . -17.56 9.27 45.92
N2 NAG O . -18.67 7.65 44.51
O3 NAG O . -17.68 7.11 41.92
O4 NAG O . -19.27 5.36 40.26
O5 NAG O . -20.36 4.47 43.66
O6 NAG O . -19.52 2.23 42.26
O7 NAG O . -16.77 7.05 45.57
C1 NAG O . -18.24 4.88 39.40
C2 NAG O . -18.86 4.52 38.05
C3 NAG O . -17.76 4.05 37.11
C4 NAG O . -16.67 5.12 36.98
C5 NAG O . -16.15 5.51 38.35
C6 NAG O . -15.20 6.70 38.32
C7 NAG O . -21.21 3.78 38.08
C8 NAG O . -22.12 2.60 38.21
N2 NAG O . -19.90 3.52 38.18
O3 NAG O . -18.31 3.77 35.82
O4 NAG O . -15.61 4.62 36.15
O5 NAG O . -17.24 5.89 39.21
O6 NAG O . -14.88 7.16 39.63
O7 NAG O . -21.63 4.92 37.90
C1 NAG P . -20.25 -27.02 12.38
C2 NAG P . -20.66 -28.19 11.49
C3 NAG P . -20.01 -27.94 10.14
C4 NAG P . -20.41 -26.57 9.56
C5 NAG P . -20.17 -25.47 10.59
C6 NAG P . -20.74 -24.13 10.18
C7 NAG P . -20.87 -30.49 12.34
C8 NAG P . -20.16 -31.60 13.05
N2 NAG P . -20.13 -29.41 12.08
O3 NAG P . -20.39 -29.00 9.26
O4 NAG P . -19.54 -26.30 8.46
O5 NAG P . -20.78 -25.82 11.83
O6 NAG P . -20.28 -23.12 11.08
O7 NAG P . -22.04 -30.57 12.01
C1 NAG P . -20.07 -26.25 7.14
C2 NAG P . -19.17 -25.35 6.30
C3 NAG P . -19.83 -25.22 4.93
C4 NAG P . -19.97 -26.59 4.26
C5 NAG P . -20.58 -27.63 5.22
C6 NAG P . -20.34 -29.05 4.77
C7 NAG P . -17.90 -23.68 7.62
C8 NAG P . -17.94 -22.33 8.26
N2 NAG P . -18.98 -24.04 6.90
O3 NAG P . -19.03 -24.35 4.14
O4 NAG P . -20.83 -26.47 3.12
O5 NAG P . -19.98 -27.53 6.52
O6 NAG P . -20.48 -29.99 5.84
O7 NAG P . -16.94 -24.45 7.77
C1 BMA P . -20.49 -27.02 1.81
C2 BMA P . -20.59 -25.91 0.74
C3 BMA P . -19.41 -24.94 0.78
C4 BMA P . -18.10 -25.65 1.15
C5 BMA P . -18.23 -27.14 0.86
C6 BMA P . -16.95 -27.93 1.08
O2 BMA P . -21.82 -25.21 0.89
O3 BMA P . -19.67 -23.87 1.69
O4 BMA P . -16.99 -25.06 0.49
O5 BMA P . -19.22 -27.71 1.74
O6 BMA P . -16.07 -27.83 -0.04
C1 NAG Q . -15.92 -37.30 28.41
C2 NAG Q . -14.55 -37.71 28.90
C3 NAG Q . -14.57 -39.21 29.23
C4 NAG Q . -15.75 -39.55 30.14
C5 NAG Q . -17.06 -39.12 29.50
C6 NAG Q . -18.28 -39.34 30.38
C7 NAG Q . -12.48 -36.72 27.96
C8 NAG Q . -11.71 -36.48 26.69
N2 NAG Q . -13.60 -37.44 27.83
O3 NAG Q . -13.34 -39.58 29.85
O4 NAG Q . -15.75 -40.95 30.41
O5 NAG Q . -17.00 -37.70 29.27
O6 NAG Q . -18.00 -38.85 31.67
O7 NAG Q . -12.09 -36.28 29.04
C1 NAG Q . -15.68 -41.38 31.77
C2 NAG Q . -16.05 -42.86 31.82
C3 NAG Q . -16.02 -43.31 33.28
C4 NAG Q . -14.65 -43.02 33.91
C5 NAG Q . -14.27 -41.55 33.72
C6 NAG Q . -12.85 -41.23 34.14
C7 NAG Q . -17.58 -43.44 29.97
C8 NAG Q . -19.01 -43.46 29.52
N2 NAG Q . -17.37 -43.06 31.24
O3 NAG Q . -16.26 -44.71 33.33
O4 NAG Q . -14.68 -43.33 35.30
O5 NAG Q . -14.37 -41.19 32.32
O6 NAG Q . -11.89 -41.55 33.14
O7 NAG Q . -16.66 -43.74 29.21
C1 FUC Q . -19.10 -38.72 32.54
C2 FUC Q . -18.59 -39.00 33.96
C3 FUC Q . -17.56 -37.96 34.36
C4 FUC Q . -18.10 -36.54 34.22
C5 FUC Q . -18.65 -36.34 32.80
C6 FUC Q . -19.34 -35.02 32.60
O2 FUC Q . -18.03 -40.31 34.04
O3 FUC Q . -17.08 -38.20 35.68
O4 FUC Q . -19.09 -36.25 35.21
O5 FUC Q . -19.60 -37.38 32.48
C1 NAG R . 17.91 -56.00 -28.66
C2 NAG R . 19.42 -55.89 -28.89
C3 NAG R . 19.70 -56.17 -30.38
C4 NAG R . 19.14 -57.52 -30.79
C5 NAG R . 17.65 -57.59 -30.47
C6 NAG R . 17.09 -58.99 -30.72
C7 NAG R . 20.88 -54.39 -27.59
C8 NAG R . 21.45 -53.01 -27.51
N2 NAG R . 19.93 -54.59 -28.53
O3 NAG R . 21.11 -56.13 -30.61
O4 NAG R . 19.36 -57.75 -32.18
O5 NAG R . 17.44 -57.29 -29.09
O6 NAG R . 15.79 -59.16 -30.17
O7 NAG R . 21.25 -55.29 -26.84
C1 FUC R . 15.02 -60.13 -30.84
C2 FUC R . 14.87 -61.37 -29.94
C3 FUC R . 13.92 -61.10 -28.78
C4 FUC R . 12.58 -60.56 -29.28
C5 FUC R . 12.84 -59.30 -30.11
C6 FUC R . 11.58 -58.68 -30.69
O2 FUC R . 16.13 -61.81 -29.46
O3 FUC R . 13.70 -62.29 -28.03
O4 FUC R . 11.92 -61.55 -30.06
O5 FUC R . 13.73 -59.61 -31.20
C1 NAG S . 5.74 -49.91 -22.28
C2 NAG S . 5.59 -49.06 -23.54
C3 NAG S . 4.12 -48.72 -23.75
C4 NAG S . 3.26 -49.99 -23.77
C5 NAG S . 3.50 -50.83 -22.52
C6 NAG S . 2.85 -52.20 -22.62
C7 NAG S . 7.16 -47.38 -24.44
C8 NAG S . 7.78 -46.03 -24.23
N2 NAG S . 6.38 -47.85 -23.45
O3 NAG S . 4.00 -48.06 -25.00
O4 NAG S . 1.87 -49.68 -23.84
O5 NAG S . 4.91 -51.06 -22.37
O6 NAG S . 3.36 -53.09 -21.63
O7 NAG S . 7.36 -48.03 -25.47
C1 NAG S . 1.23 -49.47 -25.10
C2 NAG S . -0.23 -49.89 -24.95
C3 NAG S . -0.99 -49.58 -26.22
C4 NAG S . -0.87 -48.10 -26.58
C5 NAG S . 0.60 -47.68 -26.62
C6 NAG S . 0.79 -46.18 -26.71
C7 NAG S . -0.65 -51.74 -23.40
C8 NAG S . -0.70 -53.24 -23.24
N2 NAG S . -0.34 -51.30 -24.61
O3 NAG S . -2.36 -49.91 -26.03
O4 NAG S . -1.49 -47.87 -27.84
O5 NAG S . 1.25 -48.08 -25.40
O6 NAG S . 2.09 -45.74 -26.30
O7 NAG S . -0.86 -50.99 -22.45
C1 BMA S . -2.48 -46.87 -27.95
C2 BMA S . -2.45 -46.30 -29.36
C3 BMA S . -3.48 -45.17 -29.48
C4 BMA S . -4.87 -45.62 -29.01
C5 BMA S . -4.79 -46.31 -27.64
C6 BMA S . -6.10 -46.93 -27.19
O2 BMA S . -2.72 -47.32 -30.32
O3 BMA S . -3.44 -44.55 -30.77
O4 BMA S . -5.70 -44.46 -28.88
O5 BMA S . -3.80 -47.35 -27.66
O6 BMA S . -6.30 -48.27 -27.65
C1 MAN S . -4.49 -44.71 -31.74
C2 MAN S . -3.90 -45.27 -33.05
C3 MAN S . -3.14 -44.21 -33.85
C4 MAN S . -3.93 -42.91 -33.98
C5 MAN S . -4.40 -42.43 -32.61
C6 MAN S . -5.28 -41.21 -32.66
O2 MAN S . -4.92 -45.88 -33.84
O3 MAN S . -2.80 -44.72 -35.14
O4 MAN S . -3.12 -41.91 -34.59
O5 MAN S . -5.18 -43.47 -31.98
O6 MAN S . -5.70 -40.80 -31.36
C1 MAN S . -6.93 -49.13 -26.72
C2 MAN S . -7.13 -50.51 -27.38
C3 MAN S . -7.69 -51.51 -26.38
C4 MAN S . -8.71 -50.86 -25.46
C5 MAN S . -9.26 -49.58 -26.09
C6 MAN S . -10.35 -48.91 -25.28
O2 MAN S . -5.93 -50.99 -27.98
O3 MAN S . -6.64 -52.09 -25.61
O4 MAN S . -9.77 -51.76 -25.18
O5 MAN S . -8.19 -48.62 -26.26
O6 MAN S . -11.54 -49.69 -25.26
C1 NAG T . 4.17 -32.29 -10.18
C2 NAG T . 2.75 -32.72 -9.83
C3 NAG T . 1.91 -31.47 -9.58
C4 NAG T . 2.53 -30.62 -8.47
C5 NAG T . 4.00 -30.30 -8.79
C6 NAG T . 4.74 -29.65 -7.65
C7 NAG T . 1.80 -34.78 -10.77
C8 NAG T . 1.25 -35.44 -12.01
N2 NAG T . 2.20 -33.51 -10.92
O3 NAG T . 0.59 -31.88 -9.20
O4 NAG T . 1.80 -29.41 -8.32
O5 NAG T . 4.71 -31.51 -9.10
O6 NAG T . 4.88 -30.52 -6.53
O7 NAG T . 1.88 -35.38 -9.70
C1 NAG T . 1.06 -29.19 -7.12
C2 NAG T . 0.98 -27.69 -6.88
C3 NAG T . 0.13 -27.43 -5.62
C4 NAG T . -1.25 -28.07 -5.78
C5 NAG T . -1.07 -29.56 -6.07
C6 NAG T . -2.37 -30.31 -6.35
C7 NAG T . 2.88 -26.34 -7.68
C8 NAG T . 4.24 -25.82 -7.34
N2 NAG T . 2.30 -27.10 -6.73
O3 NAG T . 0.01 -26.04 -5.37
O4 NAG T . -2.02 -27.86 -4.60
O5 NAG T . -0.26 -29.73 -7.24
O6 NAG T . -2.09 -31.68 -6.62
O7 NAG T . 2.34 -26.12 -8.76
C1 BMA T . -3.25 -27.13 -4.72
C2 BMA T . -4.26 -27.68 -3.69
C3 BMA T . -5.58 -26.91 -3.81
C4 BMA T . -5.35 -25.40 -3.70
C5 BMA T . -4.28 -24.94 -4.70
C6 BMA T . -3.88 -23.49 -4.55
O2 BMA T . -3.73 -27.58 -2.37
O3 BMA T . -6.52 -27.36 -2.85
O4 BMA T . -6.57 -24.70 -3.93
O5 BMA T . -3.08 -25.73 -4.54
O6 BMA T . -2.89 -23.11 -5.49
C1 NAG U . 4.56 -1.30 22.36
C2 NAG U . 4.98 -0.13 23.26
C3 NAG U . 3.70 0.61 23.64
C4 NAG U . 2.92 1.06 22.39
C5 NAG U . 2.76 -0.09 21.41
C6 NAG U . 2.25 0.31 20.04
C7 NAG U . 6.84 -0.33 24.86
C8 NAG U . 7.36 -1.07 26.05
N2 NAG U . 5.61 -0.68 24.45
O3 NAG U . 4.03 1.74 24.43
O4 NAG U . 1.61 1.43 22.80
O5 NAG U . 4.02 -0.74 21.18
O6 NAG U . 1.92 -0.85 19.27
O7 NAG U . 7.49 0.55 24.29
C1 NAG U . 1.19 2.80 22.71
C2 NAG U . -0.33 2.78 22.55
C3 NAG U . -0.83 4.22 22.47
C4 NAG U . -0.47 4.98 23.76
C5 NAG U . 1.02 4.82 24.08
C6 NAG U . 1.36 5.24 25.50
C7 NAG U . -1.26 0.74 21.52
C8 NAG U . -1.56 0.05 20.23
N2 NAG U . -0.78 1.99 21.41
O3 NAG U . -2.25 4.19 22.31
O4 NAG U . -0.80 6.37 23.72
O5 NAG U . 1.42 3.44 23.97
O6 NAG U . 2.59 4.68 25.94
O7 NAG U . -1.43 0.19 22.60
C1 BMA U . -1.80 6.89 22.83
C2 BMA U . -2.80 7.73 23.63
C3 BMA U . -3.78 8.46 22.72
C4 BMA U . -3.07 9.20 21.58
C5 BMA U . -2.10 8.27 20.85
C6 BMA U . -1.25 9.01 19.84
O2 BMA U . -2.13 8.64 24.52
O3 BMA U . -4.59 9.38 23.46
O4 BMA U . -4.04 9.69 20.66
O5 BMA U . -1.19 7.68 21.79
O6 BMA U . -0.04 8.34 19.54
C1 NAG V . 15.95 -15.15 30.30
C2 NAG V . 15.53 -16.25 31.29
C3 NAG V . 16.53 -16.23 32.45
C4 NAG V . 17.98 -16.27 31.94
C5 NAG V . 18.23 -15.10 30.98
C6 NAG V . 19.61 -15.09 30.37
C7 NAG V . 13.13 -16.71 31.75
C8 NAG V . 11.84 -16.09 32.18
N2 NAG V . 14.21 -15.89 31.76
O3 NAG V . 16.29 -17.32 33.32
O4 NAG V . 18.87 -16.20 33.05
O5 NAG V . 17.31 -15.20 29.89
O6 NAG V . 19.91 -16.38 29.89
O7 NAG V . 13.21 -17.90 31.41
C1 NAG V . 19.84 -17.24 33.21
C2 NAG V . 20.89 -16.78 34.21
C3 NAG V . 21.93 -17.90 34.34
C4 NAG V . 21.27 -19.22 34.75
C5 NAG V . 20.13 -19.56 33.80
C6 NAG V . 19.30 -20.75 34.23
C7 NAG V . 21.14 -14.32 34.17
C8 NAG V . 21.82 -13.17 33.48
N2 NAG V . 21.52 -15.54 33.76
O3 NAG V . 22.92 -17.52 35.29
O4 NAG V . 22.24 -20.27 34.73
O5 NAG V . 19.23 -18.45 33.69
O6 NAG V . 18.34 -20.40 35.22
O7 NAG V . 20.27 -14.14 35.03
C1 BMA V . 22.74 -20.96 35.92
C2 BMA V . 22.47 -20.27 37.27
C3 BMA V . 23.29 -20.98 38.35
C4 BMA V . 22.98 -22.48 38.37
C5 BMA V . 23.14 -23.11 36.98
C6 BMA V . 22.62 -24.53 36.92
O2 BMA V . 21.09 -20.30 37.62
O3 BMA V . 23.02 -20.41 39.63
O4 BMA V . 23.88 -23.13 39.28
O5 BMA V . 22.40 -22.35 36.00
O6 BMA V . 22.87 -25.14 35.66
C1 FUC V . 21.02 -16.49 29.05
C2 FUC V . 21.66 -17.87 29.30
C3 FUC V . 20.68 -18.98 28.94
C4 FUC V . 20.17 -18.82 27.50
C5 FUC V . 19.60 -17.42 27.30
C6 FUC V . 19.21 -17.11 25.87
O2 FUC V . 22.04 -18.00 30.68
O3 FUC V . 21.27 -20.27 29.14
O4 FUC V . 21.19 -19.13 26.55
O5 FUC V . 20.59 -16.43 27.69
C1 NAG W . -2.79 37.69 42.54
C2 NAG W . -1.69 37.26 43.51
C3 NAG W . -2.27 36.26 44.51
C4 NAG W . -3.49 36.85 45.23
C5 NAG W . -4.52 37.34 44.22
C6 NAG W . -5.63 38.14 44.85
C7 NAG W . 0.72 36.95 43.10
C8 NAG W . 1.74 36.08 42.45
N2 NAG W . -0.56 36.68 42.81
O3 NAG W . -1.26 35.93 45.45
O4 NAG W . -4.11 35.87 46.05
O5 NAG W . -3.89 38.22 43.27
O6 NAG W . -6.41 38.81 43.88
O7 NAG W . 1.04 37.86 43.87
C1 NAG W . -3.65 35.62 47.37
C2 NAG W . -4.83 35.19 48.22
C3 NAG W . -4.35 34.84 49.63
C4 NAG W . -3.27 33.75 49.58
C5 NAG W . -2.17 34.14 48.59
C6 NAG W . -1.22 32.99 48.30
C7 NAG W . -6.99 36.18 47.57
C8 NAG W . -7.90 37.35 47.73
N2 NAG W . -5.85 36.23 48.27
O3 NAG W . -5.47 34.38 50.40
O4 NAG W . -2.71 33.61 50.88
O5 NAG W . -2.74 34.52 47.34
O6 NAG W . -0.48 33.19 47.09
O7 NAG W . -7.26 35.24 46.84
C1 BMA W . -2.51 32.33 51.45
C2 BMA W . -1.76 32.56 52.78
C3 BMA W . -1.63 31.27 53.59
C4 BMA W . -3.00 30.57 53.72
C5 BMA W . -3.69 30.42 52.37
C6 BMA W . -5.12 29.94 52.48
O2 BMA W . -2.42 33.58 53.52
O3 BMA W . -1.11 31.59 54.87
O4 BMA W . -2.83 29.29 54.32
O5 BMA W . -3.77 31.70 51.71
O6 BMA W . -5.95 30.95 53.07
C1 MAN W . -7.14 30.49 53.66
C2 MAN W . -7.85 31.69 54.30
C3 MAN W . -7.12 32.16 55.55
C4 MAN W . -6.88 31.00 56.53
C5 MAN W . -6.21 29.83 55.81
C6 MAN W . -6.09 28.58 56.66
O2 MAN W . -9.19 31.33 54.59
O3 MAN W . -7.83 33.21 56.20
O4 MAN W . -6.02 31.46 57.57
O5 MAN W . -6.95 29.47 54.64
O6 MAN W . -7.06 27.60 56.31
C1 MAN W . -6.53 26.33 56.05
C2 MAN W . -6.88 25.91 54.61
C3 MAN W . -8.35 25.52 54.48
C4 MAN W . -8.79 24.54 55.57
C5 MAN W . -8.39 25.06 56.96
C6 MAN W . -8.65 24.06 58.07
O2 MAN W . -6.03 24.85 54.17
O3 MAN W . -8.58 24.96 53.19
O4 MAN W . -10.20 24.39 55.54
O5 MAN W . -6.98 25.33 56.99
O6 MAN W . -8.35 24.61 59.34
C1 MAN W . 0.12 30.99 55.39
C2 MAN W . 1.16 30.71 54.27
C3 MAN W . 2.03 29.50 54.63
C4 MAN W . 2.28 29.43 56.12
C5 MAN W . 0.98 29.21 56.87
C6 MAN W . 0.98 29.71 58.31
O2 MAN W . 1.97 31.87 54.09
O3 MAN W . 3.25 29.53 53.90
O4 MAN W . 3.17 28.36 56.42
O5 MAN W . -0.14 29.82 56.19
O6 MAN W . -0.16 29.24 59.02
C1 NAG X . -0.70 19.14 31.86
C2 NAG X . -2.01 18.70 32.51
C3 NAG X . -1.97 17.18 32.68
C4 NAG X . -1.75 16.49 31.33
C5 NAG X . -0.51 17.07 30.63
C6 NAG X . -0.35 16.61 29.21
C7 NAG X . -3.23 20.17 34.05
C8 NAG X . -3.27 20.75 35.44
N2 NAG X . -2.20 19.35 33.79
O3 NAG X . -3.19 16.74 33.25
O4 NAG X . -1.58 15.09 31.53
O5 NAG X . -0.58 18.50 30.59
O6 NAG X . -1.38 17.08 28.36
O7 NAG X . -4.10 20.43 33.21
C1 NAG X . -2.57 14.20 31.06
C2 NAG X . -1.91 12.86 30.73
C3 NAG X . -2.97 11.88 30.24
C4 NAG X . -4.12 11.77 31.24
C5 NAG X . -4.66 13.15 31.63
C6 NAG X . -5.64 13.11 32.78
C7 NAG X . 0.44 12.95 30.00
C8 NAG X . 1.36 13.11 28.83
N2 NAG X . -0.87 13.03 29.73
O3 NAG X . -2.37 10.60 30.06
O4 NAG X . -5.15 10.98 30.65
O5 NAG X . -3.57 13.98 32.07
O6 NAG X . -6.00 14.41 33.23
O7 NAG X . 0.86 12.77 31.14
C1 BMA X . -5.63 9.83 31.33
C2 BMA X . -7.00 9.46 30.79
C3 BMA X . -7.57 8.25 31.51
C4 BMA X . -6.56 7.10 31.59
C5 BMA X . -5.18 7.58 32.05
C6 BMA X . -4.10 6.52 31.94
O2 BMA X . -6.95 9.23 29.38
O3 BMA X . -8.76 7.80 30.87
O4 BMA X . -7.03 6.11 32.51
O5 BMA X . -4.76 8.69 31.24
O6 BMA X . -2.84 7.03 32.33
C1 NAG Y . 1.09 -11.84 -1.58
C2 NAG Y . 1.67 -12.67 -2.73
C3 NAG Y . 1.21 -14.11 -2.55
C4 NAG Y . 1.59 -14.66 -1.16
C5 NAG Y . 1.15 -13.69 -0.06
C6 NAG Y . 1.70 -14.03 1.30
C7 NAG Y . 1.87 -11.17 -4.70
C8 NAG Y . 1.43 -10.98 -6.13
N2 NAG Y . 1.28 -12.19 -4.05
O3 NAG Y . 1.80 -14.93 -3.55
O4 NAG Y . 0.81 -15.83 -0.99
O5 NAG Y . 1.60 -12.35 -0.35
O6 NAG Y . 0.86 -13.48 2.31
O7 NAG Y . 2.69 -10.44 -4.17
C1 NAG Y . 1.41 -17.11 -0.95
C2 NAG Y . 0.32 -18.02 -0.39
C3 NAG Y . 0.78 -19.47 -0.35
C4 NAG Y . 1.24 -19.93 -1.74
C5 NAG Y . 2.23 -18.92 -2.33
C6 NAG Y . 2.54 -19.17 -3.79
C7 NAG Y . -1.18 -16.81 1.17
C8 NAG Y . -1.36 -16.34 2.58
N2 NAG Y . -0.10 -17.57 0.93
O3 NAG Y . -0.34 -20.27 0.07
O4 NAG Y . 1.90 -21.20 -1.71
O5 NAG Y . 1.69 -17.58 -2.25
O6 NAG Y . 3.27 -18.09 -4.36
O7 NAG Y . -1.97 -16.50 0.27
C1 BMA Y . 1.49 -22.27 -0.85
C2 BMA Y . 1.29 -23.54 -1.70
C3 BMA Y . 1.11 -24.77 -0.82
C4 BMA Y . 2.18 -24.87 0.26
C5 BMA Y . 2.22 -23.58 1.05
C6 BMA Y . 3.28 -23.53 2.13
O2 BMA Y . 2.36 -23.71 -2.62
O3 BMA Y . 1.12 -25.95 -1.63
O4 BMA Y . 1.94 -25.99 1.10
O5 BMA Y . 2.49 -22.48 0.16
O6 BMA Y . 4.59 -23.27 1.62
C1 MAN Y . 5.63 -23.94 2.29
C2 MAN Y . 6.97 -23.30 1.87
C3 MAN Y . 7.42 -23.74 0.48
C4 MAN Y . 7.32 -25.27 0.29
C5 MAN Y . 5.95 -25.78 0.71
C6 MAN Y . 5.84 -27.29 0.69
O2 MAN Y . 7.97 -23.55 2.85
O3 MAN Y . 8.74 -23.29 0.24
O4 MAN Y . 7.57 -25.59 -1.07
O5 MAN Y . 5.66 -25.37 2.06
O6 MAN Y . 5.73 -27.80 -0.63
C1 NAG Z . -3.59 4.32 -11.60
C2 NAG Z . -4.99 4.78 -12.01
C3 NAG Z . -4.96 5.12 -13.50
C4 NAG Z . -3.85 6.12 -13.80
C5 NAG Z . -2.50 5.52 -13.38
C6 NAG Z . -1.34 6.47 -13.57
C7 NAG Z . -7.03 3.71 -11.10
C8 NAG Z . -7.74 2.40 -10.91
N2 NAG Z . -5.88 3.64 -11.78
O3 NAG Z . -6.21 5.66 -13.92
O4 NAG Z . -3.86 6.46 -15.19
O5 NAG Z . -2.55 5.22 -11.98
O6 NAG Z . -1.68 7.72 -13.02
O7 NAG Z . -7.48 4.77 -10.65
C1 NAG Z . -4.01 7.82 -15.54
C2 NAG Z . -3.64 7.99 -17.02
C3 NAG Z . -3.74 9.47 -17.36
C4 NAG Z . -5.14 10.02 -17.04
C5 NAG Z . -5.51 9.70 -15.59
C6 NAG Z . -6.94 10.05 -15.22
C7 NAG Z . -2.03 6.24 -17.72
C8 NAG Z . -0.60 5.83 -17.72
N2 NAG Z . -2.30 7.49 -17.26
O3 NAG Z . -3.47 9.65 -18.74
O4 NAG Z . -5.16 11.43 -17.24
O5 NAG Z . -5.35 8.29 -15.34
O6 NAG Z . -7.86 9.03 -15.62
O7 NAG Z . -2.92 5.47 -18.08
C1 BMA Z . -6.08 12.01 -18.18
C2 BMA Z . -6.31 13.48 -17.78
C3 BMA Z . -7.13 14.21 -18.84
C4 BMA Z . -6.54 14.03 -20.23
C5 BMA Z . -6.38 12.54 -20.53
C6 BMA Z . -5.71 12.25 -21.84
O2 BMA Z . -5.07 14.15 -17.57
O3 BMA Z . -7.24 15.61 -18.52
O4 BMA Z . -7.36 14.65 -21.22
O5 BMA Z . -5.57 11.91 -19.52
O6 BMA Z . -5.97 10.92 -22.24
C1 MAN Z . -5.17 10.44 -23.30
C2 MAN Z . -5.55 11.21 -24.60
C3 MAN Z . -5.60 10.28 -25.81
C4 MAN Z . -6.56 9.12 -25.61
C5 MAN Z . -6.66 8.72 -24.14
C6 MAN Z . -6.96 7.26 -23.90
O2 MAN Z . -4.64 12.27 -24.85
O3 MAN Z . -4.29 9.83 -26.17
O4 MAN Z . -7.84 9.48 -26.10
O5 MAN Z . -5.43 9.03 -23.45
O6 MAN Z . -6.00 6.38 -24.48
C1 FUC Z . -0.64 8.61 -12.84
C2 FUC Z . -1.22 10.03 -13.03
C3 FUC Z . -2.24 10.32 -11.93
C4 FUC Z . -1.63 10.14 -10.54
C5 FUC Z . -1.06 8.72 -10.42
C6 FUC Z . -0.31 8.49 -9.14
O2 FUC Z . -1.82 10.15 -14.32
O3 FUC Z . -2.80 11.62 -12.10
O4 FUC Z . -0.62 11.12 -10.29
O5 FUC Z . -0.13 8.48 -11.50
C1 NAG AA . -26.86 -45.20 -29.37
C2 NAG AA . -26.93 -46.55 -28.64
C3 NAG AA . -25.51 -46.99 -28.28
C4 NAG AA . -24.62 -47.03 -29.52
C5 NAG AA . -24.64 -45.68 -30.24
C6 NAG AA . -23.96 -45.71 -31.59
C7 NAG AA . -28.67 -47.43 -27.15
C8 NAG AA . -29.28 -47.32 -25.78
N2 NAG AA . -27.76 -46.50 -27.47
O3 NAG AA . -25.57 -48.27 -27.68
O4 NAG AA . -23.26 -47.30 -29.17
O5 NAG AA . -26.01 -45.29 -30.51
O6 NAG AA . -24.25 -44.55 -32.36
O7 NAG AA . -28.99 -48.33 -27.93
C1 NAG AA . -22.81 -48.64 -29.02
C2 NAG AA . -21.33 -48.68 -29.40
C3 NAG AA . -20.79 -50.10 -29.17
C4 NAG AA . -21.01 -50.52 -27.73
C5 NAG AA . -22.46 -50.33 -27.31
C6 NAG AA . -22.70 -50.49 -25.83
C7 NAG AA . -20.64 -47.07 -31.12
C8 NAG AA . -20.52 -46.82 -32.59
N2 NAG AA . -21.13 -48.26 -30.78
O3 NAG AA . -19.40 -50.11 -29.49
O4 NAG AA . -20.62 -51.89 -27.59
O5 NAG AA . -22.89 -49.00 -27.64
O6 NAG AA . -23.95 -49.97 -25.42
O7 NAG AA . -20.33 -46.23 -30.28
C1 BMA AA . -19.69 -52.22 -26.58
C2 BMA AA . -19.99 -53.63 -26.07
C3 BMA AA . -19.05 -53.94 -24.92
C4 BMA AA . -17.58 -53.78 -25.32
C5 BMA AA . -17.37 -52.40 -25.96
C6 BMA AA . -15.99 -52.20 -26.56
O2 BMA AA . -19.85 -54.58 -27.11
O3 BMA AA . -19.42 -55.17 -24.29
O4 BMA AA . -16.76 -53.87 -24.17
O5 BMA AA . -18.33 -52.16 -27.01
O6 BMA AA . -15.92 -52.56 -27.93
C1 MAN AA . -18.63 -56.36 -24.34
C2 MAN AA . -19.45 -57.50 -24.99
C3 MAN AA . -20.54 -58.03 -24.06
C4 MAN AA . -20.03 -58.28 -22.63
C5 MAN AA . -19.25 -57.08 -22.11
C6 MAN AA . -18.60 -57.32 -20.77
O2 MAN AA . -18.59 -58.54 -25.43
O3 MAN AA . -21.11 -59.22 -24.59
O4 MAN AA . -21.14 -58.54 -21.78
O5 MAN AA . -18.19 -56.74 -23.03
O6 MAN AA . -17.95 -56.15 -20.29
C1 MAN AA . -14.73 -53.20 -28.30
C2 MAN AA . -14.46 -52.90 -29.79
C3 MAN AA . -15.37 -53.72 -30.71
C4 MAN AA . -15.29 -55.21 -30.35
C5 MAN AA . -15.65 -55.40 -28.88
C6 MAN AA . -15.54 -56.83 -28.40
O2 MAN AA . -13.09 -53.13 -30.09
O3 MAN AA . -15.03 -53.52 -32.07
O4 MAN AA . -16.19 -55.95 -31.18
O5 MAN AA . -14.76 -54.62 -28.06
O6 MAN AA . -16.04 -56.98 -27.08
C1 NAG BA . -23.95 -35.75 -10.31
C2 NAG BA . -22.48 -35.61 -10.70
C3 NAG BA . -21.65 -35.71 -9.42
C4 NAG BA . -22.07 -34.64 -8.42
C5 NAG BA . -23.57 -34.71 -8.17
C6 NAG BA . -24.13 -33.57 -7.34
C7 NAG BA . -21.65 -36.35 -12.88
C8 NAG BA . -21.29 -37.54 -13.72
N2 NAG BA . -22.08 -36.63 -11.65
O3 NAG BA . -20.26 -35.56 -9.74
O4 NAG BA . -21.37 -34.83 -7.20
O5 NAG BA . -24.30 -34.70 -9.42
O6 NAG BA . -24.03 -32.33 -8.03
O7 NAG BA . -21.55 -35.19 -13.29
C1 NAG BA . -20.41 -33.85 -6.79
C2 NAG BA . -20.32 -33.85 -5.26
C3 NAG BA . -19.33 -32.76 -4.85
C4 NAG BA . -17.97 -32.99 -5.51
C5 NAG BA . -18.11 -33.18 -7.02
C6 NAG BA . -16.84 -33.65 -7.68
C7 NAG BA . -22.36 -34.57 -4.07
C8 NAG BA . -23.66 -34.12 -3.48
N2 NAG BA . -21.62 -33.61 -4.65
O3 NAG BA . -19.20 -32.75 -3.43
O4 NAG BA . -17.12 -31.87 -5.23
O5 NAG BA . -19.11 -34.17 -7.30
O6 NAG BA . -17.04 -33.95 -9.06
O7 NAG BA . -21.98 -35.74 -4.02
C1 NAG CA . -25.10 -3.75 23.53
C2 NAG CA . -25.62 -2.93 24.72
C3 NAG CA . -24.40 -2.51 25.55
C4 NAG CA . -23.53 -3.71 25.92
C5 NAG CA . -23.26 -4.62 24.73
C6 NAG CA . -22.66 -5.96 25.08
C7 NAG CA . -27.53 -1.39 24.49
C8 NAG CA . -28.06 -0.18 23.79
N2 NAG CA . -26.28 -1.75 24.18
O3 NAG CA . -24.88 -1.87 26.71
O4 NAG CA . -22.28 -3.20 26.38
O5 NAG CA . -24.49 -4.91 24.04
O6 NAG CA . -22.24 -6.63 23.89
O7 NAG CA . -28.22 -2.03 25.30
C1 NAG CA . -21.94 -3.38 27.74
C2 NAG CA . -20.42 -3.48 27.87
C3 NAG CA . -20.09 -3.78 29.33
C4 NAG CA . -20.68 -2.73 30.29
C5 NAG CA . -22.12 -2.36 29.92
C6 NAG CA . -22.55 -1.03 30.52
C7 NAG CA . -19.31 -4.27 25.82
C8 NAG CA . -18.85 -5.48 25.06
N2 NAG CA . -19.87 -4.51 27.01
O3 NAG CA . -18.67 -3.80 29.46
O4 NAG CA . -20.75 -3.31 31.59
O5 NAG CA . -22.28 -2.22 28.50
O6 NAG CA . -23.68 -0.49 29.84
O7 NAG CA . -19.20 -3.13 25.37
C1 BMA CA . -19.71 -3.12 32.60
C2 BMA CA . -19.30 -4.50 33.15
C3 BMA CA . -18.11 -4.41 34.12
C4 BMA CA . -17.00 -3.53 33.56
C5 BMA CA . -17.57 -2.18 33.13
C6 BMA CA . -16.55 -1.24 32.50
O2 BMA CA . -19.03 -5.43 32.11
O3 BMA CA . -17.61 -5.70 34.41
O4 BMA CA . -15.98 -3.35 34.54
O5 BMA CA . -18.58 -2.39 32.13
O6 BMA CA . -17.17 -0.05 32.07
C1 NAG DA . -36.09 4.50 9.73
C2 NAG DA . -35.68 5.55 8.70
C3 NAG DA . -36.70 6.69 8.75
C4 NAG DA . -38.13 6.16 8.61
C5 NAG DA . -38.42 5.13 9.70
C6 NAG DA . -39.75 4.46 9.56
C7 NAG DA . -33.28 6.05 8.33
C8 NAG DA . -32.01 6.50 8.98
N2 NAG DA . -34.37 6.02 9.11
O3 NAG DA . -36.44 7.64 7.72
O4 NAG DA . -39.06 7.23 8.67
O5 NAG DA . -37.45 4.07 9.60
O6 NAG DA . -39.93 4.05 8.21
O7 NAG DA . -33.33 5.73 7.13
C1 NAG DA . -39.97 7.42 7.58
C2 NAG DA . -41.12 8.32 8.04
C3 NAG DA . -42.09 8.48 6.88
C4 NAG DA . -41.38 9.05 5.66
C5 NAG DA . -40.16 8.20 5.30
C6 NAG DA . -39.29 8.82 4.22
C7 NAG DA . -41.49 8.12 10.46
C8 NAG DA . -42.18 7.33 11.53
N2 NAG DA . -41.78 7.76 9.20
O3 NAG DA . -43.16 9.33 7.27
O4 NAG DA . -42.29 9.16 4.56
O5 NAG DA . -39.32 8.03 6.45
O6 NAG DA . -38.44 9.84 4.73
O7 NAG DA . -40.71 9.02 10.73
C1 BMA DA . -42.59 10.47 3.95
C2 BMA DA . -44.04 10.49 3.44
C3 BMA DA . -44.99 11.27 4.36
C4 BMA DA . -44.49 12.69 4.65
C5 BMA DA . -42.98 12.80 4.44
C6 BMA DA . -42.33 13.92 5.24
O2 BMA DA . -44.53 9.16 3.23
O3 BMA DA . -45.24 10.56 5.56
O4 BMA DA . -45.16 13.64 3.85
O5 BMA DA . -42.34 11.57 4.83
O6 BMA DA . -42.29 13.63 6.63
C1 FUC DA . -40.98 3.18 7.93
C2 FUC DA . -41.45 3.49 6.51
C3 FUC DA . -40.32 3.22 5.51
C4 FUC DA . -39.79 1.79 5.64
C5 FUC DA . -39.40 1.53 7.11
C6 FUC DA . -38.98 0.10 7.38
O2 FUC DA . -41.87 4.85 6.43
O3 FUC DA . -40.73 3.50 4.18
O4 FUC DA . -40.73 0.84 5.16
O5 FUC DA . -40.51 1.83 7.98
C1 NAG EA . -12.92 63.58 -45.73
C2 NAG EA . -13.93 63.21 -46.81
C3 NAG EA . -13.19 63.07 -48.15
C4 NAG EA . -12.42 64.34 -48.48
C5 NAG EA . -11.47 64.70 -47.32
C6 NAG EA . -10.80 66.04 -47.49
C7 NAG EA . -16.00 61.89 -46.65
C8 NAG EA . -16.55 60.50 -46.57
N2 NAG EA . -14.67 62.00 -46.51
O3 NAG EA . -14.15 62.81 -49.16
O4 NAG EA . -11.65 64.19 -49.66
O5 NAG EA . -12.21 64.77 -46.08
O6 NAG EA . -10.10 66.42 -46.32
O7 NAG EA . -16.73 62.87 -46.83
C1 NAG EA . -12.24 64.45 -50.92
C2 NAG EA . -11.10 64.90 -51.84
C3 NAG EA . -11.58 65.13 -53.27
C4 NAG EA . -12.30 63.88 -53.81
C5 NAG EA . -13.32 63.36 -52.79
C6 NAG EA . -13.88 61.99 -53.14
C7 NAG EA . -10.48 67.14 -50.87
C8 NAG EA . -9.32 67.93 -50.35
N2 NAG EA . -10.17 65.92 -51.40
O3 NAG EA . -10.46 65.41 -54.11
O4 NAG EA . -13.00 64.21 -55.01
O5 NAG EA . -12.72 63.23 -51.49
O6 NAG EA . -14.55 61.39 -52.04
O7 NAG EA . -11.63 67.57 -50.85
C1 BMA EA . -12.34 64.26 -56.28
C2 BMA EA . -12.35 62.86 -56.93
C3 BMA EA . -11.77 62.93 -58.33
C4 BMA EA . -12.48 64.00 -59.18
C5 BMA EA . -12.48 65.34 -58.46
C6 BMA EA . -13.32 66.39 -59.15
O2 BMA EA . -13.69 62.36 -56.98
O3 BMA EA . -11.86 61.66 -58.98
O4 BMA EA . -11.83 64.10 -60.45
O5 BMA EA . -13.01 65.20 -57.13
O6 BMA EA . -13.47 67.56 -58.35
C1 NAG FA . -6.79 42.81 -46.64
C2 NAG FA . -5.56 43.28 -47.41
C3 NAG FA . -5.19 42.17 -48.40
C4 NAG FA . -4.94 40.85 -47.66
C5 NAG FA . -6.11 40.51 -46.74
C6 NAG FA . -5.85 39.34 -45.82
C7 NAG FA . -5.19 45.67 -47.86
C8 NAG FA . -5.59 46.83 -48.70
N2 NAG FA . -5.84 44.52 -48.11
O3 NAG FA . -4.03 42.55 -49.13
O4 NAG FA . -4.77 39.81 -48.62
O5 NAG FA . -6.45 41.63 -45.91
O6 NAG FA . -4.85 39.66 -44.85
O7 NAG FA . -4.34 45.75 -46.98
C1 NAG FA . -3.48 39.21 -48.75
C2 NAG FA . -3.66 37.76 -49.23
C3 NAG FA . -2.29 37.12 -49.41
C4 NAG FA . -1.44 37.94 -50.38
C5 NAG FA . -1.37 39.40 -49.92
C6 NAG FA . -0.69 40.32 -50.91
C7 NAG FA . -5.73 36.63 -48.52
C8 NAG FA . -6.38 35.82 -47.45
N2 NAG FA . -4.46 36.99 -48.28
O3 NAG FA . -2.45 35.80 -49.91
O4 NAG FA . -0.13 37.37 -50.44
O5 NAG FA . -2.70 39.91 -49.73
O6 NAG FA . -0.75 41.67 -50.49
O7 NAG FA . -6.32 36.95 -49.54
C1 BMA FA . 0.35 36.92 -51.72
C2 BMA FA . 1.89 37.04 -51.72
C3 BMA FA . 2.44 36.54 -53.06
C4 BMA FA . 1.92 35.14 -53.40
C5 BMA FA . 0.39 35.10 -53.30
C6 BMA FA . -0.22 33.73 -53.53
O2 BMA FA . 2.46 36.31 -50.65
O3 BMA FA . 3.87 36.56 -53.04
O4 BMA FA . 2.32 34.78 -54.72
O5 BMA FA . -0.04 35.57 -52.01
O6 BMA FA . -0.51 33.02 -52.33
C1 NAG GA . 10.06 1.94 -35.32
C2 NAG GA . 10.14 0.50 -34.81
C3 NAG GA . 11.19 -0.23 -35.66
C4 NAG GA . 10.86 -0.14 -37.16
C5 NAG GA . 10.57 1.31 -37.56
C6 NAG GA . 10.03 1.47 -38.95
C7 NAG GA . 9.95 -0.02 -32.40
C8 NAG GA . 10.54 0.21 -31.05
N2 NAG GA . 10.58 0.56 -33.42
O3 NAG GA . 11.24 -1.59 -35.25
O4 NAG GA . 12.03 -0.55 -37.87
O5 NAG GA . 9.61 1.89 -36.67
O6 NAG GA . 9.98 2.85 -39.30
O7 NAG GA . 8.93 -0.70 -32.57
C1 NAG GA . 12.01 -1.75 -38.62
C2 NAG GA . 13.03 -1.61 -39.75
C3 NAG GA . 13.02 -2.88 -40.60
C4 NAG GA . 13.34 -4.10 -39.74
C5 NAG GA . 12.49 -4.12 -38.47
C6 NAG GA . 13.00 -5.11 -37.44
C7 NAG GA . 13.45 0.73 -40.46
C8 NAG GA . 12.99 1.84 -41.34
N2 NAG GA . 12.77 -0.43 -40.57
O3 NAG GA . 13.99 -2.75 -41.63
O4 NAG GA . 13.13 -5.30 -40.48
O5 NAG GA . 12.50 -2.83 -37.84
O6 NAG GA . 12.39 -4.90 -36.18
O7 NAG GA . 14.39 0.86 -39.67
C1 NAG HA . 9.79 10.97 -18.02
C2 NAG HA . 10.97 11.69 -17.36
C3 NAG HA . 11.10 11.20 -15.91
C4 NAG HA . 9.76 11.30 -15.19
C5 NAG HA . 8.69 10.49 -15.94
C6 NAG HA . 7.31 10.62 -15.34
C7 NAG HA . 13.04 12.24 -18.60
C8 NAG HA . 14.16 11.66 -19.42
N2 NAG HA . 12.17 11.34 -18.11
O3 NAG HA . 12.06 11.99 -15.23
O4 NAG HA . 9.90 10.86 -13.85
O5 NAG HA . 8.57 11.00 -17.28
O6 NAG HA . 7.03 11.99 -15.10
O7 NAG HA . 12.93 13.45 -18.41
C1 NAG HA . 9.57 11.77 -12.80
C2 NAG HA . 9.45 10.98 -11.50
C3 NAG HA . 9.05 11.94 -10.39
C4 NAG HA . 10.05 13.09 -10.27
C5 NAG HA . 10.24 13.77 -11.63
C6 NAG HA . 11.36 14.79 -11.64
C7 NAG HA . 8.76 8.64 -11.96
C8 NAG HA . 7.59 7.73 -12.21
N2 NAG HA . 8.45 9.91 -11.64
O3 NAG HA . 8.97 11.24 -9.15
O4 NAG HA . 9.61 14.03 -9.31
O5 NAG HA . 10.55 12.80 -12.64
O6 NAG HA . 12.64 14.20 -11.79
O7 NAG HA . 9.92 8.24 -12.05
C1 FUC HA . 5.71 12.32 -14.81
C2 FUC HA . 5.75 13.54 -13.88
C3 FUC HA . 6.37 14.72 -14.61
C4 FUC HA . 5.63 15.02 -15.92
C5 FUC HA . 5.56 13.75 -16.78
C6 FUC HA . 4.71 13.90 -18.02
O2 FUC HA . 6.48 13.23 -12.70
O3 FUC HA . 6.42 15.88 -13.77
O4 FUC HA . 4.33 15.54 -15.66
O5 FUC HA . 5.01 12.66 -16.02
C1 NAG IA . 52.31 -25.29 -28.23
C2 NAG IA . 52.77 -25.90 -29.55
C3 NAG IA . 51.59 -26.61 -30.21
C4 NAG IA . 50.96 -27.63 -29.27
C5 NAG IA . 50.61 -26.98 -27.93
C6 NAG IA . 50.19 -27.99 -26.89
C7 NAG IA . 54.47 -25.09 -31.15
C8 NAG IA . 54.75 -24.06 -32.22
N2 NAG IA . 53.34 -24.90 -30.44
O3 NAG IA . 52.08 -27.25 -31.40
O4 NAG IA . 49.77 -28.17 -29.84
O5 NAG IA . 51.75 -26.30 -27.39
O6 NAG IA . 50.13 -27.41 -25.59
O7 NAG IA . 55.22 -26.03 -30.94
C1 NAG IA . 49.82 -29.26 -30.75
C2 NAG IA . 48.55 -30.07 -30.60
C3 NAG IA . 48.53 -31.22 -31.61
C4 NAG IA . 48.73 -30.70 -33.04
C5 NAG IA . 49.92 -29.74 -33.12
C6 NAG IA . 49.99 -28.98 -34.43
C7 NAG IA . 47.63 -30.09 -28.32
C8 NAG IA . 47.66 -30.76 -26.98
N2 NAG IA . 48.44 -30.60 -29.25
O3 NAG IA . 47.29 -31.89 -31.53
O4 NAG IA . 48.98 -31.82 -33.88
O5 NAG IA . 49.81 -28.74 -32.09
O6 NAG IA . 50.92 -27.90 -34.37
O7 NAG IA . 46.88 -29.13 -28.55
C1 BMA IA . 48.25 -32.00 -35.08
C2 BMA IA . 49.14 -32.77 -36.07
C3 BMA IA . 48.38 -33.01 -37.37
C4 BMA IA . 47.03 -33.68 -37.11
C5 BMA IA . 46.24 -32.89 -36.07
C6 BMA IA . 44.97 -33.59 -35.63
O2 BMA IA . 49.57 -34.00 -35.51
O3 BMA IA . 49.16 -33.79 -38.27
O4 BMA IA . 46.28 -33.75 -38.32
O5 BMA IA . 47.03 -32.70 -34.87
O6 BMA IA . 44.21 -32.78 -34.77
C1 NAG JA . 43.19 -9.28 -39.44
C2 NAG JA . 41.83 -9.92 -39.14
C3 NAG JA . 40.93 -9.63 -40.35
C4 NAG JA . 40.80 -8.12 -40.57
C5 NAG JA . 42.18 -7.47 -40.69
C6 NAG JA . 42.15 -5.96 -40.68
C7 NAG JA . 41.64 -11.93 -37.75
C8 NAG JA . 41.85 -13.42 -37.69
N2 NAG JA . 41.94 -11.34 -38.92
O3 NAG JA . 39.64 -10.20 -40.13
O4 NAG JA . 40.02 -7.85 -41.73
O5 NAG JA . 43.02 -7.87 -39.60
O6 NAG JA . 41.73 -5.44 -39.42
O7 NAG JA . 41.22 -11.31 -36.78
C1 NAG JA . 38.74 -7.26 -41.56
C2 NAG JA . 38.40 -6.38 -42.76
C3 NAG JA . 37.03 -5.74 -42.54
C4 NAG JA . 35.97 -6.80 -42.27
C5 NAG JA . 36.41 -7.73 -41.14
C6 NAG JA . 35.51 -8.92 -40.95
C7 NAG JA . 40.32 -5.40 -43.96
C8 NAG JA . 41.24 -4.22 -44.05
N2 NAG JA . 39.40 -5.35 -42.98
O3 NAG JA . 36.66 -4.97 -43.69
O4 NAG JA . 34.74 -6.16 -41.92
O5 NAG JA . 37.72 -8.26 -41.42
O6 NAG JA . 36.01 -9.78 -39.93
O7 NAG JA . 40.41 -6.36 -44.73
C1 NAG KA . 25.67 31.83 -51.23
C2 NAG KA . 25.61 33.27 -51.73
C3 NAG KA . 24.21 33.50 -52.29
C4 NAG KA . 23.83 32.46 -53.35
C5 NAG KA . 24.16 31.04 -52.87
C6 NAG KA . 24.05 30.00 -53.95
C7 NAG KA . 26.79 35.10 -50.58
C8 NAG KA . 26.89 35.88 -49.31
N2 NAG KA . 25.86 34.15 -50.60
O3 NAG KA . 24.15 34.81 -52.84
O4 NAG KA . 22.42 32.53 -53.53
O5 NAG KA . 25.49 30.98 -52.35
O6 NAG KA . 24.16 28.68 -53.38
O7 NAG KA . 27.53 35.31 -51.54
C1 NAG KA . 21.87 32.99 -54.76
C2 NAG KA . 20.48 32.36 -54.89
C3 NAG KA . 19.79 32.87 -56.15
C4 NAG KA . 19.72 34.41 -56.14
C5 NAG KA . 21.12 34.98 -55.91
C6 NAG KA . 21.14 36.48 -55.71
C7 NAG KA . 20.23 30.18 -53.78
C8 NAG KA . 20.45 28.70 -53.89
N2 NAG KA . 20.53 30.92 -54.87
O3 NAG KA . 18.47 32.33 -56.22
O4 NAG KA . 19.17 34.89 -57.35
O5 NAG KA . 21.68 34.40 -54.71
O6 NAG KA . 22.43 36.91 -55.28
O7 NAG KA . 19.82 30.69 -52.74
C1 NAG LA . 35.02 35.75 -34.55
C2 NAG LA . 34.44 35.90 -33.15
C3 NAG LA . 34.92 37.23 -32.58
C4 NAG LA . 36.44 37.32 -32.65
C5 NAG LA . 36.90 37.17 -34.11
C6 NAG LA . 38.40 37.15 -34.27
C7 NAG LA . 32.16 35.03 -32.69
C8 NAG LA . 30.71 35.11 -33.10
N2 NAG LA . 32.99 35.89 -33.31
O3 NAG LA . 34.51 37.39 -31.23
O4 NAG LA . 36.89 38.55 -32.10
O5 NAG LA . 36.43 35.91 -34.61
O6 NAG LA . 38.96 36.25 -33.34
O7 NAG LA . 32.53 34.23 -31.84
C1 NAG LA . 37.84 38.52 -31.02
C2 NAG LA . 38.45 39.91 -30.87
C3 NAG LA . 39.49 39.84 -29.75
C4 NAG LA . 38.86 39.34 -28.45
C5 NAG LA . 38.11 38.02 -28.68
C6 NAG LA . 37.26 37.59 -27.50
C7 NAG LA . 38.45 41.13 -33.02
C8 NAG LA . 39.18 41.34 -34.30
N2 NAG LA . 39.06 40.34 -32.11
O3 NAG LA . 40.07 41.13 -29.56
O4 NAG LA . 39.87 39.09 -27.46
O5 NAG LA . 37.21 38.15 -29.80
O6 NAG LA . 36.02 38.27 -27.43
O7 NAG LA . 37.35 41.63 -32.81
C1 BMA LA . 40.27 40.04 -26.43
C2 BMA LA . 39.22 41.12 -26.12
C3 BMA LA . 39.77 42.08 -25.07
C4 BMA LA . 40.30 41.35 -23.84
C5 BMA LA . 41.26 40.22 -24.23
C6 BMA LA . 41.65 39.33 -23.07
O2 BMA LA . 38.01 40.51 -25.64
O3 BMA LA . 38.78 43.03 -24.70
O4 BMA LA . 40.96 42.26 -22.98
O5 BMA LA . 40.65 39.37 -25.22
O6 BMA LA . 42.62 38.36 -23.44
C1 FUC LA . 40.30 35.92 -33.54
C2 FUC LA . 40.91 35.67 -32.16
C3 FUC LA . 40.22 34.48 -31.50
C4 FUC LA . 40.30 33.24 -32.39
C5 FUC LA . 39.74 33.56 -33.77
C6 FUC LA . 39.93 32.46 -34.78
O2 FUC LA . 40.79 36.83 -31.35
O3 FUC LA . 40.77 34.23 -30.21
O4 FUC LA . 41.64 32.75 -32.47
O5 FUC LA . 40.39 34.73 -34.31
S SO4 MA . -28.64 -11.80 46.59
O1 SO4 MA . -28.61 -10.35 46.52
O2 SO4 MA . -29.86 -12.23 47.28
O3 SO4 MA . -28.62 -12.36 45.24
O4 SO4 MA . -27.48 -12.24 47.30
S SO4 NA . -12.18 -0.79 45.63
O1 SO4 NA . -12.58 -0.22 44.33
O2 SO4 NA . -12.49 0.16 46.67
O3 SO4 NA . -12.93 -2.01 45.87
O4 SO4 NA . -10.73 -1.09 45.61
C1 NAG OA . -1.53 19.49 65.45
C2 NAG OA . -0.79 20.35 66.47
C3 NAG OA . -1.83 21.09 67.32
C4 NAG OA . -2.79 21.89 66.45
C5 NAG OA . -3.43 20.99 65.41
C6 NAG OA . -4.28 21.74 64.40
C7 NAG OA . 1.36 19.25 66.97
C8 NAG OA . 2.14 18.49 67.99
N2 NAG OA . 0.10 19.56 67.30
O3 NAG OA . -1.18 21.94 68.25
O4 NAG OA . -3.79 22.50 67.27
O5 NAG OA . -2.41 20.30 64.66
O6 NAG OA . -4.78 20.89 63.37
O7 NAG OA . 1.84 19.57 65.88
C1 NAG PA . 6.73 -14.51 70.99
C2 NAG PA . 6.38 -15.02 69.59
C3 NAG PA . 5.71 -16.40 69.67
C4 NAG PA . 6.56 -17.36 70.50
C5 NAG PA . 6.81 -16.78 71.89
C6 NAG PA . 7.75 -17.64 72.73
C7 NAG PA . 5.87 -13.54 67.68
C8 NAG PA . 4.86 -12.60 67.08
N2 NAG PA . 5.54 -14.08 68.87
O3 NAG PA . 5.53 -16.91 68.36
O4 NAG PA . 5.92 -18.63 70.59
O5 NAG PA . 7.43 -15.49 71.78
O6 NAG PA . 8.03 -17.02 73.98
O7 NAG PA . 6.94 -13.79 67.12
S SO4 QA . -7.97 -35.92 30.35
O1 SO4 QA . -7.01 -36.81 29.70
O2 SO4 QA . -7.29 -34.65 30.64
O3 SO4 QA . -9.10 -35.67 29.46
O4 SO4 QA . -8.43 -36.52 31.60
S SO4 RA . -1.67 -29.62 12.87
O1 SO4 RA . -0.74 -30.59 13.46
O2 SO4 RA . -1.42 -28.27 13.40
O3 SO4 RA . -1.47 -29.62 11.42
O4 SO4 RA . -3.04 -30.02 13.17
S SO4 SA . -3.41 -37.55 27.63
O1 SO4 SA . -2.13 -38.20 27.88
O2 SO4 SA . -3.20 -36.11 27.67
O3 SO4 SA . -3.94 -37.93 26.31
O4 SO4 SA . -4.40 -37.91 28.65
S SO4 TA . -1.22 18.63 70.13
O1 SO4 TA . -2.55 18.99 69.68
O2 SO4 TA . -0.31 19.77 69.99
O3 SO4 TA . -1.29 18.28 71.55
O4 SO4 TA . -0.72 17.50 69.36
S SO4 UA . -38.46 10.26 68.92
O1 SO4 UA . -38.27 10.10 67.47
O2 SO4 UA . -37.60 11.34 69.40
O3 SO4 UA . -39.86 10.59 69.18
O4 SO4 UA . -38.11 9.00 69.57
S SO4 VA . 20.44 -27.33 -0.65
O1 SO4 VA . 21.82 -27.46 -1.11
O2 SO4 VA . 20.22 -25.95 -0.20
O3 SO4 VA . 19.51 -27.64 -1.74
O4 SO4 VA . 20.22 -28.27 0.44
S SO4 WA . 2.24 -32.06 30.28
O1 SO4 WA . 3.44 -31.28 30.56
O2 SO4 WA . 1.13 -31.57 31.10
O3 SO4 WA . 1.88 -31.97 28.86
O4 SO4 WA . 2.50 -33.46 30.62
S SO4 XA . -2.21 -48.41 10.73
O1 SO4 XA . -2.37 -49.51 9.77
O2 SO4 XA . -1.80 -47.20 10.00
O3 SO4 XA . -3.46 -48.15 11.43
O4 SO4 XA . -1.18 -48.77 11.71
S SO4 YA . 3.09 -36.93 -0.91
O1 SO4 YA . 2.89 -37.51 -2.23
O2 SO4 YA . 2.36 -35.66 -0.83
O3 SO4 YA . 2.56 -37.81 0.15
O4 SO4 YA . 4.52 -36.69 -0.71
S SO4 ZA . -4.32 -42.77 25.80
O1 SO4 ZA . -4.98 -43.77 24.94
O2 SO4 ZA . -4.44 -41.44 25.19
O3 SO4 ZA . -4.99 -42.76 27.10
O4 SO4 ZA . -2.91 -43.11 25.97
C1 NAG AB . 13.73 -66.29 15.31
C2 NAG AB . 13.25 -64.85 15.56
C3 NAG AB . 13.79 -64.43 16.93
C4 NAG AB . 13.44 -65.44 18.01
C5 NAG AB . 13.98 -66.82 17.64
C6 NAG AB . 13.58 -67.91 18.61
C7 NAG AB . 13.30 -62.83 14.11
C8 NAG AB . 14.01 -62.17 12.96
N2 NAG AB . 13.80 -64.03 14.50
O3 NAG AB . 13.28 -63.14 17.28
O4 NAG AB . 14.01 -65.02 19.25
O5 NAG AB . 13.44 -67.20 16.37
O6 NAG AB . 13.89 -69.20 18.10
O7 NAG AB . 12.33 -62.31 14.66
S SO4 BB . 16.11 -61.64 -12.95
O1 SO4 BB . 17.00 -61.43 -14.09
O2 SO4 BB . 16.52 -60.70 -11.91
O3 SO4 BB . 14.74 -61.38 -13.37
O4 SO4 BB . 16.19 -63.01 -12.43
S SO4 CB . 17.12 -43.14 -32.00
O1 SO4 CB . 17.45 -43.85 -33.24
O2 SO4 CB . 16.73 -41.77 -32.32
O3 SO4 CB . 16.02 -43.83 -31.32
O4 SO4 CB . 18.28 -43.10 -31.11
S SO4 DB . 12.18 -45.08 -28.67
O1 SO4 DB . 11.45 -46.34 -28.53
O2 SO4 DB . 13.04 -45.13 -29.87
O3 SO4 DB . 11.21 -43.99 -28.82
O4 SO4 DB . 13.02 -44.87 -27.50
S SO4 EB . 25.05 -54.98 -29.09
O1 SO4 EB . 26.45 -54.88 -29.51
O2 SO4 EB . 24.53 -53.62 -28.86
O3 SO4 EB . 24.29 -55.64 -30.15
O4 SO4 EB . 24.97 -55.78 -27.86
S SO4 FB . 26.76 -21.91 -10.41
O1 SO4 FB . 27.76 -22.52 -11.31
O2 SO4 FB . 26.76 -20.46 -10.60
O3 SO4 FB . 25.44 -22.44 -10.72
O4 SO4 FB . 27.09 -22.22 -9.02
S SO4 GB . 8.51 -29.60 -24.04
O1 SO4 GB . 9.76 -30.26 -23.67
O2 SO4 GB . 8.69 -28.99 -25.35
O3 SO4 GB . 7.41 -30.59 -24.10
O4 SO4 GB . 8.20 -28.56 -23.04
S SO4 HB . -3.04 -65.54 -15.91
O1 SO4 HB . -2.12 -66.48 -16.59
O2 SO4 HB . -2.31 -64.67 -15.02
O3 SO4 HB . -3.73 -64.71 -16.90
O4 SO4 HB . -4.03 -66.28 -15.13
S SO4 IB . 7.49 21.81 14.21
O1 SO4 IB . 7.62 20.52 13.54
O2 SO4 IB . 8.66 22.62 13.92
O3 SO4 IB . 6.31 22.53 13.75
O4 SO4 IB . 7.40 21.59 15.64
S SO4 JB . -4.03 14.93 24.03
O1 SO4 JB . -4.00 13.55 23.56
O2 SO4 JB . -3.27 15.07 25.27
O3 SO4 JB . -3.42 15.78 23.01
O4 SO4 JB . -5.42 15.35 24.23
S SO4 KB . -22.03 10.06 -1.53
O1 SO4 KB . -21.80 9.26 -2.78
O2 SO4 KB . -20.75 10.48 -1.01
O3 SO4 KB . -22.82 11.26 -1.84
O4 SO4 KB . -22.71 9.24 -0.51
C1 NAG LB . -21.92 39.55 44.90
C2 NAG LB . -21.90 40.90 45.62
C3 NAG LB . -23.34 41.41 45.78
C4 NAG LB . -24.05 41.48 44.44
C5 NAG LB . -23.95 40.13 43.72
C6 NAG LB . -24.48 40.18 42.30
C7 NAG LB . -19.90 41.00 47.08
C8 NAG LB . -19.42 41.01 48.50
N2 NAG LB . -21.22 40.83 46.90
O3 NAG LB . -23.31 42.70 46.38
O4 NAG LB . -25.42 41.81 44.63
O5 NAG LB . -22.57 39.73 43.63
O6 NAG LB . -24.44 38.90 41.68
O7 NAG LB . -19.13 41.12 46.13
C1 NAG MB . 5.34 50.81 40.21
C2 NAG MB . 6.46 51.40 39.35
C3 NAG MB . 7.38 52.26 40.20
C4 NAG MB . 6.59 53.33 40.94
C5 NAG MB . 5.46 52.70 41.76
C6 NAG MB . 4.53 53.73 42.38
C7 NAG MB . 7.34 50.21 37.38
C8 NAG MB . 8.39 49.23 36.93
N2 NAG MB . 7.22 50.33 38.71
O3 NAG MB . 8.36 52.87 39.38
O4 NAG MB . 7.45 54.09 41.78
O5 NAG MB . 4.64 51.86 40.91
O6 NAG MB . 3.49 53.15 43.13
O7 NAG MB . 6.68 50.86 36.59
S SO4 NB . -11.54 5.66 -10.22
O1 SO4 NB . -11.37 7.08 -10.58
O2 SO4 NB . -10.25 5.00 -10.08
O3 SO4 NB . -12.27 5.58 -8.96
O4 SO4 NB . -12.32 4.98 -11.27
S SO4 OB . -8.45 50.31 30.19
O1 SO4 OB . -8.95 49.92 28.86
O2 SO4 OB . -7.10 50.84 30.03
O3 SO4 OB . -9.34 51.34 30.76
O4 SO4 OB . -8.42 49.15 31.08
S SO4 PB . -20.99 5.17 -6.55
O1 SO4 PB . -21.65 5.85 -7.66
O2 SO4 PB . -19.55 5.45 -6.55
O3 SO4 PB . -21.57 5.65 -5.29
O4 SO4 PB . -21.17 3.74 -6.71
S SO4 QB . -17.29 -12.19 -5.11
O1 SO4 QB . -15.95 -11.84 -5.58
O2 SO4 QB . -17.67 -11.32 -3.99
O3 SO4 QB . -18.24 -12.02 -6.22
O4 SO4 QB . -17.29 -13.58 -4.68
S SO4 RB . -20.63 44.44 44.13
O1 SO4 RB . -20.61 45.14 42.83
O2 SO4 RB . -19.87 45.22 45.14
O3 SO4 RB . -22.00 44.31 44.58
O4 SO4 RB . -20.04 43.12 43.99
S SO4 SB . -39.44 -25.50 -4.62
O1 SO4 SB . -38.27 -26.25 -4.17
O2 SO4 SB . -39.02 -24.11 -4.81
O3 SO4 SB . -39.94 -26.05 -5.88
O4 SO4 SB . -40.53 -25.62 -3.64
S SO4 TB . -17.05 -18.01 -24.79
O1 SO4 TB . -16.86 -19.14 -25.72
O2 SO4 TB . -17.05 -16.74 -25.53
O3 SO4 TB . -18.31 -18.18 -24.08
O4 SO4 TB . -15.98 -17.98 -23.79
C1 NAG UB . -14.47 -38.94 -40.01
C2 NAG UB . -13.97 -39.39 -41.37
C3 NAG UB . -14.82 -40.55 -41.89
C4 NAG UB . -14.85 -41.69 -40.86
C5 NAG UB . -15.25 -41.18 -39.48
C6 NAG UB . -15.05 -42.22 -38.39
C7 NAG UB . -12.91 -37.45 -42.49
C8 NAG UB . -13.04 -36.47 -43.61
N2 NAG UB . -13.94 -38.31 -42.34
O3 NAG UB . -14.30 -41.04 -43.11
O4 NAG UB . -15.79 -42.69 -41.29
O5 NAG UB . -14.42 -40.06 -39.11
O6 NAG UB . -15.86 -43.37 -38.57
O7 NAG UB . -11.93 -37.48 -41.76
C1 NAG VB . -39.93 -48.73 -36.52
C2 NAG VB . -41.46 -48.69 -36.43
C3 NAG VB . -42.05 -49.92 -37.12
C4 NAG VB . -41.51 -50.07 -38.55
C5 NAG VB . -39.98 -50.11 -38.53
C6 NAG VB . -39.36 -50.12 -39.91
C7 NAG VB . -42.63 -47.63 -34.55
C8 NAG VB . -43.12 -47.83 -33.14
N2 NAG VB . -41.89 -48.63 -35.05
O3 NAG VB . -43.47 -49.81 -37.15
O4 NAG VB . -42.03 -51.25 -39.15
O5 NAG VB . -39.49 -48.93 -37.87
O6 NAG VB . -37.94 -50.11 -39.86
O7 NAG VB . -42.91 -46.62 -35.19
S SO4 WB . -30.61 7.59 4.23
O1 SO4 WB . -29.32 6.93 4.03
O2 SO4 WB . -30.38 9.04 4.36
O3 SO4 WB . -31.49 7.33 3.11
O4 SO4 WB . -31.22 7.06 5.46
S SO4 XB . -14.55 8.64 15.21
O1 SO4 XB . -13.55 9.61 14.79
O2 SO4 XB . -15.78 8.84 14.47
O3 SO4 XB . -14.07 7.28 14.93
O4 SO4 XB . -14.80 8.83 16.65
S SO4 YB . -27.51 11.89 4.49
O1 SO4 YB . -26.67 10.78 4.07
O2 SO4 YB . -26.71 13.10 4.55
O3 SO4 YB . -28.59 12.03 3.51
O4 SO4 YB . -28.09 11.61 5.82
S SO4 ZB . -40.53 -43.67 -37.94
O1 SO4 ZB . -40.77 -44.42 -39.20
O2 SO4 ZB . -40.78 -42.24 -38.15
O3 SO4 ZB . -41.41 -44.19 -36.90
O4 SO4 ZB . -39.13 -43.87 -37.55
S SO4 AC . -17.24 -38.44 -43.98
O1 SO4 AC . -16.18 -39.18 -44.66
O2 SO4 AC . -16.72 -37.14 -43.59
O3 SO4 AC . -18.38 -38.33 -44.89
O4 SO4 AC . -17.66 -39.15 -42.78
S SO4 BC . -12.22 32.62 -30.78
O1 SO4 BC . -10.94 32.37 -30.13
O2 SO4 BC . -12.03 33.69 -31.77
O3 SO4 BC . -12.69 31.39 -31.43
O4 SO4 BC . -13.17 33.07 -29.78
C1 NAG CC . -24.56 70.01 -37.05
C2 NAG CC . -25.97 69.69 -36.59
C3 NAG CC . -26.75 71.01 -36.55
C4 NAG CC . -26.05 72.02 -35.65
C5 NAG CC . -24.60 72.22 -36.10
C6 NAG CC . -23.80 73.09 -35.15
C7 NAG CC . -27.09 67.53 -37.06
C8 NAG CC . -27.87 66.75 -38.08
N2 NAG CC . -26.64 68.73 -37.46
O3 NAG CC . -28.08 70.76 -36.10
O4 NAG CC . -26.74 73.26 -35.69
O5 NAG CC . -23.93 70.97 -36.18
O6 NAG CC . -22.45 73.25 -35.59
O7 NAG CC . -26.89 67.10 -35.93
S SO4 DC . -20.50 44.96 -51.98
O1 SO4 DC . -19.07 45.27 -52.15
O2 SO4 DC . -21.13 46.04 -51.23
O3 SO4 DC . -21.10 44.83 -53.31
O4 SO4 DC . -20.67 43.72 -51.20
S SO4 EC . 52.26 6.84 -38.24
O1 SO4 EC . 51.93 5.84 -39.25
O2 SO4 EC . 53.69 7.17 -38.32
O3 SO4 EC . 51.45 8.05 -38.47
O4 SO4 EC . 51.94 6.30 -36.93
S SO4 FC . 55.55 -8.31 -14.53
O1 SO4 FC . 55.55 -9.61 -15.20
O2 SO4 FC . 56.64 -7.49 -15.05
O3 SO4 FC . 54.27 -7.62 -14.78
O4 SO4 FC . 55.73 -8.49 -13.09
#